data_2LLG
#
_entry.id   2LLG
#
_entity_poly.entity_id   1
_entity_poly.type   'polypeptide(L)'
_entity_poly.pdbx_seq_one_letter_code
;MDEVLATSIGTYENRTLLVPDGRLALTALHKGKDYQGKPMFYVLFELTNTTEKTQNIQLMIQSFMEVSQTVHGKAQNLQY
AVLTDSPFQDKLDRLADEINPGETIQGAYPYEFINENKPVHFKFRDRLLSLDEPIASEEITIT
;
_entity_poly.pdbx_strand_id   A
#
# COMPACT_ATOMS: atom_id res chain seq x y z
N MET A 1 0.81 30.54 -7.19
CA MET A 1 0.14 29.23 -7.17
C MET A 1 0.26 28.55 -8.53
N ASP A 2 1.19 27.60 -8.64
CA ASP A 2 1.39 26.87 -9.89
C ASP A 2 0.63 25.55 -9.87
N GLU A 3 -0.44 25.50 -9.09
CA GLU A 3 -1.26 24.29 -8.99
C GLU A 3 -0.39 23.08 -8.67
N VAL A 4 0.32 23.14 -7.55
CA VAL A 4 1.19 22.05 -7.13
C VAL A 4 0.38 20.86 -6.63
N LEU A 5 0.92 19.66 -6.80
CA LEU A 5 0.25 18.45 -6.38
C LEU A 5 0.42 18.23 -4.87
N ALA A 6 -0.69 17.98 -4.18
CA ALA A 6 -0.66 17.75 -2.75
C ALA A 6 -0.19 18.99 -2.00
N THR A 7 -0.29 20.15 -2.65
CA THR A 7 0.13 21.40 -2.05
C THR A 7 1.56 21.31 -1.53
N SER A 8 2.42 20.64 -2.30
CA SER A 8 3.82 20.49 -1.91
C SER A 8 3.93 20.07 -0.45
N ILE A 9 3.76 18.78 -0.19
CA ILE A 9 3.84 18.24 1.17
C ILE A 9 4.59 16.91 1.20
N GLY A 10 3.93 15.87 0.71
CA GLY A 10 4.54 14.56 0.68
C GLY A 10 5.33 14.30 -0.59
N THR A 11 6.11 13.23 -0.60
CA THR A 11 6.92 12.88 -1.76
C THR A 11 7.00 11.37 -1.94
N TYR A 12 7.46 10.94 -3.12
CA TYR A 12 7.59 9.52 -3.41
C TYR A 12 8.90 9.23 -4.13
N GLU A 13 9.86 8.68 -3.40
CA GLU A 13 11.17 8.36 -3.96
C GLU A 13 12.04 7.64 -2.94
N ASN A 14 13.18 7.13 -3.40
CA ASN A 14 14.11 6.42 -2.53
C ASN A 14 13.40 5.26 -1.83
N ARG A 15 12.42 4.69 -2.50
CA ARG A 15 11.67 3.57 -1.94
C ARG A 15 11.06 3.93 -0.58
N THR A 16 10.42 5.09 -0.52
CA THR A 16 9.80 5.56 0.71
C THR A 16 8.77 6.64 0.43
N LEU A 17 7.69 6.63 1.21
CA LEU A 17 6.61 7.61 1.05
C LEU A 17 6.48 8.49 2.29
N LEU A 18 6.78 9.77 2.15
CA LEU A 18 6.69 10.71 3.26
C LEU A 18 5.36 11.46 3.22
N VAL A 19 4.66 11.47 4.35
CA VAL A 19 3.37 12.16 4.46
C VAL A 19 3.07 12.55 5.90
N PRO A 20 2.22 13.56 6.07
CA PRO A 20 1.82 14.06 7.40
C PRO A 20 0.94 13.06 8.14
N ASP A 21 0.17 12.28 7.40
CA ASP A 21 -0.71 11.29 7.99
C ASP A 21 0.09 10.23 8.75
N GLY A 22 1.26 9.90 8.21
CA GLY A 22 2.09 8.90 8.85
C GLY A 22 3.53 8.94 8.36
N ARG A 23 4.03 7.81 7.87
CA ARG A 23 5.40 7.74 7.37
C ARG A 23 5.68 6.36 6.79
N LEU A 24 5.23 6.14 5.55
CA LEU A 24 5.43 4.87 4.87
C LEU A 24 6.84 4.78 4.29
N ALA A 25 7.43 3.59 4.36
CA ALA A 25 8.77 3.38 3.84
C ALA A 25 8.95 1.94 3.34
N LEU A 26 8.95 1.78 2.02
CA LEU A 26 9.10 0.46 1.41
C LEU A 26 10.44 -0.17 1.79
N THR A 27 10.38 -1.33 2.43
CA THR A 27 11.59 -2.03 2.84
C THR A 27 12.06 -3.01 1.77
N ALA A 28 11.15 -3.87 1.34
CA ALA A 28 11.48 -4.87 0.31
C ALA A 28 10.27 -5.73 -0.02
N LEU A 29 9.58 -5.40 -1.11
CA LEU A 29 8.41 -6.16 -1.52
C LEU A 29 8.77 -7.61 -1.84
N HIS A 30 7.93 -8.53 -1.38
CA HIS A 30 8.16 -9.95 -1.61
C HIS A 30 6.91 -10.62 -2.19
N LYS A 31 7.12 -11.57 -3.10
CA LYS A 31 6.01 -12.28 -3.73
C LYS A 31 5.82 -13.65 -3.08
N GLY A 32 4.56 -14.10 -3.03
CA GLY A 32 4.26 -15.39 -2.44
C GLY A 32 3.27 -16.19 -3.26
N LYS A 33 2.54 -17.07 -2.61
CA LYS A 33 1.54 -17.90 -3.28
C LYS A 33 0.22 -17.91 -2.52
N ASP A 34 -0.88 -18.01 -3.26
CA ASP A 34 -2.20 -18.02 -2.65
C ASP A 34 -2.91 -19.35 -2.92
N TYR A 35 -4.23 -19.34 -2.86
CA TYR A 35 -5.03 -20.54 -3.09
C TYR A 35 -4.68 -21.16 -4.44
N GLN A 36 -4.34 -20.32 -5.40
CA GLN A 36 -3.98 -20.79 -6.74
C GLN A 36 -2.46 -20.90 -6.89
N GLY A 37 -1.76 -20.98 -5.76
CA GLY A 37 -0.32 -21.07 -5.79
C GLY A 37 0.29 -20.30 -6.95
N LYS A 38 -0.14 -19.05 -7.11
CA LYS A 38 0.38 -18.20 -8.17
C LYS A 38 0.05 -16.73 -7.90
N PRO A 39 -1.24 -16.39 -7.96
CA PRO A 39 -1.71 -15.01 -7.72
C PRO A 39 -1.57 -14.61 -6.26
N MET A 40 -0.44 -14.03 -5.91
CA MET A 40 -0.19 -13.58 -4.54
C MET A 40 1.00 -12.63 -4.49
N PHE A 41 0.88 -11.58 -3.68
CA PHE A 41 1.94 -10.59 -3.54
C PHE A 41 1.84 -9.87 -2.20
N TYR A 42 2.98 -9.58 -1.59
CA TYR A 42 3.02 -8.91 -0.30
C TYR A 42 3.68 -7.53 -0.44
N VAL A 43 3.01 -6.51 0.08
CA VAL A 43 3.53 -5.15 0.03
C VAL A 43 4.29 -4.80 1.30
N LEU A 44 5.58 -5.13 1.32
CA LEU A 44 6.43 -4.86 2.49
C LEU A 44 6.71 -3.36 2.61
N PHE A 45 5.94 -2.70 3.47
CA PHE A 45 6.11 -1.26 3.68
C PHE A 45 6.27 -0.95 5.17
N GLU A 46 6.81 0.23 5.46
CA GLU A 46 7.02 0.65 6.84
C GLU A 46 6.04 1.75 7.24
N LEU A 47 4.81 1.36 7.53
CA LEU A 47 3.78 2.31 7.92
C LEU A 47 3.93 2.73 9.38
N THR A 48 4.36 3.97 9.60
CA THR A 48 4.56 4.49 10.95
C THR A 48 3.39 5.37 11.37
N ASN A 49 2.58 4.87 12.29
CA ASN A 49 1.42 5.62 12.78
C ASN A 49 1.86 6.86 13.55
N THR A 50 1.79 8.01 12.89
CA THR A 50 2.17 9.27 13.52
C THR A 50 1.04 9.85 14.35
N THR A 51 -0.17 9.33 14.14
CA THR A 51 -1.34 9.80 14.87
C THR A 51 -1.25 9.41 16.35
N GLU A 52 -2.36 9.56 17.05
CA GLU A 52 -2.41 9.22 18.47
C GLU A 52 -3.61 8.32 18.78
N LYS A 53 -3.89 7.41 17.87
CA LYS A 53 -5.01 6.48 18.04
C LYS A 53 -4.55 5.04 17.88
N THR A 54 -5.25 4.11 18.53
CA THR A 54 -4.91 2.70 18.46
C THR A 54 -5.90 1.94 17.58
N GLN A 55 -6.60 2.67 16.72
CA GLN A 55 -7.58 2.06 15.83
C GLN A 55 -6.90 1.09 14.86
N ASN A 56 -7.70 0.39 14.07
CA ASN A 56 -7.18 -0.56 13.10
C ASN A 56 -6.09 0.07 12.24
N ILE A 57 -5.38 -0.76 11.48
CA ILE A 57 -4.32 -0.28 10.62
C ILE A 57 -4.80 -0.07 9.19
N GLN A 58 -5.60 -1.01 8.69
CA GLN A 58 -6.14 -0.92 7.34
C GLN A 58 -6.89 0.39 7.13
N LEU A 59 -7.35 0.98 8.24
CA LEU A 59 -8.07 2.24 8.18
C LEU A 59 -7.17 3.38 7.73
N MET A 60 -5.86 3.12 7.73
CA MET A 60 -4.88 4.13 7.31
C MET A 60 -4.32 3.79 5.94
N ILE A 61 -3.84 2.56 5.79
CA ILE A 61 -3.26 2.12 4.52
C ILE A 61 -4.26 2.29 3.38
N GLN A 62 -5.54 2.24 3.70
CA GLN A 62 -6.60 2.39 2.69
C GLN A 62 -6.64 3.82 2.18
N SER A 63 -5.94 4.72 2.87
CA SER A 63 -5.91 6.13 2.49
C SER A 63 -4.48 6.58 2.18
N PHE A 64 -3.54 5.65 2.30
CA PHE A 64 -2.13 5.95 2.03
C PHE A 64 -1.75 5.54 0.61
N MET A 65 -1.69 4.23 0.37
CA MET A 65 -1.34 3.71 -0.95
C MET A 65 -2.43 2.77 -1.47
N GLU A 66 -2.89 3.04 -2.68
CA GLU A 66 -3.93 2.22 -3.30
C GLU A 66 -3.40 1.52 -4.54
N VAL A 67 -4.00 0.37 -4.87
CA VAL A 67 -3.59 -0.39 -6.05
C VAL A 67 -4.80 -0.81 -6.88
N SER A 68 -4.70 -0.64 -8.19
CA SER A 68 -5.79 -1.00 -9.09
C SER A 68 -5.24 -1.51 -10.43
N GLN A 69 -5.74 -2.65 -10.86
CA GLN A 69 -5.31 -3.25 -12.12
C GLN A 69 -6.43 -3.20 -13.17
N THR A 70 -6.15 -3.76 -14.34
CA THR A 70 -7.13 -3.78 -15.42
C THR A 70 -7.87 -5.11 -15.47
N VAL A 71 -9.10 -5.07 -15.98
CA VAL A 71 -9.91 -6.28 -16.08
C VAL A 71 -11.19 -6.01 -16.87
N HIS A 72 -11.49 -6.89 -17.82
CA HIS A 72 -12.69 -6.75 -18.64
C HIS A 72 -12.67 -5.43 -19.39
N GLY A 73 -11.48 -4.86 -19.56
CA GLY A 73 -11.35 -3.59 -20.27
C GLY A 73 -11.66 -2.40 -19.37
N LYS A 74 -11.28 -2.50 -18.11
CA LYS A 74 -11.51 -1.42 -17.15
C LYS A 74 -10.59 -1.55 -15.95
N ALA A 75 -10.61 -0.54 -15.08
CA ALA A 75 -9.77 -0.54 -13.88
C ALA A 75 -10.59 -0.91 -12.65
N GLN A 76 -10.03 -1.79 -11.82
CA GLN A 76 -10.71 -2.22 -10.61
C GLN A 76 -9.82 -2.04 -9.39
N ASN A 77 -10.43 -1.84 -8.23
CA ASN A 77 -9.69 -1.66 -6.99
C ASN A 77 -9.27 -3.00 -6.39
N LEU A 78 -7.97 -3.25 -6.39
CA LEU A 78 -7.44 -4.50 -5.86
C LEU A 78 -7.69 -4.60 -4.36
N GLN A 79 -8.48 -5.60 -3.96
CA GLN A 79 -8.80 -5.81 -2.56
C GLN A 79 -7.91 -6.88 -1.94
N TYR A 80 -8.03 -7.08 -0.63
CA TYR A 80 -7.24 -8.07 0.07
C TYR A 80 -7.28 -9.42 -0.64
N ALA A 81 -6.11 -9.98 -0.92
CA ALA A 81 -6.03 -11.27 -1.59
C ALA A 81 -6.14 -12.42 -0.60
N VAL A 82 -6.99 -13.39 -0.93
CA VAL A 82 -7.19 -14.55 -0.06
C VAL A 82 -6.13 -15.61 -0.30
N LEU A 83 -5.69 -16.26 0.77
CA LEU A 83 -4.67 -17.30 0.68
C LEU A 83 -4.94 -18.41 1.69
N THR A 84 -4.55 -19.63 1.33
CA THR A 84 -4.74 -20.78 2.20
C THR A 84 -3.86 -20.68 3.44
N ASP A 85 -2.55 -20.69 3.23
CA ASP A 85 -1.59 -20.61 4.33
C ASP A 85 -0.27 -19.99 3.86
N SER A 86 0.21 -19.01 4.61
CA SER A 86 1.46 -18.33 4.27
C SER A 86 2.27 -18.03 5.52
N PRO A 87 3.59 -17.93 5.34
CA PRO A 87 4.51 -17.65 6.46
C PRO A 87 4.38 -16.22 6.97
N PHE A 88 3.89 -15.33 6.12
CA PHE A 88 3.70 -13.94 6.49
C PHE A 88 2.33 -13.71 7.12
N GLN A 89 1.97 -14.57 8.07
CA GLN A 89 0.68 -14.47 8.73
C GLN A 89 0.74 -13.44 9.87
N ASP A 90 1.94 -13.18 10.36
CA ASP A 90 2.12 -12.22 11.44
C ASP A 90 1.83 -10.80 10.97
N LYS A 91 2.51 -10.37 9.92
CA LYS A 91 2.31 -9.03 9.37
C LYS A 91 0.95 -8.92 8.71
N LEU A 92 0.38 -10.05 8.34
CA LEU A 92 -0.93 -10.08 7.69
C LEU A 92 -2.03 -9.71 8.67
N ASP A 93 -1.93 -10.22 9.89
CA ASP A 93 -2.92 -9.93 10.92
C ASP A 93 -2.98 -8.43 11.22
N ARG A 94 -1.94 -7.71 10.82
CA ARG A 94 -1.86 -6.28 11.05
C ARG A 94 -3.14 -5.59 10.55
N LEU A 95 -3.55 -5.93 9.34
CA LEU A 95 -4.75 -5.35 8.74
C LEU A 95 -5.95 -5.54 9.66
N ALA A 96 -5.94 -6.62 10.43
CA ALA A 96 -7.03 -6.92 11.34
C ALA A 96 -6.63 -6.63 12.79
N ASP A 97 -5.58 -5.83 12.96
CA ASP A 97 -5.09 -5.48 14.28
C ASP A 97 -4.98 -3.97 14.44
N GLU A 98 -4.37 -3.53 15.54
CA GLU A 98 -4.21 -2.11 15.81
C GLU A 98 -2.83 -1.63 15.38
N ILE A 99 -2.56 -0.35 15.59
CA ILE A 99 -1.28 0.23 15.22
C ILE A 99 -0.56 0.79 16.44
N ASN A 100 0.67 1.24 16.24
CA ASN A 100 1.47 1.81 17.32
C ASN A 100 1.73 3.29 17.09
N PRO A 101 0.80 4.14 17.57
CA PRO A 101 0.90 5.58 17.42
C PRO A 101 2.01 6.18 18.29
N GLY A 102 3.19 6.33 17.70
CA GLY A 102 4.31 6.88 18.44
C GLY A 102 5.49 5.93 18.50
N GLU A 103 5.37 4.80 17.81
CA GLU A 103 6.44 3.80 17.79
C GLU A 103 6.90 3.53 16.37
N THR A 104 8.06 2.89 16.24
CA THR A 104 8.62 2.57 14.93
C THR A 104 8.39 1.10 14.58
N ILE A 105 7.48 0.85 13.65
CA ILE A 105 7.17 -0.50 13.22
C ILE A 105 6.84 -0.55 11.74
N GLN A 106 6.37 -1.70 11.28
CA GLN A 106 6.02 -1.88 9.88
C GLN A 106 4.96 -2.97 9.72
N GLY A 107 4.56 -3.22 8.47
CA GLY A 107 3.57 -4.25 8.20
C GLY A 107 3.43 -4.55 6.72
N ALA A 108 2.31 -5.16 6.34
CA ALA A 108 2.06 -5.50 4.95
C ALA A 108 0.60 -5.29 4.59
N TYR A 109 0.27 -5.51 3.32
CA TYR A 109 -1.10 -5.34 2.84
C TYR A 109 -1.27 -5.93 1.45
N PRO A 110 -1.34 -7.27 1.38
CA PRO A 110 -1.50 -7.99 0.11
C PRO A 110 -2.89 -7.79 -0.49
N TYR A 111 -2.97 -7.91 -1.81
CA TYR A 111 -4.24 -7.73 -2.51
C TYR A 111 -4.32 -8.66 -3.72
N GLU A 112 -5.45 -8.60 -4.43
CA GLU A 112 -5.64 -9.43 -5.61
C GLU A 112 -4.46 -9.33 -6.56
N PHE A 113 -3.86 -10.47 -6.88
CA PHE A 113 -2.72 -10.50 -7.78
C PHE A 113 -3.03 -11.31 -9.03
N ILE A 114 -4.30 -11.69 -9.19
CA ILE A 114 -4.74 -12.45 -10.34
C ILE A 114 -4.11 -11.93 -11.63
N ASN A 115 -3.96 -10.61 -11.71
CA ASN A 115 -3.38 -9.97 -12.88
C ASN A 115 -1.86 -9.88 -12.75
N GLU A 116 -1.25 -10.99 -12.34
CA GLU A 116 0.21 -11.04 -12.18
C GLU A 116 0.91 -10.72 -13.50
N ASN A 117 0.22 -10.99 -14.61
CA ASN A 117 0.78 -10.74 -15.93
C ASN A 117 0.78 -9.25 -16.25
N LYS A 118 -0.10 -8.51 -15.58
CA LYS A 118 -0.20 -7.07 -15.79
C LYS A 118 0.63 -6.31 -14.76
N PRO A 119 1.07 -5.09 -15.12
CA PRO A 119 1.87 -4.24 -14.23
C PRO A 119 1.06 -3.71 -13.06
N VAL A 120 1.71 -3.56 -11.91
CA VAL A 120 1.06 -3.05 -10.72
C VAL A 120 1.32 -1.56 -10.53
N HIS A 121 0.36 -0.75 -10.94
CA HIS A 121 0.48 0.70 -10.82
C HIS A 121 0.61 1.11 -9.36
N PHE A 122 1.84 1.28 -8.89
CA PHE A 122 2.10 1.67 -7.51
C PHE A 122 1.91 3.18 -7.34
N LYS A 123 0.71 3.56 -6.91
CA LYS A 123 0.39 4.98 -6.69
C LYS A 123 0.45 5.33 -5.21
N PHE A 124 0.62 6.61 -4.91
CA PHE A 124 0.69 7.08 -3.54
C PHE A 124 0.03 8.45 -3.39
N ARG A 125 -1.02 8.52 -2.58
CA ARG A 125 -1.73 9.77 -2.36
C ARG A 125 -2.19 9.88 -0.90
N ASP A 126 -2.97 10.92 -0.62
CA ASP A 126 -3.46 11.14 0.73
C ASP A 126 -4.47 12.29 0.76
N ARG A 127 -5.18 12.43 1.87
CA ARG A 127 -6.17 13.49 2.03
C ARG A 127 -5.50 14.82 2.37
N LEU A 128 -4.61 15.27 1.49
CA LEU A 128 -3.89 16.52 1.69
C LEU A 128 -4.27 17.54 0.62
N LEU A 129 -5.49 17.44 0.12
CA LEU A 129 -5.98 18.35 -0.91
C LEU A 129 -5.16 18.21 -2.19
N SER A 130 -5.45 17.17 -2.96
CA SER A 130 -4.74 16.92 -4.21
C SER A 130 -5.67 17.11 -5.41
N LEU A 131 -6.55 16.13 -5.63
CA LEU A 131 -7.49 16.18 -6.73
C LEU A 131 -6.77 15.96 -8.06
N ASP A 132 -5.95 16.93 -8.45
CA ASP A 132 -5.21 16.84 -9.70
C ASP A 132 -4.11 15.79 -9.61
N GLU A 133 -4.49 14.53 -9.82
CA GLU A 133 -3.54 13.44 -9.77
C GLU A 133 -2.97 13.28 -8.36
N PRO A 134 -2.54 12.06 -8.02
CA PRO A 134 -1.96 11.75 -6.71
C PRO A 134 -0.60 12.39 -6.51
N ILE A 135 -0.02 12.18 -5.33
CA ILE A 135 1.29 12.74 -5.01
C ILE A 135 2.34 12.27 -6.03
N ALA A 136 2.17 11.06 -6.52
CA ALA A 136 3.10 10.49 -7.49
C ALA A 136 2.57 9.18 -8.07
N SER A 137 3.42 8.47 -8.80
CA SER A 137 3.03 7.21 -9.42
C SER A 137 4.23 6.53 -10.07
N GLU A 138 4.20 5.20 -10.10
CA GLU A 138 5.29 4.43 -10.70
C GLU A 138 4.85 2.99 -10.96
N GLU A 139 5.13 2.51 -12.17
CA GLU A 139 4.77 1.15 -12.55
C GLU A 139 5.90 0.18 -12.24
N ILE A 140 5.55 -1.01 -11.76
CA ILE A 140 6.54 -2.03 -11.43
C ILE A 140 6.04 -3.42 -11.80
N THR A 141 6.96 -4.28 -12.24
CA THR A 141 6.61 -5.63 -12.64
C THR A 141 7.11 -6.64 -11.61
N ILE A 142 6.21 -7.09 -10.74
CA ILE A 142 6.55 -8.06 -9.71
C ILE A 142 6.03 -9.45 -10.06
N THR A 143 6.81 -10.48 -9.72
CA THR A 143 6.43 -11.85 -10.00
C THR A 143 6.35 -12.10 -11.51
N MET A 1 4.87 27.59 -14.62
CA MET A 1 5.89 26.67 -15.10
C MET A 1 6.50 25.87 -13.95
N ASP A 2 5.64 25.32 -13.10
CA ASP A 2 6.08 24.52 -11.96
C ASP A 2 4.99 23.57 -11.51
N GLU A 3 5.31 22.73 -10.53
CA GLU A 3 4.35 21.76 -10.00
C GLU A 3 4.79 21.25 -8.63
N VAL A 4 4.09 21.70 -7.60
CA VAL A 4 4.40 21.30 -6.23
C VAL A 4 4.07 19.82 -6.01
N LEU A 5 4.53 19.28 -4.88
CA LEU A 5 4.30 17.89 -4.55
C LEU A 5 3.84 17.74 -3.11
N ALA A 6 2.76 16.99 -2.91
CA ALA A 6 2.22 16.76 -1.58
C ALA A 6 1.73 18.07 -0.95
N THR A 7 1.48 19.06 -1.80
CA THR A 7 1.01 20.36 -1.35
C THR A 7 1.99 20.99 -0.36
N SER A 8 3.29 20.80 -0.62
CA SER A 8 4.33 21.34 0.24
C SER A 8 4.25 20.73 1.63
N ILE A 9 4.00 19.43 1.70
CA ILE A 9 3.91 18.72 2.97
C ILE A 9 4.67 17.40 2.91
N GLY A 10 4.07 16.41 2.25
CA GLY A 10 4.70 15.10 2.13
C GLY A 10 5.65 15.02 0.96
N THR A 11 6.10 13.81 0.64
CA THR A 11 7.01 13.59 -0.47
C THR A 11 7.23 12.10 -0.72
N TYR A 12 7.30 11.73 -1.99
CA TYR A 12 7.50 10.33 -2.36
C TYR A 12 8.76 10.18 -3.21
N GLU A 13 9.84 9.74 -2.58
CA GLU A 13 11.11 9.56 -3.28
C GLU A 13 12.16 8.93 -2.36
N ASN A 14 13.32 8.61 -2.91
CA ASN A 14 14.39 8.00 -2.14
C ASN A 14 13.95 6.68 -1.52
N ARG A 15 12.98 6.03 -2.17
CA ARG A 15 12.46 4.76 -1.67
C ARG A 15 11.78 4.93 -0.32
N THR A 16 11.06 6.04 -0.16
CA THR A 16 10.37 6.33 1.09
C THR A 16 9.28 7.37 0.89
N LEU A 17 8.18 7.22 1.62
CA LEU A 17 7.06 8.15 1.52
C LEU A 17 6.92 8.98 2.80
N LEU A 18 6.20 10.08 2.70
CA LEU A 18 5.98 10.96 3.85
C LEU A 18 4.65 11.68 3.74
N VAL A 19 3.92 11.73 4.86
CA VAL A 19 2.62 12.39 4.90
C VAL A 19 2.25 12.78 6.32
N PRO A 20 1.33 13.76 6.44
CA PRO A 20 0.87 14.25 7.74
C PRO A 20 0.01 13.22 8.48
N ASP A 21 -0.33 12.14 7.78
CA ASP A 21 -1.15 11.08 8.37
C ASP A 21 -0.27 10.01 9.01
N GLY A 22 0.88 9.75 8.39
CA GLY A 22 1.79 8.75 8.91
C GLY A 22 3.19 8.88 8.33
N ARG A 23 3.81 7.75 8.03
CA ARG A 23 5.15 7.74 7.47
C ARG A 23 5.48 6.38 6.87
N LEU A 24 5.21 6.22 5.58
CA LEU A 24 5.47 4.97 4.88
C LEU A 24 6.92 4.92 4.40
N ALA A 25 7.36 3.73 3.99
CA ALA A 25 8.72 3.54 3.49
C ALA A 25 8.87 2.19 2.78
N LEU A 26 9.30 2.23 1.54
CA LEU A 26 9.49 1.01 0.75
C LEU A 26 10.69 0.23 1.26
N THR A 27 10.43 -0.81 2.05
CA THR A 27 11.48 -1.65 2.60
C THR A 27 12.02 -2.61 1.54
N ALA A 28 11.15 -3.47 1.02
CA ALA A 28 11.55 -4.43 0.00
C ALA A 28 10.37 -5.32 -0.39
N LEU A 29 9.65 -4.92 -1.43
CA LEU A 29 8.50 -5.68 -1.91
C LEU A 29 8.90 -7.11 -2.24
N HIS A 30 8.07 -8.06 -1.85
CA HIS A 30 8.34 -9.47 -2.10
C HIS A 30 7.10 -10.16 -2.69
N LYS A 31 7.32 -11.11 -3.58
CA LYS A 31 6.23 -11.83 -4.21
C LYS A 31 6.12 -13.25 -3.65
N GLY A 32 4.90 -13.75 -3.53
CA GLY A 32 4.68 -15.08 -3.01
C GLY A 32 3.64 -15.86 -3.79
N LYS A 33 2.91 -16.73 -3.11
CA LYS A 33 1.88 -17.54 -3.75
C LYS A 33 0.59 -17.50 -2.95
N ASP A 34 -0.54 -17.74 -3.61
CA ASP A 34 -1.84 -17.75 -2.96
C ASP A 34 -2.58 -19.05 -3.22
N TYR A 35 -3.90 -19.03 -3.07
CA TYR A 35 -4.72 -20.20 -3.30
C TYR A 35 -4.46 -20.79 -4.68
N GLN A 36 -4.22 -19.93 -5.65
CA GLN A 36 -3.96 -20.36 -7.02
C GLN A 36 -2.46 -20.49 -7.26
N GLY A 37 -1.68 -20.62 -6.19
CA GLY A 37 -0.25 -20.74 -6.31
C GLY A 37 0.30 -19.95 -7.48
N LYS A 38 -0.11 -18.69 -7.59
CA LYS A 38 0.36 -17.82 -8.66
C LYS A 38 0.03 -16.36 -8.35
N PRO A 39 -1.27 -16.04 -8.34
CA PRO A 39 -1.73 -14.67 -8.06
C PRO A 39 -1.52 -14.27 -6.60
N MET A 40 -0.33 -13.74 -6.31
CA MET A 40 0.00 -13.31 -4.96
C MET A 40 1.09 -12.24 -4.98
N PHE A 41 1.04 -11.34 -4.00
CA PHE A 41 2.02 -10.27 -3.91
C PHE A 41 1.95 -9.57 -2.55
N TYR A 42 3.11 -9.24 -1.99
CA TYR A 42 3.17 -8.58 -0.69
C TYR A 42 3.85 -7.23 -0.81
N VAL A 43 3.29 -6.24 -0.12
CA VAL A 43 3.83 -4.88 -0.14
C VAL A 43 4.58 -4.58 1.15
N LEU A 44 5.88 -4.86 1.16
CA LEU A 44 6.70 -4.61 2.33
C LEU A 44 6.96 -3.11 2.52
N PHE A 45 6.25 -2.51 3.47
CA PHE A 45 6.39 -1.09 3.74
C PHE A 45 6.46 -0.83 5.24
N GLU A 46 7.10 0.27 5.62
CA GLU A 46 7.23 0.63 7.02
C GLU A 46 6.21 1.70 7.41
N LEU A 47 5.00 1.27 7.72
CA LEU A 47 3.94 2.19 8.11
C LEU A 47 4.07 2.61 9.57
N THR A 48 4.45 3.88 9.77
CA THR A 48 4.62 4.42 11.12
C THR A 48 3.46 5.32 11.50
N ASN A 49 2.54 4.80 12.31
CA ASN A 49 1.39 5.55 12.76
C ASN A 49 1.81 6.76 13.58
N THR A 50 1.89 7.92 12.92
CA THR A 50 2.29 9.16 13.58
C THR A 50 1.13 9.75 14.38
N THR A 51 -0.07 9.21 14.17
CA THR A 51 -1.25 9.68 14.87
C THR A 51 -1.22 9.26 16.34
N GLU A 52 -2.36 9.40 17.01
CA GLU A 52 -2.47 9.03 18.42
C GLU A 52 -3.72 8.20 18.67
N LYS A 53 -4.00 7.27 17.77
CA LYS A 53 -5.17 6.40 17.89
C LYS A 53 -4.77 4.93 17.77
N THR A 54 -5.44 4.08 18.55
CA THR A 54 -5.15 2.65 18.52
C THR A 54 -6.13 1.92 17.61
N GLN A 55 -6.75 2.65 16.69
CA GLN A 55 -7.70 2.06 15.76
C GLN A 55 -7.03 1.02 14.88
N ASN A 56 -7.83 0.36 14.05
CA ASN A 56 -7.31 -0.67 13.15
C ASN A 56 -6.11 -0.16 12.37
N ILE A 57 -5.41 -1.07 11.70
CA ILE A 57 -4.24 -0.71 10.92
C ILE A 57 -4.61 -0.34 9.49
N GLN A 58 -5.27 -1.27 8.80
CA GLN A 58 -5.70 -1.05 7.43
C GLN A 58 -6.43 0.28 7.30
N LEU A 59 -7.08 0.70 8.37
CA LEU A 59 -7.82 1.96 8.38
C LEU A 59 -6.95 3.11 7.88
N MET A 60 -5.65 2.96 8.03
CA MET A 60 -4.70 3.99 7.59
C MET A 60 -4.17 3.68 6.20
N ILE A 61 -3.65 2.47 6.02
CA ILE A 61 -3.12 2.05 4.73
C ILE A 61 -4.13 2.30 3.61
N GLN A 62 -5.36 1.85 3.81
CA GLN A 62 -6.40 2.03 2.81
C GLN A 62 -6.59 3.51 2.48
N SER A 63 -6.21 4.38 3.42
CA SER A 63 -6.34 5.81 3.22
C SER A 63 -5.01 6.42 2.76
N PHE A 64 -3.96 5.61 2.78
CA PHE A 64 -2.63 6.07 2.37
C PHE A 64 -2.41 5.80 0.89
N MET A 65 -2.17 4.54 0.55
CA MET A 65 -1.94 4.16 -0.84
C MET A 65 -3.03 3.22 -1.34
N GLU A 66 -3.46 3.41 -2.58
CA GLU A 66 -4.50 2.59 -3.16
C GLU A 66 -3.91 1.65 -4.22
N VAL A 67 -4.60 0.54 -4.45
CA VAL A 67 -4.16 -0.45 -5.44
C VAL A 67 -5.33 -0.98 -6.25
N SER A 68 -5.07 -1.25 -7.53
CA SER A 68 -6.11 -1.77 -8.42
C SER A 68 -5.50 -2.26 -9.73
N GLN A 69 -6.23 -3.14 -10.41
CA GLN A 69 -5.77 -3.69 -11.68
C GLN A 69 -6.94 -4.05 -12.58
N THR A 70 -6.64 -4.33 -13.85
CA THR A 70 -7.68 -4.69 -14.82
C THR A 70 -8.32 -6.01 -14.46
N VAL A 71 -9.59 -6.16 -14.83
CA VAL A 71 -10.33 -7.39 -14.55
C VAL A 71 -11.41 -7.63 -15.60
N HIS A 72 -11.09 -8.43 -16.61
CA HIS A 72 -12.04 -8.74 -17.68
C HIS A 72 -12.40 -7.48 -18.46
N GLY A 73 -11.59 -6.44 -18.31
CA GLY A 73 -11.84 -5.20 -19.02
C GLY A 73 -12.38 -4.12 -18.09
N LYS A 74 -12.20 -4.31 -16.79
CA LYS A 74 -12.68 -3.35 -15.80
C LYS A 74 -11.77 -3.34 -14.57
N ALA A 75 -11.29 -2.17 -14.19
CA ALA A 75 -10.42 -2.04 -13.03
C ALA A 75 -11.11 -2.56 -11.77
N GLN A 76 -10.32 -3.18 -10.89
CA GLN A 76 -10.86 -3.74 -9.65
C GLN A 76 -10.10 -3.18 -8.44
N ASN A 77 -10.83 -2.92 -7.37
CA ASN A 77 -10.23 -2.39 -6.14
C ASN A 77 -9.39 -3.45 -5.44
N LEU A 78 -8.18 -3.65 -5.93
CA LEU A 78 -7.27 -4.63 -5.35
C LEU A 78 -7.27 -4.55 -3.83
N GLN A 79 -7.79 -5.59 -3.18
CA GLN A 79 -7.85 -5.63 -1.72
C GLN A 79 -7.05 -6.81 -1.18
N TYR A 80 -7.21 -7.07 0.12
CA TYR A 80 -6.49 -8.17 0.77
C TYR A 80 -6.59 -9.44 -0.07
N ALA A 81 -5.44 -9.93 -0.53
CA ALA A 81 -5.39 -11.15 -1.33
C ALA A 81 -5.47 -12.39 -0.45
N VAL A 82 -6.48 -13.21 -0.71
CA VAL A 82 -6.66 -14.44 0.06
C VAL A 82 -5.59 -15.47 -0.28
N LEU A 83 -5.14 -16.19 0.75
CA LEU A 83 -4.11 -17.20 0.56
C LEU A 83 -4.28 -18.35 1.56
N THR A 84 -3.93 -19.56 1.13
CA THR A 84 -4.05 -20.73 1.98
C THR A 84 -3.10 -20.65 3.18
N ASP A 85 -1.86 -20.22 2.90
CA ASP A 85 -0.85 -20.09 3.94
C ASP A 85 0.43 -19.49 3.39
N SER A 86 1.12 -18.71 4.21
CA SER A 86 2.36 -18.07 3.79
C SER A 86 3.24 -17.75 5.00
N PRO A 87 4.55 -17.55 4.75
CA PRO A 87 5.51 -17.23 5.81
C PRO A 87 5.32 -15.82 6.36
N PHE A 88 4.70 -14.96 5.57
CA PHE A 88 4.44 -13.59 5.98
C PHE A 88 3.05 -13.45 6.60
N GLN A 89 2.65 -14.44 7.37
CA GLN A 89 1.34 -14.43 8.01
C GLN A 89 1.33 -13.48 9.20
N ASP A 90 2.50 -13.23 9.77
CA ASP A 90 2.62 -12.35 10.92
C ASP A 90 2.17 -10.93 10.56
N LYS A 91 2.54 -10.48 9.37
CA LYS A 91 2.18 -9.15 8.91
C LYS A 91 0.77 -9.14 8.33
N LEU A 92 0.37 -10.25 7.75
CA LEU A 92 -0.96 -10.38 7.17
C LEU A 92 -2.04 -10.12 8.21
N ASP A 93 -1.73 -10.43 9.46
CA ASP A 93 -2.68 -10.22 10.55
C ASP A 93 -2.64 -8.77 11.04
N ARG A 94 -1.81 -7.96 10.39
CA ARG A 94 -1.69 -6.55 10.75
C ARG A 94 -2.64 -5.68 9.94
N LEU A 95 -3.74 -6.29 9.49
CA LEU A 95 -4.73 -5.58 8.69
C LEU A 95 -6.09 -5.60 9.37
N ALA A 96 -6.19 -6.37 10.45
CA ALA A 96 -7.45 -6.48 11.20
C ALA A 96 -7.24 -6.14 12.67
N ASP A 97 -5.98 -5.89 13.05
CA ASP A 97 -5.65 -5.55 14.42
C ASP A 97 -5.41 -4.05 14.56
N GLU A 98 -4.92 -3.65 15.73
CA GLU A 98 -4.64 -2.23 16.00
C GLU A 98 -3.21 -1.88 15.59
N ILE A 99 -2.86 -0.61 15.76
CA ILE A 99 -1.53 -0.13 15.41
C ILE A 99 -0.84 0.49 16.62
N ASN A 100 0.42 0.88 16.43
CA ASN A 100 1.20 1.49 17.50
C ASN A 100 1.48 2.96 17.21
N PRO A 101 0.54 3.83 17.58
CA PRO A 101 0.66 5.28 17.35
C PRO A 101 1.74 5.91 18.25
N GLY A 102 2.92 6.11 17.68
CA GLY A 102 4.00 6.71 18.44
C GLY A 102 5.17 5.76 18.60
N GLU A 103 5.12 4.62 17.92
CA GLU A 103 6.19 3.63 18.01
C GLU A 103 6.81 3.40 16.64
N THR A 104 8.02 2.83 16.63
CA THR A 104 8.71 2.54 15.38
C THR A 104 8.57 1.08 14.98
N ILE A 105 7.59 0.80 14.12
CA ILE A 105 7.35 -0.56 13.67
C ILE A 105 6.99 -0.59 12.18
N GLN A 106 6.59 -1.75 11.70
CA GLN A 106 6.23 -1.91 10.29
C GLN A 106 5.25 -3.07 10.11
N GLY A 107 4.95 -3.38 8.86
CA GLY A 107 4.04 -4.47 8.57
C GLY A 107 3.95 -4.79 7.09
N ALA A 108 2.83 -5.37 6.66
CA ALA A 108 2.63 -5.72 5.27
C ALA A 108 1.19 -5.46 4.83
N TYR A 109 0.88 -5.78 3.58
CA TYR A 109 -0.45 -5.57 3.05
C TYR A 109 -0.57 -6.13 1.64
N PRO A 110 -0.87 -7.44 1.54
CA PRO A 110 -1.02 -8.12 0.25
C PRO A 110 -2.26 -7.68 -0.50
N TYR A 111 -2.13 -7.50 -1.81
CA TYR A 111 -3.24 -7.08 -2.65
C TYR A 111 -3.56 -8.13 -3.72
N GLU A 112 -4.68 -7.94 -4.40
CA GLU A 112 -5.10 -8.87 -5.45
C GLU A 112 -4.07 -8.93 -6.57
N PHE A 113 -3.67 -10.14 -6.94
CA PHE A 113 -2.69 -10.32 -8.01
C PHE A 113 -3.29 -11.07 -9.18
N ILE A 114 -4.62 -11.21 -9.17
CA ILE A 114 -5.33 -11.91 -10.24
C ILE A 114 -4.85 -11.43 -11.61
N ASN A 115 -4.43 -10.17 -11.68
CA ASN A 115 -3.95 -9.60 -12.93
C ASN A 115 -2.42 -9.52 -12.95
N GLU A 116 -1.78 -10.55 -12.40
CA GLU A 116 -0.32 -10.60 -12.35
C GLU A 116 0.27 -10.42 -13.74
N ASN A 117 -0.51 -10.75 -14.75
CA ASN A 117 -0.05 -10.63 -16.14
C ASN A 117 0.09 -9.17 -16.54
N LYS A 118 -0.64 -8.29 -15.85
CA LYS A 118 -0.59 -6.86 -16.13
C LYS A 118 0.20 -6.12 -15.04
N PRO A 119 0.76 -4.96 -15.41
CA PRO A 119 1.55 -4.14 -14.49
C PRO A 119 0.69 -3.49 -13.42
N VAL A 120 1.23 -3.40 -12.21
CA VAL A 120 0.51 -2.79 -11.09
C VAL A 120 0.68 -1.28 -11.07
N HIS A 121 -0.42 -0.56 -11.26
CA HIS A 121 -0.38 0.90 -11.26
C HIS A 121 -0.40 1.45 -9.84
N PHE A 122 0.69 1.22 -9.11
CA PHE A 122 0.79 1.69 -7.73
C PHE A 122 0.56 3.20 -7.66
N LYS A 123 -0.46 3.59 -6.91
CA LYS A 123 -0.80 5.00 -6.74
C LYS A 123 -0.58 5.45 -5.30
N PHE A 124 -0.62 6.76 -5.07
CA PHE A 124 -0.43 7.32 -3.74
C PHE A 124 -1.17 8.64 -3.60
N ARG A 125 -1.91 8.78 -2.51
CA ARG A 125 -2.67 10.00 -2.24
C ARG A 125 -3.00 10.13 -0.77
N ASP A 126 -2.87 11.35 -0.24
CA ASP A 126 -3.17 11.60 1.17
C ASP A 126 -4.54 11.07 1.55
N ARG A 127 -5.54 11.39 0.74
CA ARG A 127 -6.90 10.96 0.99
C ARG A 127 -7.80 11.25 -0.21
N LEU A 128 -9.09 10.96 -0.06
CA LEU A 128 -10.06 11.19 -1.13
C LEU A 128 -10.26 12.69 -1.37
N LEU A 129 -9.40 13.27 -2.21
CA LEU A 129 -9.48 14.70 -2.52
C LEU A 129 -8.55 15.05 -3.67
N SER A 130 -7.26 15.10 -3.38
CA SER A 130 -6.26 15.43 -4.39
C SER A 130 -6.33 16.91 -4.76
N LEU A 131 -7.41 17.29 -5.44
CA LEU A 131 -7.60 18.68 -5.85
C LEU A 131 -6.64 19.05 -6.98
N ASP A 132 -5.35 19.11 -6.66
CA ASP A 132 -4.33 19.45 -7.64
C ASP A 132 -3.81 18.20 -8.33
N GLU A 133 -3.10 17.36 -7.58
CA GLU A 133 -2.54 16.12 -8.12
C GLU A 133 -2.21 15.14 -7.01
N PRO A 134 -2.08 13.85 -7.37
CA PRO A 134 -1.76 12.79 -6.42
C PRO A 134 -0.33 12.89 -5.89
N ILE A 135 0.00 12.03 -4.93
CA ILE A 135 1.34 12.02 -4.36
C ILE A 135 2.33 11.29 -5.26
N ALA A 136 1.84 10.28 -5.97
CA ALA A 136 2.68 9.50 -6.88
C ALA A 136 1.84 8.55 -7.72
N SER A 137 2.47 7.97 -8.74
CA SER A 137 1.78 7.04 -9.63
C SER A 137 2.72 6.52 -10.70
N GLU A 138 2.68 5.21 -10.95
CA GLU A 138 3.52 4.59 -11.95
C GLU A 138 3.18 3.11 -12.11
N GLU A 139 3.18 2.64 -13.35
CA GLU A 139 2.86 1.25 -13.64
C GLU A 139 4.10 0.36 -13.48
N ILE A 140 4.03 -0.56 -12.53
CA ILE A 140 5.14 -1.47 -12.27
C ILE A 140 4.66 -2.92 -12.20
N THR A 141 5.19 -3.75 -13.10
CA THR A 141 4.82 -5.16 -13.14
C THR A 141 5.74 -5.99 -12.24
N ILE A 142 5.16 -6.54 -11.18
CA ILE A 142 5.93 -7.36 -10.24
C ILE A 142 5.74 -8.84 -10.55
N THR A 143 6.85 -9.58 -10.56
CA THR A 143 6.82 -11.02 -10.82
C THR A 143 8.16 -11.67 -10.52
N MET A 1 -6.83 29.74 -12.55
CA MET A 1 -5.39 29.73 -12.39
C MET A 1 -5.01 29.56 -10.91
N ASP A 2 -5.39 28.43 -10.34
CA ASP A 2 -5.09 28.14 -8.94
C ASP A 2 -4.99 26.63 -8.71
N GLU A 3 -3.77 26.15 -8.57
CA GLU A 3 -3.53 24.73 -8.34
C GLU A 3 -2.10 24.49 -7.88
N VAL A 4 -1.95 23.79 -6.75
CA VAL A 4 -0.64 23.49 -6.21
C VAL A 4 0.26 22.84 -7.25
N LEU A 5 1.54 22.72 -6.93
CA LEU A 5 2.51 22.12 -7.84
C LEU A 5 3.07 20.83 -7.27
N ALA A 6 2.81 19.71 -7.95
CA ALA A 6 3.29 18.41 -7.51
C ALA A 6 2.81 18.10 -6.10
N THR A 7 1.73 18.75 -5.69
CA THR A 7 1.17 18.54 -4.36
C THR A 7 2.23 18.69 -3.28
N SER A 8 2.42 19.92 -2.80
CA SER A 8 3.42 20.18 -1.78
C SER A 8 2.92 19.73 -0.40
N ILE A 9 3.03 18.43 -0.13
CA ILE A 9 2.60 17.87 1.13
C ILE A 9 3.61 16.87 1.67
N GLY A 10 3.68 15.70 1.03
CA GLY A 10 4.61 14.67 1.46
C GLY A 10 5.71 14.43 0.44
N THR A 11 6.20 13.20 0.38
CA THR A 11 7.28 12.85 -0.54
C THR A 11 7.37 11.34 -0.72
N TYR A 12 7.94 10.91 -1.85
CA TYR A 12 8.09 9.50 -2.14
C TYR A 12 9.39 9.24 -2.89
N GLU A 13 10.39 8.73 -2.18
CA GLU A 13 11.69 8.44 -2.77
C GLU A 13 12.60 7.76 -1.77
N ASN A 14 13.73 7.24 -2.25
CA ASN A 14 14.70 6.57 -1.39
C ASN A 14 14.02 5.47 -0.57
N ARG A 15 13.03 4.83 -1.17
CA ARG A 15 12.30 3.75 -0.50
C ARG A 15 11.66 4.26 0.79
N THR A 16 10.96 5.39 0.69
CA THR A 16 10.29 5.97 1.84
C THR A 16 9.21 6.96 1.41
N LEU A 17 8.05 6.89 2.06
CA LEU A 17 6.94 7.77 1.75
C LEU A 17 6.49 8.53 2.99
N LEU A 18 7.01 9.74 3.15
CA LEU A 18 6.67 10.58 4.29
C LEU A 18 5.25 11.13 4.15
N VAL A 19 4.42 10.91 5.17
CA VAL A 19 3.05 11.38 5.16
C VAL A 19 2.71 12.10 6.46
N PRO A 20 1.72 13.01 6.39
CA PRO A 20 1.27 13.78 7.56
C PRO A 20 0.54 12.93 8.58
N ASP A 21 0.26 11.68 8.21
CA ASP A 21 -0.43 10.75 9.09
C ASP A 21 0.40 9.50 9.34
N GLY A 22 1.72 9.65 9.25
CA GLY A 22 2.60 8.52 9.46
C GLY A 22 3.83 8.57 8.57
N ARG A 23 4.28 7.41 8.12
CA ARG A 23 5.46 7.32 7.26
C ARG A 23 5.67 5.90 6.77
N LEU A 24 6.05 5.76 5.50
CA LEU A 24 6.29 4.45 4.90
C LEU A 24 7.77 4.27 4.57
N ALA A 25 8.17 3.02 4.36
CA ALA A 25 9.56 2.70 4.03
C ALA A 25 9.66 1.35 3.35
N LEU A 26 9.82 1.37 2.03
CA LEU A 26 9.94 0.14 1.25
C LEU A 26 11.22 -0.61 1.62
N THR A 27 11.07 -1.67 2.41
CA THR A 27 12.21 -2.48 2.82
C THR A 27 12.64 -3.43 1.72
N ALA A 28 11.72 -4.27 1.27
CA ALA A 28 12.00 -5.23 0.22
C ALA A 28 10.78 -6.08 -0.10
N LEU A 29 10.07 -5.72 -1.17
CA LEU A 29 8.88 -6.45 -1.57
C LEU A 29 9.20 -7.92 -1.85
N HIS A 30 8.29 -8.80 -1.46
CA HIS A 30 8.49 -10.24 -1.66
C HIS A 30 7.21 -10.88 -2.20
N LYS A 31 7.37 -11.84 -3.10
CA LYS A 31 6.24 -12.54 -3.68
C LYS A 31 6.05 -13.92 -3.06
N GLY A 32 4.81 -14.27 -2.76
CA GLY A 32 4.53 -15.56 -2.16
C GLY A 32 3.51 -16.36 -2.94
N LYS A 33 2.67 -17.11 -2.23
CA LYS A 33 1.64 -17.92 -2.88
C LYS A 33 0.30 -17.73 -2.19
N ASP A 34 -0.78 -17.99 -2.93
CA ASP A 34 -2.13 -17.84 -2.40
C ASP A 34 -2.94 -19.12 -2.62
N TYR A 35 -4.26 -18.98 -2.60
CA TYR A 35 -5.15 -20.12 -2.79
C TYR A 35 -4.81 -20.87 -4.08
N GLN A 36 -4.41 -20.12 -5.10
CA GLN A 36 -4.04 -20.71 -6.38
C GLN A 36 -2.54 -20.95 -6.48
N GLY A 37 -1.89 -21.01 -5.32
CA GLY A 37 -0.46 -21.24 -5.30
C GLY A 37 0.26 -20.60 -6.47
N LYS A 38 -0.04 -19.33 -6.72
CA LYS A 38 0.57 -18.60 -7.82
C LYS A 38 0.30 -17.10 -7.70
N PRO A 39 -0.97 -16.71 -7.84
CA PRO A 39 -1.38 -15.31 -7.76
C PRO A 39 -1.27 -14.76 -6.34
N MET A 40 -0.09 -14.28 -5.97
CA MET A 40 0.14 -13.74 -4.64
C MET A 40 1.26 -12.70 -4.67
N PHE A 41 1.19 -11.74 -3.75
CA PHE A 41 2.20 -10.69 -3.66
C PHE A 41 2.12 -9.96 -2.33
N TYR A 42 3.26 -9.67 -1.74
CA TYR A 42 3.32 -8.97 -0.46
C TYR A 42 4.09 -7.66 -0.59
N VAL A 43 3.57 -6.61 0.03
CA VAL A 43 4.20 -5.29 -0.01
C VAL A 43 4.95 -5.02 1.29
N LEU A 44 6.22 -5.37 1.32
CA LEU A 44 7.06 -5.15 2.50
C LEU A 44 7.37 -3.67 2.68
N PHE A 45 6.61 -3.02 3.55
CA PHE A 45 6.81 -1.60 3.82
C PHE A 45 6.85 -1.32 5.32
N GLU A 46 7.54 -0.25 5.70
CA GLU A 46 7.66 0.12 7.11
C GLU A 46 6.70 1.26 7.46
N LEU A 47 5.43 0.92 7.63
CA LEU A 47 4.42 1.92 7.95
C LEU A 47 4.46 2.26 9.44
N THR A 48 4.77 3.52 9.75
CA THR A 48 4.84 3.98 11.13
C THR A 48 3.63 4.83 11.49
N ASN A 49 3.00 4.50 12.62
CA ASN A 49 1.83 5.24 13.08
C ASN A 49 2.23 6.46 13.91
N THR A 50 2.52 7.56 13.22
CA THR A 50 2.92 8.80 13.88
C THR A 50 1.72 9.52 14.47
N THR A 51 0.53 9.04 14.14
CA THR A 51 -0.71 9.65 14.63
C THR A 51 -0.77 9.62 16.14
N GLU A 52 -1.92 9.98 16.70
CA GLU A 52 -2.10 10.00 18.15
C GLU A 52 -3.28 9.12 18.55
N LYS A 53 -3.52 8.07 17.78
CA LYS A 53 -4.61 7.14 18.06
C LYS A 53 -4.18 5.70 17.80
N THR A 54 -5.04 4.76 18.18
CA THR A 54 -4.75 3.34 18.00
C THR A 54 -5.80 2.67 17.11
N GLN A 55 -6.41 3.47 16.23
CA GLN A 55 -7.43 2.95 15.34
C GLN A 55 -6.89 1.83 14.46
N ASN A 56 -7.66 1.41 13.47
CA ASN A 56 -7.25 0.35 12.56
C ASN A 56 -5.99 0.74 11.81
N ILE A 57 -5.37 -0.23 11.14
CA ILE A 57 -4.15 0.01 10.38
C ILE A 57 -4.46 0.20 8.90
N GLN A 58 -5.24 -0.72 8.33
CA GLN A 58 -5.61 -0.65 6.93
C GLN A 58 -6.22 0.71 6.60
N LEU A 59 -6.81 1.35 7.61
CA LEU A 59 -7.43 2.65 7.42
C LEU A 59 -6.41 3.69 6.95
N MET A 60 -5.13 3.38 7.14
CA MET A 60 -4.07 4.28 6.73
C MET A 60 -3.48 3.85 5.38
N ILE A 61 -3.09 2.58 5.29
CA ILE A 61 -2.51 2.06 4.06
C ILE A 61 -3.46 2.26 2.88
N GLN A 62 -4.77 2.31 3.18
CA GLN A 62 -5.77 2.49 2.14
C GLN A 62 -5.87 3.96 1.73
N SER A 63 -5.39 4.84 2.60
CA SER A 63 -5.43 6.28 2.34
C SER A 63 -4.09 6.76 1.79
N PHE A 64 -3.02 6.02 2.10
CA PHE A 64 -1.69 6.38 1.65
C PHE A 64 -1.43 5.82 0.25
N MET A 65 -1.20 4.52 0.17
CA MET A 65 -0.94 3.86 -1.11
C MET A 65 -2.22 3.28 -1.70
N GLU A 66 -2.33 3.33 -3.02
CA GLU A 66 -3.52 2.82 -3.71
C GLU A 66 -3.11 1.85 -4.83
N VAL A 67 -3.66 0.64 -4.77
CA VAL A 67 -3.35 -0.37 -5.78
C VAL A 67 -4.58 -0.68 -6.63
N SER A 68 -4.37 -0.82 -7.93
CA SER A 68 -5.47 -1.12 -8.85
C SER A 68 -4.94 -1.81 -10.11
N GLN A 69 -5.70 -2.77 -10.61
CA GLN A 69 -5.31 -3.51 -11.81
C GLN A 69 -6.40 -3.44 -12.87
N THR A 70 -6.09 -3.91 -14.07
CA THR A 70 -7.05 -3.91 -15.16
C THR A 70 -7.96 -5.14 -15.12
N VAL A 71 -9.19 -4.97 -15.57
CA VAL A 71 -10.15 -6.08 -15.58
C VAL A 71 -11.37 -5.74 -16.43
N HIS A 72 -11.70 -6.63 -17.36
CA HIS A 72 -12.85 -6.42 -18.24
C HIS A 72 -12.73 -5.10 -18.98
N GLY A 73 -11.50 -4.64 -19.18
CA GLY A 73 -11.27 -3.38 -19.87
C GLY A 73 -11.48 -2.18 -18.98
N LYS A 74 -11.38 -2.39 -17.68
CA LYS A 74 -11.55 -1.31 -16.71
C LYS A 74 -10.70 -1.54 -15.47
N ALA A 75 -10.11 -0.46 -14.96
CA ALA A 75 -9.26 -0.55 -13.77
C ALA A 75 -10.10 -0.69 -12.50
N GLN A 76 -9.69 -1.59 -11.62
CA GLN A 76 -10.40 -1.81 -10.37
C GLN A 76 -9.46 -1.73 -9.18
N ASN A 77 -10.02 -1.47 -8.00
CA ASN A 77 -9.23 -1.36 -6.78
C ASN A 77 -8.95 -2.75 -6.19
N LEU A 78 -7.68 -3.10 -6.12
CA LEU A 78 -7.26 -4.39 -5.57
C LEU A 78 -7.39 -4.41 -4.06
N GLN A 79 -8.07 -5.42 -3.53
CA GLN A 79 -8.26 -5.55 -2.09
C GLN A 79 -7.38 -6.65 -1.52
N TYR A 80 -7.58 -6.97 -0.25
CA TYR A 80 -6.80 -8.01 0.42
C TYR A 80 -6.84 -9.30 -0.39
N ALA A 81 -5.65 -9.86 -0.66
CA ALA A 81 -5.55 -11.10 -1.41
C ALA A 81 -5.83 -12.31 -0.52
N VAL A 82 -6.83 -13.10 -0.90
CA VAL A 82 -7.19 -14.29 -0.15
C VAL A 82 -6.08 -15.33 -0.17
N LEU A 83 -5.88 -16.00 0.94
CA LEU A 83 -4.84 -17.03 1.05
C LEU A 83 -5.28 -18.16 1.97
N THR A 84 -4.88 -19.39 1.63
CA THR A 84 -5.23 -20.55 2.43
C THR A 84 -4.24 -20.76 3.57
N ASP A 85 -2.95 -20.81 3.23
CA ASP A 85 -1.90 -20.99 4.22
C ASP A 85 -0.59 -20.39 3.75
N SER A 86 -0.14 -19.33 4.42
CA SER A 86 1.10 -18.66 4.06
C SER A 86 1.93 -18.35 5.30
N PRO A 87 3.25 -18.30 5.14
CA PRO A 87 4.18 -18.01 6.24
C PRO A 87 4.09 -16.56 6.70
N PHE A 88 3.65 -15.68 5.81
CA PHE A 88 3.52 -14.27 6.12
C PHE A 88 2.12 -13.95 6.65
N GLN A 89 1.62 -14.83 7.51
CA GLN A 89 0.29 -14.64 8.08
C GLN A 89 0.33 -13.68 9.27
N ASP A 90 1.52 -13.30 9.67
CA ASP A 90 1.71 -12.38 10.79
C ASP A 90 1.37 -10.96 10.37
N LYS A 91 2.16 -10.41 9.45
CA LYS A 91 1.96 -9.05 8.96
C LYS A 91 0.54 -8.88 8.40
N LEU A 92 -0.03 -9.98 7.91
CA LEU A 92 -1.38 -9.95 7.35
C LEU A 92 -2.39 -9.49 8.39
N ASP A 93 -2.04 -9.65 9.67
CA ASP A 93 -2.92 -9.24 10.76
C ASP A 93 -2.76 -7.75 11.06
N ARG A 94 -1.90 -7.09 10.29
CA ARG A 94 -1.66 -5.66 10.47
C ARG A 94 -2.57 -4.84 9.56
N LEU A 95 -3.69 -5.42 9.16
CA LEU A 95 -4.64 -4.74 8.30
C LEU A 95 -6.01 -4.62 8.96
N ALA A 96 -6.39 -5.67 9.69
CA ALA A 96 -7.67 -5.68 10.39
C ALA A 96 -7.48 -5.56 11.90
N ASP A 97 -6.46 -4.80 12.31
CA ASP A 97 -6.17 -4.60 13.72
C ASP A 97 -5.70 -3.18 13.98
N GLU A 98 -5.35 -2.90 15.24
CA GLU A 98 -4.88 -1.58 15.61
C GLU A 98 -3.39 -1.42 15.33
N ILE A 99 -2.93 -0.17 15.31
CA ILE A 99 -1.52 0.11 15.05
C ILE A 99 -0.77 0.40 16.34
N ASN A 100 0.48 0.85 16.20
CA ASN A 100 1.30 1.17 17.36
C ASN A 100 1.73 2.64 17.34
N PRO A 101 0.86 3.52 17.84
CA PRO A 101 1.13 4.95 17.89
C PRO A 101 2.22 5.32 18.90
N GLY A 102 3.40 5.64 18.39
CA GLY A 102 4.51 5.99 19.26
C GLY A 102 5.57 4.92 19.32
N GLU A 103 5.41 3.88 18.49
CA GLU A 103 6.36 2.77 18.45
C GLU A 103 7.05 2.69 17.09
N THR A 104 8.17 1.98 17.05
CA THR A 104 8.92 1.83 15.82
C THR A 104 8.81 0.40 15.27
N ILE A 105 7.76 0.15 14.50
CA ILE A 105 7.54 -1.16 13.92
C ILE A 105 7.18 -1.05 12.44
N GLN A 106 6.85 -2.19 11.82
CA GLN A 106 6.49 -2.22 10.42
C GLN A 106 5.31 -3.17 10.17
N GLY A 107 5.03 -3.43 8.90
CA GLY A 107 3.93 -4.32 8.56
C GLY A 107 3.85 -4.59 7.08
N ALA A 108 2.85 -5.38 6.68
CA ALA A 108 2.66 -5.70 5.27
C ALA A 108 1.23 -5.40 4.81
N TYR A 109 0.92 -5.75 3.57
CA TYR A 109 -0.40 -5.51 3.02
C TYR A 109 -0.53 -6.12 1.63
N PRO A 110 -0.89 -7.41 1.57
CA PRO A 110 -1.06 -8.14 0.31
C PRO A 110 -2.28 -7.66 -0.48
N TYR A 111 -2.12 -7.54 -1.79
CA TYR A 111 -3.20 -7.09 -2.65
C TYR A 111 -3.60 -8.18 -3.64
N GLU A 112 -4.67 -7.94 -4.39
CA GLU A 112 -5.15 -8.90 -5.38
C GLU A 112 -4.11 -9.10 -6.48
N PHE A 113 -3.61 -10.33 -6.59
CA PHE A 113 -2.62 -10.66 -7.61
C PHE A 113 -3.23 -11.51 -8.71
N ILE A 114 -4.55 -11.70 -8.65
CA ILE A 114 -5.25 -12.48 -9.65
C ILE A 114 -4.80 -12.13 -11.06
N ASN A 115 -4.40 -10.86 -11.24
CA ASN A 115 -3.95 -10.39 -12.55
C ASN A 115 -2.43 -10.26 -12.57
N GLU A 116 -1.74 -11.27 -12.07
CA GLU A 116 -0.28 -11.26 -12.04
C GLU A 116 0.29 -11.00 -13.42
N ASN A 117 -0.37 -11.53 -14.44
CA ASN A 117 0.07 -11.35 -15.83
C ASN A 117 0.05 -9.87 -16.22
N LYS A 118 -0.82 -9.11 -15.57
CA LYS A 118 -0.94 -7.68 -15.85
C LYS A 118 -0.03 -6.87 -14.93
N PRO A 119 0.37 -5.68 -15.41
CA PRO A 119 1.24 -4.77 -14.64
C PRO A 119 0.55 -4.18 -13.42
N VAL A 120 1.32 -3.96 -12.36
CA VAL A 120 0.78 -3.39 -11.13
C VAL A 120 1.07 -1.90 -11.03
N HIS A 121 0.10 -1.09 -11.44
CA HIS A 121 0.26 0.36 -11.40
C HIS A 121 0.38 0.86 -9.95
N PHE A 122 1.61 0.93 -9.46
CA PHE A 122 1.86 1.38 -8.10
C PHE A 122 1.77 2.90 -8.01
N LYS A 123 0.73 3.39 -7.34
CA LYS A 123 0.54 4.83 -7.19
C LYS A 123 0.39 5.20 -5.71
N PHE A 124 0.39 6.49 -5.43
CA PHE A 124 0.26 6.98 -4.06
C PHE A 124 -0.46 8.33 -4.03
N ARG A 125 -1.35 8.49 -3.05
CA ARG A 125 -2.11 9.73 -2.92
C ARG A 125 -2.13 10.19 -1.46
N ASP A 126 -2.05 11.50 -1.25
CA ASP A 126 -2.07 12.07 0.09
C ASP A 126 -3.46 11.96 0.71
N ARG A 127 -3.66 12.63 1.84
CA ARG A 127 -4.94 12.61 2.52
C ARG A 127 -5.92 13.57 1.87
N LEU A 128 -7.05 13.81 2.53
CA LEU A 128 -8.08 14.71 2.02
C LEU A 128 -7.51 16.10 1.78
N LEU A 129 -8.38 17.04 1.42
CA LEU A 129 -7.96 18.41 1.16
C LEU A 129 -7.01 18.49 -0.03
N SER A 130 -7.10 17.50 -0.92
CA SER A 130 -6.25 17.44 -2.10
C SER A 130 -7.07 17.19 -3.35
N LEU A 131 -6.73 17.89 -4.43
CA LEU A 131 -7.44 17.74 -5.70
C LEU A 131 -6.50 18.00 -6.87
N ASP A 132 -5.21 17.82 -6.65
CA ASP A 132 -4.21 18.04 -7.69
C ASP A 132 -3.53 16.73 -8.07
N GLU A 133 -2.52 16.82 -8.93
CA GLU A 133 -1.78 15.65 -9.38
C GLU A 133 -1.30 14.82 -8.18
N PRO A 134 -1.06 13.52 -8.41
CA PRO A 134 -0.60 12.60 -7.37
C PRO A 134 0.83 12.89 -6.93
N ILE A 135 1.30 12.14 -5.95
CA ILE A 135 2.66 12.32 -5.42
C ILE A 135 3.65 11.46 -6.19
N ALA A 136 3.18 10.31 -6.69
CA ALA A 136 4.03 9.40 -7.44
C ALA A 136 3.19 8.41 -8.25
N SER A 137 3.83 7.74 -9.21
CA SER A 137 3.14 6.78 -10.05
C SER A 137 4.12 6.07 -10.97
N GLU A 138 3.97 4.75 -11.09
CA GLU A 138 4.84 3.94 -11.93
C GLU A 138 4.42 2.48 -11.93
N GLU A 139 4.43 1.86 -13.11
CA GLU A 139 4.04 0.46 -13.23
C GLU A 139 5.23 -0.46 -12.98
N ILE A 140 4.95 -1.64 -12.45
CA ILE A 140 6.00 -2.61 -12.17
C ILE A 140 5.48 -4.04 -12.31
N THR A 141 6.34 -4.93 -12.79
CA THR A 141 5.97 -6.33 -12.98
C THR A 141 6.63 -7.22 -11.94
N ILE A 142 5.85 -7.65 -10.95
CA ILE A 142 6.35 -8.51 -9.90
C ILE A 142 6.02 -9.98 -10.16
N THR A 143 7.03 -10.83 -10.12
CA THR A 143 6.83 -12.26 -10.35
C THR A 143 8.11 -13.04 -10.07
N MET A 1 7.45 21.84 -16.27
CA MET A 1 8.82 22.05 -15.82
C MET A 1 8.84 22.52 -14.37
N ASP A 2 7.77 23.17 -13.94
CA ASP A 2 7.67 23.68 -12.58
C ASP A 2 6.31 23.36 -11.97
N GLU A 3 6.16 22.14 -11.47
CA GLU A 3 4.90 21.72 -10.87
C GLU A 3 5.12 21.18 -9.45
N VAL A 4 4.74 21.98 -8.46
CA VAL A 4 4.89 21.60 -7.06
C VAL A 4 4.30 20.21 -6.81
N LEU A 5 4.63 19.63 -5.65
CA LEU A 5 4.13 18.32 -5.29
C LEU A 5 3.51 18.34 -3.90
N ALA A 6 2.23 17.95 -3.83
CA ALA A 6 1.52 17.92 -2.56
C ALA A 6 1.47 19.31 -1.92
N THR A 7 1.64 20.34 -2.75
CA THR A 7 1.62 21.72 -2.28
C THR A 7 2.76 21.97 -1.29
N SER A 8 3.92 21.40 -1.56
CA SER A 8 5.08 21.57 -0.70
C SER A 8 4.81 21.01 0.69
N ILE A 9 4.03 19.93 0.74
CA ILE A 9 3.69 19.30 2.01
C ILE A 9 4.48 18.01 2.20
N GLY A 10 4.07 16.97 1.47
CA GLY A 10 4.76 15.69 1.57
C GLY A 10 5.57 15.36 0.33
N THR A 11 6.08 14.14 0.27
CA THR A 11 6.89 13.71 -0.86
C THR A 11 7.00 12.19 -0.92
N TYR A 12 6.77 11.63 -2.09
CA TYR A 12 6.85 10.18 -2.27
C TYR A 12 7.96 9.81 -3.26
N GLU A 13 9.16 9.61 -2.74
CA GLU A 13 10.31 9.25 -3.57
C GLU A 13 11.48 8.77 -2.71
N ASN A 14 12.58 8.42 -3.37
CA ASN A 14 13.76 7.96 -2.66
C ASN A 14 13.45 6.72 -1.82
N ARG A 15 12.42 5.98 -2.23
CA ARG A 15 12.02 4.78 -1.51
C ARG A 15 11.53 5.12 -0.10
N THR A 16 10.68 6.14 0.00
CA THR A 16 10.15 6.57 1.29
C THR A 16 8.91 7.42 1.11
N LEU A 17 7.97 7.31 2.04
CA LEU A 17 6.73 8.07 1.99
C LEU A 17 6.61 9.01 3.18
N LEU A 18 6.34 10.27 2.90
CA LEU A 18 6.20 11.28 3.96
C LEU A 18 4.84 11.96 3.88
N VAL A 19 4.12 11.97 5.00
CA VAL A 19 2.81 12.60 5.07
C VAL A 19 2.51 13.12 6.47
N PRO A 20 1.67 14.16 6.55
CA PRO A 20 1.28 14.77 7.83
C PRO A 20 0.40 13.85 8.66
N ASP A 21 -0.02 12.74 8.07
CA ASP A 21 -0.88 11.78 8.76
C ASP A 21 -0.06 10.64 9.34
N GLY A 22 1.12 10.41 8.75
CA GLY A 22 1.98 9.33 9.23
C GLY A 22 3.36 9.40 8.60
N ARG A 23 3.87 8.23 8.20
CA ARG A 23 5.19 8.15 7.58
C ARG A 23 5.47 6.74 7.09
N LEU A 24 5.20 6.50 5.81
CA LEU A 24 5.44 5.18 5.22
C LEU A 24 6.80 5.12 4.55
N ALA A 25 7.17 3.93 4.07
CA ALA A 25 8.45 3.73 3.41
C ALA A 25 8.54 2.33 2.82
N LEU A 26 9.01 2.26 1.57
CA LEU A 26 9.15 0.98 0.88
C LEU A 26 10.48 0.32 1.23
N THR A 27 10.43 -0.69 2.10
CA THR A 27 11.63 -1.41 2.51
C THR A 27 12.13 -2.32 1.40
N ALA A 28 11.27 -3.23 0.95
CA ALA A 28 11.63 -4.17 -0.10
C ALA A 28 10.47 -5.10 -0.42
N LEU A 29 9.72 -4.78 -1.47
CA LEU A 29 8.58 -5.60 -1.88
C LEU A 29 9.03 -7.02 -2.19
N HIS A 30 8.24 -7.99 -1.72
CA HIS A 30 8.55 -9.40 -1.95
C HIS A 30 7.36 -10.11 -2.58
N LYS A 31 7.64 -11.20 -3.31
CA LYS A 31 6.59 -11.97 -3.96
C LYS A 31 6.37 -13.29 -3.24
N GLY A 32 5.10 -13.67 -3.09
CA GLY A 32 4.78 -14.93 -2.41
C GLY A 32 3.86 -15.80 -3.23
N LYS A 33 3.18 -16.72 -2.56
CA LYS A 33 2.24 -17.63 -3.23
C LYS A 33 0.88 -17.61 -2.54
N ASP A 34 -0.16 -17.95 -3.30
CA ASP A 34 -1.52 -17.97 -2.77
C ASP A 34 -2.17 -19.33 -3.02
N TYR A 35 -3.50 -19.36 -2.97
CA TYR A 35 -4.24 -20.59 -3.19
C TYR A 35 -3.84 -21.25 -4.51
N GLN A 36 -3.57 -20.43 -5.51
CA GLN A 36 -3.18 -20.92 -6.83
C GLN A 36 -1.66 -20.97 -6.95
N GLY A 37 -0.98 -20.99 -5.81
CA GLY A 37 0.48 -21.04 -5.82
C GLY A 37 1.07 -20.29 -7.00
N LYS A 38 0.64 -19.05 -7.19
CA LYS A 38 1.14 -18.23 -8.29
C LYS A 38 0.74 -16.77 -8.10
N PRO A 39 -0.57 -16.50 -8.19
CA PRO A 39 -1.11 -15.14 -8.03
C PRO A 39 -1.01 -14.65 -6.58
N MET A 40 0.07 -13.94 -6.29
CA MET A 40 0.29 -13.41 -4.94
C MET A 40 1.39 -12.36 -4.95
N PHE A 41 1.34 -11.44 -3.99
CA PHE A 41 2.33 -10.38 -3.88
C PHE A 41 2.35 -9.79 -2.47
N TYR A 42 3.53 -9.38 -2.02
CA TYR A 42 3.69 -8.81 -0.69
C TYR A 42 4.35 -7.44 -0.77
N VAL A 43 3.75 -6.46 -0.09
CA VAL A 43 4.28 -5.11 -0.08
C VAL A 43 4.92 -4.77 1.27
N LEU A 44 6.25 -4.85 1.32
CA LEU A 44 6.97 -4.56 2.55
C LEU A 44 7.11 -3.06 2.76
N PHE A 45 6.20 -2.49 3.54
CA PHE A 45 6.22 -1.06 3.82
C PHE A 45 6.41 -0.80 5.31
N GLU A 46 6.85 0.40 5.64
CA GLU A 46 7.08 0.78 7.04
C GLU A 46 6.18 1.94 7.44
N LEU A 47 4.90 1.66 7.64
CA LEU A 47 3.94 2.68 8.04
C LEU A 47 4.04 2.98 9.53
N THR A 48 4.46 4.20 9.84
CA THR A 48 4.60 4.63 11.24
C THR A 48 3.37 5.39 11.71
N ASN A 49 2.62 4.80 12.63
CA ASN A 49 1.42 5.42 13.16
C ASN A 49 1.78 6.63 14.04
N THR A 50 1.84 7.80 13.42
CA THR A 50 2.17 9.02 14.15
C THR A 50 1.00 9.47 15.02
N THR A 51 -0.19 8.94 14.75
CA THR A 51 -1.37 9.28 15.51
C THR A 51 -1.21 8.92 16.98
N GLU A 52 -2.31 8.98 17.73
CA GLU A 52 -2.29 8.65 19.15
C GLU A 52 -3.43 7.70 19.50
N LYS A 53 -3.94 7.00 18.50
CA LYS A 53 -5.03 6.05 18.71
C LYS A 53 -4.60 4.63 18.36
N THR A 54 -5.31 3.65 18.90
CA THR A 54 -4.99 2.25 18.64
C THR A 54 -5.96 1.65 17.63
N GLN A 55 -6.55 2.50 16.80
CA GLN A 55 -7.50 2.05 15.78
C GLN A 55 -6.83 1.07 14.82
N ASN A 56 -7.62 0.53 13.90
CA ASN A 56 -7.11 -0.43 12.93
C ASN A 56 -5.92 0.15 12.16
N ILE A 57 -5.31 -0.67 11.31
CA ILE A 57 -4.17 -0.23 10.52
C ILE A 57 -4.57 0.08 9.08
N GLN A 58 -5.20 -0.89 8.42
CA GLN A 58 -5.64 -0.71 7.05
C GLN A 58 -6.41 0.59 6.88
N LEU A 59 -7.11 0.99 7.95
CA LEU A 59 -7.89 2.23 7.92
C LEU A 59 -7.06 3.40 7.43
N MET A 60 -5.74 3.32 7.67
CA MET A 60 -4.83 4.39 7.25
C MET A 60 -4.20 4.05 5.90
N ILE A 61 -3.65 2.85 5.80
CA ILE A 61 -3.01 2.41 4.56
C ILE A 61 -3.93 2.61 3.36
N GLN A 62 -5.16 2.14 3.48
CA GLN A 62 -6.14 2.27 2.40
C GLN A 62 -6.30 3.74 2.01
N SER A 63 -6.00 4.64 2.92
CA SER A 63 -6.11 6.07 2.66
C SER A 63 -4.76 6.65 2.22
N PHE A 64 -3.69 5.93 2.51
CA PHE A 64 -2.35 6.37 2.15
C PHE A 64 -1.99 5.92 0.74
N MET A 65 -1.66 4.63 0.60
CA MET A 65 -1.29 4.07 -0.69
C MET A 65 -2.42 3.19 -1.24
N GLU A 66 -2.80 3.44 -2.49
CA GLU A 66 -3.87 2.67 -3.13
C GLU A 66 -3.30 1.72 -4.18
N VAL A 67 -3.91 0.55 -4.31
CA VAL A 67 -3.47 -0.44 -5.27
C VAL A 67 -4.64 -0.99 -6.09
N SER A 68 -4.62 -0.75 -7.39
CA SER A 68 -5.69 -1.22 -8.27
C SER A 68 -5.10 -1.96 -9.47
N GLN A 69 -5.99 -2.47 -10.32
CA GLN A 69 -5.57 -3.21 -11.51
C GLN A 69 -6.66 -3.18 -12.58
N THR A 70 -6.23 -3.19 -13.84
CA THR A 70 -7.17 -3.17 -14.96
C THR A 70 -7.84 -4.53 -15.14
N VAL A 71 -9.14 -4.51 -15.39
CA VAL A 71 -9.91 -5.73 -15.59
C VAL A 71 -11.21 -5.45 -16.33
N HIS A 72 -11.47 -6.24 -17.38
CA HIS A 72 -12.69 -6.07 -18.16
C HIS A 72 -12.71 -4.72 -18.86
N GLY A 73 -11.55 -4.08 -18.92
CA GLY A 73 -11.46 -2.78 -19.56
C GLY A 73 -11.67 -1.63 -18.59
N LYS A 74 -11.52 -1.92 -17.29
CA LYS A 74 -11.68 -0.91 -16.26
C LYS A 74 -10.87 -1.26 -15.02
N ALA A 75 -10.28 -0.24 -14.41
CA ALA A 75 -9.47 -0.44 -13.20
C ALA A 75 -10.35 -0.74 -12.00
N GLN A 76 -9.91 -1.70 -11.19
CA GLN A 76 -10.65 -2.10 -10.00
C GLN A 76 -9.76 -2.07 -8.76
N ASN A 77 -10.38 -2.01 -7.59
CA ASN A 77 -9.64 -1.98 -6.34
C ASN A 77 -9.28 -3.39 -5.88
N LEU A 78 -8.00 -3.59 -5.59
CA LEU A 78 -7.51 -4.90 -5.15
C LEU A 78 -7.72 -5.08 -3.64
N GLN A 79 -8.48 -6.11 -3.28
CA GLN A 79 -8.75 -6.38 -1.87
C GLN A 79 -7.74 -7.38 -1.31
N TYR A 80 -7.95 -7.78 -0.05
CA TYR A 80 -7.05 -8.72 0.60
C TYR A 80 -6.85 -9.96 -0.25
N ALA A 81 -5.59 -10.33 -0.46
CA ALA A 81 -5.26 -11.50 -1.26
C ALA A 81 -5.41 -12.79 -0.45
N VAL A 82 -6.37 -13.61 -0.83
CA VAL A 82 -6.62 -14.87 -0.14
C VAL A 82 -5.53 -15.89 -0.44
N LEU A 83 -5.17 -16.68 0.57
CA LEU A 83 -4.14 -17.70 0.41
C LEU A 83 -4.29 -18.79 1.46
N THR A 84 -4.14 -20.04 1.03
CA THR A 84 -4.25 -21.18 1.94
C THR A 84 -3.36 -20.99 3.17
N ASP A 85 -2.13 -20.55 2.94
CA ASP A 85 -1.18 -20.34 4.03
C ASP A 85 0.13 -19.76 3.50
N SER A 86 0.77 -18.90 4.30
CA SER A 86 2.02 -18.28 3.91
C SER A 86 2.86 -17.94 5.13
N PRO A 87 4.18 -17.82 4.93
CA PRO A 87 5.12 -17.51 6.01
C PRO A 87 4.97 -16.07 6.50
N PHE A 88 4.37 -15.23 5.66
CA PHE A 88 4.16 -13.82 6.02
C PHE A 88 2.79 -13.62 6.64
N GLN A 89 2.38 -14.56 7.48
CA GLN A 89 1.09 -14.48 8.15
C GLN A 89 1.18 -13.65 9.43
N ASP A 90 2.40 -13.29 9.80
CA ASP A 90 2.63 -12.49 11.00
C ASP A 90 2.26 -11.03 10.77
N LYS A 91 2.17 -10.65 9.50
CA LYS A 91 1.83 -9.28 9.13
C LYS A 91 0.45 -9.21 8.47
N LEU A 92 0.03 -10.34 7.89
CA LEU A 92 -1.26 -10.41 7.23
C LEU A 92 -2.39 -10.04 8.19
N ASP A 93 -2.16 -10.30 9.47
CA ASP A 93 -3.15 -9.99 10.51
C ASP A 93 -3.16 -8.51 10.83
N ARG A 94 -2.07 -7.83 10.51
CA ARG A 94 -1.95 -6.40 10.76
C ARG A 94 -3.15 -5.64 10.20
N LEU A 95 -3.48 -5.92 8.95
CA LEU A 95 -4.60 -5.27 8.29
C LEU A 95 -5.89 -5.42 9.10
N ALA A 96 -5.93 -6.48 9.91
CA ALA A 96 -7.11 -6.74 10.75
C ALA A 96 -6.77 -6.57 12.22
N ASP A 97 -5.72 -5.79 12.49
CA ASP A 97 -5.30 -5.54 13.87
C ASP A 97 -5.16 -4.04 14.13
N GLU A 98 -4.54 -3.70 15.26
CA GLU A 98 -4.35 -2.30 15.63
C GLU A 98 -2.95 -1.83 15.26
N ILE A 99 -2.67 -0.55 15.51
CA ILE A 99 -1.36 0.02 15.20
C ILE A 99 -0.66 0.48 16.47
N ASN A 100 0.60 0.87 16.33
CA ASN A 100 1.39 1.33 17.46
C ASN A 100 1.64 2.84 17.38
N PRO A 101 0.71 3.62 17.94
CA PRO A 101 0.80 5.09 17.94
C PRO A 101 1.91 5.60 18.85
N GLY A 102 3.08 5.84 18.27
CA GLY A 102 4.20 6.33 19.04
C GLY A 102 5.39 5.40 18.98
N GLU A 103 5.28 4.35 18.17
CA GLU A 103 6.36 3.38 18.04
C GLU A 103 6.82 3.28 16.59
N THR A 104 7.80 2.42 16.34
CA THR A 104 8.34 2.23 15.01
C THR A 104 8.25 0.78 14.57
N ILE A 105 7.28 0.48 13.71
CA ILE A 105 7.09 -0.87 13.21
C ILE A 105 6.76 -0.87 11.72
N GLN A 106 6.39 -2.03 11.20
CA GLN A 106 6.04 -2.17 9.78
C GLN A 106 5.10 -3.34 9.57
N GLY A 107 4.74 -3.57 8.30
CA GLY A 107 3.83 -4.66 7.97
C GLY A 107 3.75 -4.92 6.48
N ALA A 108 2.71 -5.63 6.07
CA ALA A 108 2.52 -5.94 4.66
C ALA A 108 1.06 -5.74 4.24
N TYR A 109 0.81 -5.81 2.94
CA TYR A 109 -0.54 -5.64 2.41
C TYR A 109 -0.74 -6.47 1.15
N PRO A 110 -1.15 -7.73 1.32
CA PRO A 110 -1.39 -8.64 0.21
C PRO A 110 -2.62 -8.25 -0.62
N TYR A 111 -2.38 -7.85 -1.86
CA TYR A 111 -3.47 -7.45 -2.74
C TYR A 111 -3.81 -8.56 -3.72
N GLU A 112 -5.00 -8.47 -4.33
CA GLU A 112 -5.44 -9.47 -5.30
C GLU A 112 -4.51 -9.51 -6.51
N PHE A 113 -3.65 -10.52 -6.55
CA PHE A 113 -2.71 -10.67 -7.66
C PHE A 113 -3.35 -11.44 -8.81
N ILE A 114 -4.64 -11.72 -8.69
CA ILE A 114 -5.36 -12.45 -9.73
C ILE A 114 -5.00 -11.93 -11.12
N ASN A 115 -4.73 -10.64 -11.21
CA ASN A 115 -4.38 -10.02 -12.48
C ASN A 115 -2.87 -9.98 -12.66
N GLU A 116 -2.21 -11.07 -12.31
CA GLU A 116 -0.75 -11.17 -12.43
C GLU A 116 -0.31 -10.87 -13.86
N ASN A 117 -1.19 -11.16 -14.82
CA ASN A 117 -0.89 -10.93 -16.23
C ASN A 117 -0.86 -9.44 -16.54
N LYS A 118 -1.51 -8.65 -15.69
CA LYS A 118 -1.56 -7.21 -15.86
C LYS A 118 -0.60 -6.50 -14.92
N PRO A 119 -0.09 -5.33 -15.34
CA PRO A 119 0.85 -4.54 -14.55
C PRO A 119 0.19 -3.92 -13.31
N VAL A 120 1.01 -3.42 -12.40
CA VAL A 120 0.50 -2.79 -11.18
C VAL A 120 0.94 -1.33 -11.09
N HIS A 121 0.11 -0.43 -11.60
CA HIS A 121 0.40 0.99 -11.57
C HIS A 121 0.29 1.54 -10.15
N PHE A 122 1.33 1.34 -9.35
CA PHE A 122 1.33 1.81 -7.97
C PHE A 122 1.22 3.33 -7.92
N LYS A 123 0.31 3.83 -7.10
CA LYS A 123 0.10 5.26 -6.95
C LYS A 123 0.00 5.65 -5.48
N PHE A 124 0.08 6.95 -5.21
CA PHE A 124 0.00 7.45 -3.84
C PHE A 124 -0.70 8.80 -3.80
N ARG A 125 -1.54 9.00 -2.78
CA ARG A 125 -2.27 10.25 -2.63
C ARG A 125 -2.64 10.49 -1.17
N ASP A 126 -3.38 11.56 -0.92
CA ASP A 126 -3.80 11.90 0.43
C ASP A 126 -4.90 10.97 0.92
N ARG A 127 -5.55 11.34 2.02
CA ARG A 127 -6.62 10.54 2.58
C ARG A 127 -7.96 11.25 2.46
N LEU A 128 -9.01 10.63 3.00
CA LEU A 128 -10.34 11.22 2.96
C LEU A 128 -10.85 11.29 1.51
N LEU A 129 -11.97 12.00 1.32
CA LEU A 129 -12.56 12.14 0.00
C LEU A 129 -11.52 12.64 -1.01
N SER A 130 -11.19 13.93 -0.91
CA SER A 130 -10.21 14.52 -1.82
C SER A 130 -10.71 14.48 -3.27
N LEU A 131 -10.16 15.35 -4.10
CA LEU A 131 -10.54 15.42 -5.50
C LEU A 131 -9.47 16.11 -6.33
N ASP A 132 -8.23 16.07 -5.84
CA ASP A 132 -7.12 16.70 -6.54
C ASP A 132 -6.21 15.65 -7.17
N GLU A 133 -5.55 16.01 -8.26
CA GLU A 133 -4.65 15.11 -8.97
C GLU A 133 -3.66 14.48 -8.00
N PRO A 134 -3.12 13.31 -8.39
CA PRO A 134 -2.15 12.58 -7.57
C PRO A 134 -0.80 13.28 -7.50
N ILE A 135 0.11 12.74 -6.70
CA ILE A 135 1.44 13.32 -6.55
C ILE A 135 2.52 12.35 -7.00
N ALA A 136 2.25 11.05 -6.84
CA ALA A 136 3.19 10.01 -7.22
C ALA A 136 2.50 8.89 -7.99
N SER A 137 3.25 8.22 -8.85
CA SER A 137 2.70 7.12 -9.64
C SER A 137 3.77 6.53 -10.56
N GLU A 138 3.66 5.22 -10.82
CA GLU A 138 4.62 4.54 -11.67
C GLU A 138 4.19 3.10 -11.91
N GLU A 139 4.38 2.62 -13.14
CA GLU A 139 4.00 1.26 -13.50
C GLU A 139 5.12 0.28 -13.13
N ILE A 140 4.72 -0.88 -12.62
CA ILE A 140 5.68 -1.90 -12.23
C ILE A 140 5.13 -3.30 -12.49
N THR A 141 5.99 -4.18 -13.01
CA THR A 141 5.59 -5.56 -13.30
C THR A 141 6.25 -6.54 -12.35
N ILE A 142 5.54 -6.88 -11.27
CA ILE A 142 6.06 -7.81 -10.28
C ILE A 142 5.64 -9.24 -10.60
N THR A 143 6.62 -10.13 -10.72
CA THR A 143 6.36 -11.53 -11.02
C THR A 143 7.61 -12.38 -10.85
N MET A 1 6.27 27.04 -14.02
CA MET A 1 5.38 26.02 -13.48
C MET A 1 5.91 24.62 -13.80
N ASP A 2 5.92 23.76 -12.79
CA ASP A 2 6.40 22.39 -12.97
C ASP A 2 5.31 21.39 -12.61
N GLU A 3 4.06 21.81 -12.75
CA GLU A 3 2.92 20.94 -12.45
C GLU A 3 3.06 20.34 -11.05
N VAL A 4 2.96 21.18 -10.03
CA VAL A 4 3.07 20.73 -8.65
C VAL A 4 1.79 20.04 -8.19
N LEU A 5 1.89 19.27 -7.11
CA LEU A 5 0.74 18.55 -6.57
C LEU A 5 0.55 18.87 -5.09
N ALA A 6 -0.65 19.31 -4.74
CA ALA A 6 -0.96 19.64 -3.35
C ALA A 6 -0.12 20.82 -2.87
N THR A 7 0.41 21.60 -3.81
CA THR A 7 1.24 22.74 -3.47
C THR A 7 2.43 22.33 -2.62
N SER A 8 3.03 21.19 -2.95
CA SER A 8 4.17 20.69 -2.19
C SER A 8 3.78 20.36 -0.75
N ILE A 9 3.68 19.08 -0.45
CA ILE A 9 3.33 18.64 0.89
C ILE A 9 4.32 17.62 1.43
N GLY A 10 4.29 16.41 0.87
CA GLY A 10 5.19 15.37 1.30
C GLY A 10 6.26 15.06 0.26
N THR A 11 6.49 13.77 0.03
CA THR A 11 7.50 13.34 -0.95
C THR A 11 7.53 11.82 -1.06
N TYR A 12 7.72 11.33 -2.28
CA TYR A 12 7.77 9.90 -2.53
C TYR A 12 8.99 9.54 -3.37
N GLU A 13 9.99 8.95 -2.72
CA GLU A 13 11.22 8.57 -3.41
C GLU A 13 12.16 7.81 -2.47
N ASN A 14 13.24 7.28 -3.02
CA ASN A 14 14.21 6.55 -2.23
C ASN A 14 13.56 5.35 -1.53
N ARG A 15 12.50 4.83 -2.14
CA ARG A 15 11.79 3.69 -1.59
C ARG A 15 11.19 4.03 -0.22
N THR A 16 10.63 5.24 -0.11
CA THR A 16 10.03 5.69 1.13
C THR A 16 9.10 6.88 0.89
N LEU A 17 8.01 6.93 1.63
CA LEU A 17 7.05 8.02 1.50
C LEU A 17 7.04 8.91 2.74
N LEU A 18 6.50 10.11 2.61
CA LEU A 18 6.44 11.05 3.71
C LEU A 18 5.18 11.91 3.64
N VAL A 19 4.48 12.01 4.76
CA VAL A 19 3.25 12.80 4.82
C VAL A 19 2.92 13.20 6.26
N PRO A 20 2.10 14.26 6.40
CA PRO A 20 1.70 14.75 7.72
C PRO A 20 0.75 13.80 8.43
N ASP A 21 0.26 12.82 7.70
CA ASP A 21 -0.66 11.83 8.27
C ASP A 21 0.10 10.69 8.93
N GLY A 22 1.12 10.18 8.23
CA GLY A 22 1.91 9.09 8.76
C GLY A 22 3.32 9.08 8.22
N ARG A 23 3.98 7.93 8.32
CA ARG A 23 5.35 7.79 7.84
C ARG A 23 5.58 6.42 7.21
N LEU A 24 5.26 6.31 5.91
CA LEU A 24 5.42 5.06 5.19
C LEU A 24 6.82 4.95 4.60
N ALA A 25 7.39 3.75 4.65
CA ALA A 25 8.73 3.51 4.11
C ALA A 25 8.83 2.11 3.50
N LEU A 26 8.91 2.06 2.19
CA LEU A 26 9.01 0.77 1.48
C LEU A 26 10.37 0.12 1.75
N THR A 27 10.34 -0.98 2.48
CA THR A 27 11.57 -1.71 2.81
C THR A 27 12.04 -2.55 1.64
N ALA A 28 11.19 -3.45 1.17
CA ALA A 28 11.51 -4.31 0.04
C ALA A 28 10.37 -5.27 -0.27
N LEU A 29 9.56 -4.92 -1.26
CA LEU A 29 8.44 -5.76 -1.66
C LEU A 29 8.89 -7.16 -2.03
N HIS A 30 8.12 -8.16 -1.61
CA HIS A 30 8.45 -9.55 -1.89
C HIS A 30 7.23 -10.29 -2.44
N LYS A 31 7.47 -11.28 -3.29
CA LYS A 31 6.40 -12.07 -3.88
C LYS A 31 6.27 -13.42 -3.18
N GLY A 32 5.05 -13.95 -3.14
CA GLY A 32 4.82 -15.23 -2.50
C GLY A 32 3.82 -16.08 -3.25
N LYS A 33 3.20 -17.03 -2.56
CA LYS A 33 2.22 -17.91 -3.18
C LYS A 33 0.94 -17.98 -2.34
N ASP A 34 -0.19 -18.19 -3.00
CA ASP A 34 -1.47 -18.27 -2.32
C ASP A 34 -2.11 -19.64 -2.54
N TYR A 35 -3.44 -19.69 -2.40
CA TYR A 35 -4.17 -20.94 -2.58
C TYR A 35 -3.84 -21.58 -3.93
N GLN A 36 -3.59 -20.73 -4.93
CA GLN A 36 -3.27 -21.21 -6.27
C GLN A 36 -1.77 -21.20 -6.50
N GLY A 37 -1.01 -21.20 -5.41
CA GLY A 37 0.44 -21.19 -5.52
C GLY A 37 0.93 -20.40 -6.71
N LYS A 38 0.40 -19.19 -6.88
CA LYS A 38 0.78 -18.33 -8.00
C LYS A 38 0.35 -16.89 -7.74
N PRO A 39 -0.98 -16.66 -7.75
CA PRO A 39 -1.55 -15.33 -7.52
C PRO A 39 -1.36 -14.86 -6.08
N MET A 40 -0.24 -14.21 -5.82
CA MET A 40 0.05 -13.70 -4.47
C MET A 40 1.12 -12.61 -4.54
N PHE A 41 1.09 -11.71 -3.54
CA PHE A 41 2.05 -10.62 -3.48
C PHE A 41 2.12 -10.03 -2.08
N TYR A 42 3.31 -9.60 -1.67
CA TYR A 42 3.51 -9.02 -0.35
C TYR A 42 4.20 -7.67 -0.45
N VAL A 43 3.56 -6.64 0.13
CA VAL A 43 4.11 -5.29 0.11
C VAL A 43 4.79 -4.96 1.43
N LEU A 44 6.10 -5.20 1.48
CA LEU A 44 6.87 -4.92 2.69
C LEU A 44 7.02 -3.41 2.91
N PHE A 45 6.08 -2.84 3.64
CA PHE A 45 6.10 -1.41 3.94
C PHE A 45 6.26 -1.16 5.44
N GLU A 46 6.77 0.02 5.78
CA GLU A 46 6.98 0.38 7.17
C GLU A 46 6.18 1.64 7.53
N LEU A 47 4.87 1.47 7.70
CA LEU A 47 4.00 2.59 8.05
C LEU A 47 4.03 2.86 9.56
N THR A 48 4.55 4.02 9.94
CA THR A 48 4.63 4.39 11.34
C THR A 48 3.45 5.28 11.75
N ASN A 49 2.60 4.74 12.62
CA ASN A 49 1.43 5.47 13.09
C ASN A 49 1.83 6.62 14.01
N THR A 50 2.24 7.73 13.42
CA THR A 50 2.66 8.89 14.18
C THR A 50 1.52 9.43 15.04
N THR A 51 0.29 9.03 14.71
CA THR A 51 -0.88 9.47 15.44
C THR A 51 -0.85 8.97 16.88
N GLU A 52 -1.99 9.08 17.57
CA GLU A 52 -2.08 8.64 18.95
C GLU A 52 -3.33 7.78 19.16
N LYS A 53 -3.67 6.99 18.15
CA LYS A 53 -4.84 6.12 18.22
C LYS A 53 -4.46 4.67 18.00
N THR A 54 -5.28 3.76 18.50
CA THR A 54 -5.02 2.33 18.35
C THR A 54 -6.04 1.67 17.43
N GLN A 55 -6.69 2.49 16.60
CA GLN A 55 -7.69 1.99 15.66
C GLN A 55 -7.06 1.02 14.67
N ASN A 56 -7.88 0.48 13.78
CA ASN A 56 -7.41 -0.47 12.77
C ASN A 56 -6.23 0.10 12.00
N ILE A 57 -5.60 -0.73 11.18
CA ILE A 57 -4.46 -0.31 10.39
C ILE A 57 -4.85 -0.05 8.94
N GLN A 58 -5.68 -0.93 8.39
CA GLN A 58 -6.13 -0.79 7.02
C GLN A 58 -6.82 0.56 6.81
N LEU A 59 -7.30 1.14 7.89
CA LEU A 59 -7.98 2.43 7.83
C LEU A 59 -6.99 3.55 7.52
N MET A 60 -5.70 3.26 7.70
CA MET A 60 -4.65 4.25 7.44
C MET A 60 -3.96 3.95 6.11
N ILE A 61 -3.53 2.72 5.93
CA ILE A 61 -2.86 2.31 4.71
C ILE A 61 -3.72 2.57 3.49
N GLN A 62 -5.03 2.54 3.69
CA GLN A 62 -5.98 2.77 2.60
C GLN A 62 -6.05 4.25 2.24
N SER A 63 -5.36 5.07 3.02
CA SER A 63 -5.35 6.51 2.80
C SER A 63 -3.97 6.98 2.34
N PHE A 64 -3.04 6.04 2.23
CA PHE A 64 -1.68 6.35 1.80
C PHE A 64 -1.39 5.77 0.43
N MET A 65 -1.16 4.46 0.39
CA MET A 65 -0.87 3.78 -0.88
C MET A 65 -2.17 3.39 -1.59
N GLU A 66 -2.06 3.11 -2.89
CA GLU A 66 -3.22 2.71 -3.68
C GLU A 66 -2.92 1.46 -4.49
N VAL A 67 -3.84 0.51 -4.46
CA VAL A 67 -3.69 -0.74 -5.19
C VAL A 67 -5.00 -1.20 -5.78
N SER A 68 -5.15 -1.07 -7.10
CA SER A 68 -6.37 -1.47 -7.79
C SER A 68 -6.06 -2.39 -8.97
N GLN A 69 -4.99 -2.07 -9.69
CA GLN A 69 -4.58 -2.86 -10.83
C GLN A 69 -5.63 -2.83 -11.93
N THR A 70 -5.25 -2.35 -13.11
CA THR A 70 -6.17 -2.27 -14.23
C THR A 70 -6.30 -3.61 -14.95
N VAL A 71 -7.50 -3.92 -15.42
CA VAL A 71 -7.76 -5.17 -16.12
C VAL A 71 -8.82 -4.99 -17.20
N HIS A 72 -10.04 -4.67 -16.78
CA HIS A 72 -11.14 -4.47 -17.72
C HIS A 72 -11.12 -3.04 -18.28
N GLY A 73 -9.97 -2.65 -18.83
CA GLY A 73 -9.84 -1.32 -19.40
C GLY A 73 -9.91 -0.22 -18.34
N LYS A 74 -9.67 -0.60 -17.09
CA LYS A 74 -9.70 0.34 -15.99
C LYS A 74 -9.25 -0.32 -14.69
N ALA A 75 -8.91 0.51 -13.70
CA ALA A 75 -8.46 0.00 -12.40
C ALA A 75 -9.53 -0.89 -11.77
N GLN A 76 -9.07 -1.90 -11.04
CA GLN A 76 -9.99 -2.83 -10.38
C GLN A 76 -10.02 -2.58 -8.88
N ASN A 77 -10.54 -3.56 -8.14
CA ASN A 77 -10.63 -3.44 -6.68
C ASN A 77 -9.91 -4.61 -6.01
N LEU A 78 -8.60 -4.49 -5.85
CA LEU A 78 -7.80 -5.52 -5.22
C LEU A 78 -8.11 -5.62 -3.72
N GLN A 79 -8.66 -6.76 -3.30
CA GLN A 79 -8.99 -6.97 -1.90
C GLN A 79 -7.99 -7.90 -1.23
N TYR A 80 -8.21 -8.19 0.05
CA TYR A 80 -7.33 -9.05 0.80
C TYR A 80 -7.06 -10.35 0.04
N ALA A 81 -5.78 -10.61 -0.25
CA ALA A 81 -5.38 -11.81 -0.97
C ALA A 81 -5.37 -13.02 -0.04
N VAL A 82 -6.33 -13.93 -0.23
CA VAL A 82 -6.42 -15.13 0.59
C VAL A 82 -5.31 -16.11 0.23
N LEU A 83 -4.72 -16.71 1.26
CA LEU A 83 -3.64 -17.68 1.06
C LEU A 83 -3.69 -18.79 2.11
N THR A 84 -3.31 -19.99 1.72
CA THR A 84 -3.31 -21.13 2.62
C THR A 84 -2.38 -20.88 3.81
N ASP A 85 -1.12 -20.59 3.52
CA ASP A 85 -0.13 -20.34 4.56
C ASP A 85 0.96 -19.39 4.06
N SER A 86 1.23 -18.34 4.84
CA SER A 86 2.24 -17.36 4.47
C SER A 86 3.27 -17.20 5.58
N PRO A 87 4.51 -16.87 5.19
CA PRO A 87 5.61 -16.67 6.14
C PRO A 87 5.44 -15.43 6.99
N PHE A 88 4.72 -14.44 6.45
CA PHE A 88 4.48 -13.19 7.16
C PHE A 88 3.04 -13.14 7.71
N GLN A 89 2.56 -14.28 8.19
CA GLN A 89 1.22 -14.37 8.74
C GLN A 89 1.02 -13.35 9.85
N ASP A 90 2.10 -12.96 10.50
CA ASP A 90 2.04 -11.99 11.59
C ASP A 90 1.85 -10.58 11.05
N LYS A 91 2.21 -10.38 9.78
CA LYS A 91 2.08 -9.08 9.14
C LYS A 91 0.78 -9.00 8.33
N LEU A 92 0.26 -10.15 7.95
CA LEU A 92 -0.97 -10.22 7.18
C LEU A 92 -2.18 -9.86 8.03
N ASP A 93 -2.18 -10.33 9.28
CA ASP A 93 -3.27 -10.05 10.20
C ASP A 93 -3.30 -8.57 10.58
N ARG A 94 -2.23 -7.86 10.25
CA ARG A 94 -2.13 -6.43 10.54
C ARG A 94 -3.38 -5.70 10.08
N LEU A 95 -3.73 -5.88 8.81
CA LEU A 95 -4.91 -5.23 8.23
C LEU A 95 -6.14 -5.46 9.11
N ALA A 96 -6.21 -6.64 9.71
CA ALA A 96 -7.33 -6.98 10.57
C ALA A 96 -6.95 -6.85 12.05
N ASP A 97 -6.13 -5.86 12.35
CA ASP A 97 -5.69 -5.62 13.72
C ASP A 97 -5.56 -4.13 14.00
N GLU A 98 -5.01 -3.79 15.16
CA GLU A 98 -4.83 -2.40 15.55
C GLU A 98 -3.44 -1.90 15.15
N ILE A 99 -3.22 -0.60 15.31
CA ILE A 99 -1.94 0.01 14.97
C ILE A 99 -1.07 0.21 16.21
N ASN A 100 0.15 0.65 16.00
CA ASN A 100 1.08 0.88 17.10
C ASN A 100 1.55 2.34 17.13
N PRO A 101 0.73 3.20 17.75
CA PRO A 101 1.02 4.63 17.86
C PRO A 101 2.19 4.91 18.82
N GLY A 102 3.33 5.28 18.25
CA GLY A 102 4.49 5.56 19.05
C GLY A 102 5.56 4.49 18.94
N GLU A 103 5.35 3.54 18.04
CA GLU A 103 6.29 2.46 17.83
C GLU A 103 6.92 2.51 16.45
N THR A 104 8.00 1.78 16.25
CA THR A 104 8.69 1.75 14.97
C THR A 104 8.74 0.33 14.40
N ILE A 105 7.64 -0.08 13.75
CA ILE A 105 7.56 -1.40 13.16
C ILE A 105 7.14 -1.32 11.70
N GLN A 106 6.91 -2.49 11.09
CA GLN A 106 6.50 -2.54 9.70
C GLN A 106 5.28 -3.44 9.53
N GLY A 107 4.91 -3.71 8.27
CA GLY A 107 3.77 -4.56 8.00
C GLY A 107 3.67 -4.94 6.54
N ALA A 108 2.56 -5.56 6.17
CA ALA A 108 2.33 -5.97 4.78
C ALA A 108 0.88 -5.75 4.37
N TYR A 109 0.60 -5.97 3.09
CA TYR A 109 -0.75 -5.79 2.56
C TYR A 109 -0.96 -6.64 1.32
N PRO A 110 -1.41 -7.89 1.52
CA PRO A 110 -1.67 -8.83 0.43
C PRO A 110 -2.88 -8.43 -0.42
N TYR A 111 -2.61 -7.99 -1.65
CA TYR A 111 -3.69 -7.58 -2.55
C TYR A 111 -4.01 -8.68 -3.55
N GLU A 112 -5.17 -8.55 -4.19
CA GLU A 112 -5.61 -9.55 -5.17
C GLU A 112 -4.67 -9.55 -6.39
N PHE A 113 -3.85 -10.59 -6.48
CA PHE A 113 -2.90 -10.71 -7.58
C PHE A 113 -3.55 -11.42 -8.78
N ILE A 114 -4.86 -11.64 -8.68
CA ILE A 114 -5.60 -12.31 -9.75
C ILE A 114 -5.20 -11.76 -11.11
N ASN A 115 -4.92 -10.46 -11.16
CA ASN A 115 -4.53 -9.81 -12.41
C ASN A 115 -3.00 -9.83 -12.58
N GLU A 116 -2.41 -10.98 -12.32
CA GLU A 116 -0.96 -11.13 -12.43
C GLU A 116 -0.50 -10.81 -13.86
N ASN A 117 -1.43 -10.88 -14.81
CA ASN A 117 -1.11 -10.60 -16.20
C ASN A 117 -1.08 -9.09 -16.46
N LYS A 118 -1.69 -8.33 -15.55
CA LYS A 118 -1.73 -6.88 -15.68
C LYS A 118 -0.79 -6.23 -14.68
N PRO A 119 -0.28 -5.03 -15.06
CA PRO A 119 0.65 -4.28 -14.21
C PRO A 119 -0.03 -3.71 -12.97
N VAL A 120 0.77 -3.36 -11.97
CA VAL A 120 0.24 -2.81 -10.73
C VAL A 120 0.64 -1.34 -10.58
N HIS A 121 -0.30 -0.44 -10.87
CA HIS A 121 -0.05 0.98 -10.75
C HIS A 121 0.00 1.42 -9.30
N PHE A 122 1.19 1.39 -8.70
CA PHE A 122 1.36 1.77 -7.31
C PHE A 122 1.13 3.27 -7.13
N LYS A 123 -0.11 3.64 -6.86
CA LYS A 123 -0.48 5.04 -6.65
C LYS A 123 -0.48 5.39 -5.17
N PHE A 124 -0.78 6.66 -4.87
CA PHE A 124 -0.82 7.13 -3.49
C PHE A 124 -1.86 8.23 -3.32
N ARG A 125 -1.95 8.78 -2.11
CA ARG A 125 -2.90 9.84 -1.82
C ARG A 125 -4.33 9.35 -1.97
N ASP A 126 -5.29 10.18 -1.56
CA ASP A 126 -6.70 9.82 -1.66
C ASP A 126 -7.57 11.05 -1.53
N ARG A 127 -8.88 10.85 -1.42
CA ARG A 127 -9.83 11.94 -1.28
C ARG A 127 -9.95 12.38 0.17
N LEU A 128 -9.01 13.21 0.61
CA LEU A 128 -9.00 13.71 1.99
C LEU A 128 -8.50 15.14 2.04
N LEU A 129 -9.43 16.08 2.21
CA LEU A 129 -9.08 17.49 2.29
C LEU A 129 -8.39 17.96 1.01
N SER A 130 -8.74 17.31 -0.11
CA SER A 130 -8.16 17.66 -1.39
C SER A 130 -8.96 17.02 -2.54
N LEU A 131 -8.77 17.55 -3.74
CA LEU A 131 -9.48 17.04 -4.92
C LEU A 131 -8.58 17.11 -6.15
N ASP A 132 -7.27 17.10 -5.93
CA ASP A 132 -6.31 17.16 -7.04
C ASP A 132 -5.56 15.83 -7.16
N GLU A 133 -4.66 15.78 -8.15
CA GLU A 133 -3.88 14.57 -8.38
C GLU A 133 -3.19 14.11 -7.09
N PRO A 134 -2.78 12.83 -7.07
CA PRO A 134 -2.11 12.24 -5.91
C PRO A 134 -0.70 12.80 -5.72
N ILE A 135 -0.02 12.33 -4.67
CA ILE A 135 1.34 12.78 -4.38
C ILE A 135 2.34 12.16 -5.34
N ALA A 136 2.03 10.96 -5.81
CA ALA A 136 2.90 10.25 -6.74
C ALA A 136 2.18 9.06 -7.38
N SER A 137 2.85 8.42 -8.33
CA SER A 137 2.28 7.28 -9.02
C SER A 137 3.26 6.71 -10.04
N GLU A 138 3.11 5.42 -10.35
CA GLU A 138 3.98 4.76 -11.31
C GLU A 138 3.52 3.33 -11.57
N GLU A 139 3.59 2.91 -12.83
CA GLU A 139 3.18 1.57 -13.21
C GLU A 139 4.33 0.57 -13.04
N ILE A 140 4.04 -0.55 -12.39
CA ILE A 140 5.06 -1.57 -12.16
C ILE A 140 4.43 -2.96 -12.12
N THR A 141 5.00 -3.89 -12.88
CA THR A 141 4.50 -5.25 -12.93
C THR A 141 5.38 -6.20 -12.11
N ILE A 142 4.86 -6.67 -11.00
CA ILE A 142 5.59 -7.58 -10.13
C ILE A 142 5.27 -9.03 -10.46
N THR A 143 6.33 -9.85 -10.59
CA THR A 143 6.17 -11.26 -10.92
C THR A 143 7.38 -12.07 -10.48
N MET A 1 -7.21 19.65 -14.98
CA MET A 1 -6.40 19.25 -13.84
C MET A 1 -5.32 20.28 -13.55
N ASP A 2 -5.73 21.38 -12.92
CA ASP A 2 -4.79 22.45 -12.58
C ASP A 2 -4.86 22.77 -11.09
N GLU A 3 -3.76 22.46 -10.38
CA GLU A 3 -3.70 22.70 -8.94
C GLU A 3 -2.33 22.31 -8.39
N VAL A 4 -1.65 23.27 -7.77
CA VAL A 4 -0.33 23.02 -7.20
C VAL A 4 0.60 22.38 -8.22
N LEU A 5 1.79 21.99 -7.77
CA LEU A 5 2.77 21.37 -8.65
C LEU A 5 3.50 20.23 -7.93
N ALA A 6 3.34 19.02 -8.44
CA ALA A 6 3.98 17.85 -7.85
C ALA A 6 3.60 17.69 -6.38
N THR A 7 2.46 18.27 -6.00
CA THR A 7 1.99 18.21 -4.63
C THR A 7 3.08 18.61 -3.65
N SER A 8 3.15 19.91 -3.35
CA SER A 8 4.15 20.42 -2.43
C SER A 8 3.70 20.26 -0.98
N ILE A 9 3.91 19.06 -0.43
CA ILE A 9 3.52 18.77 0.94
C ILE A 9 4.61 17.99 1.66
N GLY A 10 4.75 16.71 1.30
CA GLY A 10 5.76 15.88 1.92
C GLY A 10 6.96 15.66 1.03
N THR A 11 7.24 14.40 0.70
CA THR A 11 8.37 14.06 -0.16
C THR A 11 8.38 12.59 -0.51
N TYR A 12 8.73 12.28 -1.76
CA TYR A 12 8.78 10.90 -2.22
C TYR A 12 10.12 10.58 -2.86
N GLU A 13 11.00 9.95 -2.08
CA GLU A 13 12.33 9.58 -2.58
C GLU A 13 13.08 8.77 -1.53
N ASN A 14 14.24 8.23 -1.93
CA ASN A 14 15.06 7.43 -1.03
C ASN A 14 14.25 6.27 -0.44
N ARG A 15 13.35 5.72 -1.25
CA ARG A 15 12.51 4.60 -0.82
C ARG A 15 11.81 4.94 0.50
N THR A 16 11.07 6.04 0.51
CA THR A 16 10.35 6.47 1.70
C THR A 16 9.24 7.45 1.36
N LEU A 17 8.12 7.36 2.08
CA LEU A 17 6.99 8.24 1.85
C LEU A 17 6.70 9.09 3.08
N LEU A 18 7.17 10.32 3.07
CA LEU A 18 6.95 11.24 4.20
C LEU A 18 5.63 11.98 4.04
N VAL A 19 4.86 12.04 5.13
CA VAL A 19 3.58 12.74 5.11
C VAL A 19 3.17 13.16 6.52
N PRO A 20 2.28 14.17 6.59
CA PRO A 20 1.80 14.69 7.87
C PRO A 20 0.88 13.70 8.60
N ASP A 21 0.41 12.69 7.86
CA ASP A 21 -0.47 11.68 8.42
C ASP A 21 0.33 10.56 9.08
N GLY A 22 1.39 10.12 8.39
CA GLY A 22 2.21 9.05 8.92
C GLY A 22 3.62 9.07 8.32
N ARG A 23 4.18 7.88 8.13
CA ARG A 23 5.53 7.77 7.57
C ARG A 23 5.79 6.36 7.06
N LEU A 24 5.61 6.17 5.75
CA LEU A 24 5.81 4.86 5.14
C LEU A 24 7.25 4.71 4.66
N ALA A 25 7.63 3.50 4.30
CA ALA A 25 8.97 3.21 3.83
C ALA A 25 9.06 1.83 3.19
N LEU A 26 9.21 1.80 1.87
CA LEU A 26 9.29 0.54 1.14
C LEU A 26 10.36 -0.37 1.74
N THR A 27 9.94 -1.50 2.27
CA THR A 27 10.85 -2.46 2.88
C THR A 27 11.14 -3.62 1.94
N ALA A 28 11.18 -3.34 0.65
CA ALA A 28 11.44 -4.37 -0.36
C ALA A 28 10.26 -5.33 -0.49
N LEU A 29 9.44 -5.10 -1.52
CA LEU A 29 8.28 -5.95 -1.76
C LEU A 29 8.70 -7.38 -2.08
N HIS A 30 7.91 -8.34 -1.62
CA HIS A 30 8.20 -9.75 -1.86
C HIS A 30 6.97 -10.46 -2.43
N LYS A 31 7.22 -11.47 -3.26
CA LYS A 31 6.14 -12.24 -3.87
C LYS A 31 5.88 -13.53 -3.10
N GLY A 32 4.62 -13.95 -3.07
CA GLY A 32 4.27 -15.17 -2.35
C GLY A 32 3.31 -16.05 -3.15
N LYS A 33 2.60 -16.92 -2.45
CA LYS A 33 1.66 -17.83 -3.10
C LYS A 33 0.29 -17.74 -2.45
N ASP A 34 -0.75 -17.89 -3.26
CA ASP A 34 -2.13 -17.83 -2.76
C ASP A 34 -2.84 -19.16 -2.98
N TYR A 35 -4.17 -19.12 -2.94
CA TYR A 35 -4.98 -20.32 -3.14
C TYR A 35 -4.59 -21.03 -4.42
N GLN A 36 -4.26 -20.26 -5.46
CA GLN A 36 -3.87 -20.81 -6.74
C GLN A 36 -2.35 -20.96 -6.84
N GLY A 37 -1.69 -20.99 -5.68
CA GLY A 37 -0.25 -21.11 -5.66
C GLY A 37 0.42 -20.43 -6.84
N LYS A 38 0.12 -19.15 -7.03
CA LYS A 38 0.69 -18.39 -8.13
C LYS A 38 0.37 -16.90 -7.98
N PRO A 39 -0.92 -16.55 -8.13
CA PRO A 39 -1.38 -15.16 -8.01
C PRO A 39 -1.30 -14.64 -6.59
N MET A 40 -0.19 -13.98 -6.26
CA MET A 40 0.00 -13.43 -4.92
C MET A 40 1.10 -12.38 -4.92
N PHE A 41 1.00 -11.41 -4.02
CA PHE A 41 1.99 -10.35 -3.91
C PHE A 41 1.89 -9.64 -2.57
N TYR A 42 3.03 -9.40 -1.94
CA TYR A 42 3.07 -8.73 -0.65
C TYR A 42 3.63 -7.31 -0.78
N VAL A 43 3.06 -6.39 -0.02
CA VAL A 43 3.50 -5.00 -0.05
C VAL A 43 4.33 -4.66 1.18
N LEU A 44 5.63 -4.86 1.08
CA LEU A 44 6.54 -4.58 2.19
C LEU A 44 6.72 -3.08 2.37
N PHE A 45 6.22 -2.55 3.48
CA PHE A 45 6.32 -1.13 3.78
C PHE A 45 6.50 -0.89 5.27
N GLU A 46 6.96 0.31 5.63
CA GLU A 46 7.17 0.65 7.03
C GLU A 46 6.23 1.78 7.45
N LEU A 47 4.97 1.43 7.68
CA LEU A 47 3.97 2.40 8.10
C LEU A 47 4.05 2.66 9.60
N THR A 48 4.44 3.87 9.97
CA THR A 48 4.57 4.25 11.37
C THR A 48 3.36 5.05 11.83
N ASN A 49 2.71 4.58 12.90
CA ASN A 49 1.54 5.24 13.44
C ASN A 49 1.93 6.50 14.22
N THR A 50 2.36 7.52 13.50
CA THR A 50 2.78 8.78 14.11
C THR A 50 1.66 9.36 14.97
N THR A 51 0.43 8.94 14.69
CA THR A 51 -0.73 9.42 15.44
C THR A 51 -0.62 9.05 16.92
N GLU A 52 -1.73 9.20 17.65
CA GLU A 52 -1.76 8.87 19.07
C GLU A 52 -2.98 8.04 19.41
N LYS A 53 -3.36 7.15 18.50
CA LYS A 53 -4.51 6.27 18.71
C LYS A 53 -4.13 4.80 18.57
N THR A 54 -4.96 3.93 19.12
CA THR A 54 -4.71 2.49 19.05
C THR A 54 -5.74 1.79 18.17
N GLN A 55 -6.40 2.56 17.31
CA GLN A 55 -7.41 2.02 16.42
C GLN A 55 -6.78 1.06 15.42
N ASN A 56 -7.61 0.47 14.56
CA ASN A 56 -7.14 -0.47 13.56
C ASN A 56 -5.99 0.13 12.75
N ILE A 57 -5.36 -0.70 11.91
CA ILE A 57 -4.25 -0.25 11.09
C ILE A 57 -4.70 0.02 9.66
N GLN A 58 -5.50 -0.89 9.12
CA GLN A 58 -6.01 -0.75 7.75
C GLN A 58 -6.71 0.59 7.56
N LEU A 59 -7.16 1.17 8.67
CA LEU A 59 -7.85 2.46 8.63
C LEU A 59 -6.91 3.56 8.15
N MET A 60 -5.61 3.28 8.17
CA MET A 60 -4.61 4.24 7.74
C MET A 60 -4.08 3.89 6.36
N ILE A 61 -3.55 2.67 6.23
CA ILE A 61 -3.01 2.21 4.96
C ILE A 61 -4.01 2.41 3.83
N GLN A 62 -5.29 2.36 4.17
CA GLN A 62 -6.35 2.54 3.17
C GLN A 62 -6.38 3.98 2.66
N SER A 63 -6.07 4.92 3.55
CA SER A 63 -6.07 6.33 3.19
C SER A 63 -4.66 6.81 2.84
N PHE A 64 -3.71 5.89 2.92
CA PHE A 64 -2.31 6.21 2.61
C PHE A 64 -1.97 5.82 1.18
N MET A 65 -1.80 4.53 0.94
CA MET A 65 -1.47 4.03 -0.38
C MET A 65 -2.71 3.43 -1.06
N GLU A 66 -2.92 3.81 -2.32
CA GLU A 66 -4.06 3.33 -3.08
C GLU A 66 -3.60 2.56 -4.31
N VAL A 67 -3.80 1.25 -4.31
CA VAL A 67 -3.40 0.40 -5.43
C VAL A 67 -4.59 0.07 -6.31
N SER A 68 -4.34 -0.05 -7.62
CA SER A 68 -5.39 -0.36 -8.57
C SER A 68 -4.83 -1.09 -9.78
N GLN A 69 -5.72 -1.57 -10.64
CA GLN A 69 -5.31 -2.30 -11.84
C GLN A 69 -6.40 -2.23 -12.91
N THR A 70 -5.99 -2.34 -14.17
CA THR A 70 -6.93 -2.29 -15.28
C THR A 70 -7.81 -3.54 -15.31
N VAL A 71 -9.11 -3.33 -15.53
CA VAL A 71 -10.05 -4.44 -15.59
C VAL A 71 -11.13 -4.19 -16.63
N HIS A 72 -11.12 -5.00 -17.69
CA HIS A 72 -12.10 -4.88 -18.76
C HIS A 72 -12.02 -3.49 -19.40
N GLY A 73 -10.88 -2.83 -19.23
CA GLY A 73 -10.70 -1.51 -19.80
C GLY A 73 -11.06 -0.40 -18.82
N LYS A 74 -11.05 -0.73 -17.53
CA LYS A 74 -11.37 0.24 -16.50
C LYS A 74 -10.65 -0.08 -15.20
N ALA A 75 -10.00 0.93 -14.62
CA ALA A 75 -9.27 0.74 -13.36
C ALA A 75 -10.15 0.06 -12.31
N GLN A 76 -9.50 -0.58 -11.35
CA GLN A 76 -10.21 -1.27 -10.28
C GLN A 76 -9.46 -1.17 -8.96
N ASN A 77 -10.21 -1.13 -7.87
CA ASN A 77 -9.60 -1.03 -6.54
C ASN A 77 -9.17 -2.41 -6.03
N LEU A 78 -7.91 -2.74 -6.23
CA LEU A 78 -7.37 -4.02 -5.79
C LEU A 78 -7.65 -4.25 -4.31
N GLN A 79 -8.39 -5.31 -3.99
CA GLN A 79 -8.73 -5.63 -2.61
C GLN A 79 -7.83 -6.75 -2.09
N TYR A 80 -7.93 -7.02 -0.80
CA TYR A 80 -7.13 -8.07 -0.17
C TYR A 80 -7.24 -9.38 -0.94
N ALA A 81 -6.10 -9.93 -1.34
CA ALA A 81 -6.08 -11.18 -2.09
C ALA A 81 -6.21 -12.37 -1.15
N VAL A 82 -7.14 -13.27 -1.49
CA VAL A 82 -7.37 -14.46 -0.68
C VAL A 82 -6.20 -15.42 -0.76
N LEU A 83 -5.92 -16.10 0.35
CA LEU A 83 -4.81 -17.06 0.41
C LEU A 83 -5.02 -18.06 1.53
N THR A 84 -5.17 -19.33 1.18
CA THR A 84 -5.37 -20.39 2.16
C THR A 84 -4.38 -20.26 3.31
N ASP A 85 -3.13 -19.94 2.98
CA ASP A 85 -2.10 -19.78 4.00
C ASP A 85 -0.94 -18.95 3.47
N SER A 86 -0.40 -18.08 4.33
CA SER A 86 0.70 -17.20 3.93
C SER A 86 1.79 -17.20 5.01
N PRO A 87 3.05 -17.14 4.57
CA PRO A 87 4.20 -17.12 5.47
C PRO A 87 4.31 -15.82 6.26
N PHE A 88 3.71 -14.76 5.72
CA PHE A 88 3.74 -13.46 6.37
C PHE A 88 2.46 -13.21 7.16
N GLN A 89 1.96 -14.27 7.80
CA GLN A 89 0.73 -14.17 8.59
C GLN A 89 0.97 -13.35 9.85
N ASP A 90 2.23 -13.05 10.13
CA ASP A 90 2.59 -12.26 11.31
C ASP A 90 2.37 -10.77 11.06
N LYS A 91 2.28 -10.40 9.79
CA LYS A 91 2.07 -9.01 9.42
C LYS A 91 0.80 -8.84 8.60
N LEU A 92 0.10 -9.95 8.38
CA LEU A 92 -1.15 -9.94 7.62
C LEU A 92 -2.34 -9.63 8.52
N ASP A 93 -2.36 -10.26 9.70
CA ASP A 93 -3.44 -10.05 10.65
C ASP A 93 -3.45 -8.61 11.16
N ARG A 94 -2.35 -7.89 10.91
CA ARG A 94 -2.22 -6.52 11.35
C ARG A 94 -3.41 -5.68 10.87
N LEU A 95 -3.85 -5.94 9.64
CA LEU A 95 -4.98 -5.22 9.06
C LEU A 95 -6.22 -5.35 9.94
N ALA A 96 -6.27 -6.42 10.73
CA ALA A 96 -7.40 -6.66 11.62
C ALA A 96 -7.00 -6.43 13.08
N ASP A 97 -5.84 -5.82 13.28
CA ASP A 97 -5.34 -5.54 14.62
C ASP A 97 -5.14 -4.04 14.83
N GLU A 98 -4.53 -3.67 15.96
CA GLU A 98 -4.29 -2.27 16.27
C GLU A 98 -2.88 -1.87 15.87
N ILE A 99 -2.54 -0.60 16.12
CA ILE A 99 -1.22 -0.09 15.78
C ILE A 99 -0.47 0.37 17.02
N ASN A 100 0.77 0.81 16.84
CA ASN A 100 1.59 1.28 17.95
C ASN A 100 1.92 2.75 17.80
N PRO A 101 1.04 3.61 18.35
CA PRO A 101 1.21 5.07 18.29
C PRO A 101 2.36 5.55 19.16
N GLY A 102 3.50 5.83 18.52
CA GLY A 102 4.67 6.29 19.26
C GLY A 102 5.80 5.29 19.24
N GLU A 103 5.63 4.22 18.46
CA GLU A 103 6.65 3.19 18.35
C GLU A 103 7.08 2.98 16.90
N THR A 104 8.22 2.32 16.70
CA THR A 104 8.73 2.06 15.37
C THR A 104 8.53 0.60 14.98
N ILE A 105 7.59 0.35 14.08
CA ILE A 105 7.30 -1.00 13.63
C ILE A 105 7.03 -1.03 12.12
N GLN A 106 6.59 -2.19 11.63
CA GLN A 106 6.29 -2.34 10.21
C GLN A 106 5.08 -3.26 10.01
N GLY A 107 4.85 -3.65 8.76
CA GLY A 107 3.73 -4.51 8.45
C GLY A 107 3.63 -4.84 6.98
N ALA A 108 2.56 -5.53 6.59
CA ALA A 108 2.35 -5.90 5.19
C ALA A 108 0.90 -5.70 4.78
N TYR A 109 0.66 -5.67 3.48
CA TYR A 109 -0.68 -5.48 2.95
C TYR A 109 -0.77 -5.91 1.49
N PRO A 110 -1.01 -7.21 1.26
CA PRO A 110 -1.11 -7.78 -0.08
C PRO A 110 -2.37 -7.32 -0.80
N TYR A 111 -2.33 -7.34 -2.13
CA TYR A 111 -3.48 -6.93 -2.93
C TYR A 111 -3.85 -8.01 -3.94
N GLU A 112 -4.88 -7.74 -4.74
CA GLU A 112 -5.33 -8.69 -5.75
C GLU A 112 -4.34 -8.78 -6.91
N PHE A 113 -3.73 -9.95 -7.07
CA PHE A 113 -2.77 -10.16 -8.13
C PHE A 113 -3.42 -10.82 -9.34
N ILE A 114 -4.75 -10.97 -9.28
CA ILE A 114 -5.50 -11.58 -10.37
C ILE A 114 -5.03 -11.04 -11.73
N ASN A 115 -4.68 -9.76 -11.75
CA ASN A 115 -4.22 -9.13 -12.99
C ASN A 115 -2.69 -9.20 -13.11
N GLU A 116 -2.15 -10.38 -12.81
CA GLU A 116 -0.71 -10.58 -12.88
C GLU A 116 -0.17 -10.25 -14.26
N ASN A 117 -1.03 -10.40 -15.26
CA ASN A 117 -0.65 -10.12 -16.65
C ASN A 117 -0.52 -8.62 -16.89
N LYS A 118 -1.17 -7.84 -16.03
CA LYS A 118 -1.13 -6.38 -16.13
C LYS A 118 -0.16 -5.78 -15.12
N PRO A 119 0.40 -4.62 -15.45
CA PRO A 119 1.35 -3.92 -14.58
C PRO A 119 0.68 -3.35 -13.33
N VAL A 120 1.50 -2.91 -12.38
CA VAL A 120 0.98 -2.35 -11.14
C VAL A 120 1.58 -0.97 -10.88
N HIS A 121 0.82 0.07 -11.22
CA HIS A 121 1.28 1.44 -11.02
C HIS A 121 1.19 1.84 -9.55
N PHE A 122 2.04 1.24 -8.73
CA PHE A 122 2.06 1.52 -7.30
C PHE A 122 2.13 3.03 -7.04
N LYS A 123 1.19 3.54 -6.25
CA LYS A 123 1.15 4.95 -5.93
C LYS A 123 0.98 5.17 -4.43
N PHE A 124 1.00 6.43 -4.00
CA PHE A 124 0.84 6.76 -2.60
C PHE A 124 0.16 8.12 -2.43
N ARG A 125 -0.19 8.46 -1.19
CA ARG A 125 -0.85 9.72 -0.90
C ARG A 125 -1.01 9.92 0.61
N ASP A 126 -1.02 11.17 1.04
CA ASP A 126 -1.18 11.48 2.46
C ASP A 126 -2.59 11.14 2.94
N ARG A 127 -3.59 11.77 2.31
CA ARG A 127 -4.98 11.53 2.68
C ARG A 127 -5.88 11.57 1.45
N LEU A 128 -5.54 10.78 0.45
CA LEU A 128 -6.33 10.71 -0.78
C LEU A 128 -6.51 12.11 -1.37
N LEU A 129 -7.37 12.22 -2.38
CA LEU A 129 -7.63 13.49 -3.03
C LEU A 129 -6.38 14.05 -3.68
N SER A 130 -6.29 13.92 -5.00
CA SER A 130 -5.13 14.40 -5.74
C SER A 130 -5.56 15.36 -6.86
N LEU A 131 -6.66 15.03 -7.51
CA LEU A 131 -7.18 15.85 -8.59
C LEU A 131 -6.28 15.78 -9.82
N ASP A 132 -5.08 16.32 -9.71
CA ASP A 132 -4.13 16.31 -10.81
C ASP A 132 -3.31 15.01 -10.81
N GLU A 133 -2.81 14.64 -9.64
CA GLU A 133 -2.01 13.43 -9.50
C GLU A 133 -1.57 13.23 -8.05
N PRO A 134 -1.26 11.97 -7.70
CA PRO A 134 -0.82 11.62 -6.35
C PRO A 134 0.57 12.15 -6.04
N ILE A 135 1.03 11.92 -4.80
CA ILE A 135 2.35 12.37 -4.38
C ILE A 135 3.44 11.47 -4.93
N ALA A 136 3.11 10.20 -5.12
CA ALA A 136 4.07 9.22 -5.64
C ALA A 136 3.39 8.26 -6.61
N SER A 137 4.18 7.70 -7.53
CA SER A 137 3.67 6.77 -8.51
C SER A 137 4.79 6.18 -9.36
N GLU A 138 4.62 4.93 -9.78
CA GLU A 138 5.62 4.27 -10.60
C GLU A 138 5.16 2.86 -10.99
N GLU A 139 5.30 2.54 -12.27
CA GLU A 139 4.88 1.24 -12.79
C GLU A 139 5.94 0.19 -12.48
N ILE A 140 5.48 -1.02 -12.13
CA ILE A 140 6.38 -2.12 -11.82
C ILE A 140 5.79 -3.46 -12.23
N THR A 141 6.60 -4.29 -12.87
CA THR A 141 6.15 -5.60 -13.31
C THR A 141 6.63 -6.70 -12.36
N ILE A 142 5.83 -6.97 -11.33
CA ILE A 142 6.16 -8.00 -10.36
C ILE A 142 5.65 -9.36 -10.79
N THR A 143 6.54 -10.35 -10.80
CA THR A 143 6.17 -11.71 -11.20
C THR A 143 7.27 -12.70 -10.81
N MET A 1 -9.06 26.58 -7.49
CA MET A 1 -8.14 25.73 -8.23
C MET A 1 -6.74 25.79 -7.63
N ASP A 2 -6.54 25.04 -6.57
CA ASP A 2 -5.24 25.00 -5.90
C ASP A 2 -4.23 24.21 -6.70
N GLU A 3 -3.23 24.90 -7.24
CA GLU A 3 -2.20 24.25 -8.04
C GLU A 3 -0.81 24.57 -7.50
N VAL A 4 -0.20 23.60 -6.84
CA VAL A 4 1.14 23.77 -6.26
C VAL A 4 2.09 22.69 -6.76
N LEU A 5 2.81 23.01 -7.83
CA LEU A 5 3.77 22.07 -8.41
C LEU A 5 3.14 20.69 -8.60
N ALA A 6 3.97 19.70 -8.88
CA ALA A 6 3.49 18.33 -9.09
C ALA A 6 3.09 17.69 -7.76
N THR A 7 2.12 18.31 -7.09
CA THR A 7 1.65 17.80 -5.81
C THR A 7 2.70 17.97 -4.72
N SER A 8 2.92 19.21 -4.29
CA SER A 8 3.90 19.51 -3.26
C SER A 8 3.37 19.16 -1.87
N ILE A 9 3.54 17.90 -1.47
CA ILE A 9 3.07 17.45 -0.17
C ILE A 9 4.05 16.45 0.44
N GLY A 10 4.05 15.23 -0.10
CA GLY A 10 4.95 14.21 0.42
C GLY A 10 6.16 14.01 -0.47
N THR A 11 6.87 12.91 -0.26
CA THR A 11 8.07 12.59 -1.04
C THR A 11 8.24 11.09 -1.20
N TYR A 12 8.61 10.67 -2.41
CA TYR A 12 8.80 9.26 -2.70
C TYR A 12 10.17 9.01 -3.32
N GLU A 13 11.13 8.61 -2.49
CA GLU A 13 12.48 8.34 -2.95
C GLU A 13 13.35 7.78 -1.83
N ASN A 14 14.55 7.34 -2.17
CA ASN A 14 15.47 6.78 -1.19
C ASN A 14 14.85 5.57 -0.49
N ARG A 15 14.08 4.80 -1.24
CA ARG A 15 13.42 3.61 -0.70
C ARG A 15 12.47 3.99 0.44
N THR A 16 12.05 5.25 0.46
CA THR A 16 11.15 5.75 1.49
C THR A 16 10.00 6.54 0.89
N LEU A 17 8.91 6.66 1.64
CA LEU A 17 7.74 7.39 1.17
C LEU A 17 7.13 8.21 2.31
N LEU A 18 7.47 9.49 2.37
CA LEU A 18 6.95 10.38 3.39
C LEU A 18 5.49 10.72 3.14
N VAL A 19 4.67 10.61 4.18
CA VAL A 19 3.25 10.91 4.07
C VAL A 19 2.73 11.61 5.32
N PRO A 20 1.66 12.40 5.15
CA PRO A 20 1.05 13.15 6.26
C PRO A 20 0.34 12.23 7.26
N ASP A 21 0.65 12.40 8.54
CA ASP A 21 0.04 11.58 9.58
C ASP A 21 0.62 10.16 9.57
N GLY A 22 1.70 9.98 8.82
CA GLY A 22 2.33 8.67 8.74
C GLY A 22 3.74 8.74 8.20
N ARG A 23 4.31 7.58 7.87
CA ARG A 23 5.66 7.51 7.35
C ARG A 23 5.95 6.14 6.74
N LEU A 24 5.64 5.98 5.46
CA LEU A 24 5.85 4.73 4.77
C LEU A 24 7.32 4.58 4.36
N ALA A 25 7.76 3.34 4.19
CA ALA A 25 9.13 3.07 3.79
C ALA A 25 9.24 1.74 3.04
N LEU A 26 9.83 1.77 1.86
CA LEU A 26 10.00 0.56 1.06
C LEU A 26 11.16 -0.28 1.57
N THR A 27 10.85 -1.33 2.31
CA THR A 27 11.87 -2.22 2.85
C THR A 27 12.33 -3.22 1.81
N ALA A 28 11.39 -4.05 1.33
CA ALA A 28 11.71 -5.06 0.33
C ALA A 28 10.48 -5.90 0.00
N LEU A 29 9.81 -5.55 -1.09
CA LEU A 29 8.63 -6.28 -1.52
C LEU A 29 8.96 -7.73 -1.83
N HIS A 30 8.08 -8.64 -1.42
CA HIS A 30 8.27 -10.07 -1.65
C HIS A 30 7.01 -10.70 -2.24
N LYS A 31 7.21 -11.65 -3.16
CA LYS A 31 6.09 -12.33 -3.80
C LYS A 31 5.97 -13.77 -3.29
N GLY A 32 4.73 -14.21 -3.07
CA GLY A 32 4.50 -15.56 -2.59
C GLY A 32 3.44 -16.28 -3.39
N LYS A 33 2.68 -17.14 -2.72
CA LYS A 33 1.62 -17.90 -3.37
C LYS A 33 0.32 -17.81 -2.59
N ASP A 34 -0.80 -17.87 -3.29
CA ASP A 34 -2.11 -17.79 -2.67
C ASP A 34 -2.91 -19.07 -2.91
N TYR A 35 -4.23 -18.96 -2.83
CA TYR A 35 -5.11 -20.11 -3.04
C TYR A 35 -4.80 -20.78 -4.37
N GLN A 36 -4.42 -19.98 -5.36
CA GLN A 36 -4.10 -20.49 -6.69
C GLN A 36 -2.60 -20.65 -6.87
N GLY A 37 -1.88 -20.75 -5.75
CA GLY A 37 -0.44 -20.90 -5.81
C GLY A 37 0.18 -20.16 -6.98
N LYS A 38 -0.20 -18.90 -7.15
CA LYS A 38 0.31 -18.08 -8.24
C LYS A 38 0.02 -16.60 -8.00
N PRO A 39 -1.28 -16.25 -8.05
CA PRO A 39 -1.73 -14.86 -7.85
C PRO A 39 -1.56 -14.42 -6.40
N MET A 40 -0.36 -13.95 -6.07
CA MET A 40 -0.07 -13.49 -4.71
C MET A 40 1.03 -12.43 -4.72
N PHE A 41 1.02 -11.56 -3.72
CA PHE A 41 2.02 -10.50 -3.62
C PHE A 41 1.88 -9.75 -2.29
N TYR A 42 3.01 -9.46 -1.66
CA TYR A 42 3.02 -8.76 -0.38
C TYR A 42 3.75 -7.43 -0.51
N VAL A 43 3.19 -6.39 0.11
CA VAL A 43 3.78 -5.06 0.08
C VAL A 43 4.55 -4.77 1.36
N LEU A 44 5.82 -5.16 1.38
CA LEU A 44 6.67 -4.94 2.55
C LEU A 44 6.98 -3.46 2.72
N PHE A 45 6.21 -2.79 3.56
CA PHE A 45 6.41 -1.36 3.81
C PHE A 45 6.52 -1.09 5.30
N GLU A 46 7.18 0.01 5.65
CA GLU A 46 7.36 0.39 7.05
C GLU A 46 6.46 1.56 7.42
N LEU A 47 5.17 1.26 7.60
CA LEU A 47 4.20 2.29 7.96
C LEU A 47 4.27 2.63 9.45
N THR A 48 4.67 3.85 9.75
CA THR A 48 4.78 4.30 11.14
C THR A 48 3.57 5.13 11.54
N ASN A 49 2.87 4.68 12.58
CA ASN A 49 1.70 5.39 13.07
C ASN A 49 2.10 6.66 13.82
N THR A 50 2.47 7.69 13.07
CA THR A 50 2.87 8.96 13.66
C THR A 50 1.71 9.64 14.37
N THR A 51 0.50 9.15 14.10
CA THR A 51 -0.70 9.71 14.72
C THR A 51 -0.74 9.41 16.22
N GLU A 52 -1.88 9.67 16.84
CA GLU A 52 -2.05 9.44 18.27
C GLU A 52 -3.32 8.65 18.55
N LYS A 53 -3.63 7.71 17.67
CA LYS A 53 -4.83 6.88 17.81
C LYS A 53 -4.47 5.40 17.77
N THR A 54 -5.31 4.57 18.36
CA THR A 54 -5.09 3.13 18.38
C THR A 54 -6.08 2.41 17.48
N GLN A 55 -6.67 3.14 16.54
CA GLN A 55 -7.62 2.55 15.60
C GLN A 55 -6.96 1.52 14.71
N ASN A 56 -7.75 0.88 13.86
CA ASN A 56 -7.23 -0.14 12.96
C ASN A 56 -6.03 0.38 12.19
N ILE A 57 -5.36 -0.53 11.48
CA ILE A 57 -4.18 -0.16 10.70
C ILE A 57 -4.53 0.08 9.24
N GLN A 58 -5.25 -0.87 8.64
CA GLN A 58 -5.66 -0.76 7.25
C GLN A 58 -6.38 0.56 7.00
N LEU A 59 -6.95 1.14 8.06
CA LEU A 59 -7.67 2.40 7.95
C LEU A 59 -6.73 3.52 7.49
N MET A 60 -5.43 3.29 7.61
CA MET A 60 -4.44 4.26 7.21
C MET A 60 -3.81 3.90 5.87
N ILE A 61 -3.43 2.63 5.74
CA ILE A 61 -2.82 2.15 4.50
C ILE A 61 -3.73 2.39 3.31
N GLN A 62 -5.04 2.31 3.54
CA GLN A 62 -6.02 2.52 2.49
C GLN A 62 -6.27 4.00 2.26
N SER A 63 -5.57 4.83 3.02
CA SER A 63 -5.72 6.28 2.91
C SER A 63 -4.40 6.94 2.55
N PHE A 64 -3.35 6.13 2.43
CA PHE A 64 -2.03 6.63 2.08
C PHE A 64 -1.56 6.07 0.75
N MET A 65 -1.94 4.82 0.47
CA MET A 65 -1.56 4.18 -0.78
C MET A 65 -2.74 3.41 -1.37
N GLU A 66 -2.79 3.34 -2.70
CA GLU A 66 -3.86 2.65 -3.39
C GLU A 66 -3.31 1.67 -4.43
N VAL A 67 -4.12 0.69 -4.81
CA VAL A 67 -3.71 -0.31 -5.79
C VAL A 67 -4.88 -0.69 -6.70
N SER A 68 -4.56 -0.99 -7.96
CA SER A 68 -5.57 -1.37 -8.93
C SER A 68 -4.95 -1.66 -10.29
N GLN A 69 -5.54 -2.60 -11.02
CA GLN A 69 -5.04 -2.97 -12.34
C GLN A 69 -6.19 -3.23 -13.31
N THR A 70 -5.86 -3.38 -14.58
CA THR A 70 -6.86 -3.63 -15.60
C THR A 70 -7.50 -5.01 -15.43
N VAL A 71 -8.69 -5.18 -16.00
CA VAL A 71 -9.41 -6.45 -15.91
C VAL A 71 -10.71 -6.41 -16.69
N HIS A 72 -10.81 -7.26 -17.71
CA HIS A 72 -12.01 -7.32 -18.54
C HIS A 72 -12.22 -6.01 -19.28
N GLY A 73 -11.17 -5.19 -19.33
CA GLY A 73 -11.26 -3.91 -20.01
C GLY A 73 -11.65 -2.78 -19.09
N LYS A 74 -11.19 -2.86 -17.84
CA LYS A 74 -11.49 -1.84 -16.85
C LYS A 74 -10.55 -1.95 -15.66
N ALA A 75 -10.54 -0.91 -14.82
CA ALA A 75 -9.68 -0.89 -13.64
C ALA A 75 -10.41 -1.45 -12.43
N GLN A 76 -9.74 -2.32 -11.68
CA GLN A 76 -10.33 -2.92 -10.48
C GLN A 76 -9.57 -2.50 -9.23
N ASN A 77 -10.31 -2.07 -8.21
CA ASN A 77 -9.70 -1.65 -6.95
C ASN A 77 -9.03 -2.82 -6.25
N LEU A 78 -7.77 -3.06 -6.57
CA LEU A 78 -7.02 -4.16 -5.95
C LEU A 78 -7.13 -4.11 -4.44
N GLN A 79 -7.81 -5.11 -3.88
CA GLN A 79 -7.98 -5.19 -2.43
C GLN A 79 -7.24 -6.39 -1.85
N TYR A 80 -7.41 -6.62 -0.55
CA TYR A 80 -6.77 -7.74 0.11
C TYR A 80 -6.97 -9.04 -0.66
N ALA A 81 -5.88 -9.73 -0.95
CA ALA A 81 -5.95 -10.99 -1.68
C ALA A 81 -6.10 -12.17 -0.73
N VAL A 82 -6.98 -13.10 -1.08
CA VAL A 82 -7.22 -14.27 -0.26
C VAL A 82 -6.06 -15.26 -0.37
N LEU A 83 -5.77 -15.94 0.75
CA LEU A 83 -4.67 -16.91 0.78
C LEU A 83 -4.93 -17.97 1.85
N THR A 84 -5.02 -19.22 1.41
CA THR A 84 -5.27 -20.33 2.32
C THR A 84 -4.39 -20.21 3.57
N ASP A 85 -3.09 -20.40 3.39
CA ASP A 85 -2.14 -20.32 4.50
C ASP A 85 -0.78 -19.85 4.02
N SER A 86 -0.26 -18.81 4.67
CA SER A 86 1.04 -18.26 4.30
C SER A 86 1.89 -17.99 5.55
N PRO A 87 3.22 -18.00 5.37
CA PRO A 87 4.16 -17.75 6.46
C PRO A 87 4.14 -16.31 6.95
N PHE A 88 3.58 -15.44 6.12
CA PHE A 88 3.48 -14.01 6.46
C PHE A 88 2.15 -13.70 7.13
N GLN A 89 1.70 -14.61 7.99
CA GLN A 89 0.43 -14.43 8.70
C GLN A 89 0.63 -13.60 9.97
N ASP A 90 1.90 -13.43 10.37
CA ASP A 90 2.22 -12.67 11.57
C ASP A 90 2.05 -11.18 11.32
N LYS A 91 1.98 -10.80 10.06
CA LYS A 91 1.82 -9.39 9.68
C LYS A 91 0.46 -9.15 9.04
N LEU A 92 -0.17 -10.23 8.58
CA LEU A 92 -1.48 -10.13 7.95
C LEU A 92 -2.56 -9.77 8.98
N ASP A 93 -2.45 -10.36 10.16
CA ASP A 93 -3.42 -10.09 11.23
C ASP A 93 -3.40 -8.62 11.62
N ARG A 94 -2.34 -7.92 11.24
CA ARG A 94 -2.20 -6.50 11.54
C ARG A 94 -3.33 -5.70 10.90
N LEU A 95 -3.66 -6.03 9.66
CA LEU A 95 -4.72 -5.34 8.94
C LEU A 95 -6.03 -5.40 9.71
N ALA A 96 -6.17 -6.41 10.56
CA ALA A 96 -7.38 -6.56 11.37
C ALA A 96 -7.10 -6.25 12.84
N ASP A 97 -6.01 -5.53 13.09
CA ASP A 97 -5.63 -5.16 14.45
C ASP A 97 -5.42 -3.66 14.56
N GLU A 98 -4.87 -3.23 15.69
CA GLU A 98 -4.62 -1.82 15.94
C GLU A 98 -3.17 -1.46 15.59
N ILE A 99 -2.81 -0.20 15.80
CA ILE A 99 -1.47 0.27 15.51
C ILE A 99 -0.80 0.84 16.76
N ASN A 100 0.48 1.17 16.64
CA ASN A 100 1.24 1.72 17.77
C ASN A 100 1.55 3.19 17.53
N PRO A 101 0.63 4.07 17.96
CA PRO A 101 0.79 5.52 17.81
C PRO A 101 1.89 6.08 18.71
N GLY A 102 3.09 6.21 18.16
CA GLY A 102 4.21 6.73 18.92
C GLY A 102 5.36 5.76 19.00
N GLU A 103 5.24 4.64 18.28
CA GLU A 103 6.30 3.63 18.27
C GLU A 103 6.84 3.42 16.87
N THR A 104 7.89 2.61 16.75
CA THR A 104 8.50 2.33 15.46
C THR A 104 8.34 0.87 15.08
N ILE A 105 7.39 0.59 14.19
CA ILE A 105 7.14 -0.77 13.74
C ILE A 105 6.72 -0.80 12.28
N GLN A 106 6.29 -1.97 11.82
CA GLN A 106 5.86 -2.13 10.43
C GLN A 106 4.95 -3.35 10.28
N GLY A 107 4.55 -3.64 9.05
CA GLY A 107 3.69 -4.77 8.79
C GLY A 107 3.62 -5.14 7.32
N ALA A 108 2.48 -5.67 6.90
CA ALA A 108 2.29 -6.05 5.50
C ALA A 108 0.89 -5.69 5.02
N TYR A 109 0.63 -5.94 3.74
CA TYR A 109 -0.67 -5.64 3.15
C TYR A 109 -0.73 -6.11 1.70
N PRO A 110 -1.09 -7.39 1.53
CA PRO A 110 -1.20 -8.00 0.19
C PRO A 110 -2.40 -7.46 -0.60
N TYR A 111 -2.28 -7.49 -1.92
CA TYR A 111 -3.35 -7.00 -2.78
C TYR A 111 -3.75 -8.06 -3.81
N GLU A 112 -4.78 -7.75 -4.60
CA GLU A 112 -5.27 -8.68 -5.61
C GLU A 112 -4.23 -8.84 -6.73
N PHE A 113 -3.68 -10.05 -6.85
CA PHE A 113 -2.69 -10.34 -7.87
C PHE A 113 -3.34 -10.96 -9.09
N ILE A 114 -4.66 -10.95 -9.13
CA ILE A 114 -5.40 -11.52 -10.25
C ILE A 114 -4.80 -11.09 -11.58
N ASN A 115 -4.24 -9.89 -11.61
CA ASN A 115 -3.63 -9.36 -12.83
C ASN A 115 -2.11 -9.51 -12.77
N GLU A 116 -1.65 -10.70 -12.38
CA GLU A 116 -0.22 -10.97 -12.29
C GLU A 116 0.45 -10.85 -13.65
N ASN A 117 -0.35 -11.02 -14.71
CA ASN A 117 0.16 -10.93 -16.07
C ASN A 117 0.21 -9.48 -16.55
N LYS A 118 -0.40 -8.60 -15.77
CA LYS A 118 -0.42 -7.17 -16.10
C LYS A 118 0.40 -6.36 -15.11
N PRO A 119 0.90 -5.21 -15.56
CA PRO A 119 1.71 -4.32 -14.72
C PRO A 119 0.89 -3.64 -13.62
N VAL A 120 1.50 -3.46 -12.46
CA VAL A 120 0.83 -2.83 -11.33
C VAL A 120 1.16 -1.34 -11.25
N HIS A 121 0.15 -0.51 -11.48
CA HIS A 121 0.33 0.94 -11.44
C HIS A 121 0.28 1.45 -10.00
N PHE A 122 1.29 1.09 -9.21
CA PHE A 122 1.36 1.52 -7.81
C PHE A 122 1.23 3.03 -7.70
N LYS A 123 0.25 3.48 -6.93
CA LYS A 123 0.01 4.90 -6.73
C LYS A 123 -0.06 5.24 -5.24
N PHE A 124 0.04 6.53 -4.93
CA PHE A 124 -0.02 6.99 -3.54
C PHE A 124 -0.81 8.29 -3.43
N ARG A 125 -1.59 8.40 -2.37
CA ARG A 125 -2.39 9.61 -2.14
C ARG A 125 -2.89 9.66 -0.70
N ASP A 126 -2.67 10.79 -0.05
CA ASP A 126 -3.09 10.97 1.33
C ASP A 126 -4.52 11.51 1.40
N ARG A 127 -5.23 11.17 2.47
CA ARG A 127 -6.60 11.61 2.65
C ARG A 127 -6.68 12.78 3.64
N LEU A 128 -6.08 13.90 3.25
CA LEU A 128 -6.08 15.09 4.10
C LEU A 128 -6.50 16.32 3.31
N LEU A 129 -5.88 16.53 2.17
CA LEU A 129 -6.20 17.67 1.32
C LEU A 129 -5.51 17.55 -0.04
N SER A 130 -6.17 16.91 -0.99
CA SER A 130 -5.62 16.72 -2.32
C SER A 130 -6.73 16.42 -3.34
N LEU A 131 -6.51 16.84 -4.58
CA LEU A 131 -7.49 16.61 -5.64
C LEU A 131 -6.80 16.45 -6.99
N ASP A 132 -5.80 17.30 -7.24
CA ASP A 132 -5.05 17.26 -8.49
C ASP A 132 -4.33 15.92 -8.64
N GLU A 133 -3.44 15.84 -9.64
CA GLU A 133 -2.69 14.62 -9.89
C GLU A 133 -1.99 14.15 -8.62
N PRO A 134 -1.71 12.83 -8.56
CA PRO A 134 -1.05 12.22 -7.40
C PRO A 134 0.41 12.63 -7.29
N ILE A 135 1.08 12.17 -6.23
CA ILE A 135 2.47 12.49 -6.01
C ILE A 135 3.39 11.36 -6.49
N ALA A 136 2.88 10.14 -6.42
CA ALA A 136 3.65 8.97 -6.85
C ALA A 136 2.80 8.05 -7.73
N SER A 137 3.38 7.58 -8.82
CA SER A 137 2.68 6.69 -9.75
C SER A 137 3.64 6.09 -10.76
N GLU A 138 3.55 4.79 -10.96
CA GLU A 138 4.42 4.09 -11.91
C GLU A 138 4.06 2.60 -11.98
N GLU A 139 4.05 2.07 -13.20
CA GLU A 139 3.72 0.66 -13.41
C GLU A 139 4.93 -0.23 -13.11
N ILE A 140 4.71 -1.28 -12.33
CA ILE A 140 5.77 -2.20 -11.96
C ILE A 140 5.25 -3.64 -11.87
N THR A 141 5.54 -4.43 -12.88
CA THR A 141 5.10 -5.82 -12.91
C THR A 141 5.93 -6.69 -11.98
N ILE A 142 5.28 -7.24 -10.97
CA ILE A 142 5.97 -8.10 -9.99
C ILE A 142 5.78 -9.57 -10.33
N THR A 143 6.87 -10.33 -10.26
CA THR A 143 6.83 -11.76 -10.56
C THR A 143 8.18 -12.42 -10.25
N MET A 1 9.72 24.03 -12.29
CA MET A 1 10.40 22.74 -12.23
C MET A 1 10.95 22.48 -10.83
N ASP A 2 10.56 21.34 -10.26
CA ASP A 2 11.02 20.97 -8.92
C ASP A 2 10.59 22.01 -7.89
N GLU A 3 9.27 22.21 -7.78
CA GLU A 3 8.73 23.18 -6.82
C GLU A 3 7.74 22.51 -5.88
N VAL A 4 8.25 21.68 -4.98
CA VAL A 4 7.41 20.98 -4.02
C VAL A 4 6.38 20.10 -4.73
N LEU A 5 5.64 19.32 -3.95
CA LEU A 5 4.63 18.43 -4.49
C LEU A 5 3.22 18.89 -4.07
N ALA A 6 2.47 19.41 -5.03
CA ALA A 6 1.12 19.88 -4.75
C ALA A 6 1.13 21.19 -3.98
N THR A 7 1.70 21.16 -2.78
CA THR A 7 1.78 22.35 -1.94
C THR A 7 2.37 22.01 -0.58
N SER A 8 3.69 21.87 -0.51
CA SER A 8 4.38 21.54 0.73
C SER A 8 3.67 20.41 1.47
N ILE A 9 3.11 19.47 0.69
CA ILE A 9 2.40 18.34 1.28
C ILE A 9 3.38 17.31 1.84
N GLY A 10 4.05 16.59 0.95
CA GLY A 10 5.00 15.58 1.36
C GLY A 10 6.10 15.35 0.34
N THR A 11 6.68 14.16 0.37
CA THR A 11 7.75 13.81 -0.57
C THR A 11 7.76 12.32 -0.86
N TYR A 12 7.96 11.97 -2.12
CA TYR A 12 8.00 10.57 -2.53
C TYR A 12 9.29 10.25 -3.28
N GLU A 13 10.25 9.68 -2.56
CA GLU A 13 11.54 9.32 -3.15
C GLU A 13 12.41 8.56 -2.15
N ASN A 14 13.55 8.07 -2.62
CA ASN A 14 14.47 7.32 -1.77
C ASN A 14 13.78 6.11 -1.15
N ARG A 15 12.89 5.49 -1.92
CA ARG A 15 12.16 4.31 -1.45
C ARG A 15 11.47 4.60 -0.12
N THR A 16 10.86 5.78 -0.02
CA THR A 16 10.17 6.18 1.20
C THR A 16 9.19 7.32 0.92
N LEU A 17 8.06 7.30 1.62
CA LEU A 17 7.04 8.33 1.46
C LEU A 17 6.94 9.20 2.72
N LEU A 18 6.34 10.37 2.57
CA LEU A 18 6.17 11.29 3.70
C LEU A 18 4.86 12.07 3.56
N VAL A 19 4.15 12.20 4.68
CA VAL A 19 2.89 12.93 4.70
C VAL A 19 2.60 13.52 6.08
N PRO A 20 1.79 14.58 6.11
CA PRO A 20 1.42 15.25 7.36
C PRO A 20 0.50 14.41 8.23
N ASP A 21 0.03 13.29 7.67
CA ASP A 21 -0.86 12.40 8.39
C ASP A 21 -0.07 11.28 9.08
N GLY A 22 0.90 10.73 8.37
CA GLY A 22 1.72 9.66 8.91
C GLY A 22 3.14 9.68 8.38
N ARG A 23 3.73 8.50 8.24
CA ARG A 23 5.10 8.38 7.74
C ARG A 23 5.35 6.98 7.17
N LEU A 24 5.19 6.84 5.86
CA LEU A 24 5.40 5.56 5.19
C LEU A 24 6.86 5.41 4.75
N ALA A 25 7.25 4.17 4.46
CA ALA A 25 8.61 3.89 4.03
C ALA A 25 8.71 2.52 3.39
N LEU A 26 8.67 2.48 2.06
CA LEU A 26 8.76 1.22 1.32
C LEU A 26 9.91 0.36 1.84
N THR A 27 9.59 -0.84 2.32
CA THR A 27 10.60 -1.75 2.84
C THR A 27 10.92 -2.84 1.83
N ALA A 28 10.86 -2.50 0.55
CA ALA A 28 11.15 -3.45 -0.52
C ALA A 28 10.05 -4.48 -0.64
N LEU A 29 9.15 -4.28 -1.60
CA LEU A 29 8.04 -5.19 -1.82
C LEU A 29 8.54 -6.58 -2.21
N HIS A 30 7.86 -7.61 -1.73
CA HIS A 30 8.24 -8.98 -2.03
C HIS A 30 7.05 -9.77 -2.57
N LYS A 31 7.32 -10.66 -3.51
CA LYS A 31 6.26 -11.48 -4.11
C LYS A 31 6.34 -12.92 -3.61
N GLY A 32 5.27 -13.67 -3.80
CA GLY A 32 5.23 -15.04 -3.37
C GLY A 32 4.16 -15.85 -4.07
N LYS A 33 3.54 -16.78 -3.33
CA LYS A 33 2.48 -17.62 -3.88
C LYS A 33 1.22 -17.54 -3.03
N ASP A 34 0.09 -17.92 -3.61
CA ASP A 34 -1.18 -17.90 -2.90
C ASP A 34 -1.95 -19.20 -3.11
N TYR A 35 -3.26 -19.15 -2.95
CA TYR A 35 -4.10 -20.32 -3.12
C TYR A 35 -3.86 -20.98 -4.48
N GLN A 36 -3.55 -20.15 -5.48
CA GLN A 36 -3.29 -20.66 -6.82
C GLN A 36 -1.80 -20.71 -7.11
N GLY A 37 -1.00 -20.75 -6.04
CA GLY A 37 0.45 -20.80 -6.20
C GLY A 37 0.92 -20.02 -7.41
N LYS A 38 0.64 -18.72 -7.42
CA LYS A 38 1.04 -17.85 -8.52
C LYS A 38 0.62 -16.42 -8.27
N PRO A 39 -0.70 -16.17 -8.27
CA PRO A 39 -1.26 -14.83 -8.04
C PRO A 39 -1.08 -14.38 -6.59
N MET A 40 0.08 -13.81 -6.30
CA MET A 40 0.38 -13.33 -4.96
C MET A 40 1.35 -12.14 -5.01
N PHE A 41 1.28 -11.28 -4.00
CA PHE A 41 2.15 -10.11 -3.93
C PHE A 41 1.96 -9.38 -2.61
N TYR A 42 3.07 -9.02 -1.97
CA TYR A 42 3.04 -8.32 -0.69
C TYR A 42 3.56 -6.89 -0.85
N VAL A 43 3.01 -5.98 -0.07
CA VAL A 43 3.42 -4.57 -0.12
C VAL A 43 4.23 -4.21 1.12
N LEU A 44 5.55 -4.38 1.03
CA LEU A 44 6.45 -4.06 2.14
C LEU A 44 6.57 -2.55 2.32
N PHE A 45 5.97 -2.04 3.39
CA PHE A 45 6.01 -0.61 3.67
C PHE A 45 6.13 -0.37 5.18
N GLU A 46 6.69 0.79 5.54
CA GLU A 46 6.86 1.13 6.94
C GLU A 46 5.99 2.34 7.31
N LEU A 47 4.73 2.07 7.65
CA LEU A 47 3.80 3.13 8.02
C LEU A 47 3.82 3.37 9.52
N THR A 48 4.34 4.52 9.93
CA THR A 48 4.41 4.88 11.34
C THR A 48 3.14 5.58 11.80
N ASN A 49 2.58 5.10 12.91
CA ASN A 49 1.36 5.69 13.45
C ASN A 49 1.67 6.93 14.27
N THR A 50 2.05 8.01 13.58
CA THR A 50 2.38 9.27 14.24
C THR A 50 1.20 9.77 15.07
N THR A 51 0.01 9.30 14.74
CA THR A 51 -1.20 9.70 15.46
C THR A 51 -1.11 9.32 16.94
N GLU A 52 -2.23 9.42 17.64
CA GLU A 52 -2.29 9.10 19.06
C GLU A 52 -3.48 8.20 19.36
N LYS A 53 -3.78 7.28 18.44
CA LYS A 53 -4.90 6.36 18.61
C LYS A 53 -4.43 4.92 18.46
N THR A 54 -5.22 3.99 19.00
CA THR A 54 -4.89 2.57 18.93
C THR A 54 -5.87 1.83 18.03
N GLN A 55 -6.56 2.57 17.18
CA GLN A 55 -7.52 1.98 16.26
C GLN A 55 -6.84 1.05 15.26
N ASN A 56 -7.63 0.39 14.43
CA ASN A 56 -7.09 -0.53 13.43
C ASN A 56 -5.99 0.14 12.61
N ILE A 57 -5.29 -0.66 11.81
CA ILE A 57 -4.21 -0.15 10.98
C ILE A 57 -4.68 0.08 9.54
N GLN A 58 -5.43 -0.87 9.02
CA GLN A 58 -5.95 -0.77 7.66
C GLN A 58 -6.73 0.53 7.46
N LEU A 59 -7.21 1.09 8.57
CA LEU A 59 -7.98 2.33 8.52
C LEU A 59 -7.10 3.50 8.08
N MET A 60 -5.78 3.28 8.12
CA MET A 60 -4.83 4.31 7.72
C MET A 60 -4.21 3.98 6.37
N ILE A 61 -3.73 2.76 6.21
CA ILE A 61 -3.12 2.32 4.97
C ILE A 61 -4.09 2.49 3.79
N GLN A 62 -5.37 2.38 4.08
CA GLN A 62 -6.41 2.51 3.04
C GLN A 62 -6.62 3.97 2.69
N SER A 63 -5.95 4.86 3.42
CA SER A 63 -6.09 6.30 3.19
C SER A 63 -4.78 6.88 2.67
N PHE A 64 -3.76 6.04 2.55
CA PHE A 64 -2.47 6.47 2.05
C PHE A 64 -2.18 5.88 0.68
N MET A 65 -1.85 4.59 0.64
CA MET A 65 -1.56 3.92 -0.62
C MET A 65 -2.83 3.36 -1.24
N GLU A 66 -2.74 2.98 -2.51
CA GLU A 66 -3.89 2.43 -3.23
C GLU A 66 -3.44 1.56 -4.39
N VAL A 67 -4.26 0.56 -4.73
CA VAL A 67 -3.94 -0.35 -5.83
C VAL A 67 -5.19 -0.69 -6.64
N SER A 68 -5.01 -0.83 -7.95
CA SER A 68 -6.12 -1.14 -8.84
C SER A 68 -5.61 -1.73 -10.14
N GLN A 69 -6.40 -2.64 -10.73
CA GLN A 69 -6.03 -3.28 -11.98
C GLN A 69 -7.19 -3.25 -12.97
N THR A 70 -6.93 -3.70 -14.19
CA THR A 70 -7.95 -3.73 -15.24
C THR A 70 -8.64 -5.09 -15.30
N VAL A 71 -9.96 -5.08 -15.48
CA VAL A 71 -10.72 -6.31 -15.56
C VAL A 71 -12.00 -6.11 -16.38
N HIS A 72 -12.21 -6.97 -17.36
CA HIS A 72 -13.40 -6.89 -18.21
C HIS A 72 -13.50 -5.51 -18.85
N GLY A 73 -12.37 -4.84 -19.01
CA GLY A 73 -12.36 -3.51 -19.61
C GLY A 73 -12.73 -2.44 -18.62
N LYS A 74 -12.58 -2.74 -17.33
CA LYS A 74 -12.91 -1.78 -16.28
C LYS A 74 -11.98 -1.95 -15.08
N ALA A 75 -11.54 -0.84 -14.50
CA ALA A 75 -10.65 -0.88 -13.35
C ALA A 75 -11.25 -1.69 -12.22
N GLN A 76 -10.45 -1.97 -11.19
CA GLN A 76 -10.91 -2.74 -10.05
C GLN A 76 -10.13 -2.36 -8.79
N ASN A 77 -10.77 -2.55 -7.63
CA ASN A 77 -10.14 -2.23 -6.36
C ASN A 77 -9.54 -3.47 -5.71
N LEU A 78 -8.24 -3.68 -5.91
CA LEU A 78 -7.55 -4.84 -5.35
C LEU A 78 -7.67 -4.85 -3.83
N GLN A 79 -8.25 -5.91 -3.29
CA GLN A 79 -8.42 -6.05 -1.85
C GLN A 79 -7.44 -7.07 -1.28
N TYR A 80 -7.63 -7.41 -0.01
CA TYR A 80 -6.76 -8.38 0.65
C TYR A 80 -6.64 -9.67 -0.18
N ALA A 81 -5.41 -10.01 -0.54
CA ALA A 81 -5.17 -11.22 -1.32
C ALA A 81 -5.18 -12.46 -0.44
N VAL A 82 -6.06 -13.41 -0.77
CA VAL A 82 -6.17 -14.64 0.00
C VAL A 82 -5.01 -15.58 -0.31
N LEU A 83 -4.54 -16.29 0.71
CA LEU A 83 -3.44 -17.23 0.54
C LEU A 83 -3.51 -18.35 1.59
N THR A 84 -3.15 -19.55 1.18
CA THR A 84 -3.16 -20.70 2.08
C THR A 84 -2.08 -20.60 3.13
N ASP A 85 -0.99 -19.91 2.79
CA ASP A 85 0.12 -19.73 3.72
C ASP A 85 1.12 -18.71 3.17
N SER A 86 1.73 -17.95 4.07
CA SER A 86 2.70 -16.94 3.68
C SER A 86 3.77 -16.77 4.77
N PRO A 87 5.00 -16.46 4.34
CA PRO A 87 6.14 -16.25 5.24
C PRO A 87 5.99 -14.98 6.07
N PHE A 88 5.25 -14.02 5.53
CA PHE A 88 5.04 -12.74 6.21
C PHE A 88 3.67 -12.70 6.86
N GLN A 89 3.24 -13.82 7.42
CA GLN A 89 1.95 -13.91 8.08
C GLN A 89 1.98 -13.22 9.44
N ASP A 90 3.17 -12.81 9.86
CA ASP A 90 3.34 -12.14 11.15
C ASP A 90 3.00 -10.66 11.03
N LYS A 91 2.84 -10.19 9.80
CA LYS A 91 2.50 -8.79 9.55
C LYS A 91 1.17 -8.67 8.80
N LEU A 92 0.57 -9.82 8.50
CA LEU A 92 -0.70 -9.84 7.79
C LEU A 92 -1.86 -9.52 8.73
N ASP A 93 -1.80 -10.07 9.93
CA ASP A 93 -2.83 -9.85 10.93
C ASP A 93 -2.91 -8.37 11.32
N ARG A 94 -1.86 -7.63 10.99
CA ARG A 94 -1.80 -6.21 11.31
C ARG A 94 -3.05 -5.49 10.81
N LEU A 95 -3.46 -5.81 9.59
CA LEU A 95 -4.65 -5.19 8.99
C LEU A 95 -5.86 -5.37 9.90
N ALA A 96 -5.88 -6.47 10.64
CA ALA A 96 -6.99 -6.75 11.55
C ALA A 96 -6.59 -6.50 13.00
N ASP A 97 -5.48 -5.80 13.19
CA ASP A 97 -4.99 -5.49 14.53
C ASP A 97 -4.89 -3.98 14.73
N GLU A 98 -4.31 -3.58 15.86
CA GLU A 98 -4.15 -2.17 16.17
C GLU A 98 -2.76 -1.67 15.80
N ILE A 99 -2.49 -0.41 16.07
CA ILE A 99 -1.19 0.19 15.75
C ILE A 99 -0.52 0.73 17.00
N ASN A 100 0.74 1.14 16.86
CA ASN A 100 1.50 1.67 17.99
C ASN A 100 1.70 3.18 17.84
N PRO A 101 0.74 3.96 18.37
CA PRO A 101 0.79 5.42 18.31
C PRO A 101 1.89 6.00 19.20
N GLY A 102 3.03 6.31 18.59
CA GLY A 102 4.14 6.86 19.33
C GLY A 102 5.35 5.96 19.34
N GLU A 103 5.27 4.87 18.58
CA GLU A 103 6.37 3.92 18.50
C GLU A 103 6.86 3.77 17.05
N THR A 104 7.71 2.78 16.82
CA THR A 104 8.25 2.53 15.48
C THR A 104 8.09 1.07 15.09
N ILE A 105 7.15 0.80 14.20
CA ILE A 105 6.90 -0.56 13.74
C ILE A 105 6.50 -0.57 12.27
N GLN A 106 6.05 -1.73 11.79
CA GLN A 106 5.63 -1.88 10.40
C GLN A 106 4.93 -3.21 10.19
N GLY A 107 4.51 -3.46 8.95
CA GLY A 107 3.83 -4.71 8.63
C GLY A 107 3.78 -4.97 7.15
N ALA A 108 2.63 -5.42 6.67
CA ALA A 108 2.45 -5.71 5.25
C ALA A 108 0.99 -5.54 4.83
N TYR A 109 0.74 -5.68 3.53
CA TYR A 109 -0.61 -5.54 2.99
C TYR A 109 -0.68 -6.02 1.55
N PRO A 110 -0.90 -7.34 1.38
CA PRO A 110 -1.00 -7.97 0.07
C PRO A 110 -2.26 -7.57 -0.67
N TYR A 111 -2.21 -7.60 -2.00
CA TYR A 111 -3.36 -7.25 -2.82
C TYR A 111 -3.66 -8.33 -3.85
N GLU A 112 -4.86 -8.28 -4.42
CA GLU A 112 -5.27 -9.27 -5.42
C GLU A 112 -4.31 -9.25 -6.62
N PHE A 113 -3.69 -10.40 -6.88
CA PHE A 113 -2.76 -10.52 -7.99
C PHE A 113 -3.38 -11.31 -9.14
N ILE A 114 -4.66 -11.65 -8.98
CA ILE A 114 -5.37 -12.40 -10.01
C ILE A 114 -5.09 -11.84 -11.40
N ASN A 115 -4.93 -10.52 -11.49
CA ASN A 115 -4.65 -9.87 -12.76
C ASN A 115 -3.15 -9.74 -12.99
N GLU A 116 -2.43 -10.83 -12.75
CA GLU A 116 -0.98 -10.85 -12.93
C GLU A 116 -0.59 -10.38 -14.33
N ASN A 117 -1.47 -10.67 -15.30
CA ASN A 117 -1.22 -10.28 -16.68
C ASN A 117 -1.28 -8.77 -16.85
N LYS A 118 -2.01 -8.12 -15.96
CA LYS A 118 -2.15 -6.67 -15.99
C LYS A 118 -1.16 -5.99 -15.05
N PRO A 119 -0.79 -4.75 -15.37
CA PRO A 119 0.15 -3.97 -14.56
C PRO A 119 -0.43 -3.56 -13.21
N VAL A 120 0.41 -3.48 -12.20
CA VAL A 120 -0.02 -3.10 -10.86
C VAL A 120 0.18 -1.61 -10.62
N HIS A 121 -0.84 -0.82 -10.97
CA HIS A 121 -0.79 0.62 -10.80
C HIS A 121 -0.52 0.99 -9.34
N PHE A 122 0.70 1.44 -9.07
CA PHE A 122 1.08 1.82 -7.71
C PHE A 122 0.94 3.33 -7.51
N LYS A 123 -0.15 3.72 -6.87
CA LYS A 123 -0.41 5.14 -6.60
C LYS A 123 -0.60 5.39 -5.10
N PHE A 124 -0.69 6.66 -4.73
CA PHE A 124 -0.87 7.03 -3.34
C PHE A 124 -1.69 8.31 -3.22
N ARG A 125 -2.77 8.25 -2.45
CA ARG A 125 -3.65 9.40 -2.25
C ARG A 125 -4.58 9.18 -1.06
N ASP A 126 -5.60 8.37 -1.28
CA ASP A 126 -6.58 8.07 -0.22
C ASP A 126 -7.65 7.12 -0.73
N ARG A 127 -8.46 7.59 -1.68
CA ARG A 127 -9.53 6.79 -2.25
C ARG A 127 -10.01 7.37 -3.56
N LEU A 128 -9.09 7.49 -4.53
CA LEU A 128 -9.42 8.03 -5.84
C LEU A 128 -9.78 9.51 -5.74
N LEU A 129 -9.34 10.29 -6.72
CA LEU A 129 -9.63 11.72 -6.74
C LEU A 129 -8.89 12.44 -5.63
N SER A 130 -9.38 12.29 -4.40
CA SER A 130 -8.77 12.93 -3.24
C SER A 130 -8.88 14.45 -3.34
N LEU A 131 -9.72 14.92 -4.25
CA LEU A 131 -9.93 16.35 -4.45
C LEU A 131 -8.71 16.99 -5.11
N ASP A 132 -7.59 16.97 -4.40
CA ASP A 132 -6.35 17.55 -4.93
C ASP A 132 -5.53 16.50 -5.67
N GLU A 133 -4.68 16.95 -6.59
CA GLU A 133 -3.85 16.04 -7.37
C GLU A 133 -3.08 15.10 -6.47
N PRO A 134 -2.68 13.94 -7.02
CA PRO A 134 -1.93 12.93 -6.27
C PRO A 134 -0.50 13.38 -5.95
N ILE A 135 0.22 12.55 -5.21
CA ILE A 135 1.60 12.86 -4.84
C ILE A 135 2.57 11.83 -5.40
N ALA A 136 2.10 10.61 -5.58
CA ALA A 136 2.92 9.53 -6.11
C ALA A 136 2.09 8.57 -6.96
N SER A 137 2.62 8.20 -8.12
CA SER A 137 1.92 7.29 -9.02
C SER A 137 2.87 6.75 -10.09
N GLU A 138 2.71 5.48 -10.42
CA GLU A 138 3.55 4.85 -11.43
C GLU A 138 3.12 3.40 -11.67
N GLU A 139 3.06 3.01 -12.94
CA GLU A 139 2.65 1.66 -13.30
C GLU A 139 3.86 0.71 -13.28
N ILE A 140 3.67 -0.44 -12.65
CA ILE A 140 4.73 -1.44 -12.57
C ILE A 140 4.17 -2.85 -12.53
N THR A 141 4.86 -3.79 -13.18
CA THR A 141 4.42 -5.17 -13.21
C THR A 141 5.37 -6.07 -12.43
N ILE A 142 4.87 -6.62 -11.32
CA ILE A 142 5.68 -7.50 -10.48
C ILE A 142 5.39 -8.96 -10.78
N THR A 143 6.40 -9.81 -10.63
CA THR A 143 6.25 -11.24 -10.88
C THR A 143 5.35 -11.89 -9.83
N MET A 1 14.40 24.26 -12.07
CA MET A 1 15.59 24.34 -11.21
C MET A 1 15.19 24.29 -9.73
N ASP A 2 14.47 25.31 -9.28
CA ASP A 2 14.03 25.38 -7.90
C ASP A 2 12.50 25.35 -7.81
N GLU A 3 11.99 24.42 -7.02
CA GLU A 3 10.54 24.29 -6.84
C GLU A 3 10.22 23.23 -5.80
N VAL A 4 9.33 23.59 -4.86
CA VAL A 4 8.93 22.67 -3.81
C VAL A 4 8.11 21.51 -4.36
N LEU A 5 8.12 20.39 -3.64
CA LEU A 5 7.38 19.20 -4.06
C LEU A 5 5.92 19.29 -3.63
N ALA A 6 5.02 19.18 -4.60
CA ALA A 6 3.59 19.24 -4.32
C ALA A 6 3.17 20.65 -3.92
N THR A 7 3.49 21.04 -2.69
CA THR A 7 3.15 22.36 -2.19
C THR A 7 3.70 22.57 -0.78
N SER A 8 4.92 22.11 -0.55
CA SER A 8 5.56 22.25 0.76
C SER A 8 4.77 21.50 1.83
N ILE A 9 4.10 20.43 1.43
CA ILE A 9 3.30 19.62 2.35
C ILE A 9 3.86 18.21 2.47
N GLY A 10 3.65 17.41 1.44
CA GLY A 10 4.13 16.03 1.46
C GLY A 10 5.18 15.79 0.40
N THR A 11 5.49 14.52 0.15
CA THR A 11 6.49 14.15 -0.83
C THR A 11 6.37 12.68 -1.23
N TYR A 12 6.46 12.41 -2.52
CA TYR A 12 6.36 11.04 -3.02
C TYR A 12 7.54 10.70 -3.92
N GLU A 13 8.73 10.70 -3.34
CA GLU A 13 9.94 10.39 -4.10
C GLU A 13 10.94 9.61 -3.23
N ASN A 14 12.03 9.15 -3.85
CA ASN A 14 13.05 8.39 -3.15
C ASN A 14 12.43 7.20 -2.42
N ARG A 15 11.33 6.70 -2.97
CA ARG A 15 10.65 5.56 -2.37
C ARG A 15 10.23 5.86 -0.93
N THR A 16 9.52 6.96 -0.75
CA THR A 16 9.05 7.37 0.58
C THR A 16 7.92 8.37 0.47
N LEU A 17 6.70 7.92 0.80
CA LEU A 17 5.53 8.78 0.75
C LEU A 17 5.31 9.48 2.08
N LEU A 18 5.01 10.77 2.03
CA LEU A 18 4.76 11.55 3.24
C LEU A 18 3.50 12.40 3.10
N VAL A 19 2.71 12.45 4.15
CA VAL A 19 1.47 13.23 4.15
C VAL A 19 1.02 13.56 5.57
N PRO A 20 0.20 14.61 5.70
CA PRO A 20 -0.32 15.06 6.99
C PRO A 20 -1.32 14.07 7.59
N ASP A 21 -0.81 12.92 8.05
CA ASP A 21 -1.66 11.91 8.64
C ASP A 21 -0.84 10.69 9.05
N GLY A 22 0.21 10.40 8.29
CA GLY A 22 1.06 9.26 8.60
C GLY A 22 2.42 9.37 7.93
N ARG A 23 3.14 8.25 7.88
CA ARG A 23 4.46 8.22 7.27
C ARG A 23 4.74 6.85 6.64
N LEU A 24 4.64 6.78 5.32
CA LEU A 24 4.88 5.53 4.61
C LEU A 24 6.30 5.50 4.04
N ALA A 25 6.69 4.34 3.54
CA ALA A 25 8.02 4.17 2.96
C ALA A 25 8.18 2.78 2.32
N LEU A 26 8.58 2.76 1.06
CA LEU A 26 8.76 1.51 0.34
C LEU A 26 10.08 0.85 0.74
N THR A 27 9.99 -0.17 1.59
CA THR A 27 11.16 -0.89 2.05
C THR A 27 11.71 -1.81 0.95
N ALA A 28 10.89 -2.75 0.51
CA ALA A 28 11.29 -3.69 -0.54
C ALA A 28 10.20 -4.71 -0.80
N LEU A 29 9.37 -4.44 -1.82
CA LEU A 29 8.28 -5.34 -2.17
C LEU A 29 8.81 -6.74 -2.48
N HIS A 30 8.10 -7.75 -2.00
CA HIS A 30 8.49 -9.14 -2.22
C HIS A 30 7.33 -9.95 -2.82
N LYS A 31 7.67 -11.00 -3.55
CA LYS A 31 6.66 -11.86 -4.17
C LYS A 31 6.55 -13.19 -3.44
N GLY A 32 5.32 -13.64 -3.24
CA GLY A 32 5.10 -14.91 -2.55
C GLY A 32 4.19 -15.83 -3.34
N LYS A 33 3.64 -16.83 -2.65
CA LYS A 33 2.75 -17.80 -3.27
C LYS A 33 1.43 -17.89 -2.52
N ASP A 34 0.38 -18.31 -3.22
CA ASP A 34 -0.94 -18.45 -2.61
C ASP A 34 -1.51 -19.85 -2.84
N TYR A 35 -2.82 -19.98 -2.72
CA TYR A 35 -3.48 -21.27 -2.90
C TYR A 35 -3.12 -21.86 -4.26
N GLN A 36 -2.97 -21.00 -5.26
CA GLN A 36 -2.62 -21.45 -6.61
C GLN A 36 -1.12 -21.32 -6.86
N GLY A 37 -0.35 -21.25 -5.78
CA GLY A 37 1.09 -21.13 -5.91
C GLY A 37 1.50 -20.31 -7.11
N LYS A 38 0.86 -19.15 -7.28
CA LYS A 38 1.17 -18.27 -8.40
C LYS A 38 0.68 -16.85 -8.12
N PRO A 39 -0.65 -16.69 -8.08
CA PRO A 39 -1.28 -15.38 -7.82
C PRO A 39 -1.08 -14.92 -6.38
N MET A 40 0.00 -14.18 -6.14
CA MET A 40 0.30 -13.67 -4.81
C MET A 40 1.37 -12.58 -4.88
N PHE A 41 1.24 -11.58 -4.00
CA PHE A 41 2.19 -10.48 -3.96
C PHE A 41 2.23 -9.84 -2.58
N TYR A 42 3.40 -9.38 -2.17
CA TYR A 42 3.56 -8.74 -0.86
C TYR A 42 4.13 -7.34 -1.00
N VAL A 43 3.47 -6.37 -0.40
CA VAL A 43 3.91 -4.98 -0.45
C VAL A 43 4.57 -4.56 0.85
N LEU A 44 5.89 -4.71 0.92
CA LEU A 44 6.64 -4.34 2.11
C LEU A 44 6.70 -2.83 2.28
N PHE A 45 5.84 -2.31 3.15
CA PHE A 45 5.79 -0.87 3.40
C PHE A 45 6.03 -0.57 4.88
N GLU A 46 6.57 0.61 5.16
CA GLU A 46 6.84 1.02 6.53
C GLU A 46 5.89 2.12 6.98
N LEU A 47 4.64 1.74 7.27
CA LEU A 47 3.63 2.70 7.70
C LEU A 47 3.80 3.04 9.18
N THR A 48 4.24 4.26 9.45
CA THR A 48 4.44 4.71 10.83
C THR A 48 3.23 5.48 11.34
N ASN A 49 2.52 4.89 12.29
CA ASN A 49 1.34 5.52 12.87
C ASN A 49 1.72 6.78 13.66
N THR A 50 1.56 7.94 13.03
CA THR A 50 1.89 9.20 13.67
C THR A 50 0.74 9.68 14.56
N THR A 51 -0.43 9.05 14.41
CA THR A 51 -1.59 9.40 15.21
C THR A 51 -1.36 9.16 16.70
N GLU A 52 -2.41 9.26 17.49
CA GLU A 52 -2.32 9.04 18.92
C GLU A 52 -3.34 8.01 19.39
N LYS A 53 -3.86 7.23 18.46
CA LYS A 53 -4.85 6.21 18.78
C LYS A 53 -4.32 4.82 18.44
N THR A 54 -4.96 3.79 19.00
CA THR A 54 -4.55 2.42 18.77
C THR A 54 -5.56 1.68 17.89
N GLN A 55 -6.32 2.44 17.11
CA GLN A 55 -7.34 1.87 16.23
C GLN A 55 -6.70 0.92 15.22
N ASN A 56 -7.52 0.37 14.33
CA ASN A 56 -7.03 -0.55 13.32
C ASN A 56 -5.90 0.07 12.51
N ILE A 57 -5.32 -0.72 11.62
CA ILE A 57 -4.21 -0.25 10.78
C ILE A 57 -4.69 0.07 9.37
N GLN A 58 -5.31 -0.92 8.73
CA GLN A 58 -5.83 -0.75 7.38
C GLN A 58 -6.63 0.54 7.25
N LEU A 59 -7.25 0.95 8.35
CA LEU A 59 -8.05 2.17 8.37
C LEU A 59 -7.27 3.34 7.78
N MET A 60 -5.95 3.30 7.93
CA MET A 60 -5.11 4.36 7.40
C MET A 60 -4.56 4.00 6.02
N ILE A 61 -4.01 2.80 5.90
CA ILE A 61 -3.46 2.33 4.64
C ILE A 61 -4.47 2.49 3.51
N GLN A 62 -5.69 2.02 3.74
CA GLN A 62 -6.75 2.12 2.74
C GLN A 62 -6.93 3.57 2.28
N SER A 63 -6.57 4.50 3.15
CA SER A 63 -6.70 5.93 2.84
C SER A 63 -5.39 6.48 2.28
N PHE A 64 -4.29 5.77 2.53
CA PHE A 64 -2.99 6.19 2.06
C PHE A 64 -2.72 5.65 0.65
N MET A 65 -2.39 4.35 0.58
CA MET A 65 -2.11 3.71 -0.70
C MET A 65 -3.34 2.98 -1.22
N GLU A 66 -3.39 2.76 -2.53
CA GLU A 66 -4.50 2.07 -3.15
C GLU A 66 -4.02 1.10 -4.23
N VAL A 67 -4.69 -0.04 -4.33
CA VAL A 67 -4.33 -1.05 -5.32
C VAL A 67 -5.57 -1.74 -5.87
N SER A 68 -5.80 -1.58 -7.17
CA SER A 68 -6.95 -2.19 -7.82
C SER A 68 -6.52 -3.11 -8.95
N GLN A 69 -5.54 -2.66 -9.73
CA GLN A 69 -5.04 -3.44 -10.86
C GLN A 69 -6.10 -3.63 -11.93
N THR A 70 -5.77 -3.24 -13.15
CA THR A 70 -6.69 -3.35 -14.28
C THR A 70 -7.12 -4.80 -14.49
N VAL A 71 -8.38 -5.09 -14.18
CA VAL A 71 -8.92 -6.44 -14.35
C VAL A 71 -10.01 -6.48 -15.41
N HIS A 72 -9.94 -7.48 -16.28
CA HIS A 72 -10.92 -7.62 -17.35
C HIS A 72 -11.01 -6.34 -18.20
N GLY A 73 -9.96 -5.54 -18.14
CA GLY A 73 -9.93 -4.31 -18.90
C GLY A 73 -10.47 -3.13 -18.12
N LYS A 74 -10.40 -3.21 -16.80
CA LYS A 74 -10.89 -2.15 -15.93
C LYS A 74 -10.44 -2.37 -14.49
N ALA A 75 -9.94 -1.32 -13.86
CA ALA A 75 -9.48 -1.39 -12.47
C ALA A 75 -10.53 -2.07 -11.58
N GLN A 76 -10.07 -2.65 -10.48
CA GLN A 76 -10.97 -3.34 -9.55
C GLN A 76 -10.33 -3.46 -8.18
N ASN A 77 -11.05 -3.03 -7.15
CA ASN A 77 -10.56 -3.10 -5.78
C ASN A 77 -10.02 -4.49 -5.46
N LEU A 78 -8.69 -4.62 -5.41
CA LEU A 78 -8.05 -5.89 -5.13
C LEU A 78 -8.44 -6.38 -3.73
N GLN A 79 -9.12 -7.52 -3.68
CA GLN A 79 -9.54 -8.11 -2.41
C GLN A 79 -8.38 -8.83 -1.72
N TYR A 80 -8.54 -9.09 -0.43
CA TYR A 80 -7.50 -9.78 0.34
C TYR A 80 -7.02 -11.04 -0.39
N ALA A 81 -5.71 -11.15 -0.55
CA ALA A 81 -5.13 -12.31 -1.23
C ALA A 81 -5.07 -13.51 -0.30
N VAL A 82 -5.99 -14.45 -0.49
CA VAL A 82 -6.04 -15.66 0.33
C VAL A 82 -4.88 -16.59 0.01
N LEU A 83 -4.30 -17.17 1.04
CA LEU A 83 -3.17 -18.09 0.88
C LEU A 83 -3.21 -19.20 1.92
N THR A 84 -2.93 -20.43 1.48
CA THR A 84 -2.93 -21.57 2.39
C THR A 84 -2.02 -21.34 3.59
N ASP A 85 -0.86 -20.77 3.33
CA ASP A 85 0.11 -20.48 4.38
C ASP A 85 1.34 -19.77 3.82
N SER A 86 1.89 -18.85 4.61
CA SER A 86 3.07 -18.10 4.19
C SER A 86 3.85 -17.59 5.39
N PRO A 87 5.14 -17.31 5.19
CA PRO A 87 6.02 -16.81 6.25
C PRO A 87 5.68 -15.37 6.66
N PHE A 88 5.01 -14.65 5.76
CA PHE A 88 4.61 -13.28 6.02
C PHE A 88 3.21 -13.20 6.60
N GLN A 89 2.89 -14.14 7.49
CA GLN A 89 1.57 -14.19 8.12
C GLN A 89 1.50 -13.22 9.30
N ASP A 90 2.66 -12.83 9.80
CA ASP A 90 2.73 -11.91 10.93
C ASP A 90 2.17 -10.54 10.55
N LYS A 91 2.38 -10.15 9.28
CA LYS A 91 1.90 -8.87 8.80
C LYS A 91 0.48 -8.99 8.24
N LEU A 92 0.13 -10.19 7.78
CA LEU A 92 -1.19 -10.44 7.22
C LEU A 92 -2.27 -10.21 8.27
N ASP A 93 -1.87 -10.23 9.54
CA ASP A 93 -2.80 -10.02 10.64
C ASP A 93 -2.85 -8.55 11.04
N ARG A 94 -1.85 -7.79 10.58
CA ARG A 94 -1.77 -6.37 10.90
C ARG A 94 -3.01 -5.63 10.40
N LEU A 95 -3.44 -5.96 9.19
CA LEU A 95 -4.61 -5.33 8.60
C LEU A 95 -5.83 -5.47 9.50
N ALA A 96 -5.82 -6.51 10.34
CA ALA A 96 -6.92 -6.76 11.25
C ALA A 96 -6.49 -6.52 12.70
N ASP A 97 -5.36 -5.84 12.88
CA ASP A 97 -4.84 -5.55 14.21
C ASP A 97 -4.77 -4.05 14.45
N GLU A 98 -4.08 -3.65 15.50
CA GLU A 98 -3.94 -2.24 15.84
C GLU A 98 -2.59 -1.70 15.37
N ILE A 99 -2.41 -0.39 15.50
CA ILE A 99 -1.17 0.25 15.09
C ILE A 99 -0.37 0.74 16.30
N ASN A 100 0.87 1.13 16.06
CA ASN A 100 1.74 1.61 17.14
C ASN A 100 1.97 3.11 17.02
N PRO A 101 1.07 3.90 17.63
CA PRO A 101 1.14 5.36 17.60
C PRO A 101 2.32 5.88 18.44
N GLY A 102 3.44 6.15 17.77
CA GLY A 102 4.61 6.65 18.47
C GLY A 102 5.79 5.70 18.38
N GLU A 103 5.63 4.62 17.61
CA GLU A 103 6.69 3.63 17.47
C GLU A 103 7.04 3.44 15.99
N THR A 104 8.18 2.81 15.74
CA THR A 104 8.63 2.57 14.37
C THR A 104 8.44 1.11 13.98
N ILE A 105 7.52 0.86 13.05
CA ILE A 105 7.25 -0.49 12.59
C ILE A 105 6.86 -0.50 11.11
N GLN A 106 6.42 -1.66 10.63
CA GLN A 106 6.02 -1.79 9.24
C GLN A 106 5.00 -2.91 9.07
N GLY A 107 4.61 -3.18 7.82
CA GLY A 107 3.64 -4.22 7.56
C GLY A 107 3.54 -4.57 6.09
N ALA A 108 2.53 -5.35 5.73
CA ALA A 108 2.34 -5.77 4.34
C ALA A 108 0.87 -5.72 3.96
N TYR A 109 0.58 -5.87 2.67
CA TYR A 109 -0.78 -5.84 2.18
C TYR A 109 -0.94 -6.74 0.96
N PRO A 110 -1.26 -8.02 1.21
CA PRO A 110 -1.44 -9.01 0.14
C PRO A 110 -2.70 -8.76 -0.68
N TYR A 111 -2.52 -8.25 -1.90
CA TYR A 111 -3.65 -7.96 -2.77
C TYR A 111 -3.90 -9.11 -3.74
N GLU A 112 -5.08 -9.13 -4.34
CA GLU A 112 -5.44 -10.18 -5.29
C GLU A 112 -4.57 -10.12 -6.53
N PHE A 113 -3.64 -11.07 -6.65
CA PHE A 113 -2.74 -11.13 -7.80
C PHE A 113 -3.37 -11.90 -8.95
N ILE A 114 -4.66 -12.22 -8.81
CA ILE A 114 -5.38 -12.94 -9.85
C ILE A 114 -5.06 -12.39 -11.23
N ASN A 115 -4.90 -11.07 -11.31
CA ASN A 115 -4.59 -10.41 -12.57
C ASN A 115 -3.09 -10.17 -12.71
N GLU A 116 -2.30 -11.21 -12.46
CA GLU A 116 -0.86 -11.11 -12.55
C GLU A 116 -0.43 -10.68 -13.95
N ASN A 117 -1.20 -11.09 -14.95
CA ASN A 117 -0.91 -10.74 -16.34
C ASN A 117 -1.08 -9.24 -16.57
N LYS A 118 -1.89 -8.61 -15.73
CA LYS A 118 -2.14 -7.18 -15.84
C LYS A 118 -1.16 -6.38 -14.98
N PRO A 119 -0.90 -5.14 -15.38
CA PRO A 119 0.02 -4.24 -14.66
C PRO A 119 -0.54 -3.80 -13.32
N VAL A 120 0.35 -3.55 -12.35
CA VAL A 120 -0.06 -3.12 -11.03
C VAL A 120 0.21 -1.63 -10.83
N HIS A 121 -0.78 -0.81 -11.19
CA HIS A 121 -0.65 0.64 -11.05
C HIS A 121 -0.64 1.04 -9.58
N PHE A 122 0.54 1.00 -8.96
CA PHE A 122 0.68 1.37 -7.56
C PHE A 122 0.39 2.85 -7.34
N LYS A 123 -0.75 3.15 -6.76
CA LYS A 123 -1.15 4.53 -6.50
C LYS A 123 -0.71 4.97 -5.11
N PHE A 124 -0.56 6.28 -4.92
CA PHE A 124 -0.15 6.82 -3.63
C PHE A 124 -0.70 8.23 -3.43
N ARG A 125 -1.81 8.32 -2.71
CA ARG A 125 -2.44 9.61 -2.45
C ARG A 125 -3.50 9.48 -1.35
N ASP A 126 -3.64 10.53 -0.56
CA ASP A 126 -4.62 10.54 0.54
C ASP A 126 -6.03 10.72 0.00
N ARG A 127 -7.00 10.83 0.91
CA ARG A 127 -8.39 11.01 0.52
C ARG A 127 -9.04 12.13 1.33
N LEU A 128 -9.45 13.18 0.63
CA LEU A 128 -10.08 14.32 1.28
C LEU A 128 -10.56 15.34 0.24
N LEU A 129 -9.64 15.80 -0.60
CA LEU A 129 -9.98 16.76 -1.63
C LEU A 129 -9.00 16.65 -2.81
N SER A 130 -9.16 15.61 -3.60
CA SER A 130 -8.29 15.40 -4.76
C SER A 130 -9.07 15.58 -6.06
N LEU A 131 -10.06 14.72 -6.29
CA LEU A 131 -10.88 14.78 -7.49
C LEU A 131 -10.08 14.33 -8.72
N ASP A 132 -9.09 15.13 -9.09
CA ASP A 132 -8.25 14.81 -10.25
C ASP A 132 -7.26 13.70 -9.91
N GLU A 133 -6.34 13.43 -10.83
CA GLU A 133 -5.34 12.39 -10.62
C GLU A 133 -4.63 12.57 -9.30
N PRO A 134 -4.09 11.46 -8.76
CA PRO A 134 -3.37 11.47 -7.47
C PRO A 134 -2.03 12.19 -7.57
N ILE A 135 -1.35 12.33 -6.44
CA ILE A 135 -0.05 12.99 -6.40
C ILE A 135 1.05 12.08 -6.93
N ALA A 136 0.88 10.78 -6.72
CA ALA A 136 1.86 9.80 -7.19
C ALA A 136 1.18 8.62 -7.86
N SER A 137 1.84 8.05 -8.87
CA SER A 137 1.29 6.91 -9.59
C SER A 137 2.29 6.40 -10.62
N GLU A 138 2.33 5.08 -10.80
CA GLU A 138 3.24 4.45 -11.75
C GLU A 138 2.96 2.97 -11.88
N GLU A 139 2.94 2.48 -13.12
CA GLU A 139 2.68 1.07 -13.38
C GLU A 139 3.93 0.24 -13.17
N ILE A 140 3.75 -0.98 -12.65
CA ILE A 140 4.87 -1.87 -12.41
C ILE A 140 4.46 -3.33 -12.59
N THR A 141 5.32 -4.09 -13.25
CA THR A 141 5.04 -5.51 -13.49
C THR A 141 5.84 -6.40 -12.54
N ILE A 142 5.17 -6.90 -11.52
CA ILE A 142 5.81 -7.77 -10.53
C ILE A 142 5.50 -9.23 -10.80
N THR A 143 6.55 -10.03 -10.96
CA THR A 143 6.39 -11.46 -11.23
C THR A 143 7.69 -12.22 -10.98
N MET A 1 -0.37 28.44 -4.06
CA MET A 1 0.57 27.70 -4.88
C MET A 1 1.90 28.43 -4.98
N ASP A 2 2.92 27.89 -4.31
CA ASP A 2 4.24 28.50 -4.32
C ASP A 2 5.20 27.71 -5.22
N GLU A 3 4.65 27.11 -6.27
CA GLU A 3 5.45 26.32 -7.20
C GLU A 3 6.12 25.15 -6.49
N VAL A 4 5.32 24.39 -5.74
CA VAL A 4 5.84 23.25 -5.00
C VAL A 4 4.96 22.01 -5.20
N LEU A 5 5.57 20.84 -5.13
CA LEU A 5 4.83 19.58 -5.31
C LEU A 5 4.18 19.16 -4.00
N ALA A 6 2.89 18.82 -4.07
CA ALA A 6 2.15 18.39 -2.88
C ALA A 6 2.08 19.50 -1.84
N THR A 7 2.27 20.74 -2.28
CA THR A 7 2.23 21.89 -1.39
C THR A 7 3.21 21.71 -0.23
N SER A 8 4.39 21.17 -0.55
CA SER A 8 5.42 20.95 0.47
C SER A 8 4.86 20.13 1.63
N ILE A 9 3.88 19.28 1.33
CA ILE A 9 3.27 18.43 2.35
C ILE A 9 3.92 17.05 2.37
N GLY A 10 3.59 16.24 1.36
CA GLY A 10 4.15 14.90 1.29
C GLY A 10 4.93 14.67 0.01
N THR A 11 5.48 13.47 -0.15
CA THR A 11 6.26 13.12 -1.33
C THR A 11 6.36 11.61 -1.49
N TYR A 12 6.17 11.14 -2.72
CA TYR A 12 6.24 9.71 -3.01
C TYR A 12 7.34 9.42 -4.02
N GLU A 13 8.55 9.15 -3.52
CA GLU A 13 9.68 8.86 -4.38
C GLU A 13 10.90 8.46 -3.56
N ASN A 14 11.98 8.10 -4.23
CA ASN A 14 13.22 7.70 -3.57
C ASN A 14 12.98 6.47 -2.70
N ARG A 15 12.19 5.54 -3.21
CA ARG A 15 11.89 4.31 -2.47
C ARG A 15 11.39 4.63 -1.07
N THR A 16 10.56 5.65 -0.96
CA THR A 16 10.01 6.06 0.33
C THR A 16 8.77 6.94 0.16
N LEU A 17 7.81 6.78 1.06
CA LEU A 17 6.58 7.55 1.01
C LEU A 17 6.45 8.47 2.23
N LEU A 18 5.94 9.67 2.01
CA LEU A 18 5.76 10.63 3.09
C LEU A 18 4.39 11.31 3.00
N VAL A 19 3.72 11.42 4.14
CA VAL A 19 2.41 12.06 4.20
C VAL A 19 2.16 12.71 5.55
N PRO A 20 1.27 13.72 5.58
CA PRO A 20 0.94 14.43 6.81
C PRO A 20 0.13 13.58 7.78
N ASP A 21 -0.28 12.39 7.32
CA ASP A 21 -1.05 11.48 8.15
C ASP A 21 -0.14 10.42 8.78
N GLY A 22 0.80 9.90 7.98
CA GLY A 22 1.70 8.90 8.47
C GLY A 22 3.07 8.99 7.84
N ARG A 23 3.73 7.84 7.65
CA ARG A 23 5.05 7.80 7.05
C ARG A 23 5.40 6.39 6.60
N LEU A 24 5.23 6.11 5.31
CA LEU A 24 5.52 4.80 4.76
C LEU A 24 6.94 4.76 4.20
N ALA A 25 7.38 3.56 3.79
CA ALA A 25 8.71 3.38 3.24
C ALA A 25 8.90 1.96 2.71
N LEU A 26 9.29 1.85 1.44
CA LEU A 26 9.50 0.55 0.82
C LEU A 26 10.73 -0.13 1.40
N THR A 27 10.51 -1.21 2.15
CA THR A 27 11.60 -1.97 2.76
C THR A 27 12.18 -2.99 1.79
N ALA A 28 11.31 -3.87 1.30
CA ALA A 28 11.73 -4.90 0.36
C ALA A 28 10.56 -5.77 -0.07
N LEU A 29 9.91 -5.40 -1.17
CA LEU A 29 8.78 -6.15 -1.69
C LEU A 29 9.12 -7.61 -1.88
N HIS A 30 8.22 -8.50 -1.45
CA HIS A 30 8.44 -9.94 -1.59
C HIS A 30 7.19 -10.62 -2.13
N LYS A 31 7.39 -11.63 -2.95
CA LYS A 31 6.28 -12.38 -3.54
C LYS A 31 5.86 -13.54 -2.65
N GLY A 32 4.73 -14.16 -2.97
CA GLY A 32 4.25 -15.28 -2.18
C GLY A 32 3.40 -16.23 -3.00
N LYS A 33 2.57 -17.02 -2.30
CA LYS A 33 1.70 -17.98 -2.97
C LYS A 33 0.29 -17.91 -2.40
N ASP A 34 -0.69 -17.81 -3.29
CA ASP A 34 -2.09 -17.74 -2.89
C ASP A 34 -2.77 -19.10 -3.01
N TYR A 35 -4.09 -19.10 -2.99
CA TYR A 35 -4.86 -20.34 -3.08
C TYR A 35 -4.46 -21.13 -4.33
N GLN A 36 -3.89 -20.42 -5.31
CA GLN A 36 -3.47 -21.05 -6.55
C GLN A 36 -1.95 -20.97 -6.72
N GLY A 37 -1.26 -20.86 -5.59
CA GLY A 37 0.20 -20.77 -5.62
C GLY A 37 0.71 -20.01 -6.82
N LYS A 38 0.33 -18.73 -6.91
CA LYS A 38 0.74 -17.88 -8.01
C LYS A 38 0.30 -16.44 -7.79
N PRO A 39 -1.02 -16.23 -7.80
CA PRO A 39 -1.60 -14.89 -7.59
C PRO A 39 -1.42 -14.39 -6.16
N MET A 40 -0.19 -14.02 -5.83
CA MET A 40 0.13 -13.53 -4.49
C MET A 40 1.28 -12.53 -4.55
N PHE A 41 1.25 -11.55 -3.64
CA PHE A 41 2.30 -10.54 -3.59
C PHE A 41 2.24 -9.77 -2.27
N TYR A 42 3.37 -9.70 -1.59
CA TYR A 42 3.46 -9.00 -0.30
C TYR A 42 4.13 -7.64 -0.47
N VAL A 43 3.55 -6.63 0.17
CA VAL A 43 4.10 -5.27 0.10
C VAL A 43 4.81 -4.90 1.39
N LEU A 44 6.10 -5.18 1.46
CA LEU A 44 6.89 -4.86 2.64
C LEU A 44 7.16 -3.37 2.75
N PHE A 45 6.42 -2.70 3.63
CA PHE A 45 6.57 -1.27 3.83
C PHE A 45 6.64 -0.92 5.31
N GLU A 46 7.19 0.25 5.62
CA GLU A 46 7.32 0.70 7.00
C GLU A 46 6.31 1.80 7.31
N LEU A 47 5.04 1.41 7.45
CA LEU A 47 3.98 2.37 7.76
C LEU A 47 3.96 2.71 9.24
N THR A 48 4.32 3.95 9.57
CA THR A 48 4.33 4.41 10.95
C THR A 48 3.10 5.24 11.28
N ASN A 49 2.45 4.92 12.39
CA ASN A 49 1.26 5.64 12.81
C ASN A 49 1.64 6.90 13.58
N THR A 50 2.27 7.84 12.89
CA THR A 50 2.67 9.10 13.51
C THR A 50 1.51 9.76 14.24
N THR A 51 0.29 9.43 13.82
CA THR A 51 -0.90 9.99 14.43
C THR A 51 -0.99 9.63 15.92
N GLU A 52 -2.16 9.86 16.50
CA GLU A 52 -2.36 9.56 17.92
C GLU A 52 -3.67 8.82 18.13
N LYS A 53 -3.98 7.89 17.22
CA LYS A 53 -5.20 7.11 17.30
C LYS A 53 -4.90 5.61 17.29
N THR A 54 -5.77 4.82 17.90
CA THR A 54 -5.58 3.38 17.96
C THR A 54 -6.54 2.67 17.01
N GLN A 55 -7.05 3.41 16.03
CA GLN A 55 -7.99 2.85 15.05
C GLN A 55 -7.32 1.74 14.25
N ASN A 56 -8.04 1.22 13.26
CA ASN A 56 -7.52 0.15 12.40
C ASN A 56 -6.24 0.58 11.72
N ILE A 57 -5.47 -0.39 11.23
CA ILE A 57 -4.22 -0.11 10.53
C ILE A 57 -4.44 0.04 9.04
N GLN A 58 -4.99 -1.00 8.41
CA GLN A 58 -5.25 -0.98 6.98
C GLN A 58 -5.98 0.30 6.58
N LEU A 59 -6.78 0.83 7.50
CA LEU A 59 -7.54 2.05 7.24
C LEU A 59 -6.63 3.16 6.71
N MET A 60 -5.37 3.11 7.13
CA MET A 60 -4.38 4.12 6.70
C MET A 60 -3.84 3.77 5.32
N ILE A 61 -3.35 2.55 5.16
CA ILE A 61 -2.80 2.11 3.90
C ILE A 61 -3.83 2.22 2.78
N GLN A 62 -5.11 2.14 3.14
CA GLN A 62 -6.19 2.23 2.17
C GLN A 62 -6.39 3.67 1.72
N SER A 63 -5.65 4.59 2.33
CA SER A 63 -5.75 6.01 1.99
C SER A 63 -4.41 6.55 1.50
N PHE A 64 -3.40 5.67 1.47
CA PHE A 64 -2.07 6.05 1.02
C PHE A 64 -1.72 5.38 -0.31
N MET A 65 -1.46 4.08 -0.25
CA MET A 65 -1.12 3.32 -1.45
C MET A 65 -2.38 2.85 -2.17
N GLU A 66 -2.35 2.93 -3.50
CA GLU A 66 -3.49 2.51 -4.31
C GLU A 66 -3.05 1.60 -5.44
N VAL A 67 -3.03 0.29 -5.18
CA VAL A 67 -2.62 -0.68 -6.17
C VAL A 67 -3.83 -1.27 -6.90
N SER A 68 -3.78 -1.26 -8.22
CA SER A 68 -4.88 -1.79 -9.04
C SER A 68 -4.35 -2.41 -10.32
N GLN A 69 -5.20 -3.18 -10.99
CA GLN A 69 -4.82 -3.84 -12.24
C GLN A 69 -6.04 -4.07 -13.12
N THR A 70 -5.83 -3.96 -14.44
CA THR A 70 -6.92 -4.16 -15.39
C THR A 70 -7.66 -5.46 -15.12
N VAL A 71 -8.92 -5.35 -14.72
CA VAL A 71 -9.74 -6.52 -14.43
C VAL A 71 -11.11 -6.41 -15.11
N HIS A 72 -11.45 -7.42 -15.90
CA HIS A 72 -12.73 -7.44 -16.60
C HIS A 72 -12.83 -6.27 -17.60
N GLY A 73 -11.67 -5.74 -17.98
CA GLY A 73 -11.65 -4.63 -18.91
C GLY A 73 -11.55 -3.28 -18.22
N LYS A 74 -11.48 -3.31 -16.90
CA LYS A 74 -11.38 -2.09 -16.11
C LYS A 74 -10.50 -2.29 -14.89
N ALA A 75 -9.50 -1.43 -14.73
CA ALA A 75 -8.58 -1.52 -13.60
C ALA A 75 -9.31 -1.24 -12.28
N GLN A 76 -8.99 -2.03 -11.27
CA GLN A 76 -9.61 -1.87 -9.95
C GLN A 76 -8.61 -2.11 -8.84
N ASN A 77 -8.83 -1.47 -7.69
CA ASN A 77 -7.94 -1.62 -6.55
C ASN A 77 -7.95 -3.06 -6.04
N LEU A 78 -6.78 -3.69 -6.00
CA LEU A 78 -6.66 -5.06 -5.54
C LEU A 78 -6.84 -5.15 -4.03
N GLN A 79 -7.81 -5.95 -3.59
CA GLN A 79 -8.08 -6.11 -2.16
C GLN A 79 -7.23 -7.22 -1.58
N TYR A 80 -7.38 -7.44 -0.27
CA TYR A 80 -6.61 -8.47 0.43
C TYR A 80 -6.69 -9.80 -0.32
N ALA A 81 -5.52 -10.38 -0.60
CA ALA A 81 -5.45 -11.66 -1.30
C ALA A 81 -5.71 -12.82 -0.36
N VAL A 82 -6.39 -13.85 -0.86
CA VAL A 82 -6.70 -15.02 -0.06
C VAL A 82 -5.67 -16.13 -0.30
N LEU A 83 -5.04 -16.58 0.78
CA LEU A 83 -4.04 -17.64 0.70
C LEU A 83 -4.35 -18.77 1.68
N THR A 84 -4.10 -19.99 1.26
CA THR A 84 -4.35 -21.16 2.10
C THR A 84 -3.36 -21.24 3.26
N ASP A 85 -2.16 -20.70 3.03
CA ASP A 85 -1.13 -20.71 4.06
C ASP A 85 0.13 -20.01 3.56
N SER A 86 0.81 -19.30 4.47
CA SER A 86 2.02 -18.57 4.11
C SER A 86 2.83 -18.24 5.37
N PRO A 87 4.15 -18.08 5.19
CA PRO A 87 5.06 -17.76 6.29
C PRO A 87 4.86 -16.33 6.80
N PHE A 88 4.34 -15.47 5.95
CA PHE A 88 4.10 -14.08 6.33
C PHE A 88 2.68 -13.89 6.85
N GLN A 89 2.22 -14.87 7.65
CA GLN A 89 0.88 -14.81 8.22
C GLN A 89 0.85 -13.91 9.45
N ASP A 90 2.03 -13.47 9.88
CA ASP A 90 2.14 -12.60 11.05
C ASP A 90 1.76 -11.17 10.70
N LYS A 91 2.54 -10.56 9.82
CA LYS A 91 2.29 -9.18 9.40
C LYS A 91 0.88 -9.04 8.83
N LEU A 92 0.35 -10.13 8.27
CA LEU A 92 -0.99 -10.13 7.71
C LEU A 92 -2.03 -9.74 8.74
N ASP A 93 -1.69 -9.92 10.01
CA ASP A 93 -2.60 -9.57 11.10
C ASP A 93 -2.51 -8.08 11.43
N ARG A 94 -1.68 -7.36 10.68
CA ARG A 94 -1.51 -5.93 10.89
C ARG A 94 -2.41 -5.14 9.96
N LEU A 95 -3.56 -5.73 9.61
CA LEU A 95 -4.50 -5.07 8.72
C LEU A 95 -5.86 -4.89 9.40
N ALA A 96 -6.37 -5.98 9.98
CA ALA A 96 -7.65 -5.94 10.67
C ALA A 96 -7.46 -5.71 12.16
N ASP A 97 -6.40 -4.98 12.52
CA ASP A 97 -6.11 -4.68 13.92
C ASP A 97 -5.78 -3.20 14.10
N GLU A 98 -5.44 -2.83 15.32
CA GLU A 98 -5.09 -1.45 15.64
C GLU A 98 -3.61 -1.19 15.40
N ILE A 99 -3.26 0.08 15.25
CA ILE A 99 -1.86 0.47 15.03
C ILE A 99 -1.19 0.89 16.33
N ASN A 100 0.05 1.36 16.22
CA ASN A 100 0.80 1.80 17.39
C ASN A 100 1.21 3.27 17.26
N PRO A 101 0.29 4.17 17.65
CA PRO A 101 0.53 5.62 17.58
C PRO A 101 1.58 6.08 18.59
N GLY A 102 2.79 6.32 18.11
CA GLY A 102 3.86 6.77 18.98
C GLY A 102 4.97 5.74 19.10
N GLU A 103 4.86 4.66 18.35
CA GLU A 103 5.87 3.60 18.38
C GLU A 103 6.56 3.46 17.04
N THR A 104 7.63 2.67 17.01
CA THR A 104 8.39 2.45 15.78
C THR A 104 8.29 1.01 15.31
N ILE A 105 7.35 0.74 14.41
CA ILE A 105 7.16 -0.60 13.88
C ILE A 105 6.70 -0.56 12.43
N GLN A 106 6.33 -1.71 11.90
CA GLN A 106 5.87 -1.82 10.52
C GLN A 106 4.96 -3.02 10.33
N GLY A 107 4.66 -3.34 9.07
CA GLY A 107 3.79 -4.46 8.78
C GLY A 107 3.78 -4.82 7.31
N ALA A 108 2.71 -5.49 6.87
CA ALA A 108 2.58 -5.88 5.48
C ALA A 108 1.12 -5.82 5.02
N TYR A 109 0.92 -5.62 3.71
CA TYR A 109 -0.42 -5.53 3.16
C TYR A 109 -0.49 -6.25 1.81
N PRO A 110 -0.78 -7.55 1.84
CA PRO A 110 -0.88 -8.37 0.64
C PRO A 110 -2.11 -8.03 -0.20
N TYR A 111 -1.89 -7.57 -1.42
CA TYR A 111 -2.98 -7.21 -2.31
C TYR A 111 -3.22 -8.30 -3.36
N GLU A 112 -4.39 -8.25 -3.99
CA GLU A 112 -4.75 -9.23 -5.01
C GLU A 112 -3.74 -9.22 -6.15
N PHE A 113 -3.42 -10.40 -6.67
CA PHE A 113 -2.47 -10.52 -7.77
C PHE A 113 -3.10 -11.21 -8.97
N ILE A 114 -4.43 -11.31 -8.96
CA ILE A 114 -5.16 -11.94 -10.05
C ILE A 114 -4.57 -11.56 -11.40
N ASN A 115 -4.16 -10.30 -11.53
CA ASN A 115 -3.58 -9.81 -12.77
C ASN A 115 -2.07 -10.10 -12.81
N GLU A 116 -1.70 -11.34 -12.54
CA GLU A 116 -0.31 -11.75 -12.55
C GLU A 116 0.29 -11.59 -13.95
N ASN A 117 -0.54 -11.79 -14.96
CA ASN A 117 -0.09 -11.66 -16.34
C ASN A 117 0.02 -10.19 -16.76
N LYS A 118 -0.54 -9.31 -15.94
CA LYS A 118 -0.50 -7.88 -16.21
C LYS A 118 0.32 -7.15 -15.16
N PRO A 119 0.87 -5.99 -15.55
CA PRO A 119 1.70 -5.17 -14.65
C PRO A 119 0.87 -4.52 -13.54
N VAL A 120 1.47 -4.42 -12.35
CA VAL A 120 0.79 -3.82 -11.21
C VAL A 120 0.77 -2.31 -11.32
N HIS A 121 -0.41 -1.75 -11.57
CA HIS A 121 -0.56 -0.31 -11.70
C HIS A 121 -0.53 0.37 -10.33
N PHE A 122 0.64 0.38 -9.71
CA PHE A 122 0.81 0.99 -8.41
C PHE A 122 0.52 2.49 -8.45
N LYS A 123 -0.33 2.95 -7.56
CA LYS A 123 -0.70 4.36 -7.50
C LYS A 123 -0.54 4.91 -6.08
N PHE A 124 -0.44 6.23 -5.97
CA PHE A 124 -0.29 6.88 -4.68
C PHE A 124 -0.98 8.24 -4.66
N ARG A 125 -1.38 8.68 -3.47
CA ARG A 125 -2.06 9.96 -3.32
C ARG A 125 -2.33 10.26 -1.85
N ASP A 126 -2.34 11.54 -1.49
CA ASP A 126 -2.60 11.96 -0.12
C ASP A 126 -4.09 11.87 0.21
N ARG A 127 -4.46 12.42 1.35
CA ARG A 127 -5.85 12.40 1.79
C ARG A 127 -6.36 13.82 2.06
N LEU A 128 -7.63 14.05 1.79
CA LEU A 128 -8.24 15.36 2.01
C LEU A 128 -7.61 16.41 1.11
N LEU A 129 -8.35 17.48 0.84
CA LEU A 129 -7.85 18.56 -0.01
C LEU A 129 -7.33 18.01 -1.33
N SER A 130 -7.91 16.90 -1.79
CA SER A 130 -7.50 16.28 -3.03
C SER A 130 -8.70 15.66 -3.75
N LEU A 131 -8.89 16.04 -5.00
CA LEU A 131 -10.00 15.53 -5.81
C LEU A 131 -9.77 15.76 -7.29
N ASP A 132 -8.50 15.87 -7.67
CA ASP A 132 -8.13 16.10 -9.07
C ASP A 132 -7.36 14.90 -9.62
N GLU A 133 -6.10 14.77 -9.24
CA GLU A 133 -5.27 13.67 -9.70
C GLU A 133 -4.30 13.23 -8.60
N PRO A 134 -3.78 12.00 -8.75
CA PRO A 134 -2.84 11.42 -7.79
C PRO A 134 -1.48 12.12 -7.81
N ILE A 135 -0.62 11.74 -6.86
CA ILE A 135 0.72 12.34 -6.78
C ILE A 135 1.72 11.53 -7.59
N ALA A 136 1.54 10.22 -7.63
CA ALA A 136 2.44 9.33 -8.36
C ALA A 136 1.71 8.06 -8.80
N SER A 137 2.27 7.39 -9.80
CA SER A 137 1.68 6.17 -10.31
C SER A 137 2.53 5.58 -11.45
N GLU A 138 2.59 4.26 -11.51
CA GLU A 138 3.36 3.58 -12.55
C GLU A 138 3.13 2.07 -12.51
N GLU A 139 3.00 1.47 -13.69
CA GLU A 139 2.77 0.03 -13.79
C GLU A 139 4.07 -0.74 -13.60
N ILE A 140 4.04 -1.75 -12.73
CA ILE A 140 5.23 -2.56 -12.47
C ILE A 140 4.83 -4.00 -12.16
N THR A 141 5.44 -4.94 -12.89
CA THR A 141 5.16 -6.35 -12.71
C THR A 141 6.15 -6.99 -11.74
N ILE A 142 5.66 -7.35 -10.55
CA ILE A 142 6.50 -7.96 -9.53
C ILE A 142 6.48 -9.48 -9.64
N THR A 143 7.23 -10.01 -10.60
CA THR A 143 7.30 -11.45 -10.81
C THR A 143 5.93 -12.09 -10.63
N MET A 1 -2.47 31.83 -8.52
CA MET A 1 -2.55 30.37 -8.42
C MET A 1 -3.23 29.95 -7.12
N ASP A 2 -2.57 30.22 -5.99
CA ASP A 2 -3.12 29.87 -4.69
C ASP A 2 -3.29 28.36 -4.56
N GLU A 3 -2.23 27.62 -4.84
CA GLU A 3 -2.27 26.16 -4.76
C GLU A 3 -0.89 25.56 -5.03
N VAL A 4 -0.41 24.75 -4.09
CA VAL A 4 0.89 24.11 -4.23
C VAL A 4 0.94 23.24 -5.47
N LEU A 5 2.16 23.01 -5.98
CA LEU A 5 2.35 22.19 -7.17
C LEU A 5 1.79 20.78 -6.97
N ALA A 6 1.93 19.93 -7.98
CA ALA A 6 1.44 18.57 -7.91
C ALA A 6 1.95 17.87 -6.65
N THR A 7 3.15 18.25 -6.22
CA THR A 7 3.75 17.66 -5.03
C THR A 7 4.84 18.56 -4.46
N SER A 8 4.44 19.71 -3.94
CA SER A 8 5.38 20.66 -3.36
C SER A 8 5.41 20.54 -1.84
N ILE A 9 5.13 19.34 -1.33
CA ILE A 9 5.14 19.09 0.10
C ILE A 9 5.85 17.78 0.43
N GLY A 10 5.20 16.67 0.13
CA GLY A 10 5.79 15.37 0.40
C GLY A 10 6.62 14.86 -0.76
N THR A 11 6.95 13.57 -0.72
CA THR A 11 7.75 12.95 -1.78
C THR A 11 7.73 11.43 -1.67
N TYR A 12 7.83 10.76 -2.81
CA TYR A 12 7.83 9.30 -2.84
C TYR A 12 8.96 8.78 -3.71
N GLU A 13 9.97 8.19 -3.08
CA GLU A 13 11.10 7.63 -3.79
C GLU A 13 12.05 6.92 -2.84
N ASN A 14 13.02 6.19 -3.40
CA ASN A 14 13.99 5.45 -2.60
C ASN A 14 13.29 4.49 -1.65
N ARG A 15 12.17 3.93 -2.10
CA ARG A 15 11.40 2.99 -1.29
C ARG A 15 10.93 3.65 0.00
N THR A 16 10.26 4.79 -0.13
CA THR A 16 9.77 5.52 1.03
C THR A 16 8.70 6.53 0.62
N LEU A 17 7.69 6.69 1.48
CA LEU A 17 6.60 7.62 1.20
C LEU A 17 6.39 8.55 2.40
N LEU A 18 6.94 9.76 2.30
CA LEU A 18 6.81 10.75 3.36
C LEU A 18 5.54 11.60 3.17
N VAL A 19 4.79 11.78 4.24
CA VAL A 19 3.56 12.57 4.18
C VAL A 19 3.16 13.07 5.57
N PRO A 20 2.35 14.13 5.60
CA PRO A 20 1.87 14.72 6.85
C PRO A 20 0.88 13.81 7.59
N ASP A 21 0.45 12.75 6.91
CA ASP A 21 -0.49 11.82 7.50
C ASP A 21 0.25 10.63 8.14
N GLY A 22 1.27 10.14 7.46
CA GLY A 22 2.04 9.02 7.98
C GLY A 22 3.44 8.97 7.43
N ARG A 23 4.07 7.80 7.50
CA ARG A 23 5.43 7.64 7.00
C ARG A 23 5.73 6.17 6.72
N LEU A 24 5.66 5.79 5.45
CA LEU A 24 5.92 4.42 5.05
C LEU A 24 7.38 4.24 4.64
N ALA A 25 7.75 3.00 4.30
CA ALA A 25 9.11 2.70 3.88
C ALA A 25 9.24 1.26 3.41
N LEU A 26 9.28 1.08 2.09
CA LEU A 26 9.39 -0.26 1.50
C LEU A 26 10.70 -0.92 1.92
N THR A 27 10.60 -1.96 2.74
CA THR A 27 11.79 -2.68 3.20
C THR A 27 12.31 -3.63 2.13
N ALA A 28 11.43 -4.50 1.63
CA ALA A 28 11.81 -5.46 0.61
C ALA A 28 10.61 -6.33 0.21
N LEU A 29 9.94 -5.94 -0.87
CA LEU A 29 8.78 -6.67 -1.36
C LEU A 29 9.15 -8.13 -1.65
N HIS A 30 8.25 -9.04 -1.31
CA HIS A 30 8.47 -10.47 -1.55
C HIS A 30 7.24 -11.13 -2.14
N LYS A 31 7.45 -12.10 -3.01
CA LYS A 31 6.35 -12.81 -3.65
C LYS A 31 6.12 -14.16 -2.99
N GLY A 32 4.85 -14.54 -2.84
CA GLY A 32 4.53 -15.82 -2.24
C GLY A 32 3.52 -16.61 -3.04
N LYS A 33 2.76 -17.47 -2.37
CA LYS A 33 1.76 -18.30 -3.03
C LYS A 33 0.40 -18.14 -2.35
N ASP A 34 -0.65 -18.47 -3.08
CA ASP A 34 -2.02 -18.37 -2.55
C ASP A 34 -2.80 -19.63 -2.85
N TYR A 35 -4.13 -19.51 -2.83
CA TYR A 35 -5.01 -20.65 -3.09
C TYR A 35 -4.65 -21.32 -4.42
N GLN A 36 -4.28 -20.50 -5.40
CA GLN A 36 -3.91 -21.00 -6.71
C GLN A 36 -2.40 -21.11 -6.87
N GLY A 37 -1.71 -21.17 -5.73
CA GLY A 37 -0.25 -21.27 -5.76
C GLY A 37 0.36 -20.51 -6.92
N LYS A 38 -0.09 -19.28 -7.13
CA LYS A 38 0.42 -18.46 -8.22
C LYS A 38 0.12 -16.98 -7.97
N PRO A 39 -1.17 -16.62 -8.02
CA PRO A 39 -1.61 -15.24 -7.80
C PRO A 39 -1.44 -14.80 -6.34
N MET A 40 -0.25 -14.34 -6.01
CA MET A 40 0.05 -13.88 -4.66
C MET A 40 1.18 -12.85 -4.66
N PHE A 41 1.17 -11.98 -3.66
CA PHE A 41 2.19 -10.95 -3.54
C PHE A 41 2.09 -10.22 -2.21
N TYR A 42 3.24 -9.97 -1.58
CA TYR A 42 3.27 -9.29 -0.29
C TYR A 42 4.02 -7.96 -0.41
N VAL A 43 3.46 -6.92 0.20
CA VAL A 43 4.07 -5.60 0.17
C VAL A 43 4.80 -5.30 1.48
N LEU A 44 6.09 -5.65 1.52
CA LEU A 44 6.89 -5.43 2.72
C LEU A 44 7.23 -3.94 2.87
N PHE A 45 6.50 -3.26 3.74
CA PHE A 45 6.73 -1.84 3.98
C PHE A 45 6.75 -1.53 5.47
N GLU A 46 7.19 -0.33 5.83
CA GLU A 46 7.26 0.08 7.22
C GLU A 46 6.32 1.25 7.49
N LEU A 47 5.06 0.94 7.76
CA LEU A 47 4.06 1.97 8.03
C LEU A 47 4.18 2.48 9.46
N THR A 48 4.56 3.74 9.61
CA THR A 48 4.71 4.35 10.92
C THR A 48 3.56 5.30 11.23
N ASN A 49 2.81 5.01 12.28
CA ASN A 49 1.68 5.84 12.68
C ASN A 49 2.16 7.09 13.41
N THR A 50 2.46 8.13 12.64
CA THR A 50 2.93 9.39 13.21
C THR A 50 1.81 10.11 13.95
N THR A 51 0.58 9.63 13.77
CA THR A 51 -0.58 10.22 14.42
C THR A 51 -0.54 9.98 15.93
N GLU A 52 -1.67 10.20 16.58
CA GLU A 52 -1.78 10.01 18.03
C GLU A 52 -3.00 9.17 18.39
N LYS A 53 -3.37 8.26 17.49
CA LYS A 53 -4.52 7.40 17.71
C LYS A 53 -4.12 5.93 17.67
N THR A 54 -4.98 5.07 18.22
CA THR A 54 -4.71 3.63 18.24
C THR A 54 -5.74 2.87 17.43
N GLN A 55 -6.43 3.58 16.53
CA GLN A 55 -7.44 2.96 15.68
C GLN A 55 -6.82 1.91 14.78
N ASN A 56 -7.66 1.28 13.95
CA ASN A 56 -7.19 0.25 13.02
C ASN A 56 -6.02 0.76 12.20
N ILE A 57 -5.40 -0.15 11.45
CA ILE A 57 -4.26 0.19 10.62
C ILE A 57 -4.66 0.30 9.15
N GLN A 58 -5.47 -0.65 8.70
CA GLN A 58 -5.93 -0.66 7.32
C GLN A 58 -6.60 0.67 6.96
N LEU A 59 -7.06 1.39 7.97
CA LEU A 59 -7.72 2.67 7.76
C LEU A 59 -6.74 3.70 7.21
N MET A 60 -5.45 3.39 7.27
CA MET A 60 -4.42 4.28 6.77
C MET A 60 -3.83 3.76 5.46
N ILE A 61 -3.41 2.50 5.46
CA ILE A 61 -2.84 1.88 4.27
C ILE A 61 -3.82 1.92 3.11
N GLN A 62 -5.11 2.01 3.42
CA GLN A 62 -6.14 2.06 2.40
C GLN A 62 -6.27 3.47 1.82
N SER A 63 -5.60 4.43 2.46
CA SER A 63 -5.65 5.82 2.01
C SER A 63 -4.25 6.32 1.66
N PHE A 64 -3.25 5.45 1.81
CA PHE A 64 -1.88 5.79 1.51
C PHE A 64 -1.43 5.19 0.18
N MET A 65 -1.63 3.89 0.04
CA MET A 65 -1.25 3.19 -1.19
C MET A 65 -2.47 2.58 -1.86
N GLU A 66 -2.84 3.12 -3.02
CA GLU A 66 -3.99 2.63 -3.76
C GLU A 66 -3.55 1.77 -4.94
N VAL A 67 -3.24 0.50 -4.68
CA VAL A 67 -2.81 -0.42 -5.72
C VAL A 67 -3.99 -0.95 -6.52
N SER A 68 -3.76 -1.24 -7.79
CA SER A 68 -4.80 -1.75 -8.66
C SER A 68 -4.21 -2.26 -9.98
N GLN A 69 -5.00 -3.04 -10.70
CA GLN A 69 -4.55 -3.60 -11.98
C GLN A 69 -5.74 -3.85 -12.90
N THR A 70 -5.58 -3.52 -14.18
CA THR A 70 -6.63 -3.72 -15.17
C THR A 70 -7.18 -5.14 -15.12
N VAL A 71 -8.48 -5.26 -14.84
CA VAL A 71 -9.12 -6.56 -14.76
C VAL A 71 -10.02 -6.80 -15.97
N HIS A 72 -11.23 -6.25 -15.93
CA HIS A 72 -12.18 -6.41 -17.02
C HIS A 72 -12.05 -5.27 -18.02
N GLY A 73 -10.82 -4.82 -18.24
CA GLY A 73 -10.58 -3.74 -19.17
C GLY A 73 -10.40 -2.40 -18.48
N LYS A 74 -10.21 -2.44 -17.17
CA LYS A 74 -10.03 -1.22 -16.38
C LYS A 74 -9.38 -1.53 -15.04
N ALA A 75 -8.49 -0.64 -14.59
CA ALA A 75 -7.79 -0.82 -13.32
C ALA A 75 -8.79 -1.08 -12.19
N GLN A 76 -8.55 -2.17 -11.44
CA GLN A 76 -9.43 -2.52 -10.33
C GLN A 76 -8.69 -2.39 -9.00
N ASN A 77 -9.31 -1.70 -8.05
CA ASN A 77 -8.72 -1.50 -6.74
C ASN A 77 -8.23 -2.82 -6.16
N LEU A 78 -6.91 -3.03 -6.18
CA LEU A 78 -6.32 -4.25 -5.65
C LEU A 78 -6.44 -4.31 -4.13
N GLN A 79 -7.34 -5.16 -3.64
CA GLN A 79 -7.56 -5.30 -2.21
C GLN A 79 -6.88 -6.56 -1.68
N TYR A 80 -7.10 -6.86 -0.41
CA TYR A 80 -6.51 -8.03 0.21
C TYR A 80 -6.80 -9.29 -0.61
N ALA A 81 -5.75 -10.05 -0.91
CA ALA A 81 -5.89 -11.28 -1.68
C ALA A 81 -6.09 -12.49 -0.77
N VAL A 82 -6.87 -13.46 -1.24
CA VAL A 82 -7.14 -14.67 -0.46
C VAL A 82 -6.01 -15.67 -0.61
N LEU A 83 -5.77 -16.46 0.43
CA LEU A 83 -4.72 -17.46 0.43
C LEU A 83 -4.97 -18.52 1.50
N THR A 84 -4.68 -19.78 1.16
CA THR A 84 -4.87 -20.88 2.09
C THR A 84 -4.01 -20.70 3.33
N ASP A 85 -2.89 -20.01 3.19
CA ASP A 85 -1.98 -19.77 4.30
C ASP A 85 -0.81 -18.89 3.86
N SER A 86 -0.35 -18.03 4.76
CA SER A 86 0.76 -17.13 4.48
C SER A 86 1.81 -17.19 5.58
N PRO A 87 3.08 -17.03 5.20
CA PRO A 87 4.19 -17.06 6.15
C PRO A 87 4.22 -15.84 7.06
N PHE A 88 3.63 -14.74 6.59
CA PHE A 88 3.57 -13.51 7.37
C PHE A 88 2.18 -13.30 7.95
N GLN A 89 1.56 -14.37 8.41
CA GLN A 89 0.23 -14.31 8.99
C GLN A 89 0.19 -13.31 10.15
N ASP A 90 1.34 -13.10 10.78
CA ASP A 90 1.44 -12.17 11.90
C ASP A 90 1.33 -10.73 11.42
N LYS A 91 1.69 -10.49 10.16
CA LYS A 91 1.63 -9.16 9.58
C LYS A 91 0.29 -8.93 8.89
N LEU A 92 -0.40 -10.01 8.57
CA LEU A 92 -1.70 -9.92 7.91
C LEU A 92 -2.78 -9.44 8.88
N ASP A 93 -2.80 -10.05 10.07
CA ASP A 93 -3.77 -9.67 11.09
C ASP A 93 -3.62 -8.20 11.48
N ARG A 94 -2.47 -7.63 11.16
CA ARG A 94 -2.20 -6.23 11.48
C ARG A 94 -3.33 -5.33 10.99
N LEU A 95 -3.78 -5.57 9.76
CA LEU A 95 -4.85 -4.79 9.17
C LEU A 95 -6.09 -4.80 10.06
N ALA A 96 -6.35 -5.95 10.68
CA ALA A 96 -7.51 -6.10 11.55
C ALA A 96 -7.14 -5.77 13.00
N ASP A 97 -5.98 -5.14 13.18
CA ASP A 97 -5.52 -4.78 14.52
C ASP A 97 -5.37 -3.27 14.64
N GLU A 98 -4.84 -2.82 15.77
CA GLU A 98 -4.65 -1.39 16.02
C GLU A 98 -3.28 -0.94 15.55
N ILE A 99 -3.04 0.37 15.60
CA ILE A 99 -1.76 0.93 15.19
C ILE A 99 -0.87 1.22 16.38
N ASN A 100 0.37 1.64 16.11
CA ASN A 100 1.32 1.95 17.17
C ASN A 100 1.82 3.39 17.04
N PRO A 101 1.03 4.33 17.58
CA PRO A 101 1.37 5.75 17.54
C PRO A 101 2.56 6.09 18.45
N GLY A 102 3.70 6.38 17.82
CA GLY A 102 4.90 6.72 18.58
C GLY A 102 5.89 5.57 18.63
N GLU A 103 5.60 4.51 17.87
CA GLU A 103 6.49 3.35 17.84
C GLU A 103 7.09 3.16 16.45
N THR A 104 8.22 2.48 16.38
CA THR A 104 8.89 2.23 15.12
C THR A 104 8.82 0.76 14.74
N ILE A 105 7.77 0.39 14.01
CA ILE A 105 7.58 -0.99 13.58
C ILE A 105 7.15 -1.05 12.12
N GLN A 106 6.95 -2.27 11.62
CA GLN A 106 6.54 -2.47 10.24
C GLN A 106 5.45 -3.53 10.14
N GLY A 107 5.12 -3.92 8.91
CA GLY A 107 4.09 -4.93 8.72
C GLY A 107 3.99 -5.38 7.27
N ALA A 108 2.83 -5.90 6.88
CA ALA A 108 2.61 -6.37 5.52
C ALA A 108 1.22 -5.99 5.03
N TYR A 109 0.94 -6.29 3.77
CA TYR A 109 -0.35 -5.97 3.18
C TYR A 109 -0.45 -6.51 1.75
N PRO A 110 -0.82 -7.79 1.63
CA PRO A 110 -0.96 -8.46 0.32
C PRO A 110 -2.14 -7.93 -0.47
N TYR A 111 -1.99 -7.88 -1.80
CA TYR A 111 -3.04 -7.39 -2.66
C TYR A 111 -3.39 -8.43 -3.73
N GLU A 112 -4.51 -8.21 -4.42
CA GLU A 112 -4.95 -9.13 -5.46
C GLU A 112 -3.90 -9.26 -6.56
N PHE A 113 -3.44 -10.48 -6.79
CA PHE A 113 -2.43 -10.73 -7.81
C PHE A 113 -3.06 -11.36 -9.05
N ILE A 114 -4.39 -11.38 -9.09
CA ILE A 114 -5.12 -11.94 -10.23
C ILE A 114 -4.48 -11.52 -11.55
N ASN A 115 -4.01 -10.28 -11.60
CA ASN A 115 -3.37 -9.75 -12.81
C ASN A 115 -1.89 -10.09 -12.83
N GLU A 116 -1.58 -11.37 -12.68
CA GLU A 116 -0.18 -11.82 -12.68
C GLU A 116 0.45 -11.58 -14.04
N ASN A 117 -0.37 -11.32 -15.05
CA ASN A 117 0.12 -11.06 -16.40
C ASN A 117 0.28 -9.57 -16.65
N LYS A 118 -0.66 -8.79 -16.11
CA LYS A 118 -0.62 -7.33 -16.28
C LYS A 118 0.27 -6.69 -15.22
N PRO A 119 0.78 -5.49 -15.53
CA PRO A 119 1.65 -4.74 -14.61
C PRO A 119 0.90 -4.21 -13.40
N VAL A 120 1.57 -4.20 -12.25
CA VAL A 120 0.96 -3.72 -11.02
C VAL A 120 0.88 -2.20 -11.00
N HIS A 121 -0.29 -1.67 -11.36
CA HIS A 121 -0.50 -0.23 -11.38
C HIS A 121 -0.57 0.34 -9.96
N PHE A 122 0.59 0.51 -9.34
CA PHE A 122 0.66 1.04 -7.98
C PHE A 122 0.32 2.52 -7.96
N LYS A 123 -0.65 2.90 -7.12
CA LYS A 123 -1.06 4.29 -7.01
C LYS A 123 -1.06 4.74 -5.54
N PHE A 124 -1.37 6.01 -5.32
CA PHE A 124 -1.41 6.56 -3.98
C PHE A 124 -2.60 7.50 -3.80
N ARG A 125 -2.66 8.15 -2.65
CA ARG A 125 -3.76 9.08 -2.36
C ARG A 125 -3.96 10.06 -3.50
N ASP A 126 -4.99 9.82 -4.30
CA ASP A 126 -5.30 10.69 -5.43
C ASP A 126 -6.32 11.75 -5.04
N ARG A 127 -7.05 11.49 -3.97
CA ARG A 127 -8.07 12.42 -3.49
C ARG A 127 -8.42 12.15 -2.03
N LEU A 128 -8.66 13.22 -1.29
CA LEU A 128 -9.00 13.10 0.13
C LEU A 128 -9.20 14.47 0.76
N LEU A 129 -8.42 15.45 0.29
CA LEU A 129 -8.52 16.81 0.81
C LEU A 129 -7.56 17.74 0.06
N SER A 130 -7.37 17.48 -1.23
CA SER A 130 -6.47 18.29 -2.05
C SER A 130 -6.98 18.35 -3.49
N LEU A 131 -7.44 17.22 -4.00
CA LEU A 131 -7.94 17.14 -5.37
C LEU A 131 -6.93 17.72 -6.36
N ASP A 132 -5.68 17.80 -5.93
CA ASP A 132 -4.62 18.33 -6.77
C ASP A 132 -3.62 17.24 -7.15
N GLU A 133 -4.11 16.25 -7.90
CA GLU A 133 -3.26 15.15 -8.33
C GLU A 133 -2.77 14.33 -7.13
N PRO A 134 -2.49 13.04 -7.37
CA PRO A 134 -2.01 12.13 -6.33
C PRO A 134 -0.59 12.46 -5.87
N ILE A 135 -0.12 11.76 -4.86
CA ILE A 135 1.23 11.97 -4.33
C ILE A 135 2.25 11.10 -5.04
N ALA A 136 1.82 9.92 -5.48
CA ALA A 136 2.70 8.99 -6.18
C ALA A 136 1.89 8.02 -7.05
N SER A 137 2.56 7.40 -8.01
CA SER A 137 1.91 6.45 -8.90
C SER A 137 2.90 5.89 -9.92
N GLU A 138 2.92 4.57 -10.07
CA GLU A 138 3.82 3.92 -11.01
C GLU A 138 3.46 2.45 -11.16
N GLU A 139 4.00 1.83 -12.21
CA GLU A 139 3.74 0.42 -12.48
C GLU A 139 4.92 -0.46 -12.05
N ILE A 140 4.62 -1.70 -11.68
CA ILE A 140 5.65 -2.63 -11.24
C ILE A 140 5.31 -4.06 -11.63
N THR A 141 6.19 -4.69 -12.40
CA THR A 141 5.97 -6.07 -12.84
C THR A 141 6.56 -7.06 -11.85
N ILE A 142 5.90 -7.22 -10.72
CA ILE A 142 6.37 -8.15 -9.68
C ILE A 142 6.20 -9.59 -10.13
N THR A 143 7.30 -10.34 -10.12
CA THR A 143 7.28 -11.74 -10.52
C THR A 143 8.55 -12.46 -10.08
N MET A 1 8.49 27.45 -11.66
CA MET A 1 7.05 27.27 -11.64
C MET A 1 6.64 26.01 -12.39
N ASP A 2 6.09 25.05 -11.66
CA ASP A 2 5.66 23.78 -12.26
C ASP A 2 4.45 23.21 -11.51
N GLU A 3 3.69 24.09 -10.86
CA GLU A 3 2.52 23.67 -10.10
C GLU A 3 2.91 22.72 -8.97
N VAL A 4 2.97 23.25 -7.75
CA VAL A 4 3.33 22.46 -6.59
C VAL A 4 2.47 21.21 -6.49
N LEU A 5 3.04 20.15 -5.92
CA LEU A 5 2.32 18.89 -5.77
C LEU A 5 2.08 18.58 -4.29
N ALA A 6 0.89 18.09 -3.98
CA ALA A 6 0.53 17.75 -2.60
C ALA A 6 0.53 18.99 -1.72
N THR A 7 0.43 20.16 -2.34
CA THR A 7 0.42 21.41 -1.60
C THR A 7 1.59 21.50 -0.63
N SER A 8 2.75 21.04 -1.07
CA SER A 8 3.95 21.05 -0.24
C SER A 8 3.69 20.39 1.11
N ILE A 9 2.79 19.41 1.10
CA ILE A 9 2.45 18.68 2.33
C ILE A 9 3.28 17.41 2.45
N GLY A 10 2.94 16.41 1.65
CA GLY A 10 3.66 15.15 1.69
C GLY A 10 4.74 15.07 0.63
N THR A 11 5.24 13.86 0.40
CA THR A 11 6.30 13.65 -0.59
C THR A 11 6.57 12.17 -0.79
N TYR A 12 6.84 11.77 -2.03
CA TYR A 12 7.12 10.39 -2.35
C TYR A 12 8.35 10.27 -3.25
N GLU A 13 9.47 9.86 -2.65
CA GLU A 13 10.71 9.70 -3.39
C GLU A 13 11.80 9.11 -2.51
N ASN A 14 12.94 8.78 -3.13
CA ASN A 14 14.06 8.20 -2.40
C ASN A 14 13.64 6.92 -1.68
N ARG A 15 12.67 6.21 -2.27
CA ARG A 15 12.18 4.96 -1.69
C ARG A 15 11.58 5.21 -0.31
N THR A 16 10.79 6.28 -0.20
CA THR A 16 10.15 6.63 1.06
C THR A 16 8.96 7.55 0.83
N LEU A 17 7.92 7.38 1.64
CA LEU A 17 6.72 8.21 1.54
C LEU A 17 6.45 8.95 2.84
N LEU A 18 5.77 10.08 2.73
CA LEU A 18 5.45 10.90 3.91
C LEU A 18 4.02 11.44 3.82
N VAL A 19 3.19 11.05 4.78
CA VAL A 19 1.81 11.49 4.81
C VAL A 19 1.54 12.38 6.03
N PRO A 20 0.51 13.23 5.94
CA PRO A 20 0.12 14.13 7.01
C PRO A 20 -0.48 13.39 8.21
N ASP A 21 -0.72 12.10 8.04
CA ASP A 21 -1.28 11.28 9.11
C ASP A 21 -0.38 10.09 9.41
N GLY A 22 0.91 10.24 9.14
CA GLY A 22 1.85 9.18 9.39
C GLY A 22 3.10 9.30 8.54
N ARG A 23 3.69 8.15 8.19
CA ARG A 23 4.90 8.13 7.38
C ARG A 23 5.19 6.71 6.87
N LEU A 24 5.04 6.53 5.56
CA LEU A 24 5.28 5.22 4.96
C LEU A 24 6.71 5.14 4.42
N ALA A 25 7.04 3.99 3.83
CA ALA A 25 8.37 3.77 3.28
C ALA A 25 8.49 2.39 2.63
N LEU A 26 9.02 2.35 1.42
CA LEU A 26 9.18 1.10 0.70
C LEU A 26 10.39 0.33 1.21
N THR A 27 10.14 -0.66 2.05
CA THR A 27 11.21 -1.48 2.61
C THR A 27 11.77 -2.45 1.58
N ALA A 28 10.92 -3.32 1.07
CA ALA A 28 11.32 -4.29 0.06
C ALA A 28 10.16 -5.23 -0.30
N LEU A 29 9.40 -4.83 -1.31
CA LEU A 29 8.26 -5.63 -1.76
C LEU A 29 8.70 -7.06 -2.10
N HIS A 30 7.94 -8.04 -1.60
CA HIS A 30 8.26 -9.44 -1.85
C HIS A 30 7.03 -10.18 -2.39
N LYS A 31 7.26 -11.14 -3.27
CA LYS A 31 6.18 -11.92 -3.85
C LYS A 31 5.84 -13.12 -2.99
N GLY A 32 4.86 -13.91 -3.42
CA GLY A 32 4.46 -15.08 -2.66
C GLY A 32 3.50 -15.97 -3.45
N LYS A 33 2.77 -16.81 -2.73
CA LYS A 33 1.81 -17.72 -3.35
C LYS A 33 0.52 -17.80 -2.54
N ASP A 34 -0.60 -17.99 -3.23
CA ASP A 34 -1.89 -18.09 -2.58
C ASP A 34 -2.53 -19.46 -2.82
N TYR A 35 -3.85 -19.52 -2.68
CA TYR A 35 -4.58 -20.77 -2.89
C TYR A 35 -4.26 -21.37 -4.26
N GLN A 36 -4.07 -20.48 -5.25
CA GLN A 36 -3.76 -20.92 -6.60
C GLN A 36 -2.25 -20.98 -6.82
N GLY A 37 -1.50 -21.07 -5.73
CA GLY A 37 -0.05 -21.14 -5.82
C GLY A 37 0.49 -20.33 -6.99
N LYS A 38 0.02 -19.10 -7.13
CA LYS A 38 0.46 -18.23 -8.22
C LYS A 38 0.09 -16.78 -7.93
N PRO A 39 -1.21 -16.48 -7.94
CA PRO A 39 -1.72 -15.13 -7.68
C PRO A 39 -1.54 -14.71 -6.23
N MET A 40 -0.39 -14.12 -5.92
CA MET A 40 -0.09 -13.68 -4.56
C MET A 40 1.07 -12.68 -4.56
N PHE A 41 0.98 -11.69 -3.68
CA PHE A 41 2.02 -10.68 -3.57
C PHE A 41 2.01 -10.04 -2.18
N TYR A 42 3.17 -9.53 -1.76
CA TYR A 42 3.30 -8.88 -0.46
C TYR A 42 3.96 -7.52 -0.58
N VAL A 43 3.26 -6.48 -0.14
CA VAL A 43 3.79 -5.12 -0.20
C VAL A 43 4.47 -4.73 1.12
N LEU A 44 5.76 -4.97 1.20
CA LEU A 44 6.52 -4.65 2.40
C LEU A 44 6.68 -3.14 2.56
N PHE A 45 5.91 -2.56 3.48
CA PHE A 45 5.97 -1.13 3.73
C PHE A 45 6.23 -0.83 5.21
N GLU A 46 6.81 0.33 5.47
CA GLU A 46 7.11 0.73 6.85
C GLU A 46 6.22 1.88 7.29
N LEU A 47 4.96 1.57 7.58
CA LEU A 47 4.00 2.59 8.02
C LEU A 47 4.14 2.85 9.52
N THR A 48 4.53 4.08 9.87
CA THR A 48 4.70 4.45 11.26
C THR A 48 3.48 5.21 11.77
N ASN A 49 2.66 4.52 12.57
CA ASN A 49 1.46 5.13 13.13
C ASN A 49 1.80 6.37 13.95
N THR A 50 1.59 7.55 13.37
CA THR A 50 1.87 8.79 14.05
C THR A 50 0.73 9.19 14.98
N THR A 51 -0.43 8.58 14.77
CA THR A 51 -1.60 8.87 15.60
C THR A 51 -1.37 8.46 17.05
N GLU A 52 -2.44 8.45 17.83
CA GLU A 52 -2.35 8.08 19.24
C GLU A 52 -3.44 7.07 19.60
N LYS A 53 -3.96 6.37 18.59
CA LYS A 53 -5.01 5.38 18.80
C LYS A 53 -4.51 3.98 18.46
N THR A 54 -5.19 2.97 19.00
CA THR A 54 -4.81 1.58 18.76
C THR A 54 -5.75 0.93 17.75
N GLN A 55 -6.38 1.76 16.91
CA GLN A 55 -7.31 1.26 15.90
C GLN A 55 -6.60 0.30 14.95
N ASN A 56 -7.34 -0.18 13.95
CA ASN A 56 -6.79 -1.11 12.97
C ASN A 56 -5.59 -0.49 12.25
N ILE A 57 -5.04 -1.23 11.29
CA ILE A 57 -3.89 -0.75 10.54
C ILE A 57 -4.28 -0.40 9.10
N GLN A 58 -4.82 -1.38 8.39
CA GLN A 58 -5.23 -1.17 7.01
C GLN A 58 -6.11 0.07 6.88
N LEU A 59 -6.79 0.42 7.97
CA LEU A 59 -7.66 1.58 7.98
C LEU A 59 -6.91 2.83 7.50
N MET A 60 -5.60 2.85 7.74
CA MET A 60 -4.77 3.98 7.33
C MET A 60 -4.14 3.71 5.97
N ILE A 61 -3.59 2.52 5.80
CA ILE A 61 -2.94 2.15 4.54
C ILE A 61 -3.89 2.32 3.37
N GLN A 62 -5.16 1.94 3.56
CA GLN A 62 -6.16 2.06 2.52
C GLN A 62 -6.43 3.51 2.18
N SER A 63 -5.98 4.42 3.06
CA SER A 63 -6.18 5.84 2.86
C SER A 63 -4.90 6.49 2.34
N PHE A 64 -3.76 5.86 2.61
CA PHE A 64 -2.47 6.38 2.17
C PHE A 64 -2.12 5.85 0.79
N MET A 65 -2.51 4.62 0.50
CA MET A 65 -2.23 4.00 -0.79
C MET A 65 -3.46 3.25 -1.30
N GLU A 66 -3.69 3.35 -2.61
CA GLU A 66 -4.83 2.69 -3.23
C GLU A 66 -4.38 1.85 -4.42
N VAL A 67 -4.17 0.57 -4.17
CA VAL A 67 -3.73 -0.36 -5.23
C VAL A 67 -4.91 -0.80 -6.08
N SER A 68 -4.72 -0.74 -7.40
CA SER A 68 -5.78 -1.14 -8.33
C SER A 68 -5.18 -1.73 -9.61
N GLN A 69 -5.97 -2.55 -10.30
CA GLN A 69 -5.51 -3.18 -11.53
C GLN A 69 -6.69 -3.50 -12.44
N THR A 70 -6.47 -3.36 -13.75
CA THR A 70 -7.52 -3.63 -14.73
C THR A 70 -8.00 -5.07 -14.64
N VAL A 71 -9.26 -5.29 -14.99
CA VAL A 71 -9.83 -6.63 -14.96
C VAL A 71 -10.44 -7.01 -16.31
N HIS A 72 -11.72 -6.67 -16.49
CA HIS A 72 -12.41 -6.98 -17.74
C HIS A 72 -12.28 -5.82 -18.72
N GLY A 73 -11.22 -5.04 -18.58
CA GLY A 73 -10.99 -3.91 -19.46
C GLY A 73 -11.11 -2.58 -18.73
N LYS A 74 -11.15 -2.63 -17.40
CA LYS A 74 -11.26 -1.42 -16.59
C LYS A 74 -10.60 -1.63 -15.24
N ALA A 75 -10.02 -0.55 -14.71
CA ALA A 75 -9.36 -0.61 -13.40
C ALA A 75 -10.29 -1.16 -12.34
N GLN A 76 -9.71 -1.86 -11.36
CA GLN A 76 -10.51 -2.44 -10.27
C GLN A 76 -9.71 -2.46 -8.98
N ASN A 77 -10.38 -2.15 -7.87
CA ASN A 77 -9.74 -2.13 -6.56
C ASN A 77 -9.46 -3.54 -6.06
N LEU A 78 -8.21 -3.80 -5.68
CA LEU A 78 -7.82 -5.12 -5.18
C LEU A 78 -8.06 -5.23 -3.69
N GLN A 79 -8.68 -6.33 -3.27
CA GLN A 79 -8.96 -6.55 -1.86
C GLN A 79 -8.01 -7.58 -1.26
N TYR A 80 -8.11 -7.80 0.04
CA TYR A 80 -7.25 -8.77 0.73
C TYR A 80 -7.18 -10.07 -0.05
N ALA A 81 -5.96 -10.44 -0.46
CA ALA A 81 -5.74 -11.67 -1.21
C ALA A 81 -5.72 -12.88 -0.28
N VAL A 82 -6.71 -13.75 -0.42
CA VAL A 82 -6.81 -14.95 0.40
C VAL A 82 -5.72 -15.96 0.02
N LEU A 83 -5.12 -16.58 1.04
CA LEU A 83 -4.07 -17.57 0.82
C LEU A 83 -4.14 -18.69 1.85
N THR A 84 -3.74 -19.89 1.45
CA THR A 84 -3.76 -21.04 2.35
C THR A 84 -2.68 -20.92 3.41
N ASP A 85 -1.60 -20.21 3.08
CA ASP A 85 -0.49 -20.02 4.01
C ASP A 85 0.55 -19.07 3.42
N SER A 86 1.17 -18.28 4.28
CA SER A 86 2.18 -17.32 3.85
C SER A 86 3.30 -17.22 4.88
N PRO A 87 4.53 -16.97 4.39
CA PRO A 87 5.71 -16.84 5.25
C PRO A 87 5.68 -15.58 6.10
N PHE A 88 4.98 -14.57 5.62
CA PHE A 88 4.86 -13.29 6.34
C PHE A 88 3.53 -13.20 7.06
N GLN A 89 3.08 -14.31 7.62
CA GLN A 89 1.81 -14.35 8.34
C GLN A 89 1.79 -13.31 9.46
N ASP A 90 2.97 -13.03 10.02
CA ASP A 90 3.08 -12.06 11.09
C ASP A 90 2.83 -10.64 10.58
N LYS A 91 2.79 -10.49 9.27
CA LYS A 91 2.56 -9.20 8.64
C LYS A 91 1.16 -9.14 8.03
N LEU A 92 0.60 -10.30 7.72
CA LEU A 92 -0.73 -10.37 7.12
C LEU A 92 -1.81 -10.02 8.15
N ASP A 93 -1.81 -10.75 9.25
CA ASP A 93 -2.79 -10.52 10.32
C ASP A 93 -2.80 -9.05 10.73
N ARG A 94 -1.69 -8.36 10.50
CA ARG A 94 -1.57 -6.95 10.85
C ARG A 94 -2.77 -6.17 10.31
N LEU A 95 -3.15 -6.45 9.07
CA LEU A 95 -4.28 -5.77 8.45
C LEU A 95 -5.51 -5.83 9.34
N ALA A 96 -5.75 -6.99 9.93
CA ALA A 96 -6.90 -7.17 10.81
C ALA A 96 -6.51 -6.96 12.26
N ASP A 97 -5.33 -6.41 12.49
CA ASP A 97 -4.84 -6.16 13.84
C ASP A 97 -4.76 -4.66 14.11
N GLU A 98 -4.16 -4.30 15.24
CA GLU A 98 -4.02 -2.90 15.62
C GLU A 98 -2.65 -2.35 15.23
N ILE A 99 -2.44 -1.07 15.43
CA ILE A 99 -1.17 -0.43 15.10
C ILE A 99 -0.43 0.00 16.35
N ASN A 100 0.76 0.57 16.17
CA ASN A 100 1.58 1.02 17.28
C ASN A 100 1.84 2.52 17.19
N PRO A 101 0.94 3.32 17.76
CA PRO A 101 1.05 4.78 17.76
C PRO A 101 2.19 5.28 18.65
N GLY A 102 3.33 5.59 18.02
CA GLY A 102 4.48 6.07 18.77
C GLY A 102 5.66 5.11 18.71
N GLU A 103 5.52 4.06 17.90
CA GLU A 103 6.58 3.08 17.74
C GLU A 103 6.99 2.94 16.28
N THR A 104 8.21 2.46 16.06
CA THR A 104 8.74 2.28 14.71
C THR A 104 8.64 0.83 14.28
N ILE A 105 7.68 0.54 13.40
CA ILE A 105 7.49 -0.81 12.90
C ILE A 105 7.10 -0.81 11.43
N GLN A 106 6.73 -1.98 10.92
CA GLN A 106 6.33 -2.11 9.51
C GLN A 106 5.21 -3.13 9.36
N GLY A 107 4.83 -3.38 8.11
CA GLY A 107 3.76 -4.33 7.85
C GLY A 107 3.63 -4.67 6.37
N ALA A 108 2.49 -5.23 5.99
CA ALA A 108 2.24 -5.60 4.61
C ALA A 108 0.77 -5.45 4.26
N TYR A 109 0.45 -5.64 2.98
CA TYR A 109 -0.93 -5.53 2.51
C TYR A 109 -1.16 -6.39 1.27
N PRO A 110 -1.32 -7.70 1.48
CA PRO A 110 -1.54 -8.66 0.40
C PRO A 110 -2.92 -8.48 -0.24
N TYR A 111 -2.93 -8.07 -1.50
CA TYR A 111 -4.18 -7.87 -2.23
C TYR A 111 -4.27 -8.81 -3.43
N GLU A 112 -5.42 -8.79 -4.11
CA GLU A 112 -5.64 -9.64 -5.26
C GLU A 112 -4.49 -9.51 -6.26
N PHE A 113 -3.90 -10.65 -6.63
CA PHE A 113 -2.80 -10.66 -7.58
C PHE A 113 -3.23 -11.27 -8.91
N ILE A 114 -4.53 -11.53 -9.04
CA ILE A 114 -5.08 -12.11 -10.26
C ILE A 114 -4.46 -11.46 -11.50
N ASN A 115 -4.20 -10.16 -11.42
CA ASN A 115 -3.62 -9.42 -12.54
C ASN A 115 -2.10 -9.45 -12.46
N GLU A 116 -1.54 -10.64 -12.22
CA GLU A 116 -0.09 -10.80 -12.11
C GLU A 116 0.58 -10.51 -13.45
N ASN A 117 -0.17 -10.71 -14.54
CA ASN A 117 0.35 -10.48 -15.88
C ASN A 117 0.27 -9.00 -16.25
N LYS A 118 -0.59 -8.27 -15.54
CA LYS A 118 -0.77 -6.84 -15.80
C LYS A 118 -0.03 -6.01 -14.76
N PRO A 119 0.35 -4.78 -15.15
CA PRO A 119 1.06 -3.86 -14.27
C PRO A 119 0.20 -3.34 -13.13
N VAL A 120 0.80 -3.16 -11.96
CA VAL A 120 0.08 -2.66 -10.79
C VAL A 120 0.31 -1.17 -10.61
N HIS A 121 -0.77 -0.39 -10.72
CA HIS A 121 -0.70 1.05 -10.56
C HIS A 121 -0.41 1.42 -9.10
N PHE A 122 0.87 1.43 -8.74
CA PHE A 122 1.26 1.77 -7.38
C PHE A 122 1.22 3.28 -7.16
N LYS A 123 0.07 3.78 -6.74
CA LYS A 123 -0.11 5.20 -6.49
C LYS A 123 -0.21 5.48 -4.99
N PHE A 124 -0.12 6.76 -4.62
CA PHE A 124 -0.21 7.15 -3.23
C PHE A 124 -0.96 8.48 -3.09
N ARG A 125 -2.01 8.46 -2.28
CA ARG A 125 -2.81 9.67 -2.06
C ARG A 125 -3.78 9.47 -0.89
N ASP A 126 -4.05 10.55 -0.17
CA ASP A 126 -4.95 10.50 0.97
C ASP A 126 -5.88 11.71 0.98
N ARG A 127 -5.35 12.86 1.35
CA ARG A 127 -6.13 14.09 1.41
C ARG A 127 -5.23 15.32 1.20
N LEU A 128 -4.61 15.38 0.02
CA LEU A 128 -3.74 16.50 -0.30
C LEU A 128 -4.33 17.34 -1.43
N LEU A 129 -5.61 17.16 -1.69
CA LEU A 129 -6.29 17.90 -2.74
C LEU A 129 -5.54 17.81 -4.06
N SER A 130 -5.48 16.61 -4.62
CA SER A 130 -4.79 16.38 -5.88
C SER A 130 -5.61 16.90 -7.06
N LEU A 131 -6.88 16.51 -7.10
CA LEU A 131 -7.77 16.94 -8.18
C LEU A 131 -7.43 16.24 -9.48
N ASP A 132 -6.25 16.56 -10.02
CA ASP A 132 -5.80 15.95 -11.27
C ASP A 132 -5.13 14.61 -11.01
N GLU A 133 -3.93 14.65 -10.45
CA GLU A 133 -3.18 13.43 -10.15
C GLU A 133 -2.64 13.46 -8.73
N PRO A 134 -2.37 12.26 -8.18
CA PRO A 134 -1.86 12.11 -6.82
C PRO A 134 -0.41 12.61 -6.68
N ILE A 135 0.11 12.57 -5.47
CA ILE A 135 1.48 13.01 -5.21
C ILE A 135 2.49 12.12 -5.91
N ALA A 136 2.15 10.84 -6.05
CA ALA A 136 3.02 9.88 -6.69
C ALA A 136 2.22 8.81 -7.43
N SER A 137 2.88 8.12 -8.35
CA SER A 137 2.22 7.08 -9.14
C SER A 137 3.21 6.36 -10.04
N GLU A 138 2.93 5.10 -10.35
CA GLU A 138 3.80 4.31 -11.21
C GLU A 138 3.19 2.95 -11.50
N GLU A 139 3.74 2.26 -12.50
CA GLU A 139 3.24 0.94 -12.88
C GLU A 139 4.30 -0.13 -12.62
N ILE A 140 3.96 -1.09 -11.76
CA ILE A 140 4.87 -2.18 -11.43
C ILE A 140 4.16 -3.53 -11.46
N THR A 141 4.68 -4.44 -12.28
CA THR A 141 4.09 -5.76 -12.41
C THR A 141 4.67 -6.72 -11.37
N ILE A 142 5.36 -6.16 -10.38
CA ILE A 142 5.96 -6.96 -9.33
C ILE A 142 6.67 -8.19 -9.90
N THR A 143 7.91 -8.02 -10.31
CA THR A 143 8.70 -9.11 -10.88
C THR A 143 10.19 -8.87 -10.68
N MET A 1 9.81 23.93 -12.54
CA MET A 1 10.88 24.88 -12.29
C MET A 1 10.66 25.60 -10.95
N ASP A 2 9.46 26.15 -10.78
CA ASP A 2 9.13 26.85 -9.54
C ASP A 2 7.71 26.52 -9.10
N GLU A 3 7.56 25.40 -8.40
CA GLU A 3 6.27 24.97 -7.91
C GLU A 3 6.41 23.90 -6.82
N VAL A 4 5.87 24.20 -5.65
CA VAL A 4 5.94 23.27 -4.53
C VAL A 4 5.17 21.99 -4.82
N LEU A 5 5.54 20.92 -4.14
CA LEU A 5 4.88 19.62 -4.33
C LEU A 5 4.30 19.11 -3.01
N ALA A 6 3.08 18.58 -3.07
CA ALA A 6 2.41 18.05 -1.89
C ALA A 6 2.17 19.15 -0.86
N THR A 7 2.19 20.39 -1.33
CA THR A 7 1.97 21.54 -0.44
C THR A 7 2.96 21.54 0.72
N SER A 8 4.19 21.14 0.43
CA SER A 8 5.24 21.10 1.45
C SER A 8 4.87 20.10 2.55
N ILE A 9 4.23 19.00 2.17
CA ILE A 9 3.83 17.98 3.12
C ILE A 9 4.19 16.59 2.61
N GLY A 10 3.42 16.10 1.65
CA GLY A 10 3.66 14.78 1.09
C GLY A 10 4.93 14.73 0.27
N THR A 11 5.30 13.54 -0.20
CA THR A 11 6.50 13.36 -1.00
C THR A 11 6.64 11.92 -1.46
N TYR A 12 7.45 11.70 -2.49
CA TYR A 12 7.67 10.37 -3.02
C TYR A 12 9.09 10.23 -3.57
N GLU A 13 9.99 9.71 -2.74
CA GLU A 13 11.38 9.53 -3.14
C GLU A 13 12.16 8.81 -2.05
N ASN A 14 13.38 8.40 -2.38
CA ASN A 14 14.24 7.71 -1.42
C ASN A 14 13.54 6.48 -0.86
N ARG A 15 12.80 5.78 -1.72
CA ARG A 15 12.07 4.59 -1.29
C ARG A 15 11.12 4.90 -0.14
N THR A 16 10.41 6.01 -0.25
CA THR A 16 9.48 6.43 0.78
C THR A 16 8.34 7.25 0.19
N LEU A 17 7.17 7.18 0.81
CA LEU A 17 6.00 7.91 0.35
C LEU A 17 5.30 8.62 1.51
N LEU A 18 5.63 9.89 1.70
CA LEU A 18 5.05 10.68 2.78
C LEU A 18 3.55 10.93 2.52
N VAL A 19 2.75 10.77 3.56
CA VAL A 19 1.31 10.98 3.45
C VAL A 19 0.74 11.59 4.72
N PRO A 20 -0.39 12.30 4.59
CA PRO A 20 -1.06 12.94 5.73
C PRO A 20 -1.70 11.92 6.68
N ASP A 21 -1.39 12.05 7.96
CA ASP A 21 -1.93 11.15 8.97
C ASP A 21 -1.22 9.79 8.93
N GLY A 22 -0.02 9.79 8.35
CA GLY A 22 0.74 8.56 8.26
C GLY A 22 2.14 8.78 7.70
N ARG A 23 2.87 7.70 7.50
CA ARG A 23 4.23 7.78 6.97
C ARG A 23 4.66 6.45 6.35
N LEU A 24 4.32 6.27 5.07
CA LEU A 24 4.68 5.04 4.36
C LEU A 24 6.11 5.10 3.85
N ALA A 25 6.86 4.03 4.10
CA ALA A 25 8.25 3.96 3.66
C ALA A 25 8.55 2.62 3.02
N LEU A 26 8.54 2.57 1.69
CA LEU A 26 8.81 1.34 0.96
C LEU A 26 10.17 0.76 1.36
N THR A 27 10.18 -0.52 1.69
CA THR A 27 11.41 -1.20 2.10
C THR A 27 11.92 -2.11 0.98
N ALA A 28 11.05 -3.01 0.51
CA ALA A 28 11.41 -3.94 -0.55
C ALA A 28 10.28 -4.92 -0.82
N LEU A 29 9.44 -4.60 -1.79
CA LEU A 29 8.32 -5.46 -2.14
C LEU A 29 8.80 -6.88 -2.47
N HIS A 30 7.97 -7.87 -2.13
CA HIS A 30 8.31 -9.26 -2.37
C HIS A 30 7.10 -10.03 -2.87
N LYS A 31 7.34 -11.06 -3.69
CA LYS A 31 6.27 -11.88 -4.24
C LYS A 31 6.31 -13.29 -3.66
N GLY A 32 5.15 -13.94 -3.62
CA GLY A 32 5.09 -15.29 -3.09
C GLY A 32 4.06 -16.14 -3.82
N LYS A 33 3.43 -17.06 -3.08
CA LYS A 33 2.43 -17.95 -3.67
C LYS A 33 1.16 -17.96 -2.82
N ASP A 34 0.02 -18.13 -3.47
CA ASP A 34 -1.26 -18.18 -2.78
C ASP A 34 -1.95 -19.52 -2.98
N TYR A 35 -3.27 -19.53 -2.84
CA TYR A 35 -4.06 -20.75 -3.00
C TYR A 35 -3.76 -21.41 -4.35
N GLN A 36 -3.47 -20.58 -5.35
CA GLN A 36 -3.17 -21.08 -6.69
C GLN A 36 -1.67 -21.10 -6.93
N GLY A 37 -0.90 -21.11 -5.86
CA GLY A 37 0.56 -21.12 -5.98
C GLY A 37 1.04 -20.35 -7.19
N LYS A 38 0.53 -19.13 -7.35
CA LYS A 38 0.91 -18.27 -8.47
C LYS A 38 0.49 -16.83 -8.22
N PRO A 39 -0.82 -16.59 -8.21
CA PRO A 39 -1.39 -15.25 -7.99
C PRO A 39 -1.19 -14.79 -6.55
N MET A 40 -0.04 -14.18 -6.28
CA MET A 40 0.27 -13.67 -4.95
C MET A 40 1.27 -12.52 -5.02
N PHE A 41 1.21 -11.63 -4.04
CA PHE A 41 2.10 -10.48 -3.98
C PHE A 41 2.01 -9.77 -2.64
N TYR A 42 3.13 -9.26 -2.16
CA TYR A 42 3.17 -8.56 -0.88
C TYR A 42 3.80 -7.18 -1.04
N VAL A 43 3.26 -6.20 -0.30
CA VAL A 43 3.76 -4.84 -0.36
C VAL A 43 4.55 -4.49 0.90
N LEU A 44 5.86 -4.75 0.86
CA LEU A 44 6.73 -4.47 1.99
C LEU A 44 6.93 -2.96 2.17
N PHE A 45 6.14 -2.37 3.06
CA PHE A 45 6.23 -0.94 3.33
C PHE A 45 6.31 -0.66 4.83
N GLU A 46 6.76 0.53 5.18
CA GLU A 46 6.88 0.93 6.58
C GLU A 46 5.78 1.90 6.98
N LEU A 47 4.60 1.36 7.30
CA LEU A 47 3.46 2.19 7.69
C LEU A 47 3.60 2.63 9.14
N THR A 48 3.79 3.93 9.34
CA THR A 48 3.92 4.49 10.68
C THR A 48 2.74 5.38 11.04
N ASN A 49 2.10 5.08 12.15
CA ASN A 49 0.94 5.86 12.60
C ASN A 49 1.38 7.14 13.29
N THR A 50 1.58 8.20 12.50
CA THR A 50 2.01 9.47 13.04
C THR A 50 0.88 10.14 13.83
N THR A 51 -0.31 9.58 13.74
CA THR A 51 -1.47 10.12 14.44
C THR A 51 -1.36 9.88 15.94
N GLU A 52 -2.48 10.04 16.64
CA GLU A 52 -2.51 9.84 18.09
C GLU A 52 -3.66 8.93 18.49
N LYS A 53 -4.17 8.16 17.53
CA LYS A 53 -5.27 7.25 17.77
C LYS A 53 -4.80 5.80 17.73
N THR A 54 -5.59 4.91 18.32
CA THR A 54 -5.24 3.48 18.34
C THR A 54 -6.14 2.69 17.39
N GLN A 55 -6.69 3.38 16.39
CA GLN A 55 -7.57 2.73 15.42
C GLN A 55 -6.83 1.59 14.71
N ASN A 56 -7.54 0.93 13.80
CA ASN A 56 -6.97 -0.18 13.05
C ASN A 56 -5.86 0.31 12.12
N ILE A 57 -5.15 -0.64 11.49
CA ILE A 57 -4.06 -0.31 10.59
C ILE A 57 -4.57 -0.26 9.14
N GLN A 58 -5.19 -1.34 8.69
CA GLN A 58 -5.71 -1.42 7.34
C GLN A 58 -6.56 -0.21 7.01
N LEU A 59 -7.24 0.33 8.02
CA LEU A 59 -8.09 1.50 7.85
C LEU A 59 -7.31 2.65 7.21
N MET A 60 -6.00 2.65 7.41
CA MET A 60 -5.14 3.69 6.86
C MET A 60 -4.54 3.25 5.52
N ILE A 61 -4.02 2.03 5.49
CA ILE A 61 -3.42 1.50 4.27
C ILE A 61 -4.42 1.51 3.12
N GLN A 62 -5.67 1.25 3.41
CA GLN A 62 -6.72 1.24 2.40
C GLN A 62 -7.21 2.65 2.10
N SER A 63 -6.61 3.63 2.77
CA SER A 63 -6.97 5.03 2.58
C SER A 63 -5.79 5.85 2.10
N PHE A 64 -4.64 5.18 1.93
CA PHE A 64 -3.43 5.84 1.47
C PHE A 64 -2.97 5.29 0.13
N MET A 65 -3.03 3.97 0.00
CA MET A 65 -2.63 3.31 -1.24
C MET A 65 -3.81 2.60 -1.90
N GLU A 66 -4.19 3.06 -3.08
CA GLU A 66 -5.32 2.48 -3.81
C GLU A 66 -4.82 1.66 -5.00
N VAL A 67 -4.56 0.38 -4.76
CA VAL A 67 -4.09 -0.51 -5.81
C VAL A 67 -5.25 -1.17 -6.55
N SER A 68 -5.06 -1.44 -7.84
CA SER A 68 -6.08 -2.06 -8.65
C SER A 68 -5.54 -2.44 -10.03
N GLN A 69 -6.22 -3.37 -10.69
CA GLN A 69 -5.80 -3.84 -12.01
C GLN A 69 -7.00 -4.10 -12.90
N THR A 70 -6.77 -4.11 -14.22
CA THR A 70 -7.84 -4.36 -15.17
C THR A 70 -8.42 -5.76 -15.01
N VAL A 71 -9.73 -5.83 -14.77
CA VAL A 71 -10.41 -7.11 -14.60
C VAL A 71 -11.51 -7.29 -15.63
N HIS A 72 -11.24 -8.06 -16.66
CA HIS A 72 -12.23 -8.32 -17.71
C HIS A 72 -12.55 -7.03 -18.46
N GLY A 73 -11.72 -6.01 -18.28
CA GLY A 73 -11.94 -4.74 -18.95
C GLY A 73 -12.41 -3.66 -18.00
N LYS A 74 -12.23 -3.90 -16.70
CA LYS A 74 -12.64 -2.95 -15.68
C LYS A 74 -11.72 -3.02 -14.46
N ALA A 75 -11.08 -1.90 -14.14
CA ALA A 75 -10.19 -1.84 -12.99
C ALA A 75 -10.89 -2.28 -11.71
N GLN A 76 -10.26 -3.19 -10.97
CA GLN A 76 -10.83 -3.68 -9.73
C GLN A 76 -9.93 -3.34 -8.54
N ASN A 77 -10.54 -2.81 -7.48
CA ASN A 77 -9.81 -2.43 -6.29
C ASN A 77 -9.06 -3.63 -5.70
N LEU A 78 -7.76 -3.68 -5.93
CA LEU A 78 -6.93 -4.77 -5.42
C LEU A 78 -6.90 -4.77 -3.89
N GLN A 79 -7.65 -5.69 -3.29
CA GLN A 79 -7.70 -5.80 -1.84
C GLN A 79 -6.89 -6.99 -1.35
N TYR A 80 -6.98 -7.27 -0.05
CA TYR A 80 -6.24 -8.38 0.54
C TYR A 80 -6.43 -9.66 -0.28
N ALA A 81 -5.33 -10.29 -0.65
CA ALA A 81 -5.36 -11.51 -1.43
C ALA A 81 -5.40 -12.74 -0.53
N VAL A 82 -6.25 -13.70 -0.88
CA VAL A 82 -6.38 -14.93 -0.09
C VAL A 82 -5.25 -15.90 -0.39
N LEU A 83 -4.83 -16.62 0.63
CA LEU A 83 -3.75 -17.59 0.48
C LEU A 83 -3.82 -18.66 1.56
N THR A 84 -3.28 -19.84 1.27
CA THR A 84 -3.27 -20.95 2.22
C THR A 84 -2.27 -20.70 3.34
N ASP A 85 -1.04 -20.38 2.97
CA ASP A 85 0.02 -20.12 3.95
C ASP A 85 1.03 -19.14 3.40
N SER A 86 1.32 -18.09 4.17
CA SER A 86 2.28 -17.07 3.76
C SER A 86 3.43 -16.98 4.74
N PRO A 87 4.63 -16.69 4.23
CA PRO A 87 5.85 -16.57 5.05
C PRO A 87 5.82 -15.33 5.94
N PHE A 88 5.04 -14.33 5.53
CA PHE A 88 4.93 -13.10 6.29
C PHE A 88 3.63 -13.05 7.07
N GLN A 89 3.24 -14.19 7.62
CA GLN A 89 2.01 -14.29 8.41
C GLN A 89 2.08 -13.42 9.66
N ASP A 90 3.31 -13.16 10.12
CA ASP A 90 3.51 -12.33 11.30
C ASP A 90 3.04 -10.91 11.06
N LYS A 91 3.70 -10.22 10.14
CA LYS A 91 3.35 -8.84 9.81
C LYS A 91 1.97 -8.76 9.17
N LEU A 92 1.46 -9.92 8.73
CA LEU A 92 0.15 -9.98 8.10
C LEU A 92 -0.95 -9.74 9.12
N ASP A 93 -0.62 -9.90 10.40
CA ASP A 93 -1.60 -9.69 11.46
C ASP A 93 -1.74 -8.21 11.79
N ARG A 94 -1.01 -7.38 11.05
CA ARG A 94 -1.05 -5.93 11.25
C ARG A 94 -2.10 -5.30 10.34
N LEU A 95 -3.15 -6.04 10.02
CA LEU A 95 -4.21 -5.56 9.17
C LEU A 95 -5.56 -5.59 9.88
N ALA A 96 -5.70 -6.55 10.80
CA ALA A 96 -6.94 -6.70 11.56
C ALA A 96 -6.74 -6.31 13.02
N ASP A 97 -5.72 -5.49 13.28
CA ASP A 97 -5.41 -5.05 14.63
C ASP A 97 -5.31 -3.54 14.71
N GLU A 98 -5.00 -3.03 15.90
CA GLU A 98 -4.88 -1.58 16.09
C GLU A 98 -3.52 -1.08 15.59
N ILE A 99 -3.27 0.20 15.80
CA ILE A 99 -2.01 0.81 15.38
C ILE A 99 -1.19 1.28 16.57
N ASN A 100 0.03 1.75 16.30
CA ASN A 100 0.91 2.23 17.35
C ASN A 100 1.26 3.70 17.13
N PRO A 101 0.40 4.60 17.61
CA PRO A 101 0.61 6.04 17.49
C PRO A 101 1.76 6.55 18.35
N GLY A 102 2.91 6.77 17.71
CA GLY A 102 4.08 7.25 18.43
C GLY A 102 5.20 6.23 18.45
N GLU A 103 5.02 5.14 17.72
CA GLU A 103 6.03 4.09 17.66
C GLU A 103 6.61 3.96 16.25
N THR A 104 7.72 3.24 16.14
CA THR A 104 8.37 3.04 14.84
C THR A 104 8.49 1.56 14.51
N ILE A 105 7.51 1.04 13.79
CA ILE A 105 7.51 -0.36 13.40
C ILE A 105 7.22 -0.53 11.92
N GLN A 106 7.08 -1.77 11.48
CA GLN A 106 6.79 -2.07 10.07
C GLN A 106 5.73 -3.16 9.95
N GLY A 107 5.31 -3.43 8.72
CA GLY A 107 4.32 -4.46 8.49
C GLY A 107 4.20 -4.84 7.02
N ALA A 108 3.07 -5.43 6.65
CA ALA A 108 2.85 -5.84 5.27
C ALA A 108 1.37 -5.69 4.89
N TYR A 109 1.07 -5.95 3.62
CA TYR A 109 -0.30 -5.85 3.13
C TYR A 109 -0.39 -6.30 1.68
N PRO A 110 -0.55 -7.62 1.48
CA PRO A 110 -0.65 -8.22 0.15
C PRO A 110 -1.97 -7.86 -0.54
N TYR A 111 -1.93 -7.82 -1.87
CA TYR A 111 -3.12 -7.49 -2.65
C TYR A 111 -3.42 -8.57 -3.68
N GLU A 112 -4.49 -8.38 -4.45
CA GLU A 112 -4.87 -9.34 -5.47
C GLU A 112 -3.84 -9.39 -6.59
N PHE A 113 -3.45 -10.60 -6.97
CA PHE A 113 -2.46 -10.78 -8.03
C PHE A 113 -3.10 -11.43 -9.26
N ILE A 114 -4.42 -11.55 -9.24
CA ILE A 114 -5.14 -12.14 -10.36
C ILE A 114 -4.60 -11.64 -11.70
N ASN A 115 -4.37 -10.33 -11.78
CA ASN A 115 -3.85 -9.74 -13.01
C ASN A 115 -2.33 -9.75 -13.02
N GLU A 116 -1.74 -10.90 -12.70
CA GLU A 116 -0.29 -11.03 -12.67
C GLU A 116 0.31 -10.70 -14.03
N ASN A 117 -0.47 -10.91 -15.08
CA ASN A 117 -0.01 -10.64 -16.44
C ASN A 117 -0.06 -9.14 -16.73
N LYS A 118 -1.05 -8.46 -16.18
CA LYS A 118 -1.21 -7.02 -16.38
C LYS A 118 -0.47 -6.25 -15.29
N PRO A 119 -0.09 -5.00 -15.61
CA PRO A 119 0.62 -4.12 -14.67
C PRO A 119 -0.27 -3.65 -13.53
N VAL A 120 0.32 -3.52 -12.34
CA VAL A 120 -0.42 -3.08 -11.17
C VAL A 120 -0.23 -1.59 -10.92
N HIS A 121 -1.23 -0.80 -11.27
CA HIS A 121 -1.17 0.65 -11.08
C HIS A 121 -1.29 1.01 -9.61
N PHE A 122 -0.20 0.81 -8.87
CA PHE A 122 -0.17 1.12 -7.44
C PHE A 122 -0.31 2.62 -7.21
N LYS A 123 -1.33 3.00 -6.43
CA LYS A 123 -1.57 4.40 -6.13
C LYS A 123 -1.16 4.74 -4.70
N PHE A 124 -0.91 6.02 -4.45
CA PHE A 124 -0.50 6.45 -3.11
C PHE A 124 -0.93 7.90 -2.88
N ARG A 125 -2.19 8.08 -2.53
CA ARG A 125 -2.73 9.42 -2.27
C ARG A 125 -3.70 9.40 -1.09
N ASP A 126 -4.38 10.52 -0.87
CA ASP A 126 -5.34 10.63 0.21
C ASP A 126 -6.47 11.59 -0.15
N ARG A 127 -7.50 11.61 0.68
CA ARG A 127 -8.66 12.48 0.44
C ARG A 127 -8.58 13.73 1.31
N LEU A 128 -7.68 14.64 0.95
CA LEU A 128 -7.51 15.88 1.69
C LEU A 128 -6.52 16.81 0.98
N LEU A 129 -5.30 16.33 0.79
CA LEU A 129 -4.27 17.11 0.12
C LEU A 129 -4.20 16.77 -1.37
N SER A 130 -5.29 17.04 -2.08
CA SER A 130 -5.36 16.76 -3.50
C SER A 130 -6.72 17.16 -4.08
N LEU A 131 -6.69 18.06 -5.06
CA LEU A 131 -7.93 18.53 -5.69
C LEU A 131 -8.10 17.90 -7.07
N ASP A 132 -7.01 17.42 -7.64
CA ASP A 132 -7.04 16.80 -8.96
C ASP A 132 -5.97 15.72 -9.08
N GLU A 133 -6.41 14.48 -9.34
CA GLU A 133 -5.48 13.36 -9.48
C GLU A 133 -4.74 13.11 -8.17
N PRO A 134 -4.16 11.91 -8.03
CA PRO A 134 -3.42 11.52 -6.83
C PRO A 134 -2.10 12.26 -6.71
N ILE A 135 -1.38 12.01 -5.62
CA ILE A 135 -0.10 12.66 -5.37
C ILE A 135 1.06 11.79 -5.85
N ALA A 136 0.86 10.47 -5.80
CA ALA A 136 1.88 9.53 -6.23
C ALA A 136 1.27 8.38 -7.03
N SER A 137 2.10 7.71 -7.82
CA SER A 137 1.64 6.60 -8.64
C SER A 137 2.80 6.00 -9.45
N GLU A 138 2.84 4.67 -9.50
CA GLU A 138 3.90 3.97 -10.22
C GLU A 138 3.40 2.63 -10.74
N GLU A 139 3.58 2.39 -12.04
CA GLU A 139 3.15 1.14 -12.66
C GLU A 139 4.15 0.03 -12.38
N ILE A 140 3.65 -1.08 -11.84
CA ILE A 140 4.51 -2.22 -11.53
C ILE A 140 3.74 -3.53 -11.65
N THR A 141 4.09 -4.34 -12.65
CA THR A 141 3.43 -5.61 -12.87
C THR A 141 3.97 -6.68 -11.92
N ILE A 142 4.94 -6.30 -11.10
CA ILE A 142 5.54 -7.22 -10.14
C ILE A 142 6.05 -8.48 -10.83
N THR A 143 6.90 -9.23 -10.13
CA THR A 143 7.46 -10.45 -10.68
C THR A 143 7.92 -10.26 -12.12
N MET A 1 10.80 15.73 -9.93
CA MET A 1 10.79 17.17 -10.23
C MET A 1 9.47 17.57 -10.89
N ASP A 2 8.39 17.48 -10.13
CA ASP A 2 7.07 17.84 -10.64
C ASP A 2 6.47 18.99 -9.83
N GLU A 3 7.33 19.92 -9.41
CA GLU A 3 6.88 21.08 -8.63
C GLU A 3 6.21 20.62 -7.33
N VAL A 4 6.98 19.96 -6.47
CA VAL A 4 6.48 19.48 -5.20
C VAL A 4 5.20 18.67 -5.39
N LEU A 5 4.57 18.28 -4.28
CA LEU A 5 3.35 17.50 -4.33
C LEU A 5 2.30 18.07 -3.38
N ALA A 6 1.12 18.38 -3.92
CA ALA A 6 0.03 18.93 -3.12
C ALA A 6 0.36 20.35 -2.66
N THR A 7 1.20 20.45 -1.64
CA THR A 7 1.59 21.75 -1.10
C THR A 7 2.94 21.68 -0.41
N SER A 8 3.88 20.98 -1.03
CA SER A 8 5.22 20.82 -0.48
C SER A 8 5.17 20.13 0.89
N ILE A 9 4.07 19.44 1.14
CA ILE A 9 3.89 18.73 2.40
C ILE A 9 4.26 17.26 2.26
N GLY A 10 3.42 16.51 1.54
CA GLY A 10 3.68 15.10 1.34
C GLY A 10 4.32 14.81 0.00
N THR A 11 5.49 14.16 0.03
CA THR A 11 6.21 13.83 -1.19
C THR A 11 6.47 12.33 -1.29
N TYR A 12 6.35 11.79 -2.50
CA TYR A 12 6.56 10.35 -2.72
C TYR A 12 7.75 10.13 -3.65
N GLU A 13 8.91 9.85 -3.07
CA GLU A 13 10.12 9.60 -3.84
C GLU A 13 11.27 9.17 -2.94
N ASN A 14 12.41 8.87 -3.54
CA ASN A 14 13.58 8.43 -2.79
C ASN A 14 13.29 7.16 -2.01
N ARG A 15 12.33 6.38 -2.49
CA ARG A 15 11.95 5.14 -1.84
C ARG A 15 11.38 5.41 -0.45
N THR A 16 10.57 6.46 -0.34
CA THR A 16 9.95 6.83 0.92
C THR A 16 8.75 7.74 0.70
N LEU A 17 7.72 7.57 1.54
CA LEU A 17 6.52 8.38 1.44
C LEU A 17 6.31 9.20 2.71
N LEU A 18 6.69 10.47 2.65
CA LEU A 18 6.54 11.37 3.79
C LEU A 18 5.20 12.07 3.76
N VAL A 19 4.54 12.13 4.92
CA VAL A 19 3.24 12.78 5.02
C VAL A 19 2.99 13.29 6.44
N PRO A 20 2.12 14.30 6.55
CA PRO A 20 1.78 14.92 7.84
C PRO A 20 0.96 13.98 8.73
N ASP A 21 0.28 13.03 8.09
CA ASP A 21 -0.54 12.07 8.82
C ASP A 21 0.31 10.96 9.42
N GLY A 22 1.25 10.44 8.62
CA GLY A 22 2.11 9.37 9.08
C GLY A 22 3.49 9.44 8.46
N ARG A 23 3.96 8.30 7.96
CA ARG A 23 5.28 8.24 7.33
C ARG A 23 5.52 6.86 6.72
N LEU A 24 5.06 6.67 5.49
CA LEU A 24 5.23 5.40 4.79
C LEU A 24 6.56 5.37 4.04
N ALA A 25 6.88 4.21 3.49
CA ALA A 25 8.12 4.04 2.74
C ALA A 25 8.25 2.62 2.19
N LEU A 26 8.87 2.48 1.03
CA LEU A 26 9.05 1.18 0.40
C LEU A 26 10.21 0.42 1.05
N THR A 27 9.87 -0.55 1.89
CA THR A 27 10.88 -1.35 2.58
C THR A 27 11.50 -2.37 1.63
N ALA A 28 10.68 -3.24 1.07
CA ALA A 28 11.14 -4.26 0.15
C ALA A 28 9.99 -5.16 -0.32
N LEU A 29 9.44 -4.84 -1.47
CA LEU A 29 8.34 -5.62 -2.03
C LEU A 29 8.75 -7.07 -2.25
N HIS A 30 7.89 -7.99 -1.81
CA HIS A 30 8.15 -9.42 -1.97
C HIS A 30 6.95 -10.13 -2.58
N LYS A 31 7.23 -11.16 -3.38
CA LYS A 31 6.18 -11.93 -4.03
C LYS A 31 6.01 -13.30 -3.36
N GLY A 32 4.75 -13.67 -3.13
CA GLY A 32 4.47 -14.95 -2.49
C GLY A 32 3.55 -15.82 -3.31
N LYS A 33 2.95 -16.82 -2.68
CA LYS A 33 2.03 -17.72 -3.36
C LYS A 33 0.68 -17.74 -2.67
N ASP A 34 -0.36 -18.11 -3.42
CA ASP A 34 -1.72 -18.17 -2.87
C ASP A 34 -2.37 -19.51 -3.19
N TYR A 35 -3.70 -19.56 -3.13
CA TYR A 35 -4.43 -20.78 -3.41
C TYR A 35 -4.05 -21.34 -4.78
N GLN A 36 -3.76 -20.45 -5.72
CA GLN A 36 -3.39 -20.85 -7.07
C GLN A 36 -1.88 -20.81 -7.25
N GLY A 37 -1.16 -20.85 -6.14
CA GLY A 37 0.29 -20.81 -6.19
C GLY A 37 0.81 -19.96 -7.33
N LYS A 38 0.25 -18.76 -7.46
CA LYS A 38 0.66 -17.84 -8.52
C LYS A 38 0.22 -16.41 -8.20
N PRO A 39 -1.09 -16.18 -8.23
CA PRO A 39 -1.67 -14.86 -7.94
C PRO A 39 -1.53 -14.48 -6.48
N MET A 40 -0.42 -13.83 -6.13
CA MET A 40 -0.16 -13.41 -4.76
C MET A 40 1.00 -12.42 -4.71
N PHE A 41 0.86 -11.39 -3.88
CA PHE A 41 1.89 -10.37 -3.73
C PHE A 41 1.77 -9.67 -2.38
N TYR A 42 2.91 -9.26 -1.83
CA TYR A 42 2.93 -8.57 -0.55
C TYR A 42 3.47 -7.16 -0.69
N VAL A 43 2.79 -6.20 -0.07
CA VAL A 43 3.20 -4.81 -0.14
C VAL A 43 3.97 -4.41 1.12
N LEU A 44 5.26 -4.70 1.15
CA LEU A 44 6.11 -4.37 2.29
C LEU A 44 6.34 -2.87 2.37
N PHE A 45 5.63 -2.21 3.28
CA PHE A 45 5.76 -0.77 3.46
C PHE A 45 6.04 -0.44 4.92
N GLU A 46 6.73 0.69 5.14
CA GLU A 46 7.07 1.12 6.49
C GLU A 46 6.12 2.21 6.97
N LEU A 47 4.88 1.83 7.26
CA LEU A 47 3.87 2.77 7.73
C LEU A 47 4.04 3.05 9.21
N THR A 48 4.44 4.28 9.52
CA THR A 48 4.65 4.69 10.91
C THR A 48 3.47 5.49 11.43
N ASN A 49 2.98 5.14 12.61
CA ASN A 49 1.85 5.82 13.21
C ASN A 49 2.32 7.02 14.03
N THR A 50 2.76 8.06 13.33
CA THR A 50 3.23 9.29 13.99
C THR A 50 2.16 9.88 14.89
N THR A 51 0.91 9.52 14.62
CA THR A 51 -0.21 10.01 15.41
C THR A 51 -0.08 9.62 16.88
N GLU A 52 -1.17 9.78 17.63
CA GLU A 52 -1.17 9.44 19.05
C GLU A 52 -2.39 8.59 19.40
N LYS A 53 -2.83 7.78 18.45
CA LYS A 53 -3.99 6.92 18.66
C LYS A 53 -3.61 5.45 18.53
N THR A 54 -4.39 4.58 19.16
CA THR A 54 -4.13 3.14 19.12
C THR A 54 -5.17 2.42 18.27
N GLN A 55 -5.85 3.18 17.41
CA GLN A 55 -6.88 2.61 16.54
C GLN A 55 -6.27 1.60 15.57
N ASN A 56 -7.11 1.03 14.71
CA ASN A 56 -6.65 0.05 13.74
C ASN A 56 -5.45 0.57 12.95
N ILE A 57 -4.85 -0.30 12.16
CA ILE A 57 -3.69 0.07 11.36
C ILE A 57 -4.11 0.48 9.95
N GLN A 58 -4.82 -0.39 9.27
CA GLN A 58 -5.29 -0.12 7.91
C GLN A 58 -6.12 1.15 7.87
N LEU A 59 -6.61 1.57 9.03
CA LEU A 59 -7.43 2.78 9.13
C LEU A 59 -6.75 3.96 8.43
N MET A 60 -5.42 3.91 8.35
CA MET A 60 -4.65 4.96 7.71
C MET A 60 -4.20 4.54 6.32
N ILE A 61 -3.73 3.30 6.21
CA ILE A 61 -3.26 2.77 4.94
C ILE A 61 -4.35 2.88 3.87
N GLN A 62 -5.59 2.70 4.27
CA GLN A 62 -6.72 2.78 3.36
C GLN A 62 -6.84 4.18 2.75
N SER A 63 -6.17 5.14 3.37
CA SER A 63 -6.19 6.52 2.90
C SER A 63 -4.82 6.95 2.41
N PHE A 64 -3.86 6.04 2.48
CA PHE A 64 -2.50 6.32 2.04
C PHE A 64 -2.21 5.70 0.67
N MET A 65 -2.05 4.39 0.65
CA MET A 65 -1.78 3.67 -0.58
C MET A 65 -3.07 3.15 -1.20
N GLU A 66 -3.03 2.86 -2.50
CA GLU A 66 -4.20 2.35 -3.20
C GLU A 66 -3.81 1.26 -4.20
N VAL A 67 -4.69 0.28 -4.37
CA VAL A 67 -4.43 -0.82 -5.29
C VAL A 67 -5.70 -1.20 -6.06
N SER A 68 -5.52 -1.63 -7.31
CA SER A 68 -6.64 -2.03 -8.15
C SER A 68 -6.16 -2.64 -9.46
N GLN A 69 -4.96 -2.23 -9.88
CA GLN A 69 -4.39 -2.74 -11.13
C GLN A 69 -5.23 -2.35 -12.33
N THR A 70 -4.57 -1.95 -13.41
CA THR A 70 -5.26 -1.55 -14.63
C THR A 70 -5.63 -2.75 -15.48
N VAL A 71 -6.93 -2.94 -15.70
CA VAL A 71 -7.42 -4.05 -16.51
C VAL A 71 -8.25 -3.56 -17.68
N HIS A 72 -7.79 -3.89 -18.90
CA HIS A 72 -8.50 -3.49 -20.11
C HIS A 72 -8.68 -1.98 -20.15
N GLY A 73 -7.82 -1.26 -19.43
CA GLY A 73 -7.90 0.19 -19.40
C GLY A 73 -8.83 0.69 -18.30
N LYS A 74 -9.06 -0.16 -17.30
CA LYS A 74 -9.93 0.20 -16.18
C LYS A 74 -9.45 -0.47 -14.89
N ALA A 75 -9.25 0.34 -13.86
CA ALA A 75 -8.80 -0.17 -12.58
C ALA A 75 -9.75 -1.23 -12.03
N GLN A 76 -9.21 -2.17 -11.27
CA GLN A 76 -10.02 -3.24 -10.70
C GLN A 76 -10.29 -2.99 -9.22
N ASN A 77 -10.69 -4.03 -8.50
CA ASN A 77 -10.97 -3.91 -7.08
C ASN A 77 -10.05 -4.81 -6.26
N LEU A 78 -8.75 -4.68 -6.49
CA LEU A 78 -7.76 -5.48 -5.77
C LEU A 78 -7.99 -5.41 -4.27
N GLN A 79 -8.24 -6.56 -3.66
CA GLN A 79 -8.48 -6.63 -2.22
C GLN A 79 -7.59 -7.69 -1.58
N TYR A 80 -7.87 -8.01 -0.31
CA TYR A 80 -7.09 -9.00 0.42
C TYR A 80 -6.94 -10.28 -0.40
N ALA A 81 -5.69 -10.62 -0.72
CA ALA A 81 -5.41 -11.82 -1.49
C ALA A 81 -5.48 -13.07 -0.62
N VAL A 82 -6.51 -13.87 -0.82
CA VAL A 82 -6.70 -15.10 -0.05
C VAL A 82 -5.61 -16.12 -0.37
N LEU A 83 -5.11 -16.78 0.67
CA LEU A 83 -4.06 -17.78 0.50
C LEU A 83 -4.24 -18.93 1.49
N THR A 84 -3.92 -20.14 1.04
CA THR A 84 -4.03 -21.32 1.89
C THR A 84 -3.18 -21.20 3.15
N ASP A 85 -1.96 -20.71 2.97
CA ASP A 85 -1.04 -20.53 4.10
C ASP A 85 0.28 -19.91 3.63
N SER A 86 0.84 -19.06 4.48
CA SER A 86 2.10 -18.39 4.15
C SER A 86 2.84 -17.97 5.42
N PRO A 87 4.17 -17.82 5.31
CA PRO A 87 5.02 -17.43 6.44
C PRO A 87 4.80 -15.98 6.85
N PHE A 88 4.18 -15.21 5.95
CA PHE A 88 3.91 -13.80 6.22
C PHE A 88 2.52 -13.61 6.80
N GLN A 89 2.13 -14.52 7.69
CA GLN A 89 0.82 -14.46 8.33
C GLN A 89 0.86 -13.56 9.56
N ASP A 90 2.06 -13.25 10.02
CA ASP A 90 2.24 -12.39 11.19
C ASP A 90 1.88 -10.95 10.86
N LYS A 91 1.68 -10.67 9.59
CA LYS A 91 1.32 -9.32 9.13
C LYS A 91 -0.04 -9.31 8.44
N LEU A 92 -0.45 -10.48 7.96
CA LEU A 92 -1.75 -10.61 7.28
C LEU A 92 -2.89 -10.35 8.24
N ASP A 93 -2.64 -10.57 9.53
CA ASP A 93 -3.66 -10.36 10.55
C ASP A 93 -3.43 -9.05 11.28
N ARG A 94 -2.34 -8.37 10.94
CA ARG A 94 -2.00 -7.09 11.57
C ARG A 94 -2.97 -6.00 11.12
N LEU A 95 -3.53 -6.16 9.92
CA LEU A 95 -4.47 -5.18 9.38
C LEU A 95 -5.71 -5.08 10.24
N ALA A 96 -5.91 -6.09 11.10
CA ALA A 96 -7.08 -6.12 11.98
C ALA A 96 -6.67 -5.80 13.42
N ASP A 97 -5.43 -5.36 13.60
CA ASP A 97 -4.93 -5.03 14.94
C ASP A 97 -4.72 -3.52 15.07
N GLU A 98 -4.04 -3.12 16.14
CA GLU A 98 -3.78 -1.71 16.40
C GLU A 98 -2.39 -1.32 15.92
N ILE A 99 -2.03 -0.06 16.13
CA ILE A 99 -0.72 0.44 15.71
C ILE A 99 0.07 0.96 16.90
N ASN A 100 1.30 1.37 16.65
CA ASN A 100 2.17 1.88 17.70
C ASN A 100 2.36 3.39 17.57
N PRO A 101 1.44 4.16 18.17
CA PRO A 101 1.48 5.62 18.13
C PRO A 101 2.63 6.20 18.95
N GLY A 102 3.78 6.36 18.31
CA GLY A 102 4.94 6.90 19.00
C GLY A 102 6.15 5.98 18.90
N GLU A 103 6.00 4.88 18.17
CA GLU A 103 7.09 3.92 18.00
C GLU A 103 7.51 3.82 16.54
N THR A 104 8.34 2.83 16.23
CA THR A 104 8.82 2.63 14.87
C THR A 104 8.66 1.18 14.44
N ILE A 105 7.64 0.91 13.63
CA ILE A 105 7.38 -0.44 13.16
C ILE A 105 6.78 -0.43 11.76
N GLN A 106 6.35 -1.59 11.29
CA GLN A 106 5.75 -1.71 9.96
C GLN A 106 5.00 -3.03 9.82
N GLY A 107 4.30 -3.18 8.69
CA GLY A 107 3.55 -4.40 8.46
C GLY A 107 3.49 -4.77 6.99
N ALA A 108 2.34 -5.26 6.54
CA ALA A 108 2.17 -5.66 5.15
C ALA A 108 0.73 -5.47 4.71
N TYR A 109 0.44 -5.86 3.47
CA TYR A 109 -0.90 -5.72 2.92
C TYR A 109 -1.01 -6.44 1.57
N PRO A 110 -1.35 -7.74 1.62
CA PRO A 110 -1.50 -8.57 0.42
C PRO A 110 -2.72 -8.19 -0.40
N TYR A 111 -2.49 -7.83 -1.66
CA TYR A 111 -3.57 -7.44 -2.55
C TYR A 111 -3.79 -8.49 -3.65
N GLU A 112 -4.82 -8.29 -4.46
CA GLU A 112 -5.14 -9.21 -5.54
C GLU A 112 -4.06 -9.17 -6.61
N PHE A 113 -3.67 -10.35 -7.09
CA PHE A 113 -2.64 -10.46 -8.12
C PHE A 113 -3.18 -11.16 -9.37
N ILE A 114 -4.50 -11.35 -9.40
CA ILE A 114 -5.14 -12.00 -10.53
C ILE A 114 -4.55 -11.53 -11.85
N ASN A 115 -4.22 -10.24 -11.91
CA ASN A 115 -3.65 -9.65 -13.12
C ASN A 115 -2.12 -9.76 -13.10
N GLU A 116 -1.62 -10.95 -12.78
CA GLU A 116 -0.19 -11.19 -12.74
C GLU A 116 0.45 -10.92 -14.09
N ASN A 117 -0.36 -10.94 -15.14
CA ASN A 117 0.13 -10.69 -16.50
C ASN A 117 0.14 -9.20 -16.80
N LYS A 118 -0.48 -8.42 -15.94
CA LYS A 118 -0.55 -6.97 -16.11
C LYS A 118 0.12 -6.25 -14.95
N PRO A 119 0.63 -5.04 -15.22
CA PRO A 119 1.31 -4.22 -14.21
C PRO A 119 0.35 -3.69 -13.16
N VAL A 120 0.91 -3.13 -12.09
CA VAL A 120 0.10 -2.58 -11.00
C VAL A 120 0.37 -1.09 -10.81
N HIS A 121 -0.61 -0.27 -11.17
CA HIS A 121 -0.49 1.18 -11.04
C HIS A 121 -0.64 1.60 -9.59
N PHE A 122 0.30 1.20 -8.74
CA PHE A 122 0.26 1.54 -7.32
C PHE A 122 0.04 3.04 -7.13
N LYS A 123 -1.16 3.41 -6.70
CA LYS A 123 -1.50 4.81 -6.48
C LYS A 123 -1.37 5.17 -5.01
N PHE A 124 -1.61 6.43 -4.68
CA PHE A 124 -1.52 6.91 -3.31
C PHE A 124 -2.52 8.04 -3.05
N ARG A 125 -2.41 8.65 -1.88
CA ARG A 125 -3.31 9.74 -1.50
C ARG A 125 -2.78 10.50 -0.29
N ASP A 126 -3.56 11.45 0.19
CA ASP A 126 -3.17 12.25 1.36
C ASP A 126 -4.39 12.88 2.02
N ARG A 127 -5.22 13.51 1.22
CA ARG A 127 -6.43 14.16 1.72
C ARG A 127 -7.58 14.04 0.72
N LEU A 128 -8.79 13.80 1.24
CA LEU A 128 -9.96 13.66 0.39
C LEU A 128 -9.78 12.53 -0.60
N LEU A 129 -10.82 12.28 -1.41
CA LEU A 129 -10.79 11.22 -2.40
C LEU A 129 -9.75 11.53 -3.48
N SER A 130 -10.10 12.46 -4.36
CA SER A 130 -9.21 12.84 -5.45
C SER A 130 -9.76 14.06 -6.21
N LEU A 131 -10.88 13.85 -6.91
CA LEU A 131 -11.50 14.92 -7.67
C LEU A 131 -10.68 15.27 -8.90
N ASP A 132 -9.50 15.83 -8.67
CA ASP A 132 -8.61 16.22 -9.77
C ASP A 132 -7.62 15.10 -10.08
N GLU A 133 -6.64 14.94 -9.20
CA GLU A 133 -5.62 13.90 -9.39
C GLU A 133 -5.05 13.44 -8.04
N PRO A 134 -4.54 12.22 -7.99
CA PRO A 134 -3.95 11.64 -6.78
C PRO A 134 -2.64 12.31 -6.39
N ILE A 135 -2.08 11.88 -5.27
CA ILE A 135 -0.81 12.43 -4.79
C ILE A 135 0.37 11.80 -5.51
N ALA A 136 0.21 10.55 -5.91
CA ALA A 136 1.28 9.82 -6.61
C ALA A 136 0.71 8.63 -7.37
N SER A 137 1.51 8.09 -8.28
CA SER A 137 1.08 6.94 -9.08
C SER A 137 2.20 6.51 -10.04
N GLU A 138 2.26 5.22 -10.31
CA GLU A 138 3.28 4.67 -11.22
C GLU A 138 3.10 3.16 -11.39
N GLU A 139 3.25 2.70 -12.62
CA GLU A 139 3.11 1.28 -12.92
C GLU A 139 4.38 0.52 -12.56
N ILE A 140 4.21 -0.66 -11.97
CA ILE A 140 5.34 -1.49 -11.57
C ILE A 140 5.08 -2.96 -11.88
N THR A 141 5.95 -3.56 -12.69
CA THR A 141 5.82 -4.96 -13.06
C THR A 141 6.46 -5.87 -12.02
N ILE A 142 5.63 -6.49 -11.18
CA ILE A 142 6.11 -7.39 -10.14
C ILE A 142 6.01 -8.85 -10.57
N THR A 143 7.12 -9.56 -10.50
CA THR A 143 7.15 -10.97 -10.87
C THR A 143 8.28 -11.71 -10.17
N MET A 1 2.68 29.27 -12.13
CA MET A 1 3.04 27.86 -11.96
C MET A 1 3.92 27.68 -10.72
N ASP A 2 3.28 27.43 -9.59
CA ASP A 2 4.01 27.23 -8.34
C ASP A 2 4.89 25.99 -8.42
N GLU A 3 5.75 25.81 -7.41
CA GLU A 3 6.65 24.66 -7.38
C GLU A 3 6.23 23.68 -6.29
N VAL A 4 4.94 23.37 -6.25
CA VAL A 4 4.41 22.45 -5.25
C VAL A 4 3.41 21.48 -5.88
N LEU A 5 3.17 20.36 -5.20
CA LEU A 5 2.24 19.35 -5.69
C LEU A 5 0.82 19.61 -5.17
N ALA A 6 -0.09 19.90 -6.08
CA ALA A 6 -1.48 20.15 -5.70
C ALA A 6 -1.61 21.45 -4.89
N THR A 7 -1.28 21.36 -3.61
CA THR A 7 -1.36 22.52 -2.73
C THR A 7 -0.53 22.31 -1.47
N SER A 8 0.68 21.77 -1.64
CA SER A 8 1.57 21.52 -0.51
C SER A 8 0.93 20.55 0.48
N ILE A 9 1.30 19.29 0.39
CA ILE A 9 0.76 18.26 1.27
C ILE A 9 1.86 17.30 1.73
N GLY A 10 2.35 16.49 0.79
CA GLY A 10 3.39 15.53 1.12
C GLY A 10 4.44 15.42 0.02
N THR A 11 5.02 14.23 -0.11
CA THR A 11 6.04 14.00 -1.13
C THR A 11 6.47 12.54 -1.14
N TYR A 12 6.69 11.99 -2.34
CA TYR A 12 7.11 10.61 -2.48
C TYR A 12 8.44 10.51 -3.21
N GLU A 13 9.47 10.05 -2.50
CA GLU A 13 10.80 9.91 -3.08
C GLU A 13 11.76 9.24 -2.10
N ASN A 14 12.95 8.92 -2.57
CA ASN A 14 13.95 8.26 -1.73
C ASN A 14 13.42 6.96 -1.15
N ARG A 15 12.45 6.35 -1.84
CA ARG A 15 11.85 5.11 -1.38
C ARG A 15 11.12 5.31 -0.06
N THR A 16 10.42 6.43 0.06
CA THR A 16 9.67 6.74 1.27
C THR A 16 8.62 7.82 1.02
N LEU A 17 7.48 7.71 1.69
CA LEU A 17 6.41 8.68 1.54
C LEU A 17 6.32 9.59 2.76
N LEU A 18 5.64 10.72 2.60
CA LEU A 18 5.47 11.67 3.70
C LEU A 18 4.11 12.36 3.63
N VAL A 19 3.42 12.41 4.76
CA VAL A 19 2.10 13.03 4.82
C VAL A 19 1.75 13.43 6.26
N PRO A 20 0.82 14.38 6.39
CA PRO A 20 0.38 14.87 7.70
C PRO A 20 -0.43 13.83 8.47
N ASP A 21 -0.90 12.81 7.76
CA ASP A 21 -1.68 11.75 8.37
C ASP A 21 -0.77 10.70 9.00
N GLY A 22 0.26 10.31 8.27
CA GLY A 22 1.19 9.31 8.77
C GLY A 22 2.55 9.39 8.11
N ARG A 23 3.36 8.35 8.27
CA ARG A 23 4.69 8.31 7.68
C ARG A 23 4.99 6.93 7.10
N LEU A 24 4.67 6.76 5.82
CA LEU A 24 4.90 5.48 5.15
C LEU A 24 6.29 5.45 4.52
N ALA A 25 6.85 4.25 4.40
CA ALA A 25 8.18 4.07 3.82
C ALA A 25 8.36 2.65 3.30
N LEU A 26 8.50 2.52 1.98
CA LEU A 26 8.68 1.22 1.36
C LEU A 26 9.86 0.48 1.97
N THR A 27 9.62 -0.74 2.42
CA THR A 27 10.66 -1.56 3.04
C THR A 27 11.18 -2.61 2.07
N ALA A 28 10.26 -3.28 1.38
CA ALA A 28 10.63 -4.31 0.42
C ALA A 28 9.40 -4.90 -0.25
N LEU A 29 9.62 -5.82 -1.19
CA LEU A 29 8.53 -6.46 -1.90
C LEU A 29 8.81 -7.94 -2.12
N HIS A 30 8.16 -8.79 -1.33
CA HIS A 30 8.33 -10.23 -1.43
C HIS A 30 7.15 -10.88 -2.12
N LYS A 31 7.40 -11.99 -2.82
CA LYS A 31 6.34 -12.70 -3.53
C LYS A 31 6.07 -14.05 -2.86
N GLY A 32 4.92 -14.64 -3.19
CA GLY A 32 4.55 -15.92 -2.62
C GLY A 32 3.46 -16.60 -3.40
N LYS A 33 2.65 -17.42 -2.71
CA LYS A 33 1.56 -18.14 -3.35
C LYS A 33 0.28 -17.99 -2.55
N ASP A 34 -0.86 -17.98 -3.25
CA ASP A 34 -2.16 -17.85 -2.60
C ASP A 34 -2.98 -19.12 -2.78
N TYR A 35 -4.30 -18.98 -2.65
CA TYR A 35 -5.20 -20.12 -2.81
C TYR A 35 -4.96 -20.84 -4.13
N GLN A 36 -4.60 -20.08 -5.16
CA GLN A 36 -4.34 -20.64 -6.47
C GLN A 36 -2.85 -20.89 -6.68
N GLY A 37 -2.12 -20.99 -5.57
CA GLY A 37 -0.69 -21.22 -5.65
C GLY A 37 -0.06 -20.55 -6.85
N LYS A 38 -0.36 -19.26 -7.03
CA LYS A 38 0.18 -18.50 -8.15
C LYS A 38 -0.02 -17.00 -7.93
N PRO A 39 -1.28 -16.56 -7.99
CA PRO A 39 -1.63 -15.15 -7.80
C PRO A 39 -1.43 -14.69 -6.36
N MET A 40 -0.23 -14.20 -6.07
CA MET A 40 0.09 -13.72 -4.73
C MET A 40 1.23 -12.71 -4.77
N PHE A 41 1.32 -11.87 -3.74
CA PHE A 41 2.37 -10.86 -3.66
C PHE A 41 2.31 -10.11 -2.34
N TYR A 42 3.46 -9.69 -1.84
CA TYR A 42 3.53 -8.96 -0.58
C TYR A 42 4.32 -7.67 -0.74
N VAL A 43 3.71 -6.56 -0.32
CA VAL A 43 4.35 -5.25 -0.42
C VAL A 43 4.81 -4.76 0.95
N LEU A 44 5.97 -5.25 1.39
CA LEU A 44 6.52 -4.86 2.68
C LEU A 44 6.65 -3.34 2.79
N PHE A 45 6.34 -2.80 3.96
CA PHE A 45 6.42 -1.37 4.18
C PHE A 45 6.61 -1.05 5.66
N GLU A 46 6.90 0.21 5.97
CA GLU A 46 7.12 0.63 7.35
C GLU A 46 6.31 1.89 7.66
N LEU A 47 5.01 1.73 7.84
CA LEU A 47 4.13 2.86 8.14
C LEU A 47 4.17 3.19 9.63
N THR A 48 4.49 4.44 9.94
CA THR A 48 4.56 4.89 11.33
C THR A 48 3.28 5.60 11.74
N ASN A 49 2.57 5.02 12.70
CA ASN A 49 1.32 5.59 13.19
C ASN A 49 1.58 6.87 13.99
N THR A 50 1.81 7.96 13.29
CA THR A 50 2.07 9.25 13.93
C THR A 50 0.91 9.65 14.83
N THR A 51 -0.25 9.06 14.60
CA THR A 51 -1.44 9.37 15.39
C THR A 51 -1.22 9.02 16.86
N GLU A 52 -2.29 9.06 17.64
CA GLU A 52 -2.22 8.75 19.06
C GLU A 52 -3.31 7.77 19.47
N LYS A 53 -3.85 7.04 18.49
CA LYS A 53 -4.90 6.07 18.74
C LYS A 53 -4.41 4.65 18.49
N THR A 54 -5.13 3.67 19.05
CA THR A 54 -4.75 2.27 18.88
C THR A 54 -5.69 1.57 17.89
N GLN A 55 -6.30 2.36 16.99
CA GLN A 55 -7.21 1.82 16.00
C GLN A 55 -6.50 0.82 15.10
N ASN A 56 -7.20 0.34 14.07
CA ASN A 56 -6.64 -0.62 13.14
C ASN A 56 -5.46 0.00 12.37
N ILE A 57 -4.89 -0.79 11.46
CA ILE A 57 -3.76 -0.33 10.65
C ILE A 57 -4.19 -0.05 9.21
N GLN A 58 -4.78 -1.06 8.58
CA GLN A 58 -5.24 -0.92 7.20
C GLN A 58 -6.05 0.35 7.02
N LEU A 59 -6.72 0.78 8.08
CA LEU A 59 -7.53 1.99 8.03
C LEU A 59 -6.72 3.18 7.51
N MET A 60 -5.42 3.17 7.78
CA MET A 60 -4.53 4.24 7.33
C MET A 60 -3.84 3.85 6.02
N ILE A 61 -3.32 2.62 5.97
CA ILE A 61 -2.64 2.14 4.79
C ILE A 61 -3.52 2.27 3.55
N GLN A 62 -4.79 1.98 3.70
CA GLN A 62 -5.73 2.07 2.59
C GLN A 62 -5.91 3.52 2.14
N SER A 63 -5.58 4.44 3.03
CA SER A 63 -5.70 5.87 2.73
C SER A 63 -4.34 6.48 2.41
N PHE A 64 -3.30 5.64 2.44
CA PHE A 64 -1.95 6.09 2.15
C PHE A 64 -1.48 5.58 0.80
N MET A 65 -1.24 4.27 0.73
CA MET A 65 -0.79 3.64 -0.51
C MET A 65 -1.94 2.96 -1.22
N GLU A 66 -2.24 3.42 -2.44
CA GLU A 66 -3.33 2.84 -3.23
C GLU A 66 -2.79 1.92 -4.31
N VAL A 67 -3.50 0.82 -4.55
CA VAL A 67 -3.09 -0.15 -5.56
C VAL A 67 -4.28 -0.65 -6.36
N SER A 68 -4.30 -0.33 -7.65
CA SER A 68 -5.39 -0.74 -8.53
C SER A 68 -4.84 -1.29 -9.84
N GLN A 69 -5.38 -2.44 -10.27
CA GLN A 69 -4.96 -3.07 -11.50
C GLN A 69 -6.05 -2.99 -12.57
N THR A 70 -5.69 -3.31 -13.81
CA THR A 70 -6.64 -3.27 -14.91
C THR A 70 -7.57 -4.48 -14.89
N VAL A 71 -8.81 -4.28 -15.32
CA VAL A 71 -9.79 -5.35 -15.36
C VAL A 71 -10.80 -5.14 -16.48
N HIS A 72 -10.67 -5.91 -17.55
CA HIS A 72 -11.57 -5.81 -18.68
C HIS A 72 -11.40 -4.47 -19.39
N GLY A 73 -10.35 -3.75 -19.04
CA GLY A 73 -10.09 -2.46 -19.65
C GLY A 73 -10.35 -1.30 -18.70
N LYS A 74 -10.67 -1.62 -17.44
CA LYS A 74 -10.94 -0.61 -16.44
C LYS A 74 -9.99 -0.75 -15.25
N ALA A 75 -10.11 0.17 -14.29
CA ALA A 75 -9.26 0.14 -13.10
C ALA A 75 -10.05 -0.38 -11.90
N GLN A 76 -9.61 -1.52 -11.37
CA GLN A 76 -10.28 -2.12 -10.21
C GLN A 76 -9.38 -2.05 -8.98
N ASN A 77 -9.95 -1.64 -7.85
CA ASN A 77 -9.20 -1.53 -6.60
C ASN A 77 -8.85 -2.92 -6.07
N LEU A 78 -7.58 -3.10 -5.73
CA LEU A 78 -7.10 -4.37 -5.22
C LEU A 78 -7.32 -4.46 -3.70
N GLN A 79 -8.12 -5.43 -3.28
CA GLN A 79 -8.41 -5.63 -1.86
C GLN A 79 -7.49 -6.69 -1.26
N TYR A 80 -7.74 -7.02 0.00
CA TYR A 80 -6.94 -8.02 0.70
C TYR A 80 -6.85 -9.31 -0.11
N ALA A 81 -5.61 -9.73 -0.40
CA ALA A 81 -5.39 -10.95 -1.17
C ALA A 81 -5.56 -12.19 -0.30
N VAL A 82 -6.58 -12.98 -0.59
CA VAL A 82 -6.85 -14.20 0.16
C VAL A 82 -5.77 -15.25 -0.10
N LEU A 83 -5.34 -15.92 0.96
CA LEU A 83 -4.32 -16.96 0.85
C LEU A 83 -4.53 -18.05 1.90
N THR A 84 -4.85 -19.25 1.43
CA THR A 84 -5.08 -20.38 2.32
C THR A 84 -3.91 -20.57 3.29
N ASP A 85 -2.69 -20.45 2.77
CA ASP A 85 -1.49 -20.61 3.59
C ASP A 85 -0.29 -19.94 2.91
N SER A 86 0.59 -19.36 3.73
CA SER A 86 1.77 -18.68 3.21
C SER A 86 2.75 -18.38 4.34
N PRO A 87 4.03 -18.17 3.97
CA PRO A 87 5.09 -17.87 4.94
C PRO A 87 4.93 -16.48 5.55
N PHE A 88 4.33 -15.56 4.79
CA PHE A 88 4.13 -14.20 5.26
C PHE A 88 2.76 -14.06 5.92
N GLN A 89 2.36 -15.08 6.68
CA GLN A 89 1.07 -15.06 7.36
C GLN A 89 1.13 -14.22 8.63
N ASP A 90 2.34 -13.82 9.01
CA ASP A 90 2.54 -13.01 10.21
C ASP A 90 2.21 -11.54 9.93
N LYS A 91 2.90 -10.96 8.96
CA LYS A 91 2.68 -9.57 8.59
C LYS A 91 1.25 -9.35 8.12
N LEU A 92 0.57 -10.43 7.76
CA LEU A 92 -0.81 -10.35 7.29
C LEU A 92 -1.74 -9.94 8.42
N ASP A 93 -1.52 -10.50 9.60
CA ASP A 93 -2.34 -10.19 10.77
C ASP A 93 -2.29 -8.70 11.08
N ARG A 94 -1.24 -8.03 10.61
CA ARG A 94 -1.08 -6.60 10.84
C ARG A 94 -2.35 -5.85 10.46
N LEU A 95 -2.73 -5.94 9.19
CA LEU A 95 -3.92 -5.26 8.69
C LEU A 95 -5.13 -5.60 9.55
N ALA A 96 -5.12 -6.78 10.15
CA ALA A 96 -6.21 -7.23 11.00
C ALA A 96 -5.88 -7.02 12.47
N ASP A 97 -5.11 -5.97 12.76
CA ASP A 97 -4.73 -5.67 14.13
C ASP A 97 -4.66 -4.16 14.35
N GLU A 98 -4.11 -3.75 15.50
CA GLU A 98 -3.99 -2.34 15.82
C GLU A 98 -2.63 -1.79 15.43
N ILE A 99 -2.40 -0.50 15.67
CA ILE A 99 -1.13 0.13 15.34
C ILE A 99 -0.43 0.61 16.59
N ASN A 100 0.84 1.01 16.44
CA ASN A 100 1.63 1.49 17.56
C ASN A 100 1.86 3.00 17.45
N PRO A 101 0.93 3.78 18.03
CA PRO A 101 1.01 5.24 18.01
C PRO A 101 2.14 5.77 18.89
N GLY A 102 3.23 6.18 18.25
CA GLY A 102 4.37 6.71 18.98
C GLY A 102 5.57 5.77 18.95
N GLU A 103 5.43 4.69 18.19
CA GLU A 103 6.51 3.71 18.07
C GLU A 103 6.96 3.55 16.62
N THR A 104 7.74 2.51 16.36
CA THR A 104 8.23 2.24 15.02
C THR A 104 8.11 0.76 14.67
N ILE A 105 7.33 0.47 13.63
CA ILE A 105 7.13 -0.91 13.19
C ILE A 105 6.96 -0.99 11.68
N GLN A 106 6.63 -2.17 11.18
CA GLN A 106 6.44 -2.38 9.76
C GLN A 106 5.43 -3.49 9.49
N GLY A 107 5.24 -3.82 8.21
CA GLY A 107 4.29 -4.87 7.85
C GLY A 107 4.17 -5.05 6.36
N ALA A 108 3.33 -5.98 5.93
CA ALA A 108 3.13 -6.25 4.52
C ALA A 108 1.67 -6.08 4.12
N TYR A 109 1.43 -5.88 2.84
CA TYR A 109 0.07 -5.70 2.33
C TYR A 109 -0.18 -6.56 1.10
N PRO A 110 -0.71 -7.77 1.32
CA PRO A 110 -1.01 -8.72 0.24
C PRO A 110 -2.17 -8.25 -0.63
N TYR A 111 -1.86 -7.88 -1.87
CA TYR A 111 -2.89 -7.42 -2.79
C TYR A 111 -3.28 -8.52 -3.77
N GLU A 112 -4.57 -8.68 -3.99
CA GLU A 112 -5.08 -9.70 -4.90
C GLU A 112 -4.31 -9.67 -6.22
N PHE A 113 -3.56 -10.74 -6.48
CA PHE A 113 -2.78 -10.85 -7.71
C PHE A 113 -3.62 -11.42 -8.85
N ILE A 114 -4.93 -11.51 -8.61
CA ILE A 114 -5.84 -12.05 -9.62
C ILE A 114 -5.52 -11.51 -11.01
N ASN A 115 -5.04 -10.26 -11.06
CA ASN A 115 -4.69 -9.63 -12.32
C ASN A 115 -3.23 -9.89 -12.67
N GLU A 116 -2.79 -11.13 -12.46
CA GLU A 116 -1.41 -11.51 -12.75
C GLU A 116 -1.06 -11.20 -14.20
N ASN A 117 -2.07 -11.17 -15.06
CA ASN A 117 -1.87 -10.89 -16.48
C ASN A 117 -1.54 -9.42 -16.70
N LYS A 118 -1.96 -8.58 -15.77
CA LYS A 118 -1.71 -7.15 -15.86
C LYS A 118 -0.70 -6.70 -14.81
N PRO A 119 0.04 -5.62 -15.12
CA PRO A 119 1.06 -5.08 -14.21
C PRO A 119 0.44 -4.43 -12.97
N VAL A 120 1.21 -4.41 -11.89
CA VAL A 120 0.74 -3.81 -10.64
C VAL A 120 0.95 -2.30 -10.63
N HIS A 121 -0.14 -1.56 -10.64
CA HIS A 121 -0.07 -0.10 -10.64
C HIS A 121 0.26 0.42 -9.25
N PHE A 122 1.55 0.46 -8.93
CA PHE A 122 2.00 0.94 -7.62
C PHE A 122 1.95 2.46 -7.55
N LYS A 123 1.03 2.97 -6.74
CA LYS A 123 0.87 4.41 -6.58
C LYS A 123 0.67 4.77 -5.11
N PHE A 124 0.73 6.07 -4.80
CA PHE A 124 0.56 6.54 -3.43
C PHE A 124 -0.15 7.89 -3.42
N ARG A 125 -1.02 8.09 -2.44
CA ARG A 125 -1.77 9.33 -2.32
C ARG A 125 -2.60 9.35 -1.03
N ASP A 126 -2.86 10.54 -0.50
CA ASP A 126 -3.64 10.69 0.72
C ASP A 126 -4.94 11.43 0.44
N ARG A 127 -5.64 11.79 1.51
CA ARG A 127 -6.91 12.51 1.38
C ARG A 127 -6.70 14.01 1.49
N LEU A 128 -7.20 14.75 0.51
CA LEU A 128 -7.07 16.20 0.50
C LEU A 128 -7.86 16.82 -0.65
N LEU A 129 -7.66 18.11 -0.87
CA LEU A 129 -8.35 18.81 -1.94
C LEU A 129 -7.74 18.51 -3.31
N SER A 130 -7.72 17.23 -3.67
CA SER A 130 -7.15 16.81 -4.94
C SER A 130 -8.07 15.83 -5.66
N LEU A 131 -8.17 15.99 -6.98
CA LEU A 131 -9.03 15.11 -7.78
C LEU A 131 -8.49 14.98 -9.20
N ASP A 132 -7.18 15.18 -9.35
CA ASP A 132 -6.53 15.08 -10.65
C ASP A 132 -5.68 13.82 -10.73
N GLU A 133 -4.67 13.74 -9.87
CA GLU A 133 -3.77 12.58 -9.84
C GLU A 133 -3.04 12.50 -8.51
N PRO A 134 -2.50 11.31 -8.20
CA PRO A 134 -1.77 11.07 -6.96
C PRO A 134 -0.42 11.79 -6.94
N ILE A 135 0.29 11.66 -5.82
CA ILE A 135 1.60 12.29 -5.67
C ILE A 135 2.69 11.46 -6.36
N ALA A 136 2.49 10.15 -6.41
CA ALA A 136 3.45 9.26 -7.03
C ALA A 136 2.75 8.09 -7.72
N SER A 137 3.45 7.43 -8.63
CA SER A 137 2.90 6.30 -9.35
C SER A 137 3.96 5.63 -10.23
N GLU A 138 3.79 4.33 -10.47
CA GLU A 138 4.74 3.58 -11.28
C GLU A 138 4.28 2.14 -11.45
N GLU A 139 4.19 1.69 -12.70
CA GLU A 139 3.76 0.33 -13.00
C GLU A 139 4.95 -0.63 -12.95
N ILE A 140 4.75 -1.77 -12.30
CA ILE A 140 5.80 -2.78 -12.19
C ILE A 140 5.22 -4.19 -12.25
N THR A 141 5.97 -5.10 -12.87
CA THR A 141 5.52 -6.49 -12.98
C THR A 141 6.33 -7.40 -12.07
N ILE A 142 5.72 -7.83 -10.97
CA ILE A 142 6.39 -8.71 -10.01
C ILE A 142 5.90 -10.15 -10.17
N THR A 143 6.84 -11.05 -10.42
CA THR A 143 6.51 -12.47 -10.58
C THR A 143 7.60 -13.36 -10.00
N MET A 1 12.52 25.71 -12.61
CA MET A 1 12.58 27.11 -12.20
C MET A 1 12.24 27.26 -10.71
N ASP A 2 10.97 26.99 -10.38
CA ASP A 2 10.52 27.10 -9.00
C ASP A 2 9.08 26.61 -8.87
N GLU A 3 8.90 25.29 -8.97
CA GLU A 3 7.57 24.70 -8.86
C GLU A 3 7.53 23.64 -7.78
N VAL A 4 6.93 23.98 -6.64
CA VAL A 4 6.84 23.05 -5.52
C VAL A 4 6.19 21.74 -5.94
N LEU A 5 6.46 20.68 -5.18
CA LEU A 5 5.91 19.37 -5.48
C LEU A 5 5.01 18.88 -4.35
N ALA A 6 3.88 18.29 -4.72
CA ALA A 6 2.93 17.78 -3.74
C ALA A 6 2.37 18.91 -2.88
N THR A 7 2.46 20.14 -3.38
CA THR A 7 1.97 21.30 -2.66
C THR A 7 2.51 21.34 -1.23
N SER A 8 3.78 20.99 -1.07
CA SER A 8 4.42 20.99 0.23
C SER A 8 3.62 20.14 1.22
N ILE A 9 2.95 19.12 0.70
CA ILE A 9 2.15 18.23 1.54
C ILE A 9 2.93 16.96 1.91
N GLY A 10 3.10 16.08 0.94
CA GLY A 10 3.82 14.84 1.18
C GLY A 10 4.78 14.50 0.05
N THR A 11 5.25 13.26 0.03
CA THR A 11 6.17 12.81 -1.00
C THR A 11 6.19 11.28 -1.10
N TYR A 12 6.05 10.77 -2.31
CA TYR A 12 6.05 9.34 -2.55
C TYR A 12 7.19 8.93 -3.45
N GLU A 13 8.41 8.97 -2.92
CA GLU A 13 9.60 8.60 -3.69
C GLU A 13 10.68 8.04 -2.76
N ASN A 14 11.82 7.69 -3.36
CA ASN A 14 12.94 7.14 -2.60
C ASN A 14 12.51 5.90 -1.81
N ARG A 15 11.49 5.21 -2.33
CA ARG A 15 10.98 4.01 -1.68
C ARG A 15 10.39 4.34 -0.31
N THR A 16 9.71 5.47 -0.23
CA THR A 16 9.09 5.91 1.03
C THR A 16 7.89 6.82 0.76
N LEU A 17 6.88 6.71 1.62
CA LEU A 17 5.67 7.53 1.47
C LEU A 17 5.50 8.46 2.67
N LEU A 18 5.37 9.75 2.39
CA LEU A 18 5.19 10.74 3.44
C LEU A 18 3.77 11.30 3.44
N VAL A 19 3.22 11.50 4.63
CA VAL A 19 1.87 12.03 4.75
C VAL A 19 1.69 12.76 6.08
N PRO A 20 0.86 13.82 6.08
CA PRO A 20 0.60 14.62 7.27
C PRO A 20 -0.23 13.87 8.30
N ASP A 21 -0.71 12.69 7.92
CA ASP A 21 -1.52 11.87 8.81
C ASP A 21 -0.66 10.81 9.49
N GLY A 22 0.22 10.18 8.71
CA GLY A 22 1.07 9.15 9.27
C GLY A 22 2.49 9.23 8.72
N ARG A 23 3.16 8.08 8.64
CA ARG A 23 4.53 8.03 8.13
C ARG A 23 4.84 6.65 7.58
N LEU A 24 4.64 6.47 6.28
CA LEU A 24 4.90 5.19 5.62
C LEU A 24 6.32 5.16 5.06
N ALA A 25 6.79 3.96 4.73
CA ALA A 25 8.13 3.78 4.18
C ALA A 25 8.32 2.37 3.64
N LEU A 26 8.38 2.24 2.32
CA LEU A 26 8.56 0.95 1.68
C LEU A 26 9.93 0.36 2.03
N THR A 27 9.93 -0.66 2.88
CA THR A 27 11.17 -1.30 3.29
C THR A 27 11.81 -2.06 2.13
N ALA A 28 11.06 -2.98 1.54
CA ALA A 28 11.55 -3.76 0.40
C ALA A 28 10.51 -4.77 -0.07
N LEU A 29 9.78 -4.41 -1.11
CA LEU A 29 8.74 -5.27 -1.66
C LEU A 29 9.33 -6.61 -2.10
N HIS A 30 8.62 -7.69 -1.81
CA HIS A 30 9.06 -9.03 -2.18
C HIS A 30 7.93 -9.84 -2.80
N LYS A 31 8.25 -10.61 -3.83
CA LYS A 31 7.26 -11.43 -4.52
C LYS A 31 7.13 -12.80 -3.85
N GLY A 32 5.90 -13.20 -3.55
CA GLY A 32 5.67 -14.48 -2.93
C GLY A 32 4.76 -15.38 -3.74
N LYS A 33 4.22 -16.41 -3.10
CA LYS A 33 3.32 -17.34 -3.78
C LYS A 33 1.95 -17.36 -3.09
N ASP A 34 0.90 -17.50 -3.89
CA ASP A 34 -0.47 -17.54 -3.38
C ASP A 34 -1.07 -18.93 -3.53
N TYR A 35 -2.39 -19.02 -3.43
CA TYR A 35 -3.09 -20.29 -3.55
C TYR A 35 -2.73 -20.97 -4.87
N GLN A 36 -2.50 -20.17 -5.90
CA GLN A 36 -2.14 -20.70 -7.21
C GLN A 36 -0.63 -20.71 -7.41
N GLY A 37 0.10 -20.68 -6.31
CA GLY A 37 1.55 -20.68 -6.39
C GLY A 37 2.08 -19.89 -7.57
N LYS A 38 1.74 -18.61 -7.63
CA LYS A 38 2.17 -17.75 -8.72
C LYS A 38 1.66 -16.32 -8.51
N PRO A 39 0.34 -16.14 -8.66
CA PRO A 39 -0.30 -14.83 -8.49
C PRO A 39 -0.28 -14.35 -7.04
N MET A 40 0.81 -13.71 -6.65
CA MET A 40 0.95 -13.19 -5.28
C MET A 40 1.90 -12.01 -5.24
N PHE A 41 1.81 -11.22 -4.18
CA PHE A 41 2.67 -10.04 -4.02
C PHE A 41 2.57 -9.49 -2.61
N TYR A 42 3.72 -9.28 -1.98
CA TYR A 42 3.77 -8.75 -0.61
C TYR A 42 4.20 -7.29 -0.61
N VAL A 43 3.43 -6.46 0.09
CA VAL A 43 3.74 -5.04 0.18
C VAL A 43 4.52 -4.71 1.45
N LEU A 44 5.82 -4.96 1.41
CA LEU A 44 6.69 -4.70 2.56
C LEU A 44 6.82 -3.20 2.81
N PHE A 45 5.88 -2.65 3.58
CA PHE A 45 5.88 -1.23 3.90
C PHE A 45 6.14 -1.01 5.38
N GLU A 46 6.28 0.25 5.78
CA GLU A 46 6.52 0.60 7.17
C GLU A 46 5.70 1.82 7.59
N LEU A 47 4.45 1.58 7.95
CA LEU A 47 3.55 2.65 8.37
C LEU A 47 3.69 2.93 9.86
N THR A 48 4.09 4.15 10.19
CA THR A 48 4.27 4.54 11.59
C THR A 48 3.05 5.31 12.10
N ASN A 49 2.41 4.78 13.14
CA ASN A 49 1.24 5.41 13.71
C ASN A 49 1.63 6.64 14.52
N THR A 50 2.01 7.70 13.83
CA THR A 50 2.41 8.94 14.48
C THR A 50 1.29 9.48 15.38
N THR A 51 0.06 9.04 15.11
CA THR A 51 -1.09 9.49 15.88
C THR A 51 -0.96 9.08 17.34
N GLU A 52 -2.06 9.15 18.09
CA GLU A 52 -2.07 8.79 19.49
C GLU A 52 -3.23 7.87 19.82
N LYS A 53 -3.64 7.07 18.85
CA LYS A 53 -4.75 6.14 19.02
C LYS A 53 -4.28 4.69 18.90
N THR A 54 -5.06 3.78 19.46
CA THR A 54 -4.72 2.36 19.41
C THR A 54 -5.73 1.59 18.56
N GLN A 55 -6.43 2.31 17.69
CA GLN A 55 -7.42 1.68 16.82
C GLN A 55 -6.77 0.66 15.89
N ASN A 56 -7.55 0.15 14.94
CA ASN A 56 -7.04 -0.83 13.98
C ASN A 56 -5.76 -0.34 13.33
N ILE A 57 -5.11 -1.22 12.57
CA ILE A 57 -3.87 -0.88 11.88
C ILE A 57 -4.15 -0.38 10.47
N GLN A 58 -4.82 -1.21 9.68
CA GLN A 58 -5.14 -0.86 8.30
C GLN A 58 -6.11 0.30 8.25
N LEU A 59 -6.67 0.65 9.41
CA LEU A 59 -7.62 1.76 9.49
C LEU A 59 -7.06 3.01 8.82
N MET A 60 -5.73 3.12 8.80
CA MET A 60 -5.08 4.26 8.19
C MET A 60 -4.52 3.90 6.81
N ILE A 61 -4.06 2.67 6.68
CA ILE A 61 -3.50 2.19 5.41
C ILE A 61 -4.55 2.20 4.31
N GLN A 62 -5.81 2.04 4.70
CA GLN A 62 -6.91 2.02 3.76
C GLN A 62 -7.22 3.42 3.25
N SER A 63 -6.54 4.41 3.82
CA SER A 63 -6.75 5.81 3.43
C SER A 63 -5.55 6.33 2.65
N PHE A 64 -4.39 5.73 2.88
CA PHE A 64 -3.17 6.14 2.19
C PHE A 64 -3.02 5.42 0.85
N MET A 65 -2.64 4.15 0.91
CA MET A 65 -2.47 3.34 -0.29
C MET A 65 -3.81 2.85 -0.82
N GLU A 66 -3.88 2.62 -2.12
CA GLU A 66 -5.11 2.15 -2.75
C GLU A 66 -4.82 1.43 -4.06
N VAL A 67 -4.88 0.10 -4.02
CA VAL A 67 -4.62 -0.72 -5.21
C VAL A 67 -5.92 -1.21 -5.83
N SER A 68 -5.93 -1.32 -7.16
CA SER A 68 -7.11 -1.78 -7.88
C SER A 68 -6.73 -2.81 -8.95
N GLN A 69 -5.73 -2.47 -9.75
CA GLN A 69 -5.27 -3.36 -10.82
C GLN A 69 -6.33 -3.50 -11.90
N THR A 70 -5.90 -3.37 -13.16
CA THR A 70 -6.81 -3.48 -14.29
C THR A 70 -7.33 -4.91 -14.45
N VAL A 71 -8.56 -5.04 -14.93
CA VAL A 71 -9.16 -6.36 -15.12
C VAL A 71 -10.40 -6.26 -16.00
N HIS A 72 -10.43 -7.04 -17.08
CA HIS A 72 -11.56 -7.04 -18.00
C HIS A 72 -11.70 -5.69 -18.68
N GLY A 73 -10.66 -4.87 -18.60
CA GLY A 73 -10.69 -3.56 -19.22
C GLY A 73 -11.05 -2.46 -18.23
N LYS A 74 -11.05 -2.80 -16.95
CA LYS A 74 -11.37 -1.85 -15.90
C LYS A 74 -10.77 -2.26 -14.57
N ALA A 75 -10.34 -1.29 -13.77
CA ALA A 75 -9.75 -1.55 -12.47
C ALA A 75 -10.74 -2.27 -11.56
N GLN A 76 -10.26 -2.69 -10.40
CA GLN A 76 -11.10 -3.39 -9.43
C GLN A 76 -10.71 -3.05 -8.00
N ASN A 77 -11.17 -3.84 -7.05
CA ASN A 77 -10.86 -3.62 -5.64
C ASN A 77 -10.00 -4.76 -5.09
N LEU A 78 -8.70 -4.68 -5.34
CA LEU A 78 -7.77 -5.70 -4.86
C LEU A 78 -7.94 -5.94 -3.37
N GLN A 79 -8.50 -7.10 -3.01
CA GLN A 79 -8.72 -7.43 -1.61
C GLN A 79 -7.64 -8.38 -1.11
N TYR A 80 -7.85 -8.95 0.08
CA TYR A 80 -6.89 -9.87 0.67
C TYR A 80 -6.50 -10.96 -0.33
N ALA A 81 -5.22 -11.00 -0.67
CA ALA A 81 -4.72 -12.00 -1.61
C ALA A 81 -4.51 -13.35 -0.93
N VAL A 82 -5.52 -14.21 -1.02
CA VAL A 82 -5.45 -15.53 -0.40
C VAL A 82 -4.20 -16.28 -0.86
N LEU A 83 -3.62 -17.07 0.05
CA LEU A 83 -2.42 -17.84 -0.26
C LEU A 83 -2.50 -19.23 0.38
N THR A 84 -3.63 -19.54 0.98
CA THR A 84 -3.83 -20.83 1.63
C THR A 84 -2.98 -20.95 2.89
N ASP A 85 -1.70 -20.61 2.77
CA ASP A 85 -0.79 -20.68 3.91
C ASP A 85 0.61 -20.22 3.51
N SER A 86 1.14 -19.26 4.26
CA SER A 86 2.47 -18.73 3.98
C SER A 86 3.14 -18.25 5.27
N PRO A 87 4.48 -18.16 5.23
CA PRO A 87 5.28 -17.73 6.38
C PRO A 87 5.10 -16.25 6.68
N PHE A 88 4.51 -15.52 5.73
CA PHE A 88 4.28 -14.08 5.89
C PHE A 88 2.90 -13.83 6.49
N GLN A 89 2.50 -14.69 7.42
CA GLN A 89 1.21 -14.55 8.08
C GLN A 89 1.31 -13.66 9.31
N ASP A 90 2.52 -13.56 9.86
CA ASP A 90 2.75 -12.74 11.05
C ASP A 90 2.46 -11.27 10.75
N LYS A 91 2.63 -10.88 9.49
CA LYS A 91 2.39 -9.50 9.08
C LYS A 91 0.96 -9.33 8.56
N LEU A 92 0.42 -10.41 7.99
CA LEU A 92 -0.93 -10.38 7.44
C LEU A 92 -1.96 -10.17 8.55
N ASP A 93 -1.59 -10.53 9.76
CA ASP A 93 -2.48 -10.37 10.91
C ASP A 93 -2.42 -8.95 11.46
N ARG A 94 -1.62 -8.11 10.81
CA ARG A 94 -1.45 -6.73 11.24
C ARG A 94 -2.42 -5.82 10.51
N LEU A 95 -3.56 -6.37 10.09
CA LEU A 95 -4.57 -5.61 9.37
C LEU A 95 -5.87 -5.56 10.16
N ALA A 96 -5.98 -6.43 11.16
CA ALA A 96 -7.18 -6.49 12.00
C ALA A 96 -6.86 -6.13 13.44
N ASP A 97 -5.57 -6.12 13.77
CA ASP A 97 -5.12 -5.80 15.12
C ASP A 97 -4.98 -4.30 15.30
N GLU A 98 -4.42 -3.88 16.44
CA GLU A 98 -4.23 -2.47 16.73
C GLU A 98 -2.83 -2.01 16.31
N ILE A 99 -2.61 -0.70 16.38
CA ILE A 99 -1.32 -0.13 16.01
C ILE A 99 -0.56 0.37 17.24
N ASN A 100 0.69 0.74 17.04
CA ASN A 100 1.53 1.23 18.13
C ASN A 100 1.76 2.73 18.00
N PRO A 101 0.87 3.53 18.59
CA PRO A 101 0.96 4.99 18.55
C PRO A 101 2.12 5.53 19.38
N GLY A 102 3.22 5.84 18.72
CA GLY A 102 4.39 6.35 19.42
C GLY A 102 5.57 5.41 19.34
N GLU A 103 5.42 4.33 18.59
CA GLU A 103 6.49 3.34 18.43
C GLU A 103 6.90 3.21 16.97
N THR A 104 7.74 2.21 16.68
CA THR A 104 8.20 1.98 15.32
C THR A 104 8.04 0.52 14.93
N ILE A 105 7.11 0.26 14.01
CA ILE A 105 6.85 -1.09 13.54
C ILE A 105 6.66 -1.13 12.03
N GLN A 106 6.30 -2.30 11.51
CA GLN A 106 6.09 -2.46 10.08
C GLN A 106 4.96 -3.46 9.81
N GLY A 107 4.79 -3.82 8.54
CA GLY A 107 3.75 -4.76 8.17
C GLY A 107 3.68 -5.00 6.67
N ALA A 108 2.74 -5.82 6.24
CA ALA A 108 2.57 -6.13 4.83
C ALA A 108 1.12 -5.91 4.39
N TYR A 109 0.81 -6.36 3.18
CA TYR A 109 -0.54 -6.22 2.64
C TYR A 109 -0.67 -6.92 1.30
N PRO A 110 -1.05 -8.21 1.34
CA PRO A 110 -1.22 -9.03 0.14
C PRO A 110 -2.42 -8.60 -0.70
N TYR A 111 -2.17 -8.15 -1.91
CA TYR A 111 -3.24 -7.70 -2.81
C TYR A 111 -3.54 -8.76 -3.86
N GLU A 112 -4.78 -8.79 -4.31
CA GLU A 112 -5.21 -9.75 -5.33
C GLU A 112 -4.34 -9.65 -6.57
N PHE A 113 -3.38 -10.55 -6.70
CA PHE A 113 -2.48 -10.57 -7.84
C PHE A 113 -3.07 -11.39 -8.99
N ILE A 114 -4.31 -11.80 -8.83
CA ILE A 114 -5.00 -12.59 -9.85
C ILE A 114 -4.73 -12.03 -11.24
N ASN A 115 -4.60 -10.71 -11.33
CA ASN A 115 -4.36 -10.04 -12.60
C ASN A 115 -2.86 -10.01 -12.91
N GLU A 116 -2.20 -11.15 -12.77
CA GLU A 116 -0.78 -11.25 -13.04
C GLU A 116 -0.45 -10.79 -14.46
N ASN A 117 -1.34 -11.11 -15.40
CA ASN A 117 -1.14 -10.74 -16.79
C ASN A 117 -1.21 -9.22 -16.95
N LYS A 118 -1.80 -8.55 -15.97
CA LYS A 118 -1.93 -7.09 -16.00
C LYS A 118 -1.03 -6.45 -14.96
N PRO A 119 -0.64 -5.19 -15.23
CA PRO A 119 0.22 -4.43 -14.32
C PRO A 119 -0.48 -4.04 -13.03
N VAL A 120 0.29 -3.72 -12.01
CA VAL A 120 -0.26 -3.32 -10.71
C VAL A 120 -0.64 -1.85 -10.70
N HIS A 121 -1.91 -1.56 -10.99
CA HIS A 121 -2.39 -0.19 -11.01
C HIS A 121 -2.19 0.49 -9.66
N PHE A 122 -1.16 1.33 -9.58
CA PHE A 122 -0.86 2.04 -8.34
C PHE A 122 -1.52 3.43 -8.33
N LYS A 123 -2.10 3.79 -7.19
CA LYS A 123 -2.75 5.07 -7.05
C LYS A 123 -2.56 5.64 -5.64
N PHE A 124 -1.70 6.65 -5.53
CA PHE A 124 -1.42 7.27 -4.24
C PHE A 124 -1.91 8.72 -4.22
N ARG A 125 -2.32 9.17 -3.03
CA ARG A 125 -2.82 10.53 -2.88
C ARG A 125 -3.20 10.81 -1.43
N ASP A 126 -2.69 11.89 -0.88
CA ASP A 126 -2.98 12.27 0.50
C ASP A 126 -4.48 12.31 0.75
N ARG A 127 -5.23 12.80 -0.24
CA ARG A 127 -6.68 12.89 -0.12
C ARG A 127 -7.35 12.43 -1.41
N LEU A 128 -8.62 12.03 -1.30
CA LEU A 128 -9.38 11.56 -2.46
C LEU A 128 -9.37 12.61 -3.57
N LEU A 129 -9.22 13.87 -3.19
CA LEU A 129 -9.20 14.96 -4.15
C LEU A 129 -7.77 15.42 -4.42
N SER A 130 -7.36 15.36 -5.68
CA SER A 130 -6.02 15.76 -6.08
C SER A 130 -6.04 17.11 -6.77
N LEU A 131 -7.17 17.45 -7.37
CA LEU A 131 -7.32 18.71 -8.07
C LEU A 131 -6.51 18.72 -9.37
N ASP A 132 -5.19 18.73 -9.23
CA ASP A 132 -4.31 18.73 -10.39
C ASP A 132 -4.03 17.30 -10.87
N GLU A 133 -3.24 16.57 -10.10
CA GLU A 133 -2.89 15.20 -10.44
C GLU A 133 -2.28 14.47 -9.24
N PRO A 134 -2.36 13.13 -9.26
CA PRO A 134 -1.82 12.29 -8.19
C PRO A 134 -0.29 12.31 -8.16
N ILE A 135 0.27 12.71 -7.02
CA ILE A 135 1.72 12.76 -6.87
C ILE A 135 2.36 11.44 -7.31
N ALA A 136 1.67 10.33 -7.07
CA ALA A 136 2.18 9.02 -7.44
C ALA A 136 1.04 8.11 -7.90
N SER A 137 1.28 7.38 -8.99
CA SER A 137 0.27 6.48 -9.53
C SER A 137 0.84 5.68 -10.70
N GLU A 138 -0.03 5.29 -11.63
CA GLU A 138 0.38 4.52 -12.79
C GLU A 138 0.58 3.05 -12.44
N GLU A 139 0.27 2.17 -13.38
CA GLU A 139 0.41 0.74 -13.17
C GLU A 139 1.88 0.31 -13.30
N ILE A 140 2.30 -0.60 -12.44
CA ILE A 140 3.67 -1.11 -12.47
C ILE A 140 3.73 -2.58 -12.10
N THR A 141 3.86 -3.44 -13.09
CA THR A 141 3.94 -4.87 -12.87
C THR A 141 5.12 -5.23 -11.97
N ILE A 142 4.85 -5.96 -10.90
CA ILE A 142 5.89 -6.36 -9.96
C ILE A 142 6.39 -7.77 -10.28
N THR A 143 7.70 -7.91 -10.40
CA THR A 143 8.31 -9.20 -10.70
C THR A 143 9.35 -9.57 -9.65
N MET A 1 8.87 33.94 -5.94
CA MET A 1 8.15 33.87 -4.67
C MET A 1 8.84 32.92 -3.70
N ASP A 2 8.90 31.64 -4.07
CA ASP A 2 9.53 30.63 -3.23
C ASP A 2 9.53 29.27 -3.93
N GLU A 3 10.32 28.34 -3.41
CA GLU A 3 10.41 27.01 -3.98
C GLU A 3 9.69 25.99 -3.10
N VAL A 4 8.44 25.70 -3.44
CA VAL A 4 7.65 24.75 -2.67
C VAL A 4 7.42 23.46 -3.46
N LEU A 5 6.78 22.48 -2.83
CA LEU A 5 6.50 21.20 -3.47
C LEU A 5 5.19 21.27 -4.25
N ALA A 6 4.66 20.09 -4.59
CA ALA A 6 3.42 20.02 -5.34
C ALA A 6 2.31 20.83 -4.66
N THR A 7 2.27 22.12 -4.98
CA THR A 7 1.27 23.02 -4.41
C THR A 7 1.07 22.73 -2.92
N SER A 8 2.17 22.74 -2.17
CA SER A 8 2.11 22.48 -0.74
C SER A 8 1.26 21.24 -0.44
N ILE A 9 1.87 20.07 -0.57
CA ILE A 9 1.16 18.82 -0.31
C ILE A 9 2.11 17.77 0.28
N GLY A 10 2.96 17.21 -0.57
CA GLY A 10 3.90 16.19 -0.12
C GLY A 10 4.94 15.86 -1.16
N THR A 11 5.52 14.67 -1.06
CA THR A 11 6.53 14.23 -2.01
C THR A 11 6.92 12.77 -1.77
N TYR A 12 7.16 12.05 -2.85
CA TYR A 12 7.53 10.64 -2.76
C TYR A 12 8.73 10.33 -3.66
N GLU A 13 9.73 9.66 -3.09
CA GLU A 13 10.92 9.30 -3.85
C GLU A 13 11.91 8.54 -2.97
N ASN A 14 13.05 8.16 -3.54
CA ASN A 14 14.07 7.43 -2.81
C ASN A 14 13.48 6.20 -2.14
N ARG A 15 12.50 5.59 -2.80
CA ARG A 15 11.84 4.40 -2.27
C ARG A 15 11.10 4.72 -0.98
N THR A 16 10.28 5.76 -1.01
CA THR A 16 9.51 6.17 0.15
C THR A 16 8.33 7.07 -0.24
N LEU A 17 7.23 6.93 0.47
CA LEU A 17 6.04 7.73 0.19
C LEU A 17 5.72 8.67 1.35
N LEU A 18 5.86 9.97 1.10
CA LEU A 18 5.60 10.98 2.12
C LEU A 18 4.33 11.76 1.79
N VAL A 19 3.43 11.83 2.77
CA VAL A 19 2.17 12.55 2.58
C VAL A 19 1.62 13.04 3.92
N PRO A 20 0.79 14.10 3.87
CA PRO A 20 0.19 14.69 5.07
C PRO A 20 -0.85 13.77 5.69
N ASP A 21 -0.39 12.76 6.43
CA ASP A 21 -1.29 11.82 7.08
C ASP A 21 -0.51 10.76 7.86
N GLY A 22 0.63 10.35 7.30
CA GLY A 22 1.46 9.35 7.94
C GLY A 22 2.90 9.39 7.48
N ARG A 23 3.48 8.22 7.26
CA ARG A 23 4.87 8.13 6.81
C ARG A 23 5.16 6.76 6.22
N LEU A 24 4.80 6.57 4.96
CA LEU A 24 5.02 5.30 4.28
C LEU A 24 6.42 5.24 3.66
N ALA A 25 7.07 4.09 3.79
CA ALA A 25 8.41 3.92 3.24
C ALA A 25 8.63 2.48 2.79
N LEU A 26 8.59 2.26 1.47
CA LEU A 26 8.78 0.93 0.91
C LEU A 26 10.15 0.37 1.29
N THR A 27 10.16 -0.88 1.76
CA THR A 27 11.40 -1.53 2.16
C THR A 27 11.91 -2.46 1.06
N ALA A 28 11.04 -3.33 0.58
CA ALA A 28 11.41 -4.27 -0.47
C ALA A 28 10.24 -5.20 -0.81
N LEU A 29 9.63 -4.99 -1.97
CA LEU A 29 8.51 -5.80 -2.40
C LEU A 29 8.92 -7.27 -2.53
N HIS A 30 8.12 -8.16 -1.94
CA HIS A 30 8.40 -9.59 -1.99
C HIS A 30 7.20 -10.36 -2.52
N LYS A 31 7.46 -11.43 -3.24
CA LYS A 31 6.40 -12.26 -3.81
C LYS A 31 6.25 -13.56 -3.04
N GLY A 32 5.10 -14.21 -3.19
CA GLY A 32 4.85 -15.45 -2.49
C GLY A 32 3.88 -16.36 -3.24
N LYS A 33 3.16 -17.19 -2.51
CA LYS A 33 2.21 -18.11 -3.11
C LYS A 33 0.85 -18.01 -2.42
N ASP A 34 -0.21 -18.38 -3.13
CA ASP A 34 -1.56 -18.34 -2.59
C ASP A 34 -2.29 -19.64 -2.86
N TYR A 35 -3.62 -19.59 -2.80
CA TYR A 35 -4.44 -20.77 -3.04
C TYR A 35 -4.09 -21.44 -4.36
N GLN A 36 -3.73 -20.61 -5.34
CA GLN A 36 -3.38 -21.11 -6.67
C GLN A 36 -1.86 -21.21 -6.82
N GLY A 37 -1.17 -21.29 -5.68
CA GLY A 37 0.28 -21.40 -5.70
C GLY A 37 0.90 -20.65 -6.88
N LYS A 38 0.54 -19.38 -7.03
CA LYS A 38 1.06 -18.57 -8.11
C LYS A 38 0.71 -17.09 -7.90
N PRO A 39 -0.59 -16.78 -8.00
CA PRO A 39 -1.09 -15.41 -7.82
C PRO A 39 -0.98 -14.93 -6.37
N MET A 40 0.14 -14.30 -6.05
CA MET A 40 0.37 -13.79 -4.70
C MET A 40 1.42 -12.69 -4.71
N PHE A 41 1.32 -11.78 -3.74
CA PHE A 41 2.27 -10.67 -3.64
C PHE A 41 2.11 -9.95 -2.29
N TYR A 42 3.22 -9.44 -1.78
CA TYR A 42 3.21 -8.73 -0.51
C TYR A 42 3.74 -7.31 -0.66
N VAL A 43 3.04 -6.35 -0.06
CA VAL A 43 3.44 -4.95 -0.13
C VAL A 43 4.27 -4.55 1.08
N LEU A 44 5.57 -4.81 1.01
CA LEU A 44 6.48 -4.47 2.11
C LEU A 44 6.67 -2.97 2.21
N PHE A 45 5.92 -2.33 3.10
CA PHE A 45 6.00 -0.90 3.29
C PHE A 45 6.19 -0.55 4.78
N GLU A 46 6.71 0.64 5.05
CA GLU A 46 6.94 1.08 6.41
C GLU A 46 6.00 2.22 6.78
N LEU A 47 4.75 1.88 7.05
CA LEU A 47 3.75 2.88 7.42
C LEU A 47 3.88 3.27 8.88
N THR A 48 4.22 4.53 9.13
CA THR A 48 4.39 5.04 10.49
C THR A 48 3.13 5.78 10.95
N ASN A 49 2.53 5.29 12.03
CA ASN A 49 1.32 5.91 12.58
C ASN A 49 1.66 7.22 13.28
N THR A 50 1.89 8.26 12.48
CA THR A 50 2.22 9.58 13.02
C THR A 50 1.11 10.09 13.94
N THR A 51 -0.08 9.52 13.79
CA THR A 51 -1.22 9.91 14.61
C THR A 51 -0.94 9.69 16.09
N GLU A 52 -1.98 9.83 16.91
CA GLU A 52 -1.85 9.64 18.35
C GLU A 52 -2.96 8.73 18.89
N LYS A 53 -3.51 7.91 18.01
CA LYS A 53 -4.58 7.00 18.39
C LYS A 53 -4.16 5.54 18.17
N THR A 54 -4.86 4.62 18.82
CA THR A 54 -4.56 3.20 18.70
C THR A 54 -5.58 2.50 17.80
N GLN A 55 -6.22 3.27 16.94
CA GLN A 55 -7.22 2.73 16.03
C GLN A 55 -6.61 1.68 15.11
N ASN A 56 -7.45 0.96 14.38
CA ASN A 56 -6.99 -0.08 13.47
C ASN A 56 -5.91 0.46 12.54
N ILE A 57 -5.29 -0.44 11.79
CA ILE A 57 -4.23 -0.05 10.84
C ILE A 57 -4.78 0.08 9.43
N GLN A 58 -5.55 -0.92 9.01
CA GLN A 58 -6.14 -0.92 7.67
C GLN A 58 -6.93 0.36 7.42
N LEU A 59 -7.36 1.00 8.50
CA LEU A 59 -8.13 2.23 8.41
C LEU A 59 -7.29 3.35 7.79
N MET A 60 -5.98 3.13 7.73
CA MET A 60 -5.06 4.12 7.17
C MET A 60 -4.57 3.67 5.80
N ILE A 61 -4.02 2.47 5.72
CA ILE A 61 -3.51 1.92 4.47
C ILE A 61 -4.60 1.91 3.40
N GLN A 62 -5.85 1.76 3.83
CA GLN A 62 -6.97 1.73 2.90
C GLN A 62 -7.22 3.11 2.31
N SER A 63 -6.60 4.13 2.90
CA SER A 63 -6.76 5.50 2.44
C SER A 63 -5.43 6.10 2.04
N PHE A 64 -4.37 5.30 2.14
CA PHE A 64 -3.03 5.74 1.79
C PHE A 64 -2.69 5.35 0.36
N MET A 65 -2.60 4.04 0.12
CA MET A 65 -2.28 3.53 -1.20
C MET A 65 -3.53 2.99 -1.89
N GLU A 66 -3.61 3.16 -3.21
CA GLU A 66 -4.75 2.69 -3.98
C GLU A 66 -4.29 1.76 -5.11
N VAL A 67 -4.08 0.49 -4.77
CA VAL A 67 -3.63 -0.49 -5.76
C VAL A 67 -4.81 -0.98 -6.60
N SER A 68 -4.56 -1.18 -7.89
CA SER A 68 -5.60 -1.64 -8.81
C SER A 68 -4.98 -2.25 -10.06
N GLN A 69 -5.52 -3.39 -10.49
CA GLN A 69 -5.02 -4.06 -11.68
C GLN A 69 -6.08 -4.10 -12.77
N THR A 70 -5.66 -4.41 -14.00
CA THR A 70 -6.57 -4.48 -15.13
C THR A 70 -7.42 -5.74 -15.08
N VAL A 71 -8.57 -5.70 -15.76
CA VAL A 71 -9.47 -6.84 -15.78
C VAL A 71 -10.67 -6.57 -16.68
N HIS A 72 -10.88 -7.44 -17.66
CA HIS A 72 -12.01 -7.29 -18.59
C HIS A 72 -11.89 -5.98 -19.36
N GLY A 73 -10.70 -5.39 -19.36
CA GLY A 73 -10.49 -4.14 -20.07
C GLY A 73 -10.76 -2.93 -19.19
N LYS A 74 -10.77 -3.15 -17.88
CA LYS A 74 -11.00 -2.07 -16.92
C LYS A 74 -10.16 -2.26 -15.67
N ALA A 75 -9.76 -1.15 -15.06
CA ALA A 75 -8.95 -1.18 -13.85
C ALA A 75 -9.82 -1.37 -12.61
N GLN A 76 -9.45 -2.32 -11.76
CA GLN A 76 -10.21 -2.59 -10.54
C GLN A 76 -9.28 -2.58 -9.32
N ASN A 77 -9.83 -2.17 -8.19
CA ASN A 77 -9.05 -2.10 -6.95
C ASN A 77 -8.78 -3.51 -6.41
N LEU A 78 -7.51 -3.80 -6.14
CA LEU A 78 -7.11 -5.10 -5.61
C LEU A 78 -7.32 -5.17 -4.12
N GLN A 79 -8.12 -6.13 -3.67
CA GLN A 79 -8.41 -6.30 -2.25
C GLN A 79 -7.50 -7.37 -1.65
N TYR A 80 -7.64 -7.59 -0.35
CA TYR A 80 -6.84 -8.59 0.36
C TYR A 80 -6.82 -9.91 -0.41
N ALA A 81 -5.63 -10.36 -0.77
CA ALA A 81 -5.47 -11.62 -1.50
C ALA A 81 -5.56 -12.81 -0.56
N VAL A 82 -6.43 -13.75 -0.88
CA VAL A 82 -6.62 -14.94 -0.07
C VAL A 82 -5.47 -15.93 -0.29
N LEU A 83 -5.07 -16.60 0.79
CA LEU A 83 -4.00 -17.58 0.72
C LEU A 83 -4.17 -18.67 1.76
N THR A 84 -3.85 -19.90 1.39
CA THR A 84 -3.98 -21.04 2.30
C THR A 84 -3.08 -20.88 3.52
N ASP A 85 -1.85 -20.44 3.28
CA ASP A 85 -0.88 -20.23 4.36
C ASP A 85 0.42 -19.65 3.82
N SER A 86 1.07 -18.82 4.63
CA SER A 86 2.32 -18.20 4.23
C SER A 86 3.15 -17.83 5.47
N PRO A 87 4.47 -17.70 5.26
CA PRO A 87 5.41 -17.35 6.34
C PRO A 87 5.24 -15.91 6.80
N PHE A 88 4.60 -15.09 5.98
CA PHE A 88 4.38 -13.69 6.31
C PHE A 88 3.02 -13.50 6.98
N GLN A 89 2.65 -14.45 7.83
CA GLN A 89 1.37 -14.38 8.53
C GLN A 89 1.50 -13.56 9.82
N ASP A 90 2.73 -13.26 10.19
CA ASP A 90 2.98 -12.47 11.40
C ASP A 90 2.76 -10.98 11.14
N LYS A 91 2.58 -10.63 9.87
CA LYS A 91 2.36 -9.24 9.50
C LYS A 91 1.02 -9.08 8.77
N LEU A 92 0.30 -10.19 8.62
CA LEU A 92 -0.99 -10.18 7.94
C LEU A 92 -2.11 -9.88 8.93
N ASP A 93 -1.86 -10.15 10.22
CA ASP A 93 -2.84 -9.91 11.25
C ASP A 93 -2.84 -8.45 11.68
N ARG A 94 -1.96 -7.66 11.06
CA ARG A 94 -1.85 -6.25 11.38
C ARG A 94 -3.12 -5.49 10.99
N LEU A 95 -3.61 -5.76 9.79
CA LEU A 95 -4.82 -5.11 9.30
C LEU A 95 -5.99 -5.32 10.27
N ALA A 96 -5.92 -6.40 11.03
CA ALA A 96 -6.96 -6.71 12.00
C ALA A 96 -6.51 -6.40 13.42
N ASP A 97 -5.58 -5.45 13.55
CA ASP A 97 -5.07 -5.04 14.84
C ASP A 97 -4.92 -3.53 14.93
N GLU A 98 -4.26 -3.06 15.98
CA GLU A 98 -4.05 -1.63 16.17
C GLU A 98 -2.68 -1.21 15.67
N ILE A 99 -2.34 0.07 15.86
CA ILE A 99 -1.06 0.60 15.42
C ILE A 99 -0.29 1.20 16.59
N ASN A 100 0.96 1.58 16.34
CA ASN A 100 1.80 2.18 17.37
C ASN A 100 2.03 3.66 17.11
N PRO A 101 1.11 4.50 17.63
CA PRO A 101 1.19 5.96 17.45
C PRO A 101 2.35 6.57 18.23
N GLY A 102 3.43 6.88 17.53
CA GLY A 102 4.59 7.47 18.19
C GLY A 102 5.79 6.55 18.17
N GLU A 103 5.65 5.41 17.50
CA GLU A 103 6.74 4.44 17.42
C GLU A 103 7.17 4.25 15.97
N THR A 104 8.23 3.46 15.77
CA THR A 104 8.75 3.19 14.44
C THR A 104 8.66 1.71 14.10
N ILE A 105 7.60 1.33 13.40
CA ILE A 105 7.40 -0.06 13.02
C ILE A 105 6.86 -0.17 11.59
N GLN A 106 6.48 -1.37 11.20
CA GLN A 106 5.94 -1.60 9.86
C GLN A 106 5.18 -2.93 9.80
N GLY A 107 4.69 -3.27 8.62
CA GLY A 107 3.94 -4.51 8.44
C GLY A 107 3.82 -4.92 6.99
N ALA A 108 2.69 -5.51 6.64
CA ALA A 108 2.45 -5.96 5.27
C ALA A 108 0.99 -5.73 4.87
N TYR A 109 0.69 -5.99 3.60
CA TYR A 109 -0.66 -5.83 3.09
C TYR A 109 -0.76 -6.30 1.64
N PRO A 110 -0.95 -7.61 1.46
CA PRO A 110 -1.06 -8.22 0.13
C PRO A 110 -2.37 -7.84 -0.57
N TYR A 111 -2.42 -8.07 -1.87
CA TYR A 111 -3.60 -7.75 -2.66
C TYR A 111 -3.79 -8.76 -3.79
N GLU A 112 -5.00 -8.80 -4.35
CA GLU A 112 -5.31 -9.71 -5.44
C GLU A 112 -4.28 -9.59 -6.56
N PHE A 113 -3.60 -10.69 -6.86
CA PHE A 113 -2.59 -10.71 -7.90
C PHE A 113 -2.95 -11.72 -9.00
N ILE A 114 -4.19 -12.20 -8.96
CA ILE A 114 -4.66 -13.16 -9.94
C ILE A 114 -4.17 -12.81 -11.34
N ASN A 115 -4.08 -11.51 -11.63
CA ASN A 115 -3.63 -11.04 -12.93
C ASN A 115 -2.11 -10.87 -12.94
N GLU A 116 -1.41 -11.89 -12.45
CA GLU A 116 0.05 -11.86 -12.41
C GLU A 116 0.64 -11.62 -13.80
N ASN A 117 0.01 -12.22 -14.81
CA ASN A 117 0.47 -12.08 -16.19
C ASN A 117 0.33 -10.63 -16.65
N LYS A 118 -0.58 -9.89 -16.02
CA LYS A 118 -0.79 -8.49 -16.37
C LYS A 118 -0.13 -7.57 -15.36
N PRO A 119 0.21 -6.35 -15.79
CA PRO A 119 0.85 -5.34 -14.94
C PRO A 119 -0.10 -4.80 -13.87
N VAL A 120 0.47 -4.31 -12.78
CA VAL A 120 -0.33 -3.75 -11.69
C VAL A 120 -0.04 -2.27 -11.49
N HIS A 121 -1.07 -1.44 -11.68
CA HIS A 121 -0.93 0.00 -11.52
C HIS A 121 -1.03 0.40 -10.05
N PHE A 122 0.07 0.26 -9.33
CA PHE A 122 0.10 0.60 -7.91
C PHE A 122 0.06 2.11 -7.72
N LYS A 123 -0.95 2.58 -6.98
CA LYS A 123 -1.11 4.01 -6.71
C LYS A 123 -0.81 4.33 -5.26
N PHE A 124 -0.47 5.59 -4.99
CA PHE A 124 -0.17 6.02 -3.63
C PHE A 124 -0.61 7.46 -3.41
N ARG A 125 -1.84 7.62 -2.92
CA ARG A 125 -2.39 8.96 -2.66
C ARG A 125 -3.23 8.95 -1.40
N ASP A 126 -2.95 9.89 -0.50
CA ASP A 126 -3.68 10.00 0.76
C ASP A 126 -4.97 10.80 0.57
N ARG A 127 -6.10 10.13 0.63
CA ARG A 127 -7.40 10.78 0.45
C ARG A 127 -7.84 11.46 1.75
N LEU A 128 -8.29 12.70 1.63
CA LEU A 128 -8.74 13.47 2.79
C LEU A 128 -9.37 14.80 2.36
N LEU A 129 -8.80 15.40 1.32
CA LEU A 129 -9.30 16.67 0.81
C LEU A 129 -8.86 16.89 -0.63
N SER A 130 -8.61 15.80 -1.34
CA SER A 130 -8.17 15.87 -2.73
C SER A 130 -8.88 14.82 -3.58
N LEU A 131 -9.42 15.25 -4.72
CA LEU A 131 -10.13 14.34 -5.62
C LEU A 131 -9.41 14.23 -6.96
N ASP A 132 -8.62 15.25 -7.27
CA ASP A 132 -7.87 15.27 -8.53
C ASP A 132 -6.89 14.09 -8.59
N GLU A 133 -6.00 14.13 -9.58
CA GLU A 133 -5.01 13.07 -9.76
C GLU A 133 -4.27 12.80 -8.46
N PRO A 134 -3.74 11.57 -8.31
CA PRO A 134 -3.00 11.16 -7.12
C PRO A 134 -1.64 11.86 -7.00
N ILE A 135 -0.94 11.60 -5.92
CA ILE A 135 0.37 12.21 -5.69
C ILE A 135 1.49 11.27 -6.12
N ALA A 136 1.25 9.97 -6.01
CA ALA A 136 2.24 8.97 -6.40
C ALA A 136 1.58 7.80 -7.12
N SER A 137 2.29 7.21 -8.06
CA SER A 137 1.78 6.08 -8.82
C SER A 137 2.81 5.60 -9.85
N GLU A 138 2.71 4.33 -10.23
CA GLU A 138 3.63 3.75 -11.20
C GLU A 138 3.27 2.30 -11.50
N GLU A 139 3.38 1.90 -12.76
CA GLU A 139 3.06 0.54 -13.17
C GLU A 139 4.21 -0.40 -12.83
N ILE A 140 3.86 -1.60 -12.38
CA ILE A 140 4.86 -2.60 -12.01
C ILE A 140 4.42 -4.00 -12.44
N THR A 141 5.39 -4.87 -12.71
CA THR A 141 5.09 -6.24 -13.11
C THR A 141 5.82 -7.24 -12.23
N ILE A 142 5.10 -7.81 -11.27
CA ILE A 142 5.66 -8.79 -10.36
C ILE A 142 5.36 -10.22 -10.82
N THR A 143 5.54 -11.17 -9.91
CA THR A 143 5.28 -12.57 -10.22
C THR A 143 3.97 -12.74 -10.97
N MET A 1 -5.98 26.78 -7.14
CA MET A 1 -5.86 25.36 -6.84
C MET A 1 -4.75 25.11 -5.82
N ASP A 2 -5.07 24.41 -4.75
CA ASP A 2 -4.10 24.11 -3.70
C ASP A 2 -3.96 22.60 -3.52
N GLU A 3 -3.48 21.92 -4.57
CA GLU A 3 -3.30 20.47 -4.51
C GLU A 3 -1.84 20.10 -4.80
N VAL A 4 -0.93 20.72 -4.07
CA VAL A 4 0.50 20.44 -4.25
C VAL A 4 0.90 20.58 -5.71
N LEU A 5 2.14 20.20 -6.01
CA LEU A 5 2.65 20.28 -7.38
C LEU A 5 3.32 18.97 -7.77
N ALA A 6 4.07 19.01 -8.88
CA ALA A 6 4.76 17.82 -9.37
C ALA A 6 5.45 17.09 -8.23
N THR A 7 5.98 17.83 -7.27
CA THR A 7 6.67 17.25 -6.13
C THR A 7 6.77 18.25 -4.98
N SER A 8 5.73 18.29 -4.15
CA SER A 8 5.70 19.21 -3.02
C SER A 8 6.30 18.55 -1.77
N ILE A 9 5.84 18.98 -0.61
CA ILE A 9 6.33 18.43 0.66
C ILE A 9 6.47 16.91 0.58
N GLY A 10 5.38 16.24 0.25
CA GLY A 10 5.41 14.79 0.14
C GLY A 10 6.51 14.30 -0.78
N THR A 11 7.60 13.82 -0.18
CA THR A 11 8.73 13.31 -0.96
C THR A 11 8.52 11.85 -1.35
N TYR A 12 9.19 11.44 -2.42
CA TYR A 12 9.08 10.07 -2.91
C TYR A 12 10.37 9.63 -3.58
N GLU A 13 11.26 9.01 -2.81
CA GLU A 13 12.54 8.53 -3.33
C GLU A 13 13.32 7.78 -2.26
N ASN A 14 14.46 7.22 -2.66
CA ASN A 14 15.29 6.46 -1.73
C ASN A 14 14.52 5.31 -1.11
N ARG A 15 13.50 4.83 -1.82
CA ARG A 15 12.68 3.74 -1.34
C ARG A 15 11.94 4.12 -0.07
N THR A 16 11.38 5.32 -0.06
CA THR A 16 10.64 5.83 1.10
C THR A 16 9.66 6.92 0.70
N LEU A 17 8.52 6.95 1.36
CA LEU A 17 7.49 7.95 1.07
C LEU A 17 7.24 8.83 2.29
N LEU A 18 7.56 10.12 2.18
CA LEU A 18 7.36 11.05 3.27
C LEU A 18 6.01 11.75 3.15
N VAL A 19 5.30 11.85 4.26
CA VAL A 19 3.98 12.50 4.27
C VAL A 19 3.68 13.09 5.65
N PRO A 20 2.78 14.09 5.67
CA PRO A 20 2.39 14.76 6.91
C PRO A 20 1.55 13.86 7.82
N ASP A 21 0.64 13.11 7.21
CA ASP A 21 -0.22 12.21 7.96
C ASP A 21 0.61 11.24 8.81
N GLY A 22 1.64 10.67 8.21
CA GLY A 22 2.50 9.74 8.91
C GLY A 22 3.88 9.63 8.29
N ARG A 23 4.25 8.44 7.86
CA ARG A 23 5.56 8.20 7.26
C ARG A 23 5.68 6.78 6.74
N LEU A 24 5.57 6.63 5.42
CA LEU A 24 5.67 5.32 4.79
C LEU A 24 7.07 5.07 4.26
N ALA A 25 7.51 3.82 4.31
CA ALA A 25 8.84 3.44 3.83
C ALA A 25 8.86 2.01 3.31
N LEU A 26 8.84 1.87 1.99
CA LEU A 26 8.85 0.54 1.37
C LEU A 26 9.91 -0.35 1.99
N THR A 27 9.48 -1.46 2.57
CA THR A 27 10.41 -2.40 3.19
C THR A 27 10.76 -3.55 2.25
N ALA A 28 10.76 -3.26 0.96
CA ALA A 28 11.08 -4.26 -0.05
C ALA A 28 9.93 -5.26 -0.22
N LEU A 29 9.13 -5.05 -1.25
CA LEU A 29 7.99 -5.93 -1.52
C LEU A 29 8.47 -7.32 -1.93
N HIS A 30 7.74 -8.35 -1.49
CA HIS A 30 8.10 -9.72 -1.81
C HIS A 30 6.86 -10.51 -2.25
N LYS A 31 7.04 -11.42 -3.19
CA LYS A 31 5.95 -12.25 -3.69
C LYS A 31 5.86 -13.57 -2.94
N GLY A 32 4.65 -14.09 -2.79
CA GLY A 32 4.47 -15.35 -2.09
C GLY A 32 3.62 -16.33 -2.87
N LYS A 33 2.64 -16.93 -2.20
CA LYS A 33 1.76 -17.89 -2.85
C LYS A 33 0.35 -17.81 -2.28
N ASP A 34 -0.65 -17.96 -3.14
CA ASP A 34 -2.04 -17.91 -2.72
C ASP A 34 -2.74 -19.24 -2.96
N TYR A 35 -4.06 -19.21 -3.06
CA TYR A 35 -4.85 -20.41 -3.29
C TYR A 35 -4.35 -21.16 -4.51
N GLN A 36 -3.91 -20.41 -5.52
CA GLN A 36 -3.41 -21.00 -6.75
C GLN A 36 -1.89 -21.13 -6.72
N GLY A 37 -1.33 -21.12 -5.50
CA GLY A 37 0.11 -21.23 -5.36
C GLY A 37 0.86 -20.60 -6.50
N LYS A 38 0.62 -19.31 -6.74
CA LYS A 38 1.27 -18.59 -7.82
C LYS A 38 0.94 -17.10 -7.76
N PRO A 39 -0.34 -16.78 -8.03
CA PRO A 39 -0.82 -15.40 -8.02
C PRO A 39 -0.86 -14.81 -6.62
N MET A 40 0.19 -14.07 -6.26
CA MET A 40 0.27 -13.45 -4.94
C MET A 40 1.29 -12.31 -4.93
N PHE A 41 1.23 -11.48 -3.91
CA PHE A 41 2.15 -10.34 -3.79
C PHE A 41 1.94 -9.62 -2.45
N TYR A 42 3.04 -9.21 -1.84
CA TYR A 42 2.98 -8.50 -0.57
C TYR A 42 3.49 -7.07 -0.71
N VAL A 43 2.84 -6.15 -0.01
CA VAL A 43 3.23 -4.74 -0.06
C VAL A 43 4.05 -4.36 1.15
N LEU A 44 5.30 -4.82 1.19
CA LEU A 44 6.19 -4.53 2.31
C LEU A 44 6.45 -3.03 2.41
N PHE A 45 5.90 -2.41 3.45
CA PHE A 45 6.09 -0.97 3.67
C PHE A 45 6.32 -0.67 5.15
N GLU A 46 6.60 0.59 5.45
CA GLU A 46 6.85 1.01 6.82
C GLU A 46 6.00 2.22 7.19
N LEU A 47 4.73 1.98 7.51
CA LEU A 47 3.81 3.05 7.88
C LEU A 47 3.81 3.27 9.38
N THR A 48 4.25 4.44 9.81
CA THR A 48 4.30 4.78 11.23
C THR A 48 3.03 5.50 11.66
N ASN A 49 2.39 4.98 12.70
CA ASN A 49 1.16 5.58 13.22
C ASN A 49 1.46 6.83 14.03
N THR A 50 1.95 7.87 13.34
CA THR A 50 2.27 9.12 14.00
C THR A 50 1.05 9.74 14.66
N THR A 51 -0.14 9.25 14.29
CA THR A 51 -1.38 9.74 14.84
C THR A 51 -1.42 9.56 16.36
N GLU A 52 -2.60 9.77 16.94
CA GLU A 52 -2.76 9.63 18.39
C GLU A 52 -3.93 8.70 18.71
N LYS A 53 -4.15 7.72 17.84
CA LYS A 53 -5.24 6.75 18.03
C LYS A 53 -4.72 5.32 17.92
N THR A 54 -5.52 4.38 18.40
CA THR A 54 -5.14 2.97 18.36
C THR A 54 -6.16 2.15 17.59
N GLN A 55 -6.94 2.82 16.75
CA GLN A 55 -7.96 2.15 15.95
C GLN A 55 -7.33 1.17 14.96
N ASN A 56 -8.16 0.58 14.12
CA ASN A 56 -7.68 -0.38 13.12
C ASN A 56 -6.42 0.14 12.43
N ILE A 57 -5.65 -0.77 11.85
CA ILE A 57 -4.43 -0.40 11.14
C ILE A 57 -4.71 -0.09 9.67
N GLN A 58 -5.26 -1.07 8.97
CA GLN A 58 -5.58 -0.90 7.55
C GLN A 58 -6.38 0.37 7.32
N LEU A 59 -7.08 0.82 8.35
CA LEU A 59 -7.90 2.03 8.27
C LEU A 59 -7.05 3.22 7.83
N MET A 60 -5.74 3.12 8.04
CA MET A 60 -4.82 4.18 7.66
C MET A 60 -4.17 3.89 6.31
N ILE A 61 -3.69 2.67 6.15
CA ILE A 61 -3.04 2.26 4.90
C ILE A 61 -3.99 2.41 3.72
N GLN A 62 -5.29 2.40 4.00
CA GLN A 62 -6.29 2.54 2.96
C GLN A 62 -6.51 4.01 2.61
N SER A 63 -5.76 4.89 3.25
CA SER A 63 -5.87 6.32 3.00
C SER A 63 -4.54 6.89 2.52
N PHE A 64 -3.54 6.03 2.40
CA PHE A 64 -2.22 6.45 1.96
C PHE A 64 -1.96 6.01 0.52
N MET A 65 -1.67 4.73 0.35
CA MET A 65 -1.41 4.17 -0.98
C MET A 65 -2.67 3.54 -1.57
N GLU A 66 -2.76 3.52 -2.89
CA GLU A 66 -3.91 2.94 -3.57
C GLU A 66 -3.47 2.09 -4.75
N VAL A 67 -3.95 0.85 -4.80
CA VAL A 67 -3.60 -0.07 -5.88
C VAL A 67 -4.83 -0.43 -6.70
N SER A 68 -4.65 -0.59 -8.01
CA SER A 68 -5.73 -0.93 -8.90
C SER A 68 -5.21 -1.48 -10.23
N GLN A 69 -5.75 -2.61 -10.64
CA GLN A 69 -5.33 -3.24 -11.89
C GLN A 69 -6.46 -3.23 -12.92
N THR A 70 -6.09 -3.14 -14.19
CA THR A 70 -7.07 -3.11 -15.27
C THR A 70 -7.61 -4.51 -15.56
N VAL A 71 -8.90 -4.72 -15.27
CA VAL A 71 -9.53 -6.01 -15.50
C VAL A 71 -10.59 -5.91 -16.59
N HIS A 72 -10.56 -6.86 -17.52
CA HIS A 72 -11.52 -6.89 -18.62
C HIS A 72 -11.55 -5.55 -19.35
N GLY A 73 -10.45 -4.80 -19.24
CA GLY A 73 -10.37 -3.51 -19.89
C GLY A 73 -10.95 -2.39 -19.05
N LYS A 74 -10.90 -2.55 -17.73
CA LYS A 74 -11.43 -1.55 -16.81
C LYS A 74 -10.74 -1.64 -15.46
N ALA A 75 -10.22 -0.52 -14.99
CA ALA A 75 -9.53 -0.47 -13.70
C ALA A 75 -10.39 -1.09 -12.60
N GLN A 76 -9.75 -1.78 -11.67
CA GLN A 76 -10.44 -2.43 -10.57
C GLN A 76 -9.68 -2.27 -9.26
N ASN A 77 -10.40 -2.04 -8.17
CA ASN A 77 -9.79 -1.86 -6.87
C ASN A 77 -9.31 -3.20 -6.31
N LEU A 78 -7.99 -3.37 -6.24
CA LEU A 78 -7.40 -4.60 -5.72
C LEU A 78 -7.62 -4.71 -4.22
N GLN A 79 -8.31 -5.77 -3.80
CA GLN A 79 -8.58 -6.00 -2.39
C GLN A 79 -7.62 -7.02 -1.80
N TYR A 80 -7.83 -7.39 -0.54
CA TYR A 80 -6.97 -8.35 0.13
C TYR A 80 -6.83 -9.62 -0.70
N ALA A 81 -5.60 -10.09 -0.86
CA ALA A 81 -5.32 -11.30 -1.63
C ALA A 81 -5.61 -12.55 -0.81
N VAL A 82 -6.66 -13.27 -1.17
CA VAL A 82 -7.04 -14.49 -0.46
C VAL A 82 -5.99 -15.57 -0.65
N LEU A 83 -5.60 -16.21 0.45
CA LEU A 83 -4.61 -17.27 0.41
C LEU A 83 -4.91 -18.34 1.45
N THR A 84 -4.59 -19.59 1.12
CA THR A 84 -4.82 -20.71 2.03
C THR A 84 -3.89 -20.65 3.23
N ASP A 85 -2.64 -20.24 2.98
CA ASP A 85 -1.65 -20.13 4.04
C ASP A 85 -0.34 -19.57 3.51
N SER A 86 0.35 -18.79 4.34
CA SER A 86 1.61 -18.18 3.94
C SER A 86 2.50 -17.93 5.16
N PRO A 87 3.82 -17.86 4.93
CA PRO A 87 4.79 -17.62 6.00
C PRO A 87 4.72 -16.20 6.55
N PHE A 88 4.15 -15.29 5.76
CA PHE A 88 4.01 -13.90 6.17
C PHE A 88 2.67 -13.66 6.84
N GLN A 89 2.23 -14.62 7.65
CA GLN A 89 0.95 -14.51 8.35
C GLN A 89 1.06 -13.55 9.53
N ASP A 90 2.30 -13.25 9.93
CA ASP A 90 2.53 -12.35 11.06
C ASP A 90 2.18 -10.92 10.69
N LYS A 91 2.83 -10.39 9.65
CA LYS A 91 2.59 -9.03 9.20
C LYS A 91 1.14 -8.86 8.75
N LEU A 92 0.52 -9.96 8.32
CA LEU A 92 -0.86 -9.92 7.86
C LEU A 92 -1.80 -9.62 9.01
N ASP A 93 -1.33 -9.80 10.24
CA ASP A 93 -2.12 -9.54 11.43
C ASP A 93 -2.13 -8.06 11.76
N ARG A 94 -1.42 -7.27 10.96
CA ARG A 94 -1.35 -5.83 11.16
C ARG A 94 -2.38 -5.11 10.32
N LEU A 95 -3.47 -5.80 9.99
CA LEU A 95 -4.54 -5.21 9.19
C LEU A 95 -5.84 -5.19 9.96
N ALA A 96 -6.21 -6.33 10.53
CA ALA A 96 -7.44 -6.44 11.31
C ALA A 96 -7.18 -6.21 12.79
N ASP A 97 -6.10 -5.49 13.09
CA ASP A 97 -5.75 -5.20 14.48
C ASP A 97 -5.49 -3.71 14.67
N GLU A 98 -4.89 -3.36 15.80
CA GLU A 98 -4.58 -1.97 16.11
C GLU A 98 -3.12 -1.65 15.82
N ILE A 99 -2.80 -0.37 15.74
CA ILE A 99 -1.43 0.07 15.48
C ILE A 99 -0.75 0.55 16.75
N ASN A 100 0.45 1.10 16.61
CA ASN A 100 1.21 1.60 17.74
C ASN A 100 1.47 3.10 17.61
N PRO A 101 0.51 3.91 18.11
CA PRO A 101 0.60 5.36 18.06
C PRO A 101 1.67 5.91 19.00
N GLY A 102 2.85 6.18 18.44
CA GLY A 102 3.94 6.70 19.25
C GLY A 102 5.14 5.77 19.27
N GLU A 103 5.07 4.71 18.49
CA GLU A 103 6.16 3.74 18.42
C GLU A 103 6.72 3.65 17.00
N THR A 104 7.77 2.85 16.83
CA THR A 104 8.41 2.68 15.54
C THR A 104 8.29 1.24 15.06
N ILE A 105 7.32 0.98 14.18
CA ILE A 105 7.10 -0.36 13.64
C ILE A 105 6.61 -0.30 12.20
N GLN A 106 6.23 -1.46 11.67
CA GLN A 106 5.74 -1.54 10.29
C GLN A 106 4.76 -2.69 10.14
N GLY A 107 4.43 -3.01 8.88
CA GLY A 107 3.50 -4.09 8.62
C GLY A 107 3.46 -4.46 7.14
N ALA A 108 2.36 -5.07 6.72
CA ALA A 108 2.19 -5.47 5.33
C ALA A 108 0.76 -5.28 4.87
N TYR A 109 0.50 -5.58 3.59
CA TYR A 109 -0.84 -5.44 3.04
C TYR A 109 -0.87 -5.94 1.59
N PRO A 110 -1.08 -7.25 1.42
CA PRO A 110 -1.14 -7.88 0.11
C PRO A 110 -2.40 -7.49 -0.66
N TYR A 111 -2.31 -7.55 -1.99
CA TYR A 111 -3.45 -7.19 -2.84
C TYR A 111 -3.74 -8.31 -3.84
N GLU A 112 -4.87 -8.19 -4.53
CA GLU A 112 -5.27 -9.19 -5.50
C GLU A 112 -4.27 -9.29 -6.64
N PHE A 113 -3.69 -10.48 -6.82
CA PHE A 113 -2.70 -10.70 -7.87
C PHE A 113 -3.33 -11.42 -9.05
N ILE A 114 -4.65 -11.60 -9.01
CA ILE A 114 -5.36 -12.28 -10.09
C ILE A 114 -4.88 -11.82 -11.45
N ASN A 115 -4.52 -10.55 -11.55
CA ASN A 115 -4.04 -9.98 -12.80
C ASN A 115 -2.51 -10.06 -12.89
N GLU A 116 -1.97 -11.20 -12.50
CA GLU A 116 -0.52 -11.41 -12.52
C GLU A 116 0.03 -11.20 -13.93
N ASN A 117 -0.81 -11.44 -14.94
CA ASN A 117 -0.40 -11.27 -16.32
C ASN A 117 -0.31 -9.79 -16.69
N LYS A 118 -0.93 -8.94 -15.87
CA LYS A 118 -0.91 -7.51 -16.10
C LYS A 118 -0.02 -6.80 -15.09
N PRO A 119 0.53 -5.63 -15.48
CA PRO A 119 1.41 -4.84 -14.63
C PRO A 119 0.67 -4.20 -13.46
N VAL A 120 1.35 -4.08 -12.33
CA VAL A 120 0.75 -3.48 -11.14
C VAL A 120 0.79 -1.96 -11.21
N HIS A 121 -0.28 -1.33 -10.75
CA HIS A 121 -0.37 0.13 -10.76
C HIS A 121 -0.08 0.71 -9.38
N PHE A 122 1.18 1.07 -9.15
CA PHE A 122 1.59 1.63 -7.86
C PHE A 122 1.51 3.15 -7.88
N LYS A 123 0.50 3.69 -7.21
CA LYS A 123 0.31 5.14 -7.15
C LYS A 123 0.36 5.63 -5.71
N PHE A 124 0.73 6.89 -5.54
CA PHE A 124 0.81 7.49 -4.20
C PHE A 124 0.24 8.90 -4.20
N ARG A 125 -0.51 9.22 -3.16
CA ARG A 125 -1.13 10.55 -3.03
C ARG A 125 -1.90 10.66 -1.72
N ASP A 126 -2.47 9.54 -1.28
CA ASP A 126 -3.25 9.52 -0.04
C ASP A 126 -4.53 10.33 -0.19
N ARG A 127 -5.56 9.94 0.57
CA ARG A 127 -6.84 10.63 0.52
C ARG A 127 -6.80 11.91 1.33
N LEU A 128 -7.98 12.49 1.57
CA LEU A 128 -8.08 13.72 2.35
C LEU A 128 -7.43 14.89 1.61
N LEU A 129 -8.23 15.90 1.29
CA LEU A 129 -7.73 17.08 0.59
C LEU A 129 -7.25 16.71 -0.81
N SER A 130 -6.85 17.72 -1.58
CA SER A 130 -6.37 17.49 -2.93
C SER A 130 -7.46 16.88 -3.81
N LEU A 131 -7.24 16.92 -5.12
CA LEU A 131 -8.21 16.38 -6.07
C LEU A 131 -7.56 16.16 -7.43
N ASP A 132 -6.73 17.11 -7.84
CA ASP A 132 -6.05 17.02 -9.13
C ASP A 132 -5.17 15.77 -9.20
N GLU A 133 -4.33 15.70 -10.23
CA GLU A 133 -3.44 14.55 -10.40
C GLU A 133 -2.66 14.27 -9.13
N PRO A 134 -2.19 13.03 -8.99
CA PRO A 134 -1.42 12.60 -7.81
C PRO A 134 -0.03 13.23 -7.77
N ILE A 135 0.74 12.88 -6.74
CA ILE A 135 2.08 13.41 -6.59
C ILE A 135 3.12 12.44 -7.13
N ALA A 136 2.80 11.15 -7.10
CA ALA A 136 3.70 10.12 -7.58
C ALA A 136 2.94 8.88 -8.02
N SER A 137 3.45 8.19 -9.04
CA SER A 137 2.82 6.99 -9.56
C SER A 137 3.67 6.35 -10.64
N GLU A 138 3.59 5.02 -10.75
CA GLU A 138 4.35 4.29 -11.75
C GLU A 138 3.97 2.81 -11.74
N GLU A 139 3.90 2.22 -12.94
CA GLU A 139 3.54 0.82 -13.07
C GLU A 139 4.77 -0.07 -12.93
N ILE A 140 4.57 -1.28 -12.41
CA ILE A 140 5.67 -2.22 -12.22
C ILE A 140 5.19 -3.66 -12.42
N THR A 141 6.05 -4.48 -13.03
CA THR A 141 5.72 -5.87 -13.28
C THR A 141 6.36 -6.79 -12.24
N ILE A 142 5.57 -7.20 -11.25
CA ILE A 142 6.06 -8.08 -10.20
C ILE A 142 5.82 -9.55 -10.55
N THR A 143 6.89 -10.33 -10.57
CA THR A 143 6.79 -11.75 -10.89
C THR A 143 7.64 -12.58 -9.93
N MET A 1 9.35 29.40 -13.27
CA MET A 1 8.50 28.38 -12.67
C MET A 1 8.52 28.48 -11.15
N ASP A 2 7.78 29.43 -10.61
CA ASP A 2 7.72 29.63 -9.16
C ASP A 2 6.31 29.38 -8.64
N GLU A 3 5.99 28.12 -8.37
CA GLU A 3 4.68 27.75 -7.86
C GLU A 3 4.61 26.25 -7.57
N VAL A 4 4.22 25.92 -6.34
CA VAL A 4 4.11 24.52 -5.93
C VAL A 4 3.15 23.76 -6.84
N LEU A 5 3.53 22.54 -7.21
CA LEU A 5 2.71 21.71 -8.07
C LEU A 5 1.34 21.47 -7.44
N ALA A 6 0.52 20.66 -8.12
CA ALA A 6 -0.82 20.36 -7.63
C ALA A 6 -0.77 19.85 -6.18
N THR A 7 0.34 19.21 -5.82
CA THR A 7 0.52 18.68 -4.48
C THR A 7 1.99 18.46 -4.16
N SER A 8 2.71 19.55 -3.90
CA SER A 8 4.13 19.47 -3.59
C SER A 8 4.36 19.46 -2.08
N ILE A 9 3.39 18.93 -1.35
CA ILE A 9 3.49 18.86 0.10
C ILE A 9 4.45 17.76 0.54
N GLY A 10 4.02 16.51 0.39
CA GLY A 10 4.86 15.39 0.78
C GLY A 10 5.96 15.12 -0.22
N THR A 11 6.88 14.23 0.14
CA THR A 11 7.99 13.88 -0.74
C THR A 11 7.93 12.41 -1.16
N TYR A 12 8.16 12.16 -2.44
CA TYR A 12 8.13 10.79 -2.95
C TYR A 12 9.41 10.47 -3.71
N GLU A 13 10.37 9.86 -3.03
CA GLU A 13 11.64 9.50 -3.64
C GLU A 13 12.51 8.71 -2.66
N ASN A 14 13.60 8.15 -3.18
CA ASN A 14 14.51 7.36 -2.36
C ASN A 14 13.77 6.24 -1.63
N ARG A 15 12.76 5.68 -2.29
CA ARG A 15 11.98 4.61 -1.71
C ARG A 15 11.46 4.99 -0.33
N THR A 16 10.74 6.11 -0.26
CA THR A 16 10.18 6.59 1.00
C THR A 16 9.06 7.59 0.75
N LEU A 17 7.89 7.31 1.33
CA LEU A 17 6.73 8.17 1.17
C LEU A 17 6.43 8.92 2.47
N LEU A 18 6.64 10.23 2.46
CA LEU A 18 6.39 11.05 3.64
C LEU A 18 5.11 11.86 3.47
N VAL A 19 4.37 12.01 4.56
CA VAL A 19 3.12 12.76 4.55
C VAL A 19 2.77 13.29 5.93
N PRO A 20 1.97 14.37 5.96
CA PRO A 20 1.54 15.00 7.22
C PRO A 20 0.58 14.12 8.01
N ASP A 21 0.15 13.03 7.41
CA ASP A 21 -0.77 12.10 8.06
C ASP A 21 -0.02 10.92 8.66
N GLY A 22 0.96 10.40 7.92
CA GLY A 22 1.74 9.28 8.40
C GLY A 22 3.15 9.27 7.84
N ARG A 23 3.74 8.09 7.72
CA ARG A 23 5.10 7.96 7.21
C ARG A 23 5.33 6.57 6.62
N LEU A 24 5.16 6.46 5.31
CA LEU A 24 5.35 5.18 4.63
C LEU A 24 6.72 5.12 3.96
N ALA A 25 7.11 3.92 3.54
CA ALA A 25 8.39 3.72 2.88
C ALA A 25 8.55 2.28 2.39
N LEU A 26 9.22 2.12 1.26
CA LEU A 26 9.45 0.79 0.70
C LEU A 26 10.67 0.14 1.31
N THR A 27 10.46 -0.98 2.00
CA THR A 27 11.55 -1.70 2.64
C THR A 27 12.11 -2.79 1.71
N ALA A 28 11.23 -3.66 1.24
CA ALA A 28 11.63 -4.74 0.34
C ALA A 28 10.45 -5.61 -0.03
N LEU A 29 9.88 -5.36 -1.20
CA LEU A 29 8.73 -6.12 -1.69
C LEU A 29 9.08 -7.60 -1.82
N HIS A 30 8.15 -8.47 -1.42
CA HIS A 30 8.36 -9.91 -1.51
C HIS A 30 7.18 -10.59 -2.20
N LYS A 31 7.46 -11.68 -2.90
CA LYS A 31 6.43 -12.43 -3.61
C LYS A 31 5.97 -13.63 -2.79
N GLY A 32 4.83 -14.19 -3.17
CA GLY A 32 4.29 -15.34 -2.46
C GLY A 32 3.42 -16.22 -3.33
N LYS A 33 2.39 -16.80 -2.75
CA LYS A 33 1.48 -17.67 -3.48
C LYS A 33 0.11 -17.72 -2.80
N ASP A 34 -0.94 -17.43 -3.55
CA ASP A 34 -2.29 -17.45 -3.02
C ASP A 34 -2.92 -18.83 -3.18
N TYR A 35 -4.23 -18.90 -3.03
CA TYR A 35 -4.96 -20.17 -3.15
C TYR A 35 -4.65 -20.84 -4.49
N GLN A 36 -4.24 -20.04 -5.46
CA GLN A 36 -3.91 -20.55 -6.79
C GLN A 36 -2.41 -20.81 -6.92
N GLY A 37 -1.74 -20.95 -5.79
CA GLY A 37 -0.32 -21.20 -5.79
C GLY A 37 0.40 -20.52 -6.95
N LYS A 38 0.18 -19.21 -7.07
CA LYS A 38 0.80 -18.43 -8.14
C LYS A 38 0.70 -16.94 -7.86
N PRO A 39 -0.54 -16.41 -7.86
CA PRO A 39 -0.80 -15.01 -7.61
C PRO A 39 -0.54 -14.62 -6.16
N MET A 40 0.27 -13.58 -5.96
CA MET A 40 0.59 -13.11 -4.62
C MET A 40 1.61 -11.98 -4.67
N PHE A 41 1.70 -11.22 -3.58
CA PHE A 41 2.62 -10.10 -3.51
C PHE A 41 2.47 -9.34 -2.19
N TYR A 42 3.51 -9.38 -1.36
CA TYR A 42 3.48 -8.71 -0.07
C TYR A 42 4.11 -7.32 -0.17
N VAL A 43 3.32 -6.29 0.11
CA VAL A 43 3.79 -4.92 0.06
C VAL A 43 4.52 -4.53 1.34
N LEU A 44 5.79 -4.92 1.42
CA LEU A 44 6.60 -4.62 2.60
C LEU A 44 6.87 -3.12 2.71
N PHE A 45 6.02 -2.43 3.46
CA PHE A 45 6.16 -0.99 3.65
C PHE A 45 6.34 -0.65 5.12
N GLU A 46 7.03 0.45 5.40
CA GLU A 46 7.27 0.89 6.77
C GLU A 46 6.28 1.98 7.18
N LEU A 47 5.04 1.57 7.43
CA LEU A 47 3.99 2.50 7.83
C LEU A 47 4.10 2.84 9.31
N THR A 48 4.41 4.11 9.59
CA THR A 48 4.54 4.57 10.97
C THR A 48 3.30 5.34 11.42
N ASN A 49 2.68 4.86 12.49
CA ASN A 49 1.48 5.51 13.02
C ASN A 49 1.84 6.83 13.71
N THR A 50 2.09 7.86 12.92
CA THR A 50 2.44 9.17 13.45
C THR A 50 1.34 9.69 14.37
N THR A 51 0.14 9.16 14.23
CA THR A 51 -0.99 9.58 15.05
C THR A 51 -0.71 9.32 16.52
N GLU A 52 -1.75 9.44 17.34
CA GLU A 52 -1.62 9.23 18.78
C GLU A 52 -2.75 8.34 19.30
N LYS A 53 -3.34 7.55 18.40
CA LYS A 53 -4.43 6.66 18.76
C LYS A 53 -4.04 5.20 18.53
N THR A 54 -4.74 4.29 19.19
CA THR A 54 -4.47 2.87 19.05
C THR A 54 -5.49 2.20 18.14
N GLN A 55 -6.12 3.00 17.28
CA GLN A 55 -7.12 2.48 16.35
C GLN A 55 -6.52 1.42 15.44
N ASN A 56 -7.36 0.85 14.58
CA ASN A 56 -6.92 -0.18 13.64
C ASN A 56 -5.73 0.32 12.81
N ILE A 57 -5.16 -0.57 12.01
CA ILE A 57 -4.03 -0.23 11.16
C ILE A 57 -4.47 0.07 9.73
N GLN A 58 -5.14 -0.91 9.12
CA GLN A 58 -5.62 -0.76 7.75
C GLN A 58 -6.37 0.56 7.58
N LEU A 59 -6.97 1.03 8.67
CA LEU A 59 -7.72 2.28 8.65
C LEU A 59 -6.90 3.41 8.03
N MET A 60 -5.57 3.30 8.13
CA MET A 60 -4.68 4.30 7.58
C MET A 60 -4.22 3.91 6.18
N ILE A 61 -3.71 2.69 6.05
CA ILE A 61 -3.23 2.19 4.77
C ILE A 61 -4.30 2.37 3.69
N GLN A 62 -5.51 1.94 3.98
CA GLN A 62 -6.62 2.05 3.03
C GLN A 62 -6.83 3.51 2.62
N SER A 63 -6.40 4.43 3.47
CA SER A 63 -6.55 5.86 3.19
C SER A 63 -5.26 6.43 2.61
N PHE A 64 -4.20 5.63 2.63
CA PHE A 64 -2.90 6.06 2.11
C PHE A 64 -2.66 5.46 0.73
N MET A 65 -2.31 4.18 0.69
CA MET A 65 -2.04 3.49 -0.56
C MET A 65 -3.32 2.85 -1.11
N GLU A 66 -3.54 3.00 -2.41
CA GLU A 66 -4.71 2.43 -3.06
C GLU A 66 -4.32 1.65 -4.32
N VAL A 67 -4.79 0.41 -4.41
CA VAL A 67 -4.48 -0.44 -5.56
C VAL A 67 -5.77 -0.96 -6.20
N SER A 68 -5.72 -1.17 -7.51
CA SER A 68 -6.89 -1.67 -8.24
C SER A 68 -6.45 -2.63 -9.34
N GLN A 69 -5.37 -2.29 -10.04
CA GLN A 69 -4.85 -3.13 -11.11
C GLN A 69 -5.83 -3.16 -12.29
N THR A 70 -5.31 -2.88 -13.48
CA THR A 70 -6.13 -2.87 -14.69
C THR A 70 -6.60 -4.28 -15.04
N VAL A 71 -7.74 -4.36 -15.71
CA VAL A 71 -8.30 -5.64 -16.11
C VAL A 71 -9.51 -5.46 -17.03
N HIS A 72 -9.46 -6.10 -18.19
CA HIS A 72 -10.54 -6.00 -19.17
C HIS A 72 -10.67 -4.58 -19.69
N GLY A 73 -9.65 -3.76 -19.45
CA GLY A 73 -9.66 -2.39 -19.92
C GLY A 73 -10.08 -1.41 -18.83
N LYS A 74 -10.13 -1.90 -17.59
CA LYS A 74 -10.52 -1.06 -16.46
C LYS A 74 -10.01 -1.65 -15.15
N ALA A 75 -9.66 -0.78 -14.21
CA ALA A 75 -9.17 -1.21 -12.91
C ALA A 75 -10.22 -2.02 -12.16
N GLN A 76 -9.80 -2.66 -11.08
CA GLN A 76 -10.71 -3.46 -10.27
C GLN A 76 -10.49 -3.20 -8.78
N ASN A 77 -11.08 -4.06 -7.95
CA ASN A 77 -10.94 -3.93 -6.50
C ASN A 77 -9.85 -4.85 -5.96
N LEU A 78 -8.62 -4.35 -5.91
CA LEU A 78 -7.49 -5.13 -5.42
C LEU A 78 -7.57 -5.30 -3.91
N GLN A 79 -8.41 -6.22 -3.46
CA GLN A 79 -8.58 -6.49 -2.03
C GLN A 79 -7.49 -7.43 -1.53
N TYR A 80 -7.67 -7.93 -0.30
CA TYR A 80 -6.70 -8.84 0.29
C TYR A 80 -6.42 -10.02 -0.62
N ALA A 81 -5.19 -10.53 -0.58
CA ALA A 81 -4.79 -11.66 -1.40
C ALA A 81 -4.94 -12.97 -0.64
N VAL A 82 -6.15 -13.52 -0.62
CA VAL A 82 -6.41 -14.77 0.06
C VAL A 82 -5.34 -15.81 -0.24
N LEU A 83 -5.02 -16.64 0.75
CA LEU A 83 -4.01 -17.66 0.60
C LEU A 83 -4.28 -18.85 1.52
N THR A 84 -3.84 -20.03 1.12
CA THR A 84 -4.04 -21.23 1.91
C THR A 84 -2.98 -21.37 2.99
N ASP A 85 -1.77 -20.92 2.67
CA ASP A 85 -0.67 -20.99 3.63
C ASP A 85 0.48 -20.08 3.18
N SER A 86 1.01 -19.30 4.13
CA SER A 86 2.11 -18.39 3.83
C SER A 86 2.87 -18.04 5.11
N PRO A 87 4.19 -17.82 4.97
CA PRO A 87 5.06 -17.47 6.09
C PRO A 87 4.79 -16.06 6.61
N PHE A 88 4.25 -15.21 5.76
CA PHE A 88 3.94 -13.83 6.13
C PHE A 88 2.50 -13.70 6.59
N GLN A 89 2.03 -14.70 7.34
CA GLN A 89 0.66 -14.70 7.86
C GLN A 89 0.55 -13.85 9.11
N ASP A 90 1.70 -13.45 9.66
CA ASP A 90 1.73 -12.64 10.86
C ASP A 90 1.34 -11.20 10.56
N LYS A 91 2.13 -10.54 9.73
CA LYS A 91 1.87 -9.15 9.35
C LYS A 91 0.48 -9.00 8.75
N LEU A 92 -0.04 -10.10 8.20
CA LEU A 92 -1.37 -10.10 7.59
C LEU A 92 -2.45 -9.98 8.66
N ASP A 93 -2.15 -10.46 9.85
CA ASP A 93 -3.10 -10.41 10.97
C ASP A 93 -3.08 -9.04 11.63
N ARG A 94 -2.24 -8.14 11.11
CA ARG A 94 -2.14 -6.79 11.66
C ARG A 94 -3.24 -5.90 11.13
N LEU A 95 -3.69 -6.18 9.91
CA LEU A 95 -4.75 -5.40 9.29
C LEU A 95 -6.01 -5.40 10.15
N ALA A 96 -6.13 -6.41 11.00
CA ALA A 96 -7.28 -6.53 11.89
C ALA A 96 -6.89 -6.24 13.34
N ASP A 97 -5.74 -5.60 13.52
CA ASP A 97 -5.25 -5.28 14.86
C ASP A 97 -5.05 -3.78 15.01
N GLU A 98 -4.39 -3.37 16.09
CA GLU A 98 -4.13 -1.96 16.34
C GLU A 98 -2.73 -1.57 15.88
N ILE A 99 -2.37 -0.30 16.06
CA ILE A 99 -1.07 0.19 15.65
C ILE A 99 -0.28 0.71 16.85
N ASN A 100 0.95 1.14 16.60
CA ASN A 100 1.80 1.67 17.66
C ASN A 100 2.10 3.15 17.43
N PRO A 101 1.22 4.01 17.96
CA PRO A 101 1.36 5.47 17.83
C PRO A 101 2.52 6.00 18.66
N GLY A 102 3.60 6.39 17.97
CA GLY A 102 4.76 6.93 18.66
C GLY A 102 5.92 5.95 18.67
N GLU A 103 5.76 4.82 17.98
CA GLU A 103 6.80 3.81 17.90
C GLU A 103 7.23 3.57 16.46
N THR A 104 8.39 2.93 16.29
CA THR A 104 8.92 2.65 14.97
C THR A 104 8.78 1.17 14.63
N ILE A 105 7.77 0.85 13.82
CA ILE A 105 7.53 -0.53 13.42
C ILE A 105 7.04 -0.61 11.98
N GLN A 106 6.69 -1.82 11.53
CA GLN A 106 6.20 -2.02 10.18
C GLN A 106 5.16 -3.13 10.13
N GLY A 107 4.81 -3.56 8.93
CA GLY A 107 3.83 -4.61 8.77
C GLY A 107 3.77 -5.15 7.35
N ALA A 108 2.55 -5.35 6.85
CA ALA A 108 2.37 -5.86 5.50
C ALA A 108 0.95 -5.61 5.00
N TYR A 109 0.69 -5.93 3.74
CA TYR A 109 -0.63 -5.73 3.15
C TYR A 109 -0.69 -6.29 1.73
N PRO A 110 -1.01 -7.59 1.63
CA PRO A 110 -1.10 -8.28 0.34
C PRO A 110 -2.30 -7.81 -0.48
N TYR A 111 -2.14 -7.79 -1.80
CA TYR A 111 -3.20 -7.36 -2.70
C TYR A 111 -3.52 -8.44 -3.72
N GLU A 112 -4.76 -8.45 -4.21
CA GLU A 112 -5.19 -9.43 -5.19
C GLU A 112 -4.27 -9.42 -6.41
N PHE A 113 -3.41 -10.42 -6.50
CA PHE A 113 -2.47 -10.52 -7.62
C PHE A 113 -3.09 -11.30 -8.78
N ILE A 114 -4.39 -11.58 -8.67
CA ILE A 114 -5.10 -12.31 -9.70
C ILE A 114 -4.71 -11.81 -11.10
N ASN A 115 -4.44 -10.51 -11.20
CA ASN A 115 -4.06 -9.91 -12.47
C ASN A 115 -2.55 -9.97 -12.66
N GLU A 116 -1.96 -11.13 -12.41
CA GLU A 116 -0.53 -11.32 -12.55
C GLU A 116 -0.07 -11.00 -13.98
N ASN A 117 -1.00 -11.09 -14.91
CA ASN A 117 -0.71 -10.80 -16.32
C ASN A 117 -0.75 -9.30 -16.59
N LYS A 118 -1.31 -8.55 -15.65
CA LYS A 118 -1.41 -7.10 -15.79
C LYS A 118 -0.54 -6.40 -14.75
N PRO A 119 -0.11 -5.16 -15.08
CA PRO A 119 0.72 -4.36 -14.19
C PRO A 119 -0.02 -3.88 -12.96
N VAL A 120 0.69 -3.72 -11.86
CA VAL A 120 0.09 -3.26 -10.61
C VAL A 120 0.18 -1.74 -10.49
N HIS A 121 -0.95 -1.06 -10.70
CA HIS A 121 -1.01 0.38 -10.61
C HIS A 121 -0.76 0.85 -9.18
N PHE A 122 0.51 1.10 -8.86
CA PHE A 122 0.87 1.54 -7.52
C PHE A 122 0.58 3.02 -7.34
N LYS A 123 -0.58 3.32 -6.77
CA LYS A 123 -0.98 4.70 -6.54
C LYS A 123 -0.94 5.05 -5.06
N PHE A 124 -0.36 6.20 -4.73
CA PHE A 124 -0.26 6.64 -3.34
C PHE A 124 -0.92 8.01 -3.16
N ARG A 125 -2.16 8.01 -2.69
CA ARG A 125 -2.89 9.25 -2.47
C ARG A 125 -4.26 8.97 -1.87
N ASP A 126 -4.99 8.03 -2.47
CA ASP A 126 -6.32 7.67 -1.99
C ASP A 126 -7.30 8.82 -2.16
N ARG A 127 -8.55 8.49 -2.43
CA ARG A 127 -9.58 9.51 -2.62
C ARG A 127 -10.08 10.03 -1.27
N LEU A 128 -10.76 11.18 -1.31
CA LEU A 128 -11.29 11.79 -0.10
C LEU A 128 -10.16 12.17 0.85
N LEU A 129 -9.30 13.09 0.40
CA LEU A 129 -8.18 13.55 1.22
C LEU A 129 -7.37 14.60 0.47
N SER A 130 -7.16 14.38 -0.82
CA SER A 130 -6.40 15.31 -1.64
C SER A 130 -7.27 15.92 -2.73
N LEU A 131 -8.25 15.15 -3.19
CA LEU A 131 -9.16 15.60 -4.25
C LEU A 131 -8.45 15.67 -5.60
N ASP A 132 -7.50 16.60 -5.71
CA ASP A 132 -6.74 16.77 -6.94
C ASP A 132 -5.99 15.49 -7.30
N GLU A 133 -5.19 15.56 -8.36
CA GLU A 133 -4.42 14.41 -8.80
C GLU A 133 -3.53 13.88 -7.68
N PRO A 134 -3.09 12.62 -7.82
CA PRO A 134 -2.22 11.97 -6.83
C PRO A 134 -0.82 12.55 -6.82
N ILE A 135 0.00 12.08 -5.89
CA ILE A 135 1.38 12.56 -5.77
C ILE A 135 2.36 11.55 -6.34
N ALA A 136 2.00 10.28 -6.26
CA ALA A 136 2.86 9.21 -6.78
C ALA A 136 2.03 8.12 -7.45
N SER A 137 2.44 7.76 -8.67
CA SER A 137 1.72 6.73 -9.43
C SER A 137 2.61 6.15 -10.52
N GLU A 138 2.57 4.84 -10.67
CA GLU A 138 3.38 4.15 -11.68
C GLU A 138 3.14 2.65 -11.65
N GLU A 139 3.02 2.04 -12.82
CA GLU A 139 2.78 0.61 -12.94
C GLU A 139 4.07 -0.17 -12.75
N ILE A 140 3.97 -1.32 -12.08
CA ILE A 140 5.13 -2.16 -11.83
C ILE A 140 4.75 -3.64 -11.83
N THR A 141 5.53 -4.45 -12.52
CA THR A 141 5.28 -5.88 -12.60
C THR A 141 6.16 -6.66 -11.62
N ILE A 142 5.54 -7.19 -10.58
CA ILE A 142 6.27 -7.96 -9.57
C ILE A 142 6.05 -9.45 -9.76
N THR A 143 7.12 -10.23 -9.58
CA THR A 143 7.06 -11.67 -9.73
C THR A 143 8.39 -12.33 -9.36
N MET A 1 6.22 30.19 0.48
CA MET A 1 5.06 30.60 -0.31
C MET A 1 5.43 30.75 -1.79
N ASP A 2 5.04 29.77 -2.59
CA ASP A 2 5.35 29.79 -4.02
C ASP A 2 4.25 29.07 -4.81
N GLU A 3 3.04 29.05 -4.26
CA GLU A 3 1.92 28.40 -4.91
C GLU A 3 2.26 26.97 -5.29
N VAL A 4 2.14 26.06 -4.32
CA VAL A 4 2.44 24.66 -4.55
C VAL A 4 1.58 24.09 -5.68
N LEU A 5 1.75 22.80 -5.95
CA LEU A 5 1.00 22.14 -7.01
C LEU A 5 0.11 21.03 -6.43
N ALA A 6 -0.42 20.19 -7.31
CA ALA A 6 -1.28 19.09 -6.90
C ALA A 6 -0.54 18.12 -5.99
N THR A 7 -0.58 18.38 -4.69
CA THR A 7 0.09 17.53 -3.72
C THR A 7 1.61 17.60 -3.89
N SER A 8 2.15 18.82 -3.95
CA SER A 8 3.59 19.01 -4.11
C SER A 8 4.27 19.20 -2.76
N ILE A 9 3.69 18.60 -1.72
CA ILE A 9 4.24 18.71 -0.37
C ILE A 9 5.16 17.54 -0.06
N GLY A 10 4.55 16.38 0.17
CA GLY A 10 5.33 15.18 0.48
C GLY A 10 6.23 14.76 -0.67
N THR A 11 6.82 13.58 -0.55
CA THR A 11 7.71 13.06 -1.58
C THR A 11 7.61 11.55 -1.70
N TYR A 12 7.99 11.02 -2.85
CA TYR A 12 7.93 9.57 -3.08
C TYR A 12 9.03 9.14 -4.04
N GLU A 13 10.09 8.55 -3.49
CA GLU A 13 11.21 8.08 -4.30
C GLU A 13 12.22 7.32 -3.44
N ASN A 14 13.16 6.64 -4.10
CA ASN A 14 14.17 5.87 -3.40
C ASN A 14 13.55 4.86 -2.45
N ARG A 15 12.43 4.28 -2.89
CA ARG A 15 11.72 3.29 -2.08
C ARG A 15 11.31 3.88 -0.73
N THR A 16 10.60 5.00 -0.77
CA THR A 16 10.15 5.67 0.43
C THR A 16 9.02 6.65 0.13
N LEU A 17 8.09 6.77 1.08
CA LEU A 17 6.95 7.68 0.90
C LEU A 17 6.78 8.57 2.14
N LEU A 18 6.51 9.84 1.90
CA LEU A 18 6.32 10.80 3.00
C LEU A 18 5.01 11.58 2.81
N VAL A 19 4.30 11.78 3.92
CA VAL A 19 3.04 12.52 3.88
C VAL A 19 2.71 13.11 5.25
N PRO A 20 1.87 14.16 5.25
CA PRO A 20 1.46 14.83 6.49
C PRO A 20 0.55 13.97 7.35
N ASP A 21 0.04 12.88 6.77
CA ASP A 21 -0.83 11.96 7.48
C ASP A 21 -0.04 10.85 8.14
N GLY A 22 0.94 10.31 7.42
CA GLY A 22 1.76 9.24 7.96
C GLY A 22 3.14 9.20 7.33
N ARG A 23 3.71 8.00 7.25
CA ARG A 23 5.04 7.82 6.68
C ARG A 23 5.27 6.36 6.28
N LEU A 24 5.26 6.10 4.98
CA LEU A 24 5.47 4.74 4.48
C LEU A 24 6.84 4.61 3.83
N ALA A 25 7.24 3.38 3.54
CA ALA A 25 8.53 3.11 2.92
C ALA A 25 8.72 1.62 2.67
N LEU A 26 8.72 1.23 1.39
CA LEU A 26 8.90 -0.16 1.03
C LEU A 26 10.04 -0.80 1.83
N THR A 27 9.69 -1.79 2.65
CA THR A 27 10.67 -2.49 3.46
C THR A 27 11.44 -3.52 2.65
N ALA A 28 10.70 -4.41 1.98
CA ALA A 28 11.30 -5.44 1.16
C ALA A 28 10.24 -6.28 0.46
N LEU A 29 9.75 -5.78 -0.67
CA LEU A 29 8.72 -6.47 -1.44
C LEU A 29 9.03 -7.96 -1.53
N HIS A 30 8.06 -8.79 -1.16
CA HIS A 30 8.23 -10.24 -1.21
C HIS A 30 7.09 -10.90 -1.97
N LYS A 31 7.41 -11.92 -2.75
CA LYS A 31 6.41 -12.64 -3.54
C LYS A 31 5.85 -13.83 -2.75
N GLY A 32 4.94 -14.56 -3.38
CA GLY A 32 4.36 -15.72 -2.72
C GLY A 32 3.29 -16.39 -3.57
N LYS A 33 2.51 -17.26 -2.96
CA LYS A 33 1.44 -17.97 -3.67
C LYS A 33 0.15 -17.96 -2.86
N ASP A 34 -0.98 -18.08 -3.55
CA ASP A 34 -2.28 -18.09 -2.89
C ASP A 34 -3.02 -19.39 -3.19
N TYR A 35 -4.35 -19.35 -3.07
CA TYR A 35 -5.18 -20.52 -3.32
C TYR A 35 -4.89 -21.11 -4.70
N GLN A 36 -4.57 -20.24 -5.65
CA GLN A 36 -4.28 -20.66 -7.01
C GLN A 36 -2.77 -20.84 -7.21
N GLY A 37 -2.05 -21.01 -6.11
CA GLY A 37 -0.61 -21.20 -6.18
C GLY A 37 0.01 -20.40 -7.31
N LYS A 38 -0.35 -19.12 -7.40
CA LYS A 38 0.18 -18.24 -8.44
C LYS A 38 -0.06 -16.78 -8.09
N PRO A 39 -1.33 -16.36 -8.13
CA PRO A 39 -1.72 -14.98 -7.81
C PRO A 39 -1.55 -14.65 -6.34
N MET A 40 -0.38 -14.11 -6.00
CA MET A 40 -0.09 -13.74 -4.61
C MET A 40 1.10 -12.79 -4.54
N PHE A 41 1.10 -11.92 -3.54
CA PHE A 41 2.18 -10.95 -3.35
C PHE A 41 1.98 -10.17 -2.06
N TYR A 42 3.08 -9.95 -1.34
CA TYR A 42 3.04 -9.20 -0.08
C TYR A 42 3.70 -7.83 -0.25
N VAL A 43 2.94 -6.78 0.08
CA VAL A 43 3.45 -5.42 -0.02
C VAL A 43 4.14 -5.00 1.28
N LEU A 44 5.45 -5.18 1.32
CA LEU A 44 6.24 -4.82 2.50
C LEU A 44 6.53 -3.32 2.51
N PHE A 45 6.16 -2.66 3.61
CA PHE A 45 6.38 -1.22 3.75
C PHE A 45 6.54 -0.84 5.21
N GLU A 46 7.00 0.38 5.45
CA GLU A 46 7.21 0.87 6.82
C GLU A 46 6.19 1.96 7.16
N LEU A 47 4.97 1.54 7.45
CA LEU A 47 3.90 2.47 7.81
C LEU A 47 4.02 2.91 9.26
N THR A 48 4.35 4.18 9.45
CA THR A 48 4.50 4.73 10.79
C THR A 48 3.26 5.52 11.21
N ASN A 49 2.62 5.06 12.28
CA ASN A 49 1.41 5.72 12.78
C ASN A 49 1.76 7.01 13.50
N THR A 50 2.13 8.03 12.73
CA THR A 50 2.49 9.33 13.30
C THR A 50 1.34 9.90 14.12
N THR A 51 0.13 9.41 13.87
CA THR A 51 -1.05 9.88 14.58
C THR A 51 -0.92 9.63 16.08
N GLU A 52 -2.02 9.81 16.81
CA GLU A 52 -2.02 9.61 18.25
C GLU A 52 -3.20 8.74 18.67
N LYS A 53 -3.50 7.72 17.85
CA LYS A 53 -4.60 6.81 18.13
C LYS A 53 -4.13 5.37 18.08
N THR A 54 -4.88 4.48 18.73
CA THR A 54 -4.54 3.07 18.75
C THR A 54 -5.55 2.24 17.96
N GLN A 55 -6.28 2.91 17.07
CA GLN A 55 -7.28 2.24 16.25
C GLN A 55 -6.63 1.22 15.33
N ASN A 56 -7.45 0.57 14.50
CA ASN A 56 -6.96 -0.43 13.56
C ASN A 56 -5.79 0.12 12.74
N ILE A 57 -5.13 -0.75 12.00
CA ILE A 57 -4.01 -0.36 11.16
C ILE A 57 -4.44 -0.11 9.72
N GLN A 58 -5.10 -1.10 9.13
CA GLN A 58 -5.57 -0.99 7.75
C GLN A 58 -6.36 0.29 7.56
N LEU A 59 -6.93 0.81 8.65
CA LEU A 59 -7.71 2.04 8.59
C LEU A 59 -6.91 3.18 7.96
N MET A 60 -5.59 3.05 8.00
CA MET A 60 -4.70 4.06 7.42
C MET A 60 -4.22 3.64 6.04
N ILE A 61 -3.65 2.45 5.95
CA ILE A 61 -3.15 1.93 4.68
C ILE A 61 -4.20 2.07 3.58
N GLN A 62 -5.42 1.63 3.88
CA GLN A 62 -6.52 1.71 2.92
C GLN A 62 -6.71 3.14 2.42
N SER A 63 -6.42 4.10 3.29
CA SER A 63 -6.56 5.51 2.93
C SER A 63 -5.23 6.10 2.49
N PHE A 64 -4.19 5.26 2.47
CA PHE A 64 -2.86 5.70 2.05
C PHE A 64 -2.51 5.13 0.68
N MET A 65 -2.17 3.85 0.64
CA MET A 65 -1.81 3.20 -0.61
C MET A 65 -3.04 2.66 -1.32
N GLU A 66 -3.16 2.97 -2.61
CA GLU A 66 -4.30 2.52 -3.40
C GLU A 66 -3.84 1.80 -4.66
N VAL A 67 -3.51 0.52 -4.52
CA VAL A 67 -3.04 -0.28 -5.65
C VAL A 67 -4.21 -0.72 -6.52
N SER A 68 -4.00 -0.73 -7.83
CA SER A 68 -5.04 -1.13 -8.78
C SER A 68 -4.43 -1.81 -10.00
N GLN A 69 -5.24 -2.58 -10.70
CA GLN A 69 -4.78 -3.30 -11.88
C GLN A 69 -5.94 -3.59 -12.84
N THR A 70 -5.69 -3.45 -14.13
CA THR A 70 -6.72 -3.69 -15.15
C THR A 70 -7.39 -5.04 -14.93
N VAL A 71 -8.70 -5.02 -14.70
CA VAL A 71 -9.47 -6.23 -14.48
C VAL A 71 -10.80 -6.19 -15.23
N HIS A 72 -11.10 -7.26 -15.95
CA HIS A 72 -12.34 -7.35 -16.72
C HIS A 72 -12.40 -6.26 -17.78
N GLY A 73 -11.25 -5.67 -18.08
CA GLY A 73 -11.20 -4.61 -19.08
C GLY A 73 -11.32 -3.23 -18.46
N LYS A 74 -11.16 -3.15 -17.15
CA LYS A 74 -11.26 -1.88 -16.44
C LYS A 74 -10.48 -1.94 -15.12
N ALA A 75 -9.83 -0.83 -14.77
CA ALA A 75 -9.06 -0.75 -13.54
C ALA A 75 -9.89 -1.21 -12.35
N GLN A 76 -9.23 -1.39 -11.21
CA GLN A 76 -9.90 -1.83 -9.99
C GLN A 76 -8.93 -1.87 -8.81
N ASN A 77 -9.39 -1.40 -7.67
CA ASN A 77 -8.55 -1.39 -6.47
C ASN A 77 -8.30 -2.81 -5.96
N LEU A 78 -7.03 -3.17 -5.84
CA LEU A 78 -6.64 -4.50 -5.37
C LEU A 78 -6.77 -4.59 -3.86
N GLN A 79 -7.67 -5.46 -3.40
CA GLN A 79 -7.89 -5.65 -1.97
C GLN A 79 -7.14 -6.87 -1.47
N TYR A 80 -7.25 -7.14 -0.16
CA TYR A 80 -6.57 -8.28 0.44
C TYR A 80 -6.84 -9.56 -0.35
N ALA A 81 -5.77 -10.16 -0.85
CA ALA A 81 -5.89 -11.39 -1.62
C ALA A 81 -5.96 -12.61 -0.70
N VAL A 82 -6.98 -13.45 -0.91
CA VAL A 82 -7.17 -14.64 -0.10
C VAL A 82 -6.08 -15.67 -0.39
N LEU A 83 -5.65 -16.37 0.65
CA LEU A 83 -4.61 -17.39 0.51
C LEU A 83 -4.82 -18.52 1.51
N THR A 84 -4.47 -19.74 1.10
CA THR A 84 -4.63 -20.91 1.96
C THR A 84 -3.60 -20.89 3.09
N ASP A 85 -2.46 -20.25 2.84
CA ASP A 85 -1.40 -20.17 3.84
C ASP A 85 -0.24 -19.32 3.33
N SER A 86 0.38 -18.56 4.22
CA SER A 86 1.51 -17.71 3.85
C SER A 86 2.53 -17.66 4.97
N PRO A 87 3.81 -17.53 4.60
CA PRO A 87 4.92 -17.47 5.56
C PRO A 87 4.92 -16.16 6.34
N PHE A 88 4.35 -15.12 5.76
CA PHE A 88 4.30 -13.81 6.40
C PHE A 88 3.00 -13.66 7.20
N GLN A 89 2.59 -14.74 7.87
CA GLN A 89 1.38 -14.72 8.67
C GLN A 89 1.50 -13.74 9.84
N ASP A 90 2.74 -13.39 10.18
CA ASP A 90 3.00 -12.46 11.27
C ASP A 90 2.62 -11.03 10.87
N LYS A 91 3.22 -10.55 9.78
CA LYS A 91 2.95 -9.21 9.29
C LYS A 91 1.50 -9.07 8.84
N LEU A 92 0.91 -10.19 8.40
CA LEU A 92 -0.47 -10.19 7.94
C LEU A 92 -1.43 -9.85 9.07
N ASP A 93 -0.95 -10.01 10.31
CA ASP A 93 -1.76 -9.72 11.49
C ASP A 93 -1.76 -8.23 11.79
N ARG A 94 -1.06 -7.46 10.96
CA ARG A 94 -0.98 -6.02 11.14
C ARG A 94 -2.09 -5.30 10.38
N LEU A 95 -3.15 -6.02 10.07
CA LEU A 95 -4.28 -5.46 9.34
C LEU A 95 -5.56 -5.55 10.15
N ALA A 96 -5.63 -6.55 11.04
CA ALA A 96 -6.80 -6.75 11.88
C ALA A 96 -6.49 -6.42 13.34
N ASP A 97 -5.41 -5.67 13.55
CA ASP A 97 -5.00 -5.28 14.90
C ASP A 97 -4.83 -3.77 15.00
N GLU A 98 -4.26 -3.33 16.12
CA GLU A 98 -4.05 -1.90 16.35
C GLU A 98 -2.66 -1.48 15.87
N ILE A 99 -2.38 -0.18 15.96
CA ILE A 99 -1.09 0.35 15.55
C ILE A 99 -0.33 0.93 16.73
N ASN A 100 0.89 1.38 16.48
CA ASN A 100 1.73 1.95 17.52
C ASN A 100 1.96 3.45 17.28
N PRO A 101 1.04 4.28 17.80
CA PRO A 101 1.13 5.74 17.65
C PRO A 101 2.28 6.34 18.46
N GLY A 102 3.39 6.60 17.78
CA GLY A 102 4.54 7.17 18.45
C GLY A 102 5.74 6.24 18.43
N GLU A 103 5.62 5.13 17.73
CA GLU A 103 6.70 4.16 17.63
C GLU A 103 7.11 3.93 16.18
N THR A 104 8.29 3.35 15.99
CA THR A 104 8.80 3.09 14.64
C THR A 104 8.75 1.59 14.33
N ILE A 105 7.86 1.22 13.40
CA ILE A 105 7.72 -0.17 13.01
C ILE A 105 7.36 -0.29 11.53
N GLN A 106 7.05 -1.51 11.10
CA GLN A 106 6.69 -1.75 9.71
C GLN A 106 5.76 -2.96 9.59
N GLY A 107 5.43 -3.31 8.35
CA GLY A 107 4.53 -4.44 8.12
C GLY A 107 4.29 -4.70 6.65
N ALA A 108 3.48 -5.71 6.36
CA ALA A 108 3.16 -6.06 4.98
C ALA A 108 1.69 -5.80 4.68
N TYR A 109 1.29 -6.09 3.44
CA TYR A 109 -0.09 -5.88 3.02
C TYR A 109 -0.31 -6.38 1.60
N PRO A 110 -0.60 -7.69 1.47
CA PRO A 110 -0.83 -8.31 0.16
C PRO A 110 -2.14 -7.87 -0.47
N TYR A 111 -2.19 -7.90 -1.80
CA TYR A 111 -3.39 -7.49 -2.53
C TYR A 111 -3.70 -8.48 -3.66
N GLU A 112 -4.73 -8.15 -4.45
CA GLU A 112 -5.13 -9.00 -5.55
C GLU A 112 -4.01 -9.10 -6.60
N PHE A 113 -3.50 -10.31 -6.80
CA PHE A 113 -2.45 -10.54 -7.77
C PHE A 113 -2.98 -11.20 -9.03
N ILE A 114 -4.30 -11.33 -9.11
CA ILE A 114 -4.94 -11.93 -10.26
C ILE A 114 -4.33 -11.44 -11.56
N ASN A 115 -3.96 -10.16 -11.58
CA ASN A 115 -3.35 -9.56 -12.78
C ASN A 115 -1.83 -9.70 -12.73
N GLU A 116 -1.36 -10.88 -12.40
CA GLU A 116 0.07 -11.14 -12.32
C GLU A 116 0.74 -10.92 -13.68
N ASN A 117 0.04 -11.29 -14.74
CA ASN A 117 0.55 -11.13 -16.09
C ASN A 117 0.64 -9.66 -16.48
N LYS A 118 -0.03 -8.81 -15.71
CA LYS A 118 -0.02 -7.38 -15.96
C LYS A 118 0.70 -6.62 -14.84
N PRO A 119 1.26 -5.46 -15.19
CA PRO A 119 1.99 -4.62 -14.23
C PRO A 119 1.06 -3.99 -13.19
N VAL A 120 1.58 -3.84 -11.97
CA VAL A 120 0.80 -3.25 -10.89
C VAL A 120 1.18 -1.79 -10.67
N HIS A 121 0.39 -0.88 -11.22
CA HIS A 121 0.65 0.54 -11.08
C HIS A 121 0.35 1.02 -9.67
N PHE A 122 1.23 0.66 -8.73
CA PHE A 122 1.06 1.05 -7.33
C PHE A 122 0.96 2.57 -7.20
N LYS A 123 -0.13 3.04 -6.59
CA LYS A 123 -0.33 4.47 -6.39
C LYS A 123 -0.83 4.75 -4.98
N PHE A 124 -0.94 6.03 -4.64
CA PHE A 124 -1.40 6.44 -3.32
C PHE A 124 -2.55 7.43 -3.43
N ARG A 125 -2.95 8.00 -2.30
CA ARG A 125 -4.04 8.96 -2.26
C ARG A 125 -5.36 8.30 -2.66
N ASP A 126 -6.40 9.12 -2.80
CA ASP A 126 -7.72 8.61 -3.18
C ASP A 126 -8.64 9.76 -3.59
N ARG A 127 -9.14 10.50 -2.61
CA ARG A 127 -10.02 11.62 -2.87
C ARG A 127 -9.71 12.79 -1.96
N LEU A 128 -10.62 13.77 -1.91
CA LEU A 128 -10.43 14.94 -1.06
C LEU A 128 -9.26 15.78 -1.56
N LEU A 129 -9.57 16.91 -2.19
CA LEU A 129 -8.54 17.80 -2.70
C LEU A 129 -7.72 17.12 -3.79
N SER A 130 -6.78 17.87 -4.37
CA SER A 130 -5.93 17.33 -5.42
C SER A 130 -6.70 17.14 -6.72
N LEU A 131 -7.63 16.19 -6.71
CA LEU A 131 -8.44 15.91 -7.89
C LEU A 131 -7.63 15.19 -8.95
N ASP A 132 -6.55 15.83 -9.41
CA ASP A 132 -5.69 15.26 -10.43
C ASP A 132 -5.01 13.98 -9.92
N GLU A 133 -3.97 13.55 -10.61
CA GLU A 133 -3.24 12.34 -10.23
C GLU A 133 -2.95 12.34 -8.73
N PRO A 134 -2.64 11.15 -8.21
CA PRO A 134 -2.32 10.97 -6.78
C PRO A 134 -0.99 11.62 -6.39
N ILE A 135 -0.60 11.45 -5.14
CA ILE A 135 0.65 12.00 -4.65
C ILE A 135 1.85 11.38 -5.35
N ALA A 136 1.71 10.11 -5.74
CA ALA A 136 2.77 9.40 -6.44
C ALA A 136 2.34 7.99 -6.81
N SER A 137 3.09 7.37 -7.72
CA SER A 137 2.77 6.01 -8.17
C SER A 137 3.98 5.38 -8.84
N GLU A 138 3.80 4.16 -9.35
CA GLU A 138 4.87 3.44 -10.03
C GLU A 138 4.37 2.12 -10.57
N GLU A 139 4.87 1.73 -11.75
CA GLU A 139 4.48 0.48 -12.38
C GLU A 139 5.40 -0.66 -11.96
N ILE A 140 4.84 -1.68 -11.33
CA ILE A 140 5.61 -2.83 -10.89
C ILE A 140 4.80 -4.12 -10.99
N THR A 141 5.30 -5.06 -11.78
CA THR A 141 4.62 -6.34 -11.97
C THR A 141 5.00 -7.32 -10.87
N ILE A 142 5.77 -6.86 -9.91
CA ILE A 142 6.21 -7.69 -8.79
C ILE A 142 6.69 -9.05 -9.29
N THR A 143 7.99 -9.17 -9.53
CA THR A 143 8.58 -10.42 -10.00
C THR A 143 8.88 -11.36 -8.84
#